data_3J8W
#
_entry.id   3J8W
#
_cell.length_a   1
_cell.length_b   1
_cell.length_c   1
_cell.angle_alpha   90
_cell.angle_beta   90
_cell.angle_gamma   90
#
_symmetry.space_group_name_H-M   'P 1'
#
loop_
_entity.id
_entity.type
_entity.pdbx_description
1 polymer 'H263.A2 light chain'
2 polymer 'H263.A2 heavy chain'
3 polymer L1
#
loop_
_entity_poly.entity_id
_entity_poly.type
_entity_poly.pdbx_seq_one_letter_code
_entity_poly.pdbx_strand_id
1 'polypeptide(L)'
;DIVMTQTPASLSASVGETVTITCRASENIYSYLAWYQQKQGKSPQLLVYNAETLAEGVPSRFSGSGSGTQFSLRINSLQP
EDFGSYYCQHHYVSPLTFGAGTKLELKRA
;
L,J,K,M
2 'polypeptide(L)'
;LQQSGAELARPGASVKLSCKASGYTFISYWMQWVKQRPGQGLEWIGAIYPGDGATRYTQKFKGKATLTADKSSSTAYMQL
SSLTSEDSAVYYCARPSYYDYDVTWFAYWGQGTLVTVS
;
H,F,G,I
3 'polypeptide(L)'
;AVVSTDEYVARTNIYYHAGTSRLLAVGHPYFPIKKPNNNKILVPKVSGLQYRVFRIHLPDPNKFGFPDTSFYNPDTQRLV
WACVGVEVGRGQPLGVGISGHPLLNKLDDTENASAYAANAGVDNRECISMDYKQTQLCLIGCKPPIGEHWGKGSPCTQVA
VQPGDCPPLELINTVIQDGDMVDTGFGAMDFTTLQANKSEVPLDICTSICKYPDYIKMVSEPYGDSLFFYLRREQMFVRH
LFNRAGTVGENVPDDLYIKGSGSTANLASSNYFPTPSGSMVTSDAQIFNKPYWLQRAQGHNNGICWGNQLFVTVVDTTRS
TNMSLCAAISTSETTYKNTNFKEYLRHGEEYDLQFIFQLCKITLTADVMTYIHSMNSTILEDWNFGLQPPPGGTLEDTYR
FVTSQAIACQKHTPPAPKEDPLKKYTFWEVNLKEKFSADLDQFPLGRKFLLQLGL
;
A,B,C,D,E
#
# COMPACT_ATOMS: atom_id res chain seq x y z
N ASP A 1 -10.82 19.06 -44.53
CA ASP A 1 -11.60 18.70 -43.31
C ASP A 1 -11.90 17.20 -43.31
N ILE A 2 -12.38 16.71 -42.18
CA ILE A 2 -12.71 15.29 -42.03
C ILE A 2 -13.89 15.05 -42.97
N VAL A 3 -13.81 14.00 -43.78
CA VAL A 3 -14.89 13.69 -44.73
C VAL A 3 -15.64 12.42 -44.36
N MET A 4 -16.96 12.50 -44.40
CA MET A 4 -17.82 11.36 -44.11
C MET A 4 -18.40 10.89 -45.44
N THR A 5 -18.09 9.65 -45.81
CA THR A 5 -18.60 9.10 -47.05
C THR A 5 -19.73 8.14 -46.70
N GLN A 6 -20.92 8.50 -47.15
CA GLN A 6 -22.12 7.76 -46.82
C GLN A 6 -22.72 7.05 -48.01
N THR A 7 -22.99 5.76 -47.87
CA THR A 7 -23.59 5.02 -48.98
C THR A 7 -24.66 4.03 -48.49
N PRO A 8 -25.61 3.68 -49.37
CA PRO A 8 -25.75 4.16 -50.75
C PRO A 8 -26.37 5.57 -50.74
N ALA A 9 -26.37 6.24 -51.90
CA ALA A 9 -27.01 7.54 -51.98
C ALA A 9 -28.51 7.34 -52.01
N SER A 10 -28.94 6.19 -52.52
CA SER A 10 -30.36 5.90 -52.63
C SER A 10 -30.62 4.41 -52.44
N LEU A 11 -31.72 4.10 -51.75
CA LEU A 11 -32.04 2.73 -51.42
C LEU A 11 -33.54 2.50 -51.41
N SER A 12 -34.01 1.46 -52.13
CA SER A 12 -35.43 1.11 -52.18
C SER A 12 -35.66 -0.11 -51.30
N ALA A 13 -36.79 -0.15 -50.61
CA ALA A 13 -37.07 -1.29 -49.75
C ALA A 13 -38.55 -1.41 -49.44
N SER A 14 -38.96 -2.59 -48.98
CA SER A 14 -40.34 -2.85 -48.64
C SER A 14 -40.53 -2.86 -47.14
N VAL A 15 -41.78 -2.74 -46.71
CA VAL A 15 -42.10 -2.77 -45.30
C VAL A 15 -41.82 -4.19 -44.85
N GLY A 16 -41.11 -4.35 -43.72
CA GLY A 16 -40.74 -5.66 -43.23
C GLY A 16 -39.33 -6.06 -43.57
N GLU A 17 -38.72 -5.32 -44.48
CA GLU A 17 -37.38 -5.58 -44.93
C GLU A 17 -36.32 -4.93 -44.01
N THR A 18 -35.15 -5.57 -43.92
CA THR A 18 -34.05 -5.06 -43.10
C THR A 18 -33.06 -4.38 -44.05
N VAL A 19 -32.65 -3.16 -43.72
CA VAL A 19 -31.70 -2.47 -44.57
C VAL A 19 -30.57 -1.94 -43.73
N THR A 20 -29.46 -1.66 -44.38
CA THR A 20 -28.26 -1.11 -43.74
C THR A 20 -27.68 0.04 -44.55
N ILE A 21 -27.39 1.16 -43.87
CA ILE A 21 -26.82 2.33 -44.50
C ILE A 21 -25.47 2.48 -43.81
N THR A 22 -24.40 2.73 -44.59
CA THR A 22 -23.05 2.77 -44.00
C THR A 22 -22.41 4.14 -44.16
N CYS A 23 -21.50 4.46 -43.26
CA CYS A 23 -20.79 5.74 -43.25
C CYS A 23 -19.32 5.47 -42.93
N ARG A 24 -18.40 5.94 -43.79
CA ARG A 24 -16.96 5.72 -43.57
C ARG A 24 -16.21 7.03 -43.43
N ALA A 25 -15.41 7.20 -42.40
CA ALA A 25 -14.71 8.43 -42.08
C ALA A 25 -13.34 8.48 -42.78
N SER A 26 -12.87 9.65 -43.13
CA SER A 26 -11.57 9.82 -43.76
C SER A 26 -10.41 9.54 -42.83
N GLU A 27 -10.69 9.68 -41.52
CA GLU A 27 -9.68 9.42 -40.49
C GLU A 27 -10.44 9.01 -39.22
N ASN A 28 -9.73 8.50 -38.24
CA ASN A 28 -10.35 7.93 -37.04
C ASN A 28 -11.14 8.98 -36.27
N ILE A 29 -12.41 8.62 -35.99
CA ILE A 29 -13.31 9.44 -35.18
C ILE A 29 -13.74 8.72 -33.92
N TYR A 30 -12.94 7.29 -33.60
CA TYR A 30 -13.30 6.62 -32.35
C TYR A 30 -14.74 6.16 -32.37
N SER A 31 -15.55 6.44 -31.33
CA SER A 31 -16.94 6.06 -31.32
C SER A 31 -17.91 7.21 -31.49
N TYR A 32 -17.45 8.43 -31.77
CA TYR A 32 -18.28 9.62 -31.76
C TYR A 32 -18.95 9.89 -33.10
N LEU A 33 -19.92 9.04 -33.42
CA LEU A 33 -20.72 9.16 -34.65
C LEU A 33 -22.18 9.37 -34.25
N ALA A 34 -22.89 10.24 -34.96
CA ALA A 34 -24.31 10.43 -34.81
C ALA A 34 -25.08 10.15 -36.09
N TRP A 35 -26.35 9.75 -35.95
CA TRP A 35 -27.22 9.56 -37.09
C TRP A 35 -28.55 10.32 -36.90
N TYR A 36 -29.03 10.89 -38.00
CA TYR A 36 -30.24 11.69 -38.08
C TYR A 36 -31.20 11.18 -39.15
N GLN A 37 -32.56 11.37 -38.97
CA GLN A 37 -33.56 11.04 -39.96
C GLN A 37 -34.18 12.39 -40.33
N GLN A 38 -34.49 12.58 -41.60
CA GLN A 38 -35.18 13.81 -42.03
C GLN A 38 -36.28 13.38 -43.00
N LYS A 39 -37.51 13.64 -42.60
CA LYS A 39 -38.64 13.30 -43.44
C LYS A 39 -38.93 14.46 -44.36
N GLN A 40 -39.70 14.18 -45.40
CA GLN A 40 -40.02 15.22 -46.38
C GLN A 40 -40.65 16.45 -45.74
N GLY A 41 -39.99 17.58 -45.91
CA GLY A 41 -40.48 18.85 -45.38
C GLY A 41 -40.35 19.12 -43.89
N LYS A 42 -39.60 18.26 -43.20
CA LYS A 42 -39.41 18.37 -41.75
C LYS A 42 -37.95 18.58 -41.41
N SER A 43 -37.71 18.98 -40.17
CA SER A 43 -36.34 19.18 -39.70
C SER A 43 -35.79 17.81 -39.32
N PRO A 44 -34.46 17.67 -39.28
CA PRO A 44 -33.82 16.40 -38.92
C PRO A 44 -34.14 16.05 -37.48
N GLN A 45 -34.07 14.76 -37.14
CA GLN A 45 -34.24 14.30 -35.76
C GLN A 45 -33.13 13.28 -35.52
N LEU A 46 -32.50 13.38 -34.36
CA LEU A 46 -31.39 12.49 -34.02
C LEU A 46 -31.89 11.11 -33.62
N LEU A 47 -31.31 10.07 -34.23
CA LEU A 47 -31.65 8.70 -33.86
C LEU A 47 -30.57 8.05 -33.03
N VAL A 48 -29.30 8.25 -33.41
CA VAL A 48 -28.16 7.56 -32.78
C VAL A 48 -27.05 8.54 -32.43
N TYR A 49 -26.37 8.31 -31.29
CA TYR A 49 -25.23 9.13 -30.93
C TYR A 49 -24.21 8.18 -30.32
N ASN A 50 -22.95 8.59 -30.31
CA ASN A 50 -21.89 7.71 -29.78
C ASN A 50 -21.91 6.36 -30.52
N ALA A 51 -22.10 6.44 -31.84
CA ALA A 51 -22.09 5.31 -32.77
C ALA A 51 -23.19 4.29 -32.64
N GLU A 52 -23.57 3.93 -31.42
CA GLU A 52 -24.54 2.86 -31.22
C GLU A 52 -25.65 3.07 -30.21
N THR A 53 -25.72 4.22 -29.58
CA THR A 53 -26.69 4.40 -28.51
C THR A 53 -27.99 4.99 -29.03
N LEU A 54 -29.22 4.32 -28.60
CA LEU A 54 -30.51 4.82 -29.08
C LEU A 54 -30.88 6.13 -28.39
N ALA A 55 -31.43 7.05 -29.18
CA ALA A 55 -31.83 8.36 -28.71
C ALA A 55 -33.25 8.29 -28.17
N GLU A 56 -33.69 9.39 -27.60
CA GLU A 56 -35.04 9.48 -27.04
C GLU A 56 -36.09 9.16 -28.09
N GLY A 57 -36.97 8.22 -27.77
CA GLY A 57 -38.06 7.85 -28.65
C GLY A 57 -37.78 7.02 -29.89
N VAL A 58 -36.57 6.47 -29.98
CA VAL A 58 -36.19 5.68 -31.14
C VAL A 58 -36.49 4.19 -30.91
N PRO A 59 -37.32 3.64 -31.81
CA PRO A 59 -37.64 2.20 -31.72
C PRO A 59 -36.41 1.31 -31.74
N SER A 60 -36.46 0.18 -31.03
CA SER A 60 -35.32 -0.72 -30.97
C SER A 60 -34.99 -1.44 -32.28
N ARG A 61 -35.83 -1.28 -33.31
CA ARG A 61 -35.50 -1.88 -34.60
C ARG A 61 -34.30 -1.15 -35.23
N PHE A 62 -33.99 0.05 -34.73
CA PHE A 62 -32.83 0.78 -35.26
C PHE A 62 -31.63 0.39 -34.43
N SER A 63 -30.48 0.27 -35.06
CA SER A 63 -29.26 -0.02 -34.32
C SER A 63 -28.05 0.53 -35.07
N GLY A 64 -27.18 1.20 -34.32
CA GLY A 64 -25.97 1.72 -34.91
C GLY A 64 -24.83 0.82 -34.50
N SER A 65 -23.79 0.76 -35.32
CA SER A 65 -22.63 -0.05 -35.00
C SER A 65 -21.37 0.55 -35.60
N GLY A 66 -20.21 0.11 -35.09
CA GLY A 66 -18.96 0.60 -35.63
C GLY A 66 -18.13 1.47 -34.70
N SER A 67 -16.82 1.49 -34.92
CA SER A 67 -15.95 2.34 -34.13
C SER A 67 -14.61 2.44 -34.85
N GLY A 68 -14.16 3.67 -35.05
CA GLY A 68 -12.94 3.91 -35.78
C GLY A 68 -13.26 4.71 -37.03
N THR A 69 -13.36 4.03 -38.17
CA THR A 69 -13.66 4.73 -39.42
C THR A 69 -14.86 4.17 -40.16
N GLN A 70 -15.31 2.96 -39.81
CA GLN A 70 -16.43 2.33 -40.51
C GLN A 70 -17.65 2.16 -39.61
N PHE A 71 -18.78 2.72 -40.03
CA PHE A 71 -19.99 2.63 -39.23
C PHE A 71 -21.20 2.21 -40.05
N SER A 72 -22.25 1.77 -39.37
CA SER A 72 -23.45 1.42 -40.07
C SER A 72 -24.69 1.66 -39.23
N LEU A 73 -25.80 1.89 -39.92
CA LEU A 73 -27.07 2.05 -39.25
C LEU A 73 -27.93 0.99 -39.90
N ARG A 74 -28.48 0.12 -39.06
CA ARG A 74 -29.34 -0.95 -39.54
C ARG A 74 -30.74 -0.76 -39.04
N ILE A 75 -31.70 -0.97 -39.93
CA ILE A 75 -33.09 -0.86 -39.54
C ILE A 75 -33.74 -2.22 -39.80
N ASN A 76 -34.10 -2.91 -38.73
CA ASN A 76 -34.72 -4.22 -38.84
C ASN A 76 -36.22 -4.08 -39.07
N SER A 77 -36.74 -4.86 -39.98
CA SER A 77 -38.16 -4.84 -40.26
C SER A 77 -38.77 -3.45 -40.40
N LEU A 78 -38.44 -2.81 -41.50
CA LEU A 78 -38.89 -1.47 -41.83
C LEU A 78 -40.38 -1.24 -41.66
N GLN A 79 -40.71 -0.09 -41.09
CA GLN A 79 -42.10 0.31 -40.92
C GLN A 79 -42.38 1.48 -41.86
N PRO A 80 -43.65 1.74 -42.15
CA PRO A 80 -43.95 2.86 -43.06
C PRO A 80 -43.35 4.21 -42.66
N GLU A 81 -43.24 4.46 -41.37
CA GLU A 81 -42.72 5.74 -40.89
C GLU A 81 -41.21 5.86 -40.99
N ASP A 82 -40.54 4.84 -41.50
CA ASP A 82 -39.08 4.85 -41.60
C ASP A 82 -38.57 5.38 -42.93
N PHE A 83 -39.46 5.62 -43.90
CA PHE A 83 -38.98 6.10 -45.18
C PHE A 83 -38.73 7.60 -45.14
N GLY A 84 -37.64 8.00 -45.77
CA GLY A 84 -37.20 9.38 -45.73
C GLY A 84 -35.69 9.39 -45.87
N SER A 85 -35.05 10.49 -45.50
CA SER A 85 -33.61 10.58 -45.68
C SER A 85 -32.88 10.36 -44.36
N TYR A 86 -31.67 9.80 -44.45
CA TYR A 86 -30.81 9.57 -43.30
C TYR A 86 -29.45 10.20 -43.54
N TYR A 87 -28.84 10.78 -42.51
CA TYR A 87 -27.52 11.39 -42.57
C TYR A 87 -26.66 10.96 -41.41
N CYS A 88 -25.37 10.74 -41.66
CA CYS A 88 -24.45 10.48 -40.54
C CYS A 88 -23.71 11.78 -40.30
N GLN A 89 -23.17 11.92 -39.09
CA GLN A 89 -22.39 13.10 -38.75
C GLN A 89 -21.45 12.72 -37.61
N HIS A 90 -20.17 13.06 -37.70
CA HIS A 90 -19.32 12.72 -36.56
C HIS A 90 -19.48 13.85 -35.55
N HIS A 91 -19.30 13.55 -34.26
CA HIS A 91 -19.34 14.60 -33.25
C HIS A 91 -18.15 14.42 -32.29
N TYR A 92 -17.01 14.11 -32.92
CA TYR A 92 -15.73 13.94 -32.22
C TYR A 92 -15.07 15.28 -31.97
N VAL A 93 -14.73 16.00 -33.03
CA VAL A 93 -14.14 17.32 -32.87
C VAL A 93 -14.72 18.26 -33.90
N SER A 94 -14.49 19.58 -33.78
CA SER A 94 -14.87 20.55 -34.80
C SER A 94 -13.77 20.62 -35.86
N PRO A 95 -14.14 20.92 -37.11
CA PRO A 95 -15.49 21.15 -37.59
C PRO A 95 -16.34 19.89 -37.74
N LEU A 96 -17.63 20.01 -37.45
CA LEU A 96 -18.53 18.87 -37.52
C LEU A 96 -18.89 18.73 -39.01
N THR A 97 -18.87 17.51 -39.53
CA THR A 97 -19.25 17.28 -40.92
C THR A 97 -20.25 16.13 -41.06
N PHE A 98 -21.06 16.24 -42.11
CA PHE A 98 -22.13 15.29 -42.40
C PHE A 98 -21.80 14.41 -43.59
N GLY A 99 -22.45 13.25 -43.61
CA GLY A 99 -22.32 12.34 -44.75
C GLY A 99 -23.22 12.95 -45.81
N ALA A 100 -23.16 12.40 -47.00
CA ALA A 100 -23.94 12.91 -48.12
C ALA A 100 -25.43 12.65 -48.06
N GLY A 101 -25.85 11.67 -47.26
CA GLY A 101 -27.25 11.36 -47.17
C GLY A 101 -27.71 10.17 -48.00
N THR A 102 -28.70 9.46 -47.46
CA THR A 102 -29.25 8.29 -48.12
C THR A 102 -30.73 8.51 -48.17
N LYS A 103 -31.31 8.36 -49.35
CA LYS A 103 -32.73 8.51 -49.46
C LYS A 103 -33.32 7.10 -49.48
N LEU A 104 -34.10 6.76 -48.45
CA LEU A 104 -34.73 5.45 -48.33
C LEU A 104 -36.16 5.59 -48.83
N GLU A 105 -36.46 4.90 -49.91
CA GLU A 105 -37.79 5.03 -50.49
C GLU A 105 -38.49 3.68 -50.55
N LEU A 106 -39.81 3.75 -50.62
CA LEU A 106 -40.66 2.57 -50.60
C LEU A 106 -40.88 1.94 -51.97
N LYS A 107 -40.60 0.64 -52.03
CA LYS A 107 -40.79 -0.12 -53.26
C LYS A 107 -42.25 -0.32 -53.53
N ARG A 108 -42.67 -0.19 -54.78
CA ARG A 108 -44.04 -0.47 -55.15
C ARG A 108 -43.94 -1.04 -56.58
N ALA A 109 -45.03 -1.53 -57.15
CA ALA A 109 -45.00 -2.07 -58.50
C ALA A 109 -44.72 -0.95 -59.51
N LEU B 1 -37.25 25.88 -29.70
CA LEU B 1 -36.28 26.77 -30.37
C LEU B 1 -37.00 27.49 -31.51
N GLN B 2 -37.65 28.57 -31.13
CA GLN B 2 -38.47 29.38 -32.05
C GLN B 2 -37.57 30.30 -32.87
N GLN B 3 -37.86 30.01 -34.20
CA GLN B 3 -37.21 30.75 -35.26
C GLN B 3 -38.25 31.40 -36.13
N SER B 4 -37.97 32.61 -36.61
CA SER B 4 -38.91 33.30 -37.50
C SER B 4 -39.00 32.55 -38.84
N GLY B 5 -40.20 32.50 -39.42
CA GLY B 5 -40.42 31.80 -40.66
C GLY B 5 -39.57 32.14 -41.89
N ALA B 6 -39.38 33.42 -42.19
CA ALA B 6 -38.59 33.78 -43.36
C ALA B 6 -38.00 35.18 -43.32
N GLU B 7 -36.92 35.39 -44.07
CA GLU B 7 -36.24 36.67 -44.19
C GLU B 7 -35.98 36.94 -45.67
N LEU B 8 -36.22 38.17 -46.10
CA LEU B 8 -35.97 38.54 -47.49
C LEU B 8 -34.79 39.50 -47.40
N ALA B 9 -33.69 39.19 -48.08
CA ALA B 9 -32.52 40.06 -48.00
C ALA B 9 -32.05 40.55 -49.37
N ARG B 10 -31.42 41.71 -49.39
CA ARG B 10 -30.87 42.31 -50.62
C ARG B 10 -29.41 41.81 -50.78
N PRO B 11 -29.01 41.44 -52.00
CA PRO B 11 -27.65 40.98 -52.28
C PRO B 11 -26.56 41.90 -51.78
N GLY B 12 -25.61 41.32 -51.06
CA GLY B 12 -24.51 42.10 -50.51
C GLY B 12 -24.73 42.57 -49.10
N ALA B 13 -25.96 42.49 -48.62
CA ALA B 13 -26.28 42.95 -47.28
C ALA B 13 -26.05 41.87 -46.22
N SER B 14 -26.41 42.16 -44.98
CA SER B 14 -26.31 41.22 -43.88
C SER B 14 -27.71 40.79 -43.42
N VAL B 15 -27.77 39.72 -42.64
CA VAL B 15 -29.02 39.22 -42.10
C VAL B 15 -28.75 38.76 -40.67
N LYS B 16 -29.67 39.05 -39.76
CA LYS B 16 -29.55 38.63 -38.36
C LYS B 16 -30.69 37.63 -38.10
N LEU B 17 -30.32 36.40 -37.77
CA LEU B 17 -31.30 35.35 -37.50
C LEU B 17 -31.35 35.10 -36.01
N SER B 18 -32.55 34.93 -35.49
CA SER B 18 -32.76 34.68 -34.07
C SER B 18 -33.24 33.28 -33.77
N CYS B 19 -32.96 32.83 -32.56
CA CYS B 19 -33.38 31.51 -32.08
C CYS B 19 -33.76 31.66 -30.60
N LYS B 20 -35.03 31.51 -30.28
CA LYS B 20 -35.48 31.68 -28.89
C LYS B 20 -35.59 30.36 -28.17
N ALA B 21 -34.79 30.20 -27.14
CA ALA B 21 -34.82 28.99 -26.32
C ALA B 21 -35.85 29.10 -25.20
N SER B 22 -36.47 27.96 -24.88
CA SER B 22 -37.48 27.90 -23.83
C SER B 22 -37.68 26.45 -23.40
N GLY B 23 -38.05 26.26 -22.13
CA GLY B 23 -38.27 24.92 -21.62
C GLY B 23 -37.06 24.25 -21.00
N TYR B 24 -35.93 24.95 -20.97
CA TYR B 24 -34.72 24.37 -20.37
C TYR B 24 -33.72 25.43 -19.92
N THR B 25 -32.73 25.00 -19.14
CA THR B 25 -31.69 25.89 -18.64
C THR B 25 -30.75 26.24 -19.78
N PHE B 26 -31.05 27.34 -20.45
CA PHE B 26 -30.31 27.80 -21.61
C PHE B 26 -28.80 27.87 -21.45
N ILE B 27 -28.32 28.42 -20.33
CA ILE B 27 -26.89 28.64 -20.15
C ILE B 27 -26.04 27.39 -20.01
N SER B 28 -26.70 26.25 -19.81
CA SER B 28 -26.04 24.95 -19.71
C SER B 28 -25.66 24.28 -21.02
N TYR B 29 -26.10 24.87 -22.18
CA TYR B 29 -25.81 24.18 -23.45
C TYR B 29 -25.24 25.08 -24.54
N TRP B 30 -24.49 24.49 -25.46
CA TRP B 30 -24.09 25.18 -26.69
C TRP B 30 -25.31 25.42 -27.58
N MET B 31 -25.10 26.14 -28.68
CA MET B 31 -26.11 26.26 -29.73
C MET B 31 -25.52 25.93 -31.10
N GLN B 32 -26.17 25.03 -31.81
CA GLN B 32 -25.75 24.64 -33.16
C GLN B 32 -26.50 25.38 -34.26
N TRP B 33 -25.80 25.69 -35.33
CA TRP B 33 -26.39 26.36 -36.48
C TRP B 33 -26.08 25.53 -37.72
N VAL B 34 -27.13 25.17 -38.47
CA VAL B 34 -26.96 24.31 -39.62
C VAL B 34 -27.68 24.87 -40.83
N LYS B 35 -27.07 24.81 -42.04
CA LYS B 35 -27.59 25.32 -43.30
C LYS B 35 -28.17 24.20 -44.15
N GLN B 36 -29.27 24.47 -44.81
CA GLN B 36 -29.83 23.51 -45.72
C GLN B 36 -30.32 24.15 -47.02
N ARG B 37 -29.73 23.74 -48.14
CA ARG B 37 -30.14 24.15 -49.47
C ARG B 37 -30.80 22.90 -50.01
N PRO B 38 -31.90 23.06 -50.75
CA PRO B 38 -32.69 21.96 -51.34
C PRO B 38 -31.90 20.93 -52.11
N GLY B 39 -30.93 21.38 -52.88
CA GLY B 39 -30.09 20.47 -53.65
C GLY B 39 -29.13 19.60 -52.86
N GLN B 40 -28.46 20.19 -51.88
CA GLN B 40 -27.49 19.46 -51.09
C GLN B 40 -27.96 18.99 -49.71
N GLY B 41 -27.03 18.40 -48.97
CA GLY B 41 -27.32 17.94 -47.63
C GLY B 41 -27.24 19.05 -46.60
N LEU B 42 -27.06 18.64 -45.35
CA LEU B 42 -27.00 19.58 -44.24
C LEU B 42 -25.54 20.03 -44.11
N GLU B 43 -25.34 21.28 -43.75
CA GLU B 43 -23.99 21.79 -43.56
C GLU B 43 -23.90 22.54 -42.23
N TRP B 44 -22.92 22.21 -41.41
CA TRP B 44 -22.72 22.87 -40.14
C TRP B 44 -22.05 24.23 -40.35
N ILE B 45 -22.53 25.24 -39.64
CA ILE B 45 -21.98 26.59 -39.73
C ILE B 45 -21.07 26.82 -38.52
N GLY B 46 -21.59 26.54 -37.34
CA GLY B 46 -20.81 26.74 -36.14
C GLY B 46 -21.63 26.49 -34.89
N ALA B 47 -21.00 26.65 -33.74
CA ALA B 47 -21.67 26.48 -32.47
C ALA B 47 -21.10 27.40 -31.42
N ILE B 48 -21.93 27.80 -30.46
CA ILE B 48 -21.52 28.80 -29.49
C ILE B 48 -21.96 28.35 -28.12
N TYR B 49 -21.19 28.70 -27.10
CA TYR B 49 -21.54 28.41 -25.71
C TYR B 49 -21.87 29.78 -25.12
N PRO B 50 -23.16 30.11 -24.98
CA PRO B 50 -23.63 31.35 -24.38
C PRO B 50 -23.05 31.71 -23.02
N GLY B 51 -22.68 30.69 -22.25
CA GLY B 51 -22.17 30.92 -20.91
C GLY B 51 -20.86 31.69 -20.84
N ASP B 52 -20.10 31.71 -21.93
CA ASP B 52 -18.85 32.45 -21.95
C ASP B 52 -18.49 33.01 -23.33
N GLY B 53 -19.32 32.74 -24.31
CA GLY B 53 -19.06 33.23 -25.66
C GLY B 53 -18.15 32.41 -26.54
N ALA B 54 -17.75 31.23 -26.08
CA ALA B 54 -16.89 30.36 -26.87
C ALA B 54 -17.56 29.93 -28.18
N THR B 55 -16.82 30.03 -29.28
CA THR B 55 -17.36 29.68 -30.58
C THR B 55 -16.46 28.69 -31.29
N ARG B 56 -17.24 27.96 -32.20
CA ARG B 56 -16.46 27.14 -33.11
C ARG B 56 -17.07 27.35 -34.49
N TYR B 57 -16.24 27.56 -35.50
CA TYR B 57 -16.74 27.79 -36.85
C TYR B 57 -16.20 26.83 -37.89
N THR B 58 -17.02 26.56 -38.89
CA THR B 58 -16.61 25.72 -40.00
C THR B 58 -15.65 26.69 -40.70
N GLN B 59 -14.50 26.19 -41.13
CA GLN B 59 -13.56 27.03 -41.88
C GLN B 59 -14.27 27.74 -43.04
N LYS B 60 -15.13 27.01 -43.74
CA LYS B 60 -15.97 27.54 -44.80
C LYS B 60 -16.75 28.80 -44.42
N PHE B 61 -17.22 28.85 -43.17
CA PHE B 61 -17.97 30.00 -42.70
C PHE B 61 -17.21 31.03 -41.88
N LYS B 62 -15.91 30.84 -41.72
CA LYS B 62 -15.13 31.81 -40.96
C LYS B 62 -15.04 33.05 -41.85
N GLY B 63 -15.44 34.20 -41.31
CA GLY B 63 -15.47 35.42 -42.10
C GLY B 63 -16.83 35.66 -42.73
N LYS B 64 -17.74 34.70 -42.56
CA LYS B 64 -19.08 34.81 -43.12
C LYS B 64 -20.12 34.86 -42.00
N ALA B 65 -20.05 33.90 -41.09
CA ALA B 65 -20.98 33.82 -39.97
C ALA B 65 -20.42 34.35 -38.67
N THR B 66 -21.24 35.11 -37.86
CA THR B 66 -20.87 35.57 -36.55
C THR B 66 -21.93 35.00 -35.60
N LEU B 67 -21.50 34.31 -34.55
CA LEU B 67 -22.41 33.77 -33.55
C LEU B 67 -22.34 34.53 -32.24
N THR B 68 -23.49 34.81 -31.64
CA THR B 68 -23.56 35.45 -30.34
C THR B 68 -24.82 34.98 -29.63
N ALA B 69 -25.08 35.50 -28.42
CA ALA B 69 -26.24 35.12 -27.60
C ALA B 69 -26.57 36.23 -26.60
N ASP B 70 -27.83 36.23 -26.22
CA ASP B 70 -28.40 37.19 -25.27
C ASP B 70 -29.01 36.37 -24.12
N LYS B 71 -28.16 36.06 -23.16
CA LYS B 71 -28.53 35.29 -21.96
C LYS B 71 -29.74 35.89 -21.25
N SER B 72 -30.04 37.15 -21.18
CA SER B 72 -31.23 37.69 -20.50
C SER B 72 -32.54 37.37 -21.21
N SER B 73 -32.49 37.10 -22.52
CA SER B 73 -33.70 36.77 -23.25
C SER B 73 -33.64 35.34 -23.77
N SER B 74 -32.54 34.66 -23.49
CA SER B 74 -32.35 33.28 -23.93
C SER B 74 -32.40 33.16 -25.45
N THR B 75 -31.83 34.13 -26.15
CA THR B 75 -31.90 34.10 -27.60
C THR B 75 -30.51 33.99 -28.17
N ALA B 76 -30.36 33.11 -29.16
CA ALA B 76 -29.09 32.93 -29.85
C ALA B 76 -29.25 33.65 -31.20
N TYR B 77 -28.18 34.28 -31.67
CA TYR B 77 -28.24 35.00 -32.93
C TYR B 77 -27.09 34.56 -33.84
N MET B 78 -27.33 34.64 -35.14
CA MET B 78 -26.31 34.36 -36.15
C MET B 78 -26.44 35.45 -37.19
N GLN B 79 -25.32 36.05 -37.57
CA GLN B 79 -25.35 37.07 -38.60
C GLN B 79 -24.50 36.63 -39.77
N LEU B 80 -25.00 36.86 -40.98
CA LEU B 80 -24.27 36.54 -42.22
C LEU B 80 -24.13 37.86 -42.95
N SER B 81 -23.07 38.02 -43.75
CA SER B 81 -22.87 39.27 -44.47
C SER B 81 -22.46 39.00 -45.90
N SER B 82 -22.46 40.03 -46.75
CA SER B 82 -22.13 39.87 -48.16
C SER B 82 -22.93 38.74 -48.79
N LEU B 83 -24.24 38.78 -48.57
CA LEU B 83 -25.13 37.74 -49.05
C LEU B 83 -25.21 37.66 -50.57
N THR B 84 -25.21 36.44 -51.09
CA THR B 84 -25.32 36.19 -52.52
C THR B 84 -26.41 35.11 -52.68
N SER B 85 -26.73 34.73 -53.91
CA SER B 85 -27.75 33.71 -54.13
C SER B 85 -27.38 32.37 -53.49
N GLU B 86 -26.09 32.11 -53.35
CA GLU B 86 -25.61 30.89 -52.71
C GLU B 86 -25.95 30.80 -51.23
N ASP B 87 -26.36 31.91 -50.62
CA ASP B 87 -26.72 31.90 -49.21
C ASP B 87 -28.20 31.69 -48.99
N SER B 88 -28.97 31.67 -50.07
CA SER B 88 -30.40 31.48 -49.93
C SER B 88 -30.54 30.02 -49.50
N ALA B 89 -31.16 29.81 -48.35
CA ALA B 89 -31.25 28.48 -47.78
C ALA B 89 -32.09 28.56 -46.53
N VAL B 90 -32.39 27.42 -45.93
CA VAL B 90 -33.12 27.37 -44.68
C VAL B 90 -32.06 27.15 -43.62
N TYR B 91 -32.07 27.99 -42.58
CA TYR B 91 -31.09 27.92 -41.52
C TYR B 91 -31.76 27.49 -40.23
N TYR B 92 -31.26 26.47 -39.61
CA TYR B 92 -31.75 25.88 -38.37
C TYR B 92 -30.78 26.07 -37.22
N CYS B 93 -31.36 26.28 -36.06
CA CYS B 93 -30.62 26.32 -34.80
C CYS B 93 -31.01 25.05 -34.03
N ALA B 94 -30.10 24.47 -33.31
CA ALA B 94 -30.41 23.20 -32.65
C ALA B 94 -29.54 22.91 -31.43
N ARG B 95 -30.06 22.01 -30.63
CA ARG B 95 -29.46 21.67 -29.34
C ARG B 95 -29.76 20.19 -29.09
N PRO B 96 -27.78 21.02 -28.54
CA PRO B 96 -26.80 19.97 -28.31
C PRO B 96 -26.90 19.47 -26.85
N SER B 97 -27.40 18.27 -26.55
CA SER B 97 -27.53 17.80 -25.17
C SER B 97 -26.13 17.27 -24.85
N TYR B 98 -25.55 17.82 -23.78
CA TYR B 98 -24.26 17.24 -23.37
C TYR B 98 -24.40 16.99 -21.87
N TYR B 99 -24.15 15.77 -21.40
CA TYR B 99 -24.19 15.46 -19.98
C TYR B 99 -22.78 14.93 -19.69
N ASP B 100 -22.21 14.07 -20.51
CA ASP B 100 -20.84 13.58 -20.29
C ASP B 100 -20.38 13.17 -21.67
N TYR B 101 -19.14 12.72 -21.76
CA TYR B 101 -18.53 12.28 -22.99
C TYR B 101 -19.23 11.15 -23.72
N ASP B 102 -20.09 10.42 -23.00
CA ASP B 102 -20.76 9.27 -23.56
C ASP B 102 -22.26 9.49 -23.47
N VAL B 103 -22.73 10.67 -23.10
CA VAL B 103 -24.15 10.92 -23.09
C VAL B 103 -24.26 12.32 -23.59
N THR B 104 -24.74 12.36 -24.83
CA THR B 104 -24.89 13.59 -25.61
C THR B 104 -25.71 13.26 -26.81
N TRP B 105 -26.53 14.20 -27.23
CA TRP B 105 -27.30 14.09 -28.45
C TRP B 105 -27.79 15.46 -28.90
N PHE B 106 -27.66 15.87 -30.15
CA PHE B 106 -28.11 17.18 -30.56
C PHE B 106 -29.43 16.70 -31.16
N ALA B 107 -30.46 16.72 -30.35
CA ALA B 107 -31.72 16.19 -30.84
C ALA B 107 -32.93 17.06 -31.13
N TYR B 108 -32.94 18.31 -30.68
CA TYR B 108 -34.10 19.19 -30.75
C TYR B 108 -33.77 20.25 -31.79
N TRP B 109 -34.40 20.57 -32.77
CA TRP B 109 -34.09 21.54 -33.83
C TRP B 109 -35.22 22.56 -33.88
N GLY B 110 -34.92 23.78 -34.30
CA GLY B 110 -35.94 24.78 -34.42
C GLY B 110 -36.66 24.56 -35.73
N GLN B 111 -37.59 25.45 -36.08
CA GLN B 111 -38.37 25.28 -37.31
C GLN B 111 -37.63 25.76 -38.54
N GLY B 112 -36.60 26.57 -38.34
CA GLY B 112 -35.80 27.04 -39.45
C GLY B 112 -36.32 28.36 -39.95
N THR B 113 -35.43 29.13 -40.58
CA THR B 113 -35.78 30.40 -41.18
C THR B 113 -35.35 30.30 -42.63
N LEU B 114 -36.28 30.56 -43.55
CA LEU B 114 -35.95 30.59 -44.95
C LEU B 114 -35.40 31.96 -45.33
N VAL B 115 -34.11 32.00 -45.64
CA VAL B 115 -33.47 33.25 -46.04
C VAL B 115 -33.42 33.28 -47.57
N THR B 116 -34.08 34.28 -48.15
CA THR B 116 -34.10 34.43 -49.59
C THR B 116 -33.42 35.72 -49.99
N VAL B 117 -32.36 35.61 -50.77
CA VAL B 117 -31.64 36.78 -51.24
C VAL B 117 -32.20 37.16 -52.61
N SER B 118 -32.79 38.35 -52.72
CA SER B 118 -33.42 38.78 -53.98
C SER B 118 -33.57 40.30 -54.13
N ASP C 1 16.52 -22.22 -39.88
CA ASP C 1 15.59 -21.09 -39.55
C ASP C 1 14.19 -21.63 -39.25
N ILE C 2 13.34 -20.76 -38.71
CA ILE C 2 11.98 -21.14 -38.37
C ILE C 2 11.29 -21.43 -39.71
N VAL C 3 10.58 -22.56 -39.81
CA VAL C 3 9.90 -22.93 -41.05
C VAL C 3 8.40 -22.87 -40.92
N MET C 4 7.76 -22.26 -41.91
CA MET C 4 6.29 -22.17 -41.94
C MET C 4 5.82 -23.13 -43.02
N THR C 5 5.03 -24.11 -42.61
CA THR C 5 4.48 -25.07 -43.55
C THR C 5 3.04 -24.71 -43.81
N GLN C 6 2.76 -24.35 -45.05
CA GLN C 6 1.44 -23.89 -45.43
C GLN C 6 0.72 -24.84 -46.36
N THR C 7 -0.51 -25.20 -46.03
CA THR C 7 -1.27 -26.10 -46.89
C THR C 7 -2.73 -25.68 -47.00
N PRO C 8 -3.40 -26.07 -48.11
CA PRO C 8 -2.85 -26.84 -49.23
C PRO C 8 -2.03 -25.92 -50.13
N ALA C 9 -1.29 -26.49 -51.08
CA ALA C 9 -0.54 -25.68 -52.03
C ALA C 9 -1.53 -25.08 -53.03
N SER C 10 -2.62 -25.81 -53.27
CA SER C 10 -3.61 -25.37 -54.24
C SER C 10 -5.01 -25.77 -53.79
N LEU C 11 -5.96 -24.89 -54.03
CA LEU C 11 -7.33 -25.10 -53.57
C LEU C 11 -8.34 -24.51 -54.56
N SER C 12 -9.32 -25.32 -54.98
CA SER C 12 -10.37 -24.86 -55.89
C SER C 12 -11.66 -24.64 -55.09
N ALA C 13 -12.42 -23.61 -55.44
CA ALA C 13 -13.64 -23.34 -54.72
C ALA C 13 -14.60 -22.48 -55.52
N SER C 14 -15.87 -22.48 -55.11
CA SER C 14 -16.88 -21.70 -55.78
C SER C 14 -17.24 -20.47 -54.98
N VAL C 15 -17.88 -19.51 -55.63
CA VAL C 15 -18.32 -18.29 -54.96
C VAL C 15 -19.42 -18.74 -54.00
N GLY C 16 -19.34 -18.26 -52.74
CA GLY C 16 -20.31 -18.66 -51.73
C GLY C 16 -19.80 -19.75 -50.81
N GLU C 17 -18.72 -20.40 -51.21
CA GLU C 17 -18.13 -21.47 -50.45
C GLU C 17 -17.17 -20.96 -49.35
N THR C 18 -17.08 -21.73 -48.26
CA THR C 18 -16.20 -21.37 -47.16
C THR C 18 -14.95 -22.24 -47.28
N VAL C 19 -13.78 -21.63 -47.20
CA VAL C 19 -12.55 -22.40 -47.31
C VAL C 19 -11.64 -22.03 -46.16
N THR C 20 -10.70 -22.92 -45.88
CA THR C 20 -9.71 -22.73 -44.82
C THR C 20 -8.30 -23.09 -45.31
N ILE C 21 -7.35 -22.20 -45.06
CA ILE C 21 -5.96 -22.41 -45.45
C ILE C 21 -5.21 -22.44 -44.12
N THR C 22 -4.30 -23.42 -43.94
CA THR C 22 -3.63 -23.57 -42.63
C THR C 22 -2.13 -23.36 -42.74
N CYS C 23 -1.52 -22.94 -41.65
CA CYS C 23 -0.08 -22.69 -41.58
C CYS C 23 0.44 -23.24 -40.25
N ARG C 24 1.46 -24.11 -40.30
CA ARG C 24 2.03 -24.70 -39.08
C ARG C 24 3.50 -24.35 -38.91
N ALA C 25 3.89 -23.86 -37.77
CA ALA C 25 5.24 -23.37 -37.48
C ALA C 25 6.14 -24.52 -36.98
N SER C 26 7.42 -24.46 -37.27
CA SER C 26 8.37 -25.48 -36.81
C SER C 26 8.62 -25.43 -35.30
N GLU C 27 8.35 -24.23 -34.73
CA GLU C 27 8.52 -24.03 -33.29
C GLU C 27 7.56 -22.90 -32.89
N ASN C 28 7.36 -22.70 -31.61
CA ASN C 28 6.37 -21.76 -31.10
C ASN C 28 6.68 -20.33 -31.53
N ILE C 29 5.65 -19.70 -32.12
CA ILE C 29 5.71 -18.31 -32.53
C ILE C 29 4.67 -17.47 -31.80
N TYR C 30 3.88 -18.25 -30.55
CA TYR C 30 2.93 -17.43 -29.80
C TYR C 30 1.77 -16.98 -30.65
N SER C 31 1.39 -15.70 -30.67
CA SER C 31 0.33 -15.22 -31.53
C SER C 31 0.77 -14.38 -32.70
N TYR C 32 2.06 -14.24 -32.96
CA TYR C 32 2.60 -13.32 -33.94
C TYR C 32 2.67 -13.92 -35.34
N LEU C 33 1.50 -14.09 -35.94
CA LEU C 33 1.38 -14.62 -37.31
C LEU C 33 0.69 -13.54 -38.16
N ALA C 34 1.13 -13.35 -39.39
CA ALA C 34 0.50 -12.50 -40.36
C ALA C 34 0.07 -13.26 -41.61
N TRP C 35 -0.98 -12.75 -42.27
CA TRP C 35 -1.42 -13.29 -43.54
C TRP C 35 -1.56 -12.19 -44.61
N TYR C 36 -1.16 -12.55 -45.84
CA TYR C 36 -1.15 -11.70 -47.00
C TYR C 36 -1.91 -12.29 -48.17
N GLN C 37 -2.52 -11.45 -49.08
CA GLN C 37 -3.18 -11.90 -50.29
C GLN C 37 -2.33 -11.27 -51.42
N GLN C 38 -2.15 -12.02 -52.50
CA GLN C 38 -1.44 -11.48 -53.65
C GLN C 38 -2.23 -11.90 -54.89
N LYS C 39 -2.75 -10.91 -55.59
CA LYS C 39 -3.50 -11.18 -56.80
C LYS C 39 -2.55 -11.23 -57.97
N GLN C 40 -3.02 -11.79 -59.08
CA GLN C 40 -2.19 -11.91 -60.27
C GLN C 40 -1.62 -10.59 -60.72
N GLY C 41 -0.30 -10.50 -60.75
CA GLY C 41 0.39 -9.29 -61.19
C GLY C 41 0.45 -8.09 -60.26
N LYS C 42 0.03 -8.30 -59.00
CA LYS C 42 -0.02 -7.24 -58.01
C LYS C 42 0.89 -7.56 -56.84
N SER C 43 1.16 -6.54 -56.03
CA SER C 43 1.99 -6.71 -54.84
C SER C 43 1.09 -7.31 -53.75
N PRO C 44 1.69 -7.96 -52.74
CA PRO C 44 0.94 -8.55 -51.63
C PRO C 44 0.23 -7.45 -50.84
N GLN C 45 -0.84 -7.82 -50.15
CA GLN C 45 -1.54 -6.90 -49.25
C GLN C 45 -1.83 -7.69 -47.97
N LEU C 46 -1.59 -7.05 -46.83
CA LEU C 46 -1.77 -7.70 -45.53
C LEU C 46 -3.25 -7.80 -45.18
N LEU C 47 -3.69 -9.00 -44.80
CA LEU C 47 -5.07 -9.18 -44.35
C LEU C 47 -5.15 -9.34 -42.84
N VAL C 48 -4.23 -10.13 -42.27
CA VAL C 48 -4.29 -10.48 -40.84
C VAL C 48 -2.93 -10.28 -40.15
N TYR C 49 -2.94 -9.83 -38.89
CA TYR C 49 -1.70 -9.71 -38.15
C TYR C 49 -2.03 -10.15 -36.72
N ASN C 50 -1.02 -10.54 -35.97
CA ASN C 50 -1.25 -11.01 -34.59
C ASN C 50 -2.25 -12.18 -34.62
N ALA C 51 -2.07 -13.07 -35.59
CA ALA C 51 -2.85 -14.29 -35.79
C ALA C 51 -4.32 -14.15 -36.15
N GLU C 52 -5.01 -13.20 -35.53
CA GLU C 52 -6.44 -13.10 -35.72
C GLU C 52 -7.05 -11.72 -35.93
N THR C 53 -6.24 -10.67 -35.98
CA THR C 53 -6.79 -9.34 -36.04
C THR C 53 -6.93 -8.87 -37.49
N LEU C 54 -8.21 -8.28 -37.86
CA LEU C 54 -8.42 -7.83 -39.23
C LEU C 54 -7.66 -6.52 -39.51
N ALA C 55 -7.07 -6.46 -40.70
CA ALA C 55 -6.28 -5.33 -41.13
C ALA C 55 -7.20 -4.29 -41.77
N GLU C 56 -6.62 -3.14 -42.10
CA GLU C 56 -7.37 -2.06 -42.73
C GLU C 56 -8.03 -2.53 -44.01
N GLY C 57 -9.34 -2.31 -44.11
CA GLY C 57 -10.09 -2.64 -45.30
C GLY C 57 -10.42 -4.10 -45.60
N VAL C 58 -10.21 -4.97 -44.62
CA VAL C 58 -10.47 -6.39 -44.80
C VAL C 58 -11.89 -6.75 -44.37
N PRO C 59 -12.65 -7.30 -45.33
CA PRO C 59 -14.02 -7.74 -45.01
C PRO C 59 -14.08 -8.72 -43.85
N SER C 60 -15.16 -8.66 -43.06
CA SER C 60 -15.29 -9.56 -41.92
C SER C 60 -15.49 -11.05 -42.26
N ARG C 61 -15.64 -11.37 -43.55
CA ARG C 61 -15.75 -12.77 -43.93
C ARG C 61 -14.39 -13.47 -43.73
N PHE C 62 -13.32 -12.69 -43.60
CA PHE C 62 -12.01 -13.30 -43.37
C PHE C 62 -11.81 -13.40 -41.86
N SER C 63 -11.17 -14.46 -41.42
CA SER C 63 -10.88 -14.59 -40.00
C SER C 63 -9.65 -15.47 -39.79
N GLY C 64 -8.74 -15.00 -38.95
CA GLY C 64 -7.57 -15.77 -38.64
C GLY C 64 -7.75 -16.38 -37.27
N SER C 65 -7.11 -17.53 -37.04
CA SER C 65 -7.21 -18.17 -35.75
C SER C 65 -5.92 -18.95 -35.45
N GLY C 66 -5.74 -19.29 -34.18
CA GLY C 66 -4.57 -20.05 -33.78
C GLY C 66 -3.56 -19.33 -32.92
N SER C 67 -2.78 -20.09 -32.15
CA SER C 67 -1.75 -19.50 -31.32
C SER C 67 -0.83 -20.62 -30.87
N GLY C 68 0.48 -20.43 -31.09
CA GLY C 68 1.46 -21.44 -30.76
C GLY C 68 2.13 -21.87 -32.05
N THR C 69 1.71 -23.01 -32.60
CA THR C 69 2.33 -23.51 -33.83
C THR C 69 1.33 -23.78 -34.96
N GLN C 70 0.04 -23.85 -34.63
CA GLN C 70 -0.97 -24.15 -35.64
C GLN C 70 -1.93 -22.98 -35.88
N PHE C 71 -2.01 -22.54 -37.13
CA PHE C 71 -2.87 -21.41 -37.45
C PHE C 71 -3.73 -21.66 -38.67
N SER C 72 -4.78 -20.86 -38.83
CA SER C 72 -5.61 -21.00 -40.00
C SER C 72 -6.22 -19.68 -40.43
N LEU C 73 -6.52 -19.60 -41.72
CA LEU C 73 -7.18 -18.43 -42.25
C LEU C 73 -8.42 -19.00 -42.90
N ARG C 74 -9.57 -18.51 -42.46
CA ARG C 74 -10.83 -18.96 -43.00
C ARG C 74 -11.52 -17.85 -43.73
N ILE C 75 -12.07 -18.18 -44.89
CA ILE C 75 -12.81 -17.20 -45.68
C ILE C 75 -14.23 -17.71 -45.82
N ASN C 76 -15.17 -17.03 -45.17
CA ASN C 76 -16.57 -17.43 -45.25
C ASN C 76 -17.22 -16.85 -46.47
N SER C 77 -18.00 -17.67 -47.17
CA SER C 77 -18.71 -17.21 -48.34
C SER C 77 -17.87 -16.40 -49.33
N LEU C 78 -16.98 -17.12 -50.00
CA LEU C 78 -16.07 -16.54 -50.98
C LEU C 78 -16.72 -15.63 -51.99
N GLN C 79 -16.04 -14.51 -52.26
CA GLN C 79 -16.50 -13.56 -53.26
C GLN C 79 -15.53 -13.62 -54.45
N PRO C 80 -15.95 -13.14 -55.62
CA PRO C 80 -15.05 -13.19 -56.76
C PRO C 80 -13.67 -12.55 -56.55
N GLU C 81 -13.62 -11.49 -55.74
CA GLU C 81 -12.36 -10.80 -55.52
C GLU C 81 -11.42 -11.50 -54.55
N ASP C 82 -11.82 -12.67 -54.05
CA ASP C 82 -11.00 -13.40 -53.11
C ASP C 82 -10.07 -14.42 -53.76
N PHE C 83 -10.20 -14.64 -55.06
CA PHE C 83 -9.33 -15.62 -55.69
C PHE C 83 -7.97 -15.02 -56.00
N GLY C 84 -6.95 -15.83 -55.76
CA GLY C 84 -5.57 -15.36 -55.90
C GLY C 84 -4.72 -16.17 -54.94
N SER C 85 -3.52 -15.68 -54.61
CA SER C 85 -2.65 -16.44 -53.75
C SER C 85 -2.65 -15.87 -52.33
N TYR C 86 -2.44 -16.75 -51.36
CA TYR C 86 -2.36 -16.37 -49.95
C TYR C 86 -1.06 -16.89 -49.37
N TYR C 87 -0.42 -16.13 -48.48
CA TYR C 87 0.82 -16.51 -47.80
C TYR C 87 0.74 -16.21 -46.32
N CYS C 88 1.29 -17.10 -45.49
CA CYS C 88 1.39 -16.79 -44.06
C CYS C 88 2.82 -16.35 -43.83
N GLN C 89 3.05 -15.62 -42.74
CA GLN C 89 4.38 -15.18 -42.37
C GLN C 89 4.40 -14.92 -40.88
N HIS C 90 5.38 -15.42 -40.15
CA HIS C 90 5.38 -15.09 -38.72
C HIS C 90 6.05 -13.73 -38.58
N HIS C 91 5.69 -12.97 -37.55
CA HIS C 91 6.38 -11.71 -37.30
C HIS C 91 6.72 -11.61 -35.82
N TYR C 92 7.18 -12.75 -35.30
CA TYR C 92 7.61 -12.89 -33.90
C TYR C 92 9.05 -12.39 -33.73
N VAL C 93 10.00 -13.03 -34.40
CA VAL C 93 11.38 -12.58 -34.34
C VAL C 93 12.00 -12.67 -35.71
N SER C 94 13.20 -12.09 -35.91
CA SER C 94 13.95 -12.24 -37.14
C SER C 94 14.78 -13.53 -37.06
N PRO C 95 15.03 -14.18 -38.20
CA PRO C 95 14.56 -13.82 -39.54
C PRO C 95 13.10 -14.11 -39.79
N LEU C 96 12.45 -13.25 -40.56
CA LEU C 96 11.02 -13.40 -40.86
C LEU C 96 10.97 -14.43 -41.99
N THR C 97 10.05 -15.40 -41.89
CA THR C 97 9.88 -16.38 -42.95
C THR C 97 8.42 -16.56 -43.34
N PHE C 98 8.24 -16.94 -44.61
CA PHE C 98 6.92 -17.09 -45.23
C PHE C 98 6.56 -18.55 -45.44
N GLY C 99 5.27 -18.79 -45.51
CA GLY C 99 4.78 -20.12 -45.83
C GLY C 99 4.95 -20.26 -47.33
N ALA C 100 4.73 -21.44 -47.85
CA ALA C 100 4.91 -21.70 -49.27
C ALA C 100 3.88 -21.08 -50.18
N GLY C 101 2.72 -20.73 -49.65
CA GLY C 101 1.69 -20.15 -50.49
C GLY C 101 0.59 -21.11 -50.91
N THR C 102 -0.61 -20.57 -51.03
CA THR C 102 -1.78 -21.35 -51.43
C THR C 102 -2.39 -20.60 -52.58
N LYS C 103 -2.64 -21.31 -53.67
CA LYS C 103 -3.27 -20.67 -54.80
C LYS C 103 -4.74 -21.06 -54.74
N LEU C 104 -5.61 -20.06 -54.54
CA LEU C 104 -7.06 -20.27 -54.46
C LEU C 104 -7.63 -19.94 -55.82
N GLU C 105 -8.19 -20.94 -56.48
CA GLU C 105 -8.71 -20.72 -57.82
C GLU C 105 -10.18 -21.04 -57.89
N LEU C 106 -10.84 -20.46 -58.89
CA LEU C 106 -12.28 -20.57 -59.08
C LEU C 106 -12.70 -21.82 -59.87
N LYS C 107 -13.60 -22.59 -59.27
CA LYS C 107 -14.11 -23.78 -59.92
C LYS C 107 -15.04 -23.40 -61.04
N ARG C 108 -14.94 -24.10 -62.17
CA ARG C 108 -15.87 -23.87 -63.27
C ARG C 108 -16.04 -25.28 -63.89
N ALA C 109 -16.95 -25.42 -64.85
CA ALA C 109 -17.16 -26.72 -65.49
C ALA C 109 -15.92 -27.12 -66.30
N LEU D 1 5.39 4.37 -51.49
CA LEU D 1 6.75 3.82 -51.53
C LEU D 1 7.13 3.60 -52.99
N GLN D 2 7.61 4.68 -53.58
CA GLN D 2 7.99 4.72 -55.00
C GLN D 2 9.37 4.11 -55.19
N GLN D 3 9.18 3.09 -56.14
CA GLN D 3 10.32 2.31 -56.59
C GLN D 3 10.43 2.43 -58.08
N SER D 4 11.66 2.48 -58.60
CA SER D 4 11.87 2.56 -60.05
C SER D 4 11.42 1.24 -60.70
N GLY D 5 10.83 1.32 -61.88
CA GLY D 5 10.34 0.15 -62.58
C GLY D 5 11.26 -1.01 -62.86
N ALA D 6 12.48 -0.76 -63.35
CA ALA D 6 13.40 -1.85 -63.65
C ALA D 6 14.86 -1.45 -63.68
N GLU D 7 15.73 -2.42 -63.47
CA GLU D 7 17.18 -2.25 -63.50
C GLU D 7 17.79 -3.38 -64.33
N LEU D 8 18.74 -3.04 -65.19
CA LEU D 8 19.42 -4.04 -66.01
C LEU D 8 20.82 -4.09 -65.44
N ALA D 9 21.28 -5.25 -65.00
CA ALA D 9 22.62 -5.33 -64.41
C ALA D 9 23.49 -6.37 -65.11
N ARG D 10 24.81 -6.15 -65.07
CA ARG D 10 25.80 -7.07 -65.65
C ARG D 10 26.20 -8.08 -64.57
N PRO D 11 26.31 -9.38 -64.93
CA PRO D 11 26.72 -10.43 -63.99
C PRO D 11 27.98 -10.13 -63.21
N GLY D 12 27.90 -10.27 -61.89
CA GLY D 12 29.05 -10.01 -61.05
C GLY D 12 29.08 -8.62 -60.47
N ALA D 13 28.28 -7.72 -61.02
CA ALA D 13 28.27 -6.34 -60.55
C ALA D 13 27.33 -6.14 -59.37
N SER D 14 27.17 -4.89 -58.94
CA SER D 14 26.27 -4.53 -57.86
C SER D 14 25.09 -3.73 -58.42
N VAL D 15 24.04 -3.59 -57.61
CA VAL D 15 22.86 -2.83 -57.98
C VAL D 15 22.40 -2.07 -56.74
N LYS D 16 21.98 -0.81 -56.92
CA LYS D 16 21.47 0.00 -55.82
C LYS D 16 20.00 0.28 -56.12
N LEU D 17 19.12 -0.20 -55.23
CA LEU D 17 17.69 -0.02 -55.40
C LEU D 17 17.22 1.02 -54.41
N SER D 18 16.32 1.90 -54.87
CA SER D 18 15.78 2.97 -54.04
C SER D 18 14.32 2.78 -53.72
N CYS D 19 13.90 3.37 -52.61
CA CYS D 19 12.51 3.33 -52.16
C CYS D 19 12.18 4.69 -51.55
N LYS D 20 11.32 5.47 -52.20
CA LYS D 20 11.00 6.80 -51.70
C LYS D 20 9.73 6.81 -50.88
N ALA D 21 9.86 7.15 -49.61
CA ALA D 21 8.71 7.24 -48.73
C ALA D 21 8.05 8.61 -48.79
N SER D 22 6.73 8.63 -48.62
CA SER D 22 5.97 9.87 -48.66
C SER D 22 4.59 9.64 -48.04
N GLY D 23 4.03 10.68 -47.45
CA GLY D 23 2.72 10.56 -46.83
C GLY D 23 2.72 10.17 -45.36
N TYR D 24 3.91 10.00 -44.78
CA TYR D 24 3.99 9.63 -43.37
C TYR D 24 5.34 10.00 -42.74
N THR D 25 5.38 9.94 -41.41
CA THR D 25 6.61 10.25 -40.66
C THR D 25 7.58 9.10 -40.84
N PHE D 26 8.44 9.24 -41.84
CA PHE D 26 9.42 8.22 -42.21
C PHE D 26 10.26 7.67 -41.05
N ILE D 27 10.78 8.56 -40.20
CA ILE D 27 11.72 8.13 -39.16
C ILE D 27 11.12 7.29 -38.05
N SER D 28 9.78 7.22 -38.01
CA SER D 28 9.07 6.41 -37.03
C SER D 28 8.93 4.93 -37.37
N TYR D 29 9.38 4.51 -38.61
CA TYR D 29 9.16 3.10 -38.96
C TYR D 29 10.40 2.41 -39.54
N TRP D 30 10.46 1.09 -39.40
CA TRP D 30 11.45 0.28 -40.11
C TRP D 30 11.13 0.28 -41.62
N MET D 31 12.02 -0.32 -42.40
CA MET D 31 11.74 -0.61 -43.81
C MET D 31 12.02 -2.07 -44.14
N GLN D 32 11.02 -2.73 -44.74
CA GLN D 32 11.17 -4.12 -45.15
C GLN D 32 11.54 -4.29 -46.61
N TRP D 33 12.36 -5.28 -46.90
CA TRP D 33 12.77 -5.59 -48.25
C TRP D 33 12.45 -7.05 -48.54
N VAL D 34 11.72 -7.30 -49.62
CA VAL D 34 11.29 -8.65 -49.93
C VAL D 34 11.56 -8.98 -51.39
N LYS D 35 12.03 -10.21 -51.70
CA LYS D 35 12.38 -10.71 -53.01
C LYS D 35 11.28 -11.60 -53.57
N GLN D 36 11.01 -11.47 -54.87
CA GLN D 36 10.05 -12.35 -55.50
C GLN D 36 10.54 -12.81 -56.87
N ARG D 37 10.71 -14.12 -57.02
CA ARG D 37 11.04 -14.77 -58.28
C ARG D 37 9.74 -15.45 -58.66
N PRO D 38 9.38 -15.43 -59.96
CA PRO D 38 8.15 -16.02 -60.50
C PRO D 38 7.85 -17.44 -60.08
N GLY D 39 8.88 -18.27 -60.02
CA GLY D 39 8.71 -19.65 -59.61
C GLY D 39 8.38 -19.89 -58.15
N GLN D 40 9.07 -19.18 -57.27
CA GLN D 40 8.86 -19.36 -55.83
C GLN D 40 8.00 -18.30 -55.14
N GLY D 41 7.90 -18.44 -53.83
CA GLY D 41 7.14 -17.48 -53.04
C GLY D 41 7.93 -16.24 -52.72
N LEU D 42 7.50 -15.55 -51.67
CA LEU D 42 8.12 -14.31 -51.25
C LEU D 42 9.25 -14.67 -50.30
N GLU D 43 10.35 -13.92 -50.36
CA GLU D 43 11.46 -14.17 -49.45
C GLU D 43 11.91 -12.85 -48.82
N TRP D 44 12.03 -12.84 -47.51
CA TRP D 44 12.49 -11.66 -46.80
C TRP D 44 14.00 -11.50 -46.91
N ILE D 45 14.45 -10.29 -47.15
CA ILE D 45 15.88 -9.99 -47.27
C ILE D 45 16.37 -9.40 -45.95
N GLY D 46 15.66 -8.38 -45.48
CA GLY D 46 16.04 -7.73 -44.25
C GLY D 46 15.20 -6.51 -43.97
N ALA D 47 15.49 -5.84 -42.85
CA ALA D 47 14.77 -4.65 -42.47
C ALA D 47 15.68 -3.69 -41.72
N ILE D 48 15.40 -2.40 -41.85
CA ILE D 48 16.29 -1.39 -41.29
C ILE D 48 15.44 -0.34 -40.59
N TYR D 49 15.99 0.23 -39.52
CA TYR D 49 15.33 1.32 -38.81
C TYR D 49 16.19 2.55 -39.13
N PRO D 50 15.73 3.40 -40.06
CA PRO D 50 16.42 4.64 -40.43
C PRO D 50 16.80 5.57 -39.30
N GLY D 51 16.03 5.53 -38.21
CA GLY D 51 16.28 6.42 -37.10
C GLY D 51 17.61 6.22 -36.39
N ASP D 52 18.22 5.05 -36.55
CA ASP D 52 19.51 4.80 -35.94
C ASP D 52 20.40 3.82 -36.72
N GLY D 53 19.87 3.33 -37.85
CA GLY D 53 20.65 2.41 -38.67
C GLY D 53 20.60 0.95 -38.31
N ALA D 54 19.78 0.58 -37.33
CA ALA D 54 19.66 -0.83 -36.93
C ALA D 54 19.15 -1.70 -38.07
N THR D 55 19.81 -2.84 -38.27
CA THR D 55 19.45 -3.73 -39.35
C THR D 55 19.23 -5.15 -38.83
N ARG D 56 18.35 -5.81 -39.69
CA ARG D 56 18.24 -7.24 -39.44
C ARG D 56 18.31 -7.91 -40.81
N TYR D 57 19.11 -8.97 -40.92
CA TYR D 57 19.25 -9.66 -42.20
C TYR D 57 18.92 -11.14 -42.14
N THR D 58 18.40 -11.65 -43.26
CA THR D 58 18.12 -13.07 -43.37
C THR D 58 19.55 -13.61 -43.46
N GLN D 59 19.84 -14.70 -42.76
CA GLN D 59 21.17 -15.31 -42.86
C GLN D 59 21.55 -15.55 -44.31
N LYS D 60 20.59 -16.01 -45.11
CA LYS D 60 20.76 -16.21 -46.55
C LYS D 60 21.31 -14.97 -47.28
N PHE D 61 20.88 -13.79 -46.85
CA PHE D 61 21.35 -12.55 -47.47
C PHE D 61 22.48 -11.81 -46.76
N LYS D 62 23.01 -12.38 -45.68
CA LYS D 62 24.10 -11.72 -45.00
C LYS D 62 25.31 -11.87 -45.91
N GLY D 63 25.96 -10.76 -46.24
CA GLY D 63 27.07 -10.79 -47.16
C GLY D 63 26.63 -10.54 -48.60
N LYS D 64 25.33 -10.43 -48.82
CA LYS D 64 24.78 -10.18 -50.15
C LYS D 64 24.07 -8.82 -50.19
N ALA D 65 23.17 -8.61 -49.24
CA ALA D 65 22.43 -7.36 -49.17
C ALA D 65 22.96 -6.38 -48.14
N THR D 66 23.00 -5.04 -48.47
CA THR D 66 23.37 -4.00 -47.54
C THR D 66 22.17 -3.05 -47.51
N LEU D 67 21.67 -2.75 -46.32
CA LEU D 67 20.56 -1.82 -46.14
C LEU D 67 21.01 -0.51 -45.53
N THR D 68 20.52 0.60 -46.06
CA THR D 68 20.80 1.92 -45.51
C THR D 68 19.61 2.83 -45.78
N ALA D 69 19.70 4.11 -45.40
CA ALA D 69 18.63 5.09 -45.56
C ALA D 69 19.21 6.51 -45.56
N ASP D 70 18.46 7.38 -46.20
CA ASP D 70 18.77 8.81 -46.33
C ASP D 70 17.59 9.59 -45.76
N LYS D 71 17.64 9.79 -44.46
CA LYS D 71 16.60 10.54 -43.70
C LYS D 71 16.32 11.90 -44.31
N SER D 72 17.20 12.67 -44.90
CA SER D 72 16.89 13.97 -45.49
C SER D 72 16.02 13.89 -46.76
N SER D 73 16.04 12.75 -47.44
CA SER D 73 15.23 12.60 -48.65
C SER D 73 14.18 11.52 -48.45
N SER D 74 14.15 10.93 -47.26
CA SER D 74 13.20 9.87 -46.93
C SER D 74 13.31 8.68 -47.88
N THR D 75 14.54 8.33 -48.26
CA THR D 75 14.72 7.24 -49.19
C THR D 75 15.47 6.11 -48.54
N ALA D 76 14.99 4.89 -48.76
CA ALA D 76 15.64 3.69 -48.23
C ALA D 76 16.36 3.06 -49.44
N TYR D 77 17.54 2.50 -49.20
CA TYR D 77 18.31 1.89 -50.26
C TYR D 77 18.72 0.48 -49.88
N MET D 78 18.86 -0.38 -50.89
CA MET D 78 19.36 -1.74 -50.71
C MET D 78 20.36 -1.97 -51.81
N GLN D 79 21.52 -2.51 -51.48
CA GLN D 79 22.51 -2.83 -52.49
C GLN D 79 22.81 -4.31 -52.46
N LEU D 80 22.92 -4.89 -53.66
CA LEU D 80 23.25 -6.32 -53.81
C LEU D 80 24.53 -6.34 -54.62
N SER D 81 25.36 -7.36 -54.42
CA SER D 81 26.63 -7.45 -55.16
C SER D 81 26.86 -8.85 -55.67
N SER D 82 27.84 -9.03 -56.56
CA SER D 82 28.13 -10.33 -57.15
C SER D 82 26.86 -10.95 -57.72
N LEU D 83 26.15 -10.16 -58.52
CA LEU D 83 24.89 -10.59 -59.08
C LEU D 83 25.02 -11.75 -60.08
N THR D 84 24.10 -12.70 -59.98
CA THR D 84 24.07 -13.85 -60.88
C THR D 84 22.62 -13.96 -61.36
N SER D 85 22.33 -14.92 -62.24
CA SER D 85 20.97 -15.09 -62.75
C SER D 85 19.95 -15.37 -61.64
N GLU D 86 20.43 -15.98 -60.55
CA GLU D 86 19.57 -16.27 -59.41
C GLU D 86 19.08 -15.02 -58.68
N ASP D 87 19.67 -13.87 -58.96
CA ASP D 87 19.24 -12.64 -58.34
C ASP D 87 18.23 -11.88 -59.17
N SER D 88 17.97 -12.36 -60.38
CA SER D 88 17.01 -11.68 -61.23
C SER D 88 15.67 -11.94 -60.56
N ALA D 89 14.96 -10.87 -60.21
CA ALA D 89 13.73 -11.00 -59.46
C ALA D 89 13.13 -9.63 -59.30
N VAL D 90 11.93 -9.56 -58.75
CA VAL D 90 11.29 -8.29 -58.47
C VAL D 90 11.51 -8.07 -56.98
N TYR D 91 12.02 -6.89 -56.63
CA TYR D 91 12.34 -6.56 -55.24
C TYR D 91 11.40 -5.46 -54.77
N TYR D 92 10.73 -5.70 -53.67
CA TYR D 92 9.78 -4.78 -53.05
C TYR D 92 10.27 -4.26 -51.71
N CYS D 93 9.93 -3.01 -51.46
CA CYS D 93 10.17 -2.37 -50.17
C CYS D 93 8.79 -2.18 -49.53
N ALA D 94 8.68 -2.31 -48.24
CA ALA D 94 7.37 -2.25 -47.62
C ALA D 94 7.39 -1.85 -46.15
N ARG D 95 6.24 -1.42 -45.70
CA ARG D 95 6.07 -0.85 -44.37
C ARG D 95 4.66 -1.20 -43.92
N PRO D 96 6.32 -1.31 -42.47
CA PRO D 96 5.96 -2.07 -41.26
C PRO D 96 5.24 -1.13 -40.26
N SER D 97 3.93 -1.22 -40.02
CA SER D 97 3.25 -0.32 -39.09
C SER D 97 3.52 -0.96 -37.73
N TYR D 98 4.12 -0.17 -36.82
CA TYR D 98 4.28 -0.71 -35.47
C TYR D 98 3.75 0.39 -34.55
N TYR D 99 2.80 0.08 -33.66
CA TYR D 99 2.30 1.04 -32.70
C TYR D 99 2.57 0.37 -31.34
N ASP D 100 2.30 -0.92 -31.17
CA ASP D 100 2.61 -1.60 -29.91
C ASP D 100 2.74 -3.04 -30.29
N TYR D 101 3.06 -3.89 -29.34
CA TYR D 101 3.22 -5.30 -29.53
C TYR D 101 2.04 -6.05 -30.09
N ASP D 102 0.86 -5.45 -30.00
CA ASP D 102 -0.36 -6.08 -30.45
C ASP D 102 -1.02 -5.22 -31.51
N VAL D 103 -0.36 -4.19 -32.01
CA VAL D 103 -0.93 -3.41 -33.08
C VAL D 103 0.26 -3.11 -33.94
N THR D 104 0.23 -3.81 -35.08
CA THR D 104 1.29 -3.77 -36.08
C THR D 104 0.77 -4.47 -37.31
N TRP D 105 1.17 -3.99 -38.46
CA TRP D 105 0.85 -4.61 -39.73
C TRP D 105 1.80 -4.12 -40.81
N PHE D 106 2.40 -4.94 -41.64
CA PHE D 106 3.30 -4.45 -42.66
C PHE D 106 2.29 -4.52 -43.80
N ALA D 107 1.61 -3.42 -44.02
CA ALA D 107 0.58 -3.45 -45.05
C ALA D 107 0.69 -2.71 -46.36
N TYR D 108 1.64 -1.80 -46.51
CA TYR D 108 1.74 -0.92 -47.66
C TYR D 108 2.97 -1.39 -48.45
N TRP D 109 3.06 -1.70 -49.61
CA TRP D 109 4.18 -2.21 -50.38
C TRP D 109 4.43 -1.27 -51.56
N GLY D 110 5.66 -1.17 -52.02
CA GLY D 110 5.96 -0.32 -53.15
C GLY D 110 5.59 -1.10 -54.41
N GLN D 111 5.88 -0.54 -55.58
CA GLN D 111 5.52 -1.20 -56.83
C GLN D 111 6.52 -2.26 -57.26
N GLY D 112 7.71 -2.21 -56.67
CA GLY D 112 8.71 -3.21 -56.96
C GLY D 112 9.60 -2.76 -58.10
N THR D 113 10.82 -3.29 -58.12
CA THR D 113 11.78 -3.01 -59.18
C THR D 113 12.17 -4.36 -59.75
N LEU D 114 12.02 -4.51 -61.06
CA LEU D 114 12.45 -5.73 -61.72
C LEU D 114 13.95 -5.65 -62.02
N VAL D 115 14.74 -6.46 -61.33
CA VAL D 115 16.18 -6.50 -61.55
C VAL D 115 16.48 -7.66 -62.48
N THR D 116 17.03 -7.36 -63.65
CA THR D 116 17.38 -8.37 -64.61
C THR D 116 18.88 -8.40 -64.82
N VAL D 117 19.49 -9.54 -64.54
CA VAL D 117 20.92 -9.71 -64.71
C VAL D 117 21.15 -10.30 -66.10
N SER D 118 21.83 -9.58 -66.98
CA SER D 118 22.05 -10.06 -68.36
C SER D 118 23.24 -9.41 -69.07
N ASP E 1 -4.38 -49.75 -3.54
CA ASP E 1 -4.04 -48.54 -4.36
C ASP E 1 -5.31 -47.95 -4.98
N ILE E 2 -5.17 -46.75 -5.52
CA ILE E 2 -6.29 -46.06 -6.14
C ILE E 2 -6.64 -46.90 -7.39
N VAL E 3 -7.93 -47.20 -7.56
CA VAL E 3 -8.37 -48.01 -8.71
C VAL E 3 -9.18 -47.22 -9.71
N MET E 4 -8.83 -47.37 -10.98
CA MET E 4 -9.56 -46.71 -12.06
C MET E 4 -10.39 -47.76 -12.76
N THR E 5 -11.70 -47.57 -12.74
CA THR E 5 -12.60 -48.50 -13.40
C THR E 5 -13.06 -47.89 -14.70
N GLN E 6 -12.68 -48.52 -15.79
CA GLN E 6 -12.95 -47.99 -17.12
C GLN E 6 -13.94 -48.83 -17.89
N THR E 7 -14.97 -48.20 -18.44
CA THR E 7 -15.95 -48.94 -19.22
C THR E 7 -16.40 -48.17 -20.46
N PRO E 8 -16.87 -48.89 -21.50
CA PRO E 8 -16.97 -50.35 -21.56
C PRO E 8 -15.59 -50.96 -21.85
N ALA E 9 -15.48 -52.28 -21.73
CA ALA E 9 -14.23 -52.94 -22.07
C ALA E 9 -14.09 -52.97 -23.59
N SER E 10 -15.24 -53.01 -24.27
CA SER E 10 -15.23 -53.08 -25.72
C SER E 10 -16.42 -52.31 -26.30
N LEU E 11 -16.18 -51.64 -27.41
CA LEU E 11 -17.19 -50.80 -28.03
C LEU E 11 -17.07 -50.81 -29.55
N SER E 12 -18.19 -51.07 -30.23
CA SER E 12 -18.22 -51.06 -31.71
C SER E 12 -18.89 -49.78 -32.18
N ALA E 13 -18.41 -49.21 -33.27
CA ALA E 13 -19.00 -47.98 -33.77
C ALA E 13 -18.67 -47.75 -35.24
N SER E 14 -19.43 -46.88 -35.87
CA SER E 14 -19.23 -46.55 -37.27
C SER E 14 -18.59 -45.20 -37.43
N VAL E 15 -18.04 -44.94 -38.60
CA VAL E 15 -17.41 -43.65 -38.88
C VAL E 15 -18.55 -42.65 -38.91
N GLY E 16 -18.37 -41.52 -38.22
CA GLY E 16 -19.42 -40.51 -38.14
C GLY E 16 -20.21 -40.56 -36.85
N GLU E 17 -20.06 -41.66 -36.13
CA GLU E 17 -20.76 -41.86 -34.88
C GLU E 17 -20.03 -41.22 -33.68
N THR E 18 -20.80 -40.80 -32.68
CA THR E 18 -20.25 -40.19 -31.48
C THR E 18 -20.25 -41.27 -30.40
N VAL E 19 -19.12 -41.43 -29.71
CA VAL E 19 -19.05 -42.43 -28.66
C VAL E 19 -18.48 -41.80 -27.41
N THR E 20 -18.74 -42.43 -26.29
CA THR E 20 -18.24 -41.99 -24.98
C THR E 20 -17.67 -43.16 -24.17
N ILE E 21 -16.47 -42.97 -23.64
CA ILE E 21 -15.81 -43.98 -22.83
C ILE E 21 -15.67 -43.33 -21.47
N THR E 22 -16.01 -44.07 -20.39
CA THR E 22 -16.02 -43.46 -19.05
C THR E 22 -15.01 -44.11 -18.12
N CYS E 23 -14.53 -43.36 -17.15
CA CYS E 23 -13.55 -43.84 -16.17
C CYS E 23 -13.97 -43.33 -14.78
N ARG E 24 -14.10 -44.24 -13.81
CA ARG E 24 -14.52 -43.86 -12.45
C ARG E 24 -13.45 -44.22 -11.41
N ALA E 25 -13.05 -43.29 -10.59
CA ALA E 25 -11.97 -43.44 -9.61
C ALA E 25 -12.51 -44.02 -8.28
N SER E 26 -11.71 -44.78 -7.57
CA SER E 26 -12.10 -45.35 -6.29
C SER E 26 -12.21 -44.29 -5.18
N GLU E 27 -11.48 -43.17 -5.41
CA GLU E 27 -11.52 -42.07 -4.45
C GLU E 27 -11.20 -40.79 -5.24
N ASN E 28 -11.39 -39.65 -4.64
CA ASN E 28 -11.27 -38.37 -5.34
C ASN E 28 -9.85 -38.13 -5.86
N ILE E 29 -9.79 -37.83 -7.17
CA ILE E 29 -8.55 -37.49 -7.84
C ILE E 29 -8.58 -36.07 -8.38
N TYR E 30 -9.89 -35.15 -7.91
CA TYR E 30 -9.88 -33.75 -8.38
C TYR E 30 -9.99 -33.67 -9.88
N SER E 31 -9.15 -32.90 -10.57
CA SER E 31 -9.18 -32.84 -12.03
C SER E 31 -8.02 -33.51 -12.71
N TYR E 32 -7.17 -34.23 -12.01
CA TYR E 32 -5.92 -34.77 -12.55
C TYR E 32 -6.09 -36.14 -13.18
N LEU E 33 -6.78 -36.16 -14.33
CA LEU E 33 -7.01 -37.39 -15.11
C LEU E 33 -6.34 -37.20 -16.47
N ALA E 34 -5.71 -38.24 -17.00
CA ALA E 34 -5.18 -38.28 -18.34
C ALA E 34 -5.79 -39.39 -19.18
N TRP E 35 -5.82 -39.18 -20.50
CA TRP E 35 -6.28 -40.20 -21.42
C TRP E 35 -5.24 -40.42 -22.56
N TYR E 36 -5.08 -41.69 -22.93
CA TYR E 36 -4.15 -42.16 -23.93
C TYR E 36 -4.83 -42.99 -25.00
N GLN E 37 -4.30 -42.99 -26.29
CA GLN E 37 -4.79 -43.83 -27.36
C GLN E 37 -3.61 -44.77 -27.67
N GLN E 38 -3.90 -46.02 -27.97
CA GLN E 38 -2.85 -46.95 -28.38
C GLN E 38 -3.39 -47.74 -29.58
N LYS E 39 -2.74 -47.55 -30.70
CA LYS E 39 -3.14 -48.26 -31.91
C LYS E 39 -2.44 -49.59 -31.96
N GLN E 40 -2.93 -50.49 -32.80
CA GLN E 40 -2.35 -51.81 -32.91
C GLN E 40 -0.87 -51.77 -33.23
N GLY E 41 -0.07 -52.34 -32.35
CA GLY E 41 1.37 -52.41 -32.53
C GLY E 41 2.20 -51.15 -32.30
N LYS E 42 1.56 -50.12 -31.74
CA LYS E 42 2.22 -48.84 -31.50
C LYS E 42 2.22 -48.51 -30.02
N SER E 43 3.04 -47.53 -29.66
CA SER E 43 3.13 -47.09 -28.26
C SER E 43 1.94 -46.15 -28.02
N PRO E 44 1.55 -45.97 -26.75
CA PRO E 44 0.45 -45.09 -26.40
C PRO E 44 0.80 -43.64 -26.74
N GLN E 45 -0.22 -42.82 -26.96
CA GLN E 45 -0.03 -41.38 -27.19
C GLN E 45 -1.07 -40.67 -26.33
N LEU E 46 -0.64 -39.62 -25.67
CA LEU E 46 -1.52 -38.87 -24.76
C LEU E 46 -2.48 -37.98 -25.54
N LEU E 47 -3.78 -38.07 -25.23
CA LEU E 47 -4.77 -37.20 -25.86
C LEU E 47 -5.23 -36.10 -24.91
N VAL E 48 -5.48 -36.45 -23.65
CA VAL E 48 -6.07 -35.52 -22.67
C VAL E 48 -5.30 -35.52 -21.36
N TYR E 49 -5.17 -34.35 -20.71
CA TYR E 49 -4.54 -34.28 -19.42
C TYR E 49 -5.36 -33.27 -18.61
N ASN E 50 -5.25 -33.34 -17.29
CA ASN E 50 -6.04 -32.43 -16.44
C ASN E 50 -7.53 -32.55 -16.78
N ALA E 51 -7.96 -33.81 -16.97
CA ALA E 51 -9.35 -34.20 -17.24
C ALA E 51 -9.98 -33.73 -18.54
N GLU E 52 -9.70 -32.50 -18.96
CA GLU E 52 -10.36 -31.96 -20.13
C GLU E 52 -9.53 -31.18 -21.14
N THR E 53 -8.23 -31.08 -20.94
CA THR E 53 -7.43 -30.25 -21.81
C THR E 53 -6.85 -31.04 -22.97
N LEU E 54 -7.00 -30.46 -24.30
CA LEU E 54 -6.49 -31.19 -25.46
C LEU E 54 -4.96 -31.12 -25.52
N ALA E 55 -4.35 -32.25 -25.88
CA ALA E 55 -2.92 -32.38 -25.96
C ALA E 55 -2.46 -31.95 -27.35
N GLU E 56 -1.14 -31.91 -27.52
CA GLU E 56 -0.55 -31.53 -28.79
C GLU E 56 -1.04 -32.42 -29.92
N GLY E 57 -1.57 -31.81 -30.98
CA GLY E 57 -2.02 -32.53 -32.15
C GLY E 57 -3.32 -33.30 -32.09
N VAL E 58 -4.10 -33.08 -31.04
CA VAL E 58 -5.37 -33.79 -30.87
C VAL E 58 -6.53 -33.00 -31.49
N PRO E 59 -7.21 -33.65 -32.44
CA PRO E 59 -8.38 -33.01 -33.07
C PRO E 59 -9.43 -32.58 -32.06
N SER E 60 -10.13 -31.47 -32.34
CA SER E 60 -11.15 -30.98 -31.42
C SER E 60 -12.40 -31.86 -31.30
N ARG E 61 -12.50 -32.92 -32.11
CA ARG E 61 -13.63 -33.83 -31.95
C ARG E 61 -13.50 -34.63 -30.65
N PHE E 62 -12.30 -34.63 -30.06
CA PHE E 62 -12.11 -35.33 -28.79
C PHE E 62 -12.37 -34.34 -27.68
N SER E 63 -12.98 -34.79 -26.60
CA SER E 63 -13.20 -33.92 -25.46
C SER E 63 -13.28 -34.73 -24.17
N GLY E 64 -12.55 -34.27 -23.16
CA GLY E 64 -12.59 -34.95 -21.88
C GLY E 64 -13.46 -34.12 -20.95
N SER E 65 -14.08 -34.78 -19.97
CA SER E 65 -14.91 -34.07 -19.02
C SER E 65 -14.89 -34.78 -17.67
N GLY E 66 -15.31 -34.08 -16.63
CA GLY E 66 -15.37 -34.67 -15.30
C GLY E 66 -14.40 -34.13 -14.29
N SER E 67 -14.73 -34.25 -13.01
CA SER E 67 -13.84 -33.81 -11.95
C SER E 67 -14.34 -34.42 -10.65
N GLY E 68 -13.42 -35.08 -9.93
CA GLY E 68 -13.77 -35.76 -8.71
C GLY E 68 -13.50 -37.24 -8.89
N THR E 69 -14.55 -38.02 -9.17
CA THR E 69 -14.38 -39.45 -9.33
C THR E 69 -14.93 -39.99 -10.66
N GLN E 70 -15.76 -39.20 -11.34
CA GLN E 70 -16.37 -39.65 -12.60
C GLN E 70 -15.90 -38.85 -13.80
N PHE E 71 -15.34 -39.54 -14.78
CA PHE E 71 -14.83 -38.85 -15.97
C PHE E 71 -15.27 -39.51 -17.26
N SER E 72 -15.17 -38.78 -18.36
CA SER E 72 -15.51 -39.35 -19.64
C SER E 72 -14.70 -38.76 -20.77
N LEU E 73 -14.54 -39.56 -21.81
CA LEU E 73 -13.84 -39.11 -23.00
C LEU E 73 -14.87 -39.31 -24.09
N ARG E 74 -15.18 -38.24 -24.78
CA ARG E 74 -16.15 -38.29 -25.87
C ARG E 74 -15.48 -38.01 -27.19
N ILE E 75 -15.82 -38.80 -28.20
CA ILE E 75 -15.28 -38.59 -29.52
C ILE E 75 -16.44 -38.31 -30.46
N ASN E 76 -16.54 -37.08 -30.94
CA ASN E 76 -17.62 -36.69 -31.83
C ASN E 76 -17.27 -37.05 -33.26
N SER E 77 -18.22 -37.61 -33.97
CA SER E 77 -18.02 -37.96 -35.36
C SER E 77 -16.71 -38.69 -35.65
N LEU E 78 -16.67 -39.94 -35.22
CA LEU E 78 -15.52 -40.82 -35.37
C LEU E 78 -14.93 -40.85 -36.76
N GLN E 79 -13.60 -40.83 -36.81
CA GLN E 79 -12.89 -40.92 -38.09
C GLN E 79 -12.18 -42.28 -38.12
N PRO E 80 -11.79 -42.74 -39.31
CA PRO E 80 -11.12 -44.03 -39.38
C PRO E 80 -9.88 -44.17 -38.49
N GLU E 81 -9.15 -43.09 -38.29
CA GLU E 81 -7.93 -43.15 -37.48
C GLU E 81 -8.18 -43.17 -35.99
N ASP E 82 -9.45 -43.18 -35.58
CA ASP E 82 -9.78 -43.18 -34.16
C ASP E 82 -9.97 -44.58 -33.57
N PHE E 83 -9.96 -45.62 -34.41
CA PHE E 83 -10.17 -46.95 -33.88
C PHE E 83 -8.87 -47.50 -33.31
N GLY E 84 -9.01 -48.17 -32.17
CA GLY E 84 -7.86 -48.66 -31.43
C GLY E 84 -8.22 -48.70 -29.96
N SER E 85 -7.23 -48.76 -29.08
CA SER E 85 -7.54 -48.86 -27.66
C SER E 85 -7.35 -47.52 -26.97
N TYR E 86 -8.13 -47.30 -25.91
CA TYR E 86 -8.04 -46.10 -25.10
C TYR E 86 -7.88 -46.49 -23.64
N TYR E 87 -7.07 -45.74 -22.88
CA TYR E 87 -6.84 -45.96 -21.46
C TYR E 87 -6.92 -44.66 -20.68
N CYS E 88 -7.50 -44.72 -19.49
CA CYS E 88 -7.46 -43.53 -18.62
C CYS E 88 -6.37 -43.78 -17.60
N GLN E 89 -5.86 -42.71 -17.01
CA GLN E 89 -4.84 -42.83 -15.97
C GLN E 89 -4.91 -41.57 -15.11
N HIS E 90 -4.92 -41.70 -13.80
CA HIS E 90 -4.93 -40.47 -13.01
C HIS E 90 -3.47 -40.01 -12.90
N HIS E 91 -3.25 -38.71 -12.75
CA HIS E 91 -1.89 -38.22 -12.53
C HIS E 91 -1.91 -37.20 -11.38
N TYR E 92 -2.69 -37.57 -10.36
CA TYR E 92 -2.82 -36.78 -9.13
C TYR E 92 -1.66 -37.05 -8.17
N VAL E 93 -1.54 -38.29 -7.71
CA VAL E 93 -0.43 -38.63 -6.85
C VAL E 93 0.09 -40.00 -7.24
N SER E 94 1.27 -40.40 -6.71
CA SER E 94 1.80 -41.74 -6.89
C SER E 94 1.18 -42.67 -5.84
N PRO E 95 1.02 -43.95 -6.17
CA PRO E 95 1.31 -44.59 -7.46
C PRO E 95 0.32 -44.26 -8.56
N LEU E 96 0.81 -44.13 -9.78
CA LEU E 96 -0.04 -43.79 -10.91
C LEU E 96 -0.69 -45.12 -11.34
N THR E 97 -2.00 -45.10 -11.60
CA THR E 97 -2.69 -46.29 -12.07
C THR E 97 -3.56 -46.02 -13.28
N PHE E 98 -3.71 -47.07 -14.08
CA PHE E 98 -4.46 -47.03 -15.35
C PHE E 98 -5.79 -47.72 -15.25
N GLY E 99 -6.69 -47.32 -16.14
CA GLY E 99 -7.99 -47.98 -16.25
C GLY E 99 -7.69 -49.25 -17.02
N ALA E 100 -8.69 -50.11 -17.12
CA ALA E 100 -8.52 -51.39 -17.79
C ALA E 100 -8.41 -51.33 -19.30
N GLY E 101 -8.86 -50.23 -19.89
CA GLY E 101 -8.81 -50.12 -21.34
C GLY E 101 -10.10 -50.42 -22.07
N THR E 102 -10.30 -49.71 -23.17
CA THR E 102 -11.50 -49.86 -23.99
C THR E 102 -11.00 -50.10 -25.38
N LYS E 103 -11.50 -51.14 -26.01
CA LYS E 103 -11.11 -51.40 -27.37
C LYS E 103 -12.25 -50.89 -28.25
N LEU E 104 -11.95 -49.87 -29.05
CA LEU E 104 -12.95 -49.27 -29.97
C LEU E 104 -12.72 -49.87 -31.33
N GLU E 105 -13.71 -50.60 -31.82
CA GLU E 105 -13.55 -51.28 -33.09
C GLU E 105 -14.62 -50.82 -34.08
N LEU E 106 -14.32 -51.00 -35.35
CA LEU E 106 -15.16 -50.57 -36.45
C LEU E 106 -16.25 -51.56 -36.83
N LYS E 107 -17.48 -51.07 -36.84
CA LYS E 107 -18.61 -51.91 -37.23
C LYS E 107 -18.60 -52.15 -38.71
N ARG E 108 -18.90 -53.39 -39.12
CA ARG E 108 -19.01 -53.70 -40.53
C ARG E 108 -20.13 -54.76 -40.59
N ALA E 109 -20.56 -55.15 -41.79
CA ALA E 109 -21.61 -56.17 -41.91
C ALA E 109 -21.09 -57.52 -41.41
N LEU F 1 13.37 -40.76 -27.40
CA LEU F 1 13.67 -41.67 -26.28
C LEU F 1 13.99 -43.04 -26.86
N GLN F 2 15.24 -43.17 -27.24
CA GLN F 2 15.76 -44.40 -27.88
C GLN F 2 16.05 -45.46 -26.82
N GLN F 3 15.30 -46.58 -27.22
CA GLN F 3 15.39 -47.81 -26.43
C GLN F 3 15.83 -48.93 -27.34
N SER F 4 16.65 -49.84 -26.82
CA SER F 4 17.10 -50.99 -27.60
C SER F 4 15.90 -51.91 -27.89
N GLY F 5 15.88 -52.50 -29.08
CA GLY F 5 14.78 -53.37 -29.48
C GLY F 5 14.40 -54.56 -28.62
N ALA F 6 15.37 -55.34 -28.15
CA ALA F 6 15.04 -56.52 -27.33
C ALA F 6 16.18 -57.00 -26.46
N GLU F 7 15.82 -57.69 -25.38
CA GLU F 7 16.77 -58.27 -24.44
C GLU F 7 16.35 -59.71 -24.16
N LEU F 8 17.31 -60.63 -24.14
CA LEU F 8 17.02 -62.03 -23.85
C LEU F 8 17.64 -62.26 -22.49
N ALA F 9 16.86 -62.68 -21.50
CA ALA F 9 17.41 -62.88 -20.16
C ALA F 9 17.18 -64.29 -19.63
N ARG F 10 18.09 -64.75 -18.76
CA ARG F 10 17.99 -66.07 -18.12
C ARG F 10 17.18 -65.92 -16.82
N PRO F 11 16.25 -66.86 -16.55
CA PRO F 11 15.44 -66.84 -15.33
C PRO F 11 16.23 -66.67 -14.05
N GLY F 12 15.81 -65.72 -13.23
CA GLY F 12 16.50 -65.47 -11.98
C GLY F 12 17.54 -64.38 -12.04
N ALA F 13 17.93 -64.00 -13.25
CA ALA F 13 18.96 -62.98 -13.42
C ALA F 13 18.38 -61.57 -13.40
N SER F 14 19.23 -60.58 -13.65
CA SER F 14 18.82 -59.18 -13.74
C SER F 14 18.93 -58.69 -15.19
N VAL F 15 18.31 -57.55 -15.46
CA VAL F 15 18.35 -56.94 -16.77
C VAL F 15 18.47 -55.42 -16.57
N LYS F 16 19.30 -54.77 -17.39
CA LYS F 16 19.48 -53.33 -17.32
C LYS F 16 18.95 -52.75 -18.64
N LEU F 17 17.92 -51.93 -18.54
CA LEU F 17 17.30 -51.32 -19.73
C LEU F 17 17.69 -49.87 -19.78
N SER F 18 18.01 -49.39 -20.98
CA SER F 18 18.43 -48.02 -21.21
C SER F 18 17.40 -47.20 -21.97
N CYS F 19 17.44 -45.90 -21.77
CA CYS F 19 16.57 -44.95 -22.45
C CYS F 19 17.37 -43.69 -22.76
N LYS F 20 17.65 -43.42 -24.02
CA LYS F 20 18.46 -42.26 -24.37
C LYS F 20 17.61 -41.07 -24.75
N ALA F 21 17.73 -40.01 -23.98
CA ALA F 21 16.99 -38.78 -24.26
C ALA F 21 17.76 -37.88 -25.22
N SER F 22 17.02 -37.15 -26.05
CA SER F 22 17.61 -36.25 -27.02
C SER F 22 16.55 -35.28 -27.53
N GLY F 23 16.98 -34.08 -27.89
CA GLY F 23 16.04 -33.08 -28.39
C GLY F 23 15.45 -32.16 -27.34
N TYR F 24 15.84 -32.33 -26.08
CA TYR F 24 15.32 -31.48 -25.01
C TYR F 24 16.25 -31.43 -23.80
N THR F 25 15.97 -30.48 -22.91
CA THR F 25 16.74 -30.31 -21.68
C THR F 25 16.38 -31.43 -20.72
N PHE F 26 17.14 -32.51 -20.79
CA PHE F 26 16.93 -33.70 -19.99
C PHE F 26 16.73 -33.48 -18.49
N ILE F 27 17.56 -32.66 -17.88
CA ILE F 27 17.54 -32.48 -16.44
C ILE F 27 16.30 -31.78 -15.87
N SER F 28 15.52 -31.19 -16.77
CA SER F 28 14.27 -30.53 -16.40
C SER F 28 13.05 -31.43 -16.22
N TYR F 29 13.20 -32.75 -16.56
CA TYR F 29 12.00 -33.61 -16.46
C TYR F 29 12.23 -34.93 -15.73
N TRP F 30 11.16 -35.49 -15.15
CA TRP F 30 11.19 -36.85 -14.64
C TRP F 30 11.29 -37.84 -15.81
N MET F 31 11.44 -39.12 -15.48
CA MET F 31 11.32 -40.19 -16.46
C MET F 31 10.35 -41.27 -15.99
N GLN F 32 9.39 -41.60 -16.85
CA GLN F 32 8.41 -42.64 -16.56
C GLN F 32 8.76 -43.99 -17.16
N TRP F 33 8.46 -45.05 -16.42
CA TRP F 33 8.69 -46.41 -16.90
C TRP F 33 7.39 -47.18 -16.81
N VAL F 34 6.99 -47.78 -17.93
CA VAL F 34 5.71 -48.47 -17.98
C VAL F 34 5.87 -49.85 -18.60
N LYS F 35 5.19 -50.89 -18.06
CA LYS F 35 5.23 -52.28 -18.47
C LYS F 35 4.02 -52.64 -19.31
N GLN F 36 4.21 -53.43 -20.35
CA GLN F 36 3.10 -53.90 -21.14
C GLN F 36 3.25 -55.37 -21.51
N ARG F 37 2.31 -56.19 -21.05
CA ARG F 37 2.21 -57.60 -21.39
C ARG F 37 1.02 -57.63 -22.32
N PRO F 38 1.08 -58.44 -23.39
CA PRO F 38 0.03 -58.59 -24.41
C PRO F 38 -1.37 -58.82 -23.89
N GLY F 39 -1.49 -59.64 -22.86
CA GLY F 39 -2.79 -59.90 -22.27
C GLY F 39 -3.44 -58.77 -21.50
N GLN F 40 -2.65 -58.08 -20.69
CA GLN F 40 -3.19 -56.98 -19.89
C GLN F 40 -2.94 -55.57 -20.41
N GLY F 41 -3.35 -54.60 -19.61
CA GLY F 41 -3.15 -53.21 -19.97
C GLY F 41 -1.76 -52.71 -19.61
N LEU F 42 -1.64 -51.41 -19.49
CA LEU F 42 -0.37 -50.77 -19.19
C LEU F 42 -0.23 -50.74 -17.67
N GLU F 43 0.99 -50.90 -17.19
CA GLU F 43 1.23 -50.85 -15.75
C GLU F 43 2.43 -49.93 -15.47
N TRP F 44 2.25 -48.99 -14.56
CA TRP F 44 3.33 -48.09 -14.18
C TRP F 44 4.31 -48.78 -13.24
N ILE F 45 5.59 -48.58 -13.46
CA ILE F 45 6.64 -49.17 -12.63
C ILE F 45 7.13 -48.10 -11.65
N GLY F 46 7.49 -46.94 -12.20
CA GLY F 46 7.99 -45.88 -11.36
C GLY F 46 8.46 -44.70 -12.18
N ALA F 47 8.95 -43.67 -11.49
CA ALA F 47 9.46 -42.49 -12.16
C ALA F 47 10.59 -41.87 -11.36
N ILE F 48 11.51 -41.22 -12.06
CA ILE F 48 12.70 -40.71 -11.41
C ILE F 48 12.96 -39.30 -11.92
N TYR F 49 13.53 -38.46 -11.05
CA TYR F 49 13.91 -37.11 -11.42
C TYR F 49 15.44 -37.14 -11.42
N PRO F 50 16.06 -37.25 -12.61
CA PRO F 50 17.52 -37.23 -12.77
C PRO F 50 18.27 -36.09 -12.08
N GLY F 51 17.60 -34.95 -11.94
CA GLY F 51 18.25 -33.78 -11.36
C GLY F 51 18.68 -33.95 -9.90
N ASP F 52 18.09 -34.91 -9.19
CA ASP F 52 18.48 -35.15 -7.81
C ASP F 52 18.32 -36.60 -7.36
N GLY F 53 17.86 -37.45 -8.27
CA GLY F 53 17.69 -38.85 -7.94
C GLY F 53 16.40 -39.27 -7.26
N ALA F 54 15.46 -38.34 -7.12
CA ALA F 54 14.18 -38.64 -6.48
C ALA F 54 13.41 -39.71 -7.27
N THR F 55 12.88 -40.70 -6.56
CA THR F 55 12.15 -41.78 -7.19
C THR F 55 10.78 -41.97 -6.56
N ARG F 56 9.94 -42.55 -7.50
CA ARG F 56 8.66 -43.00 -6.95
C ARG F 56 8.42 -44.39 -7.54
N TYR F 57 8.02 -45.33 -6.71
CA TYR F 57 7.77 -46.69 -7.19
C TYR F 57 6.38 -47.21 -6.90
N THR F 58 5.90 -48.06 -7.79
CA THR F 58 4.61 -48.71 -7.59
C THR F 58 4.98 -49.67 -6.46
N GLN F 59 4.11 -49.79 -5.46
CA GLN F 59 4.36 -50.75 -4.39
C GLN F 59 4.65 -52.15 -4.94
N LYS F 60 3.90 -52.53 -5.97
CA LYS F 60 4.12 -53.78 -6.69
C LYS F 60 5.56 -53.99 -7.18
N PHE F 61 6.22 -52.91 -7.59
CA PHE F 61 7.59 -53.00 -8.06
C PHE F 61 8.68 -52.61 -7.05
N LYS F 62 8.29 -52.31 -5.82
CA LYS F 62 9.31 -51.97 -4.84
C LYS F 62 10.03 -53.27 -4.50
N GLY F 63 11.35 -53.26 -4.62
CA GLY F 63 12.10 -54.48 -4.41
C GLY F 63 12.35 -55.25 -5.69
N LYS F 64 11.76 -54.77 -6.78
CA LYS F 64 11.92 -55.41 -8.09
C LYS F 64 12.64 -54.48 -9.06
N ALA F 65 12.14 -53.25 -9.17
CA ALA F 65 12.73 -52.26 -10.06
C ALA F 65 13.62 -51.25 -9.36
N THR F 66 14.80 -50.89 -9.98
CA THR F 66 15.67 -49.85 -9.49
C THR F 66 15.79 -48.83 -10.63
N LEU F 67 15.51 -47.56 -10.32
CA LEU F 67 15.63 -46.49 -11.30
C LEU F 67 16.83 -45.60 -11.02
N THR F 68 17.57 -45.25 -12.08
CA THR F 68 18.69 -44.31 -11.97
C THR F 68 18.82 -43.55 -13.28
N ALA F 69 19.84 -42.69 -13.38
CA ALA F 69 20.08 -41.87 -14.57
C ALA F 69 21.56 -41.44 -14.62
N ASP F 70 21.98 -41.17 -15.83
CA ASP F 70 23.34 -40.72 -16.17
C ASP F 70 23.22 -39.39 -16.90
N LYS F 71 23.16 -38.33 -16.11
CA LYS F 71 23.04 -36.94 -16.62
C LYS F 71 24.12 -36.61 -17.64
N SER F 72 25.33 -37.09 -17.65
CA SER F 72 26.34 -36.78 -18.68
C SER F 72 26.04 -37.38 -20.05
N SER F 73 25.25 -38.45 -20.09
CA SER F 73 24.92 -39.07 -21.36
C SER F 73 23.42 -38.96 -21.63
N SER F 74 22.69 -38.35 -20.71
CA SER F 74 21.25 -38.19 -20.83
C SER F 74 20.53 -39.51 -20.95
N THR F 75 20.99 -40.51 -20.21
CA THR F 75 20.38 -41.82 -20.31
C THR F 75 19.75 -42.22 -19.01
N ALA F 76 18.54 -42.74 -19.08
CA ALA F 76 17.82 -43.22 -17.90
C ALA F 76 17.93 -44.75 -17.93
N TYR F 77 18.08 -45.36 -16.77
CA TYR F 77 18.21 -46.81 -16.70
C TYR F 77 17.20 -47.38 -15.70
N MET F 78 16.78 -48.62 -15.95
CA MET F 78 15.92 -49.36 -15.04
C MET F 78 16.49 -50.75 -14.95
N GLN F 79 16.62 -51.27 -13.74
CA GLN F 79 17.11 -52.64 -13.58
C GLN F 79 16.06 -53.46 -12.88
N LEU F 80 15.87 -54.68 -13.34
CA LEU F 80 14.92 -55.63 -12.74
C LEU F 80 15.76 -56.83 -12.33
N SER F 81 15.36 -57.55 -11.29
CA SER F 81 16.13 -58.70 -10.83
C SER F 81 15.21 -59.87 -10.52
N SER F 82 15.77 -61.06 -10.33
CA SER F 82 14.98 -62.27 -10.08
C SER F 82 13.89 -62.43 -11.13
N LEU F 83 14.29 -62.33 -12.38
CA LEU F 83 13.36 -62.39 -13.49
C LEU F 83 12.68 -63.77 -13.64
N THR F 84 11.39 -63.74 -13.92
CA THR F 84 10.61 -64.95 -14.12
C THR F 84 9.81 -64.72 -15.42
N SER F 85 9.03 -65.71 -15.86
CA SER F 85 8.26 -65.57 -17.08
C SER F 85 7.25 -64.41 -17.01
N GLU F 86 6.80 -64.09 -15.79
CA GLU F 86 5.88 -62.99 -15.58
C GLU F 86 6.49 -61.62 -15.88
N ASP F 87 7.80 -61.55 -16.02
CA ASP F 87 8.46 -60.29 -16.33
C ASP F 87 8.68 -60.10 -17.82
N SER F 88 8.37 -61.13 -18.60
CA SER F 88 8.56 -61.02 -20.04
C SER F 88 7.48 -60.04 -20.49
N ALA F 89 7.90 -58.94 -21.11
CA ALA F 89 6.97 -57.88 -21.47
C ALA F 89 7.74 -56.84 -22.23
N VAL F 90 7.03 -55.85 -22.77
CA VAL F 90 7.65 -54.74 -23.46
C VAL F 90 7.67 -53.61 -22.44
N TYR F 91 8.84 -53.02 -22.24
CA TYR F 91 9.01 -51.95 -21.26
C TYR F 91 9.30 -50.64 -21.98
N TYR F 92 8.53 -49.63 -21.70
CA TYR F 92 8.64 -48.29 -22.27
C TYR F 92 9.07 -47.26 -21.26
N CYS F 93 9.86 -46.33 -21.76
CA CYS F 93 10.26 -45.13 -20.98
C CYS F 93 9.53 -43.95 -21.63
N ALA F 94 9.12 -42.99 -20.84
CA ALA F 94 8.33 -41.90 -21.40
C ALA F 94 8.38 -40.62 -20.59
N ARG F 95 8.02 -39.55 -21.27
CA ARG F 95 8.13 -38.20 -20.74
C ARG F 95 6.98 -37.40 -21.34
N PRO F 96 7.52 -37.10 -19.22
CA PRO F 96 6.47 -36.39 -18.48
C PRO F 96 6.65 -34.87 -18.65
N SER F 97 5.82 -34.14 -19.40
CA SER F 97 6.00 -32.70 -19.59
C SER F 97 5.36 -32.11 -18.33
N TYR F 98 6.17 -31.31 -17.61
CA TYR F 98 5.55 -30.61 -16.47
C TYR F 98 5.97 -29.16 -16.62
N TYR F 99 5.03 -28.22 -16.64
CA TYR F 99 5.35 -26.80 -16.70
C TYR F 99 4.69 -26.21 -15.44
N ASP F 100 3.47 -26.58 -15.09
CA ASP F 100 2.85 -26.10 -13.86
C ASP F 100 1.82 -27.15 -13.54
N TYR F 101 1.12 -26.97 -12.44
CA TYR F 101 0.09 -27.87 -11.98
C TYR F 101 -1.06 -28.12 -12.93
N ASP F 102 -1.23 -27.23 -13.90
CA ASP F 102 -2.33 -27.32 -14.82
C ASP F 102 -1.79 -27.42 -16.23
N VAL F 103 -0.50 -27.60 -16.43
CA VAL F 103 0.03 -27.78 -17.75
C VAL F 103 1.10 -28.83 -17.56
N THR F 104 0.72 -30.00 -18.06
CA THR F 104 1.53 -31.22 -17.95
C THR F 104 0.91 -32.23 -18.87
N TRP F 105 1.75 -33.06 -19.46
CA TRP F 105 1.31 -34.17 -20.28
C TRP F 105 2.45 -35.17 -20.45
N PHE F 106 2.26 -36.47 -20.28
CA PHE F 106 3.36 -37.40 -20.43
C PHE F 106 2.96 -37.84 -21.84
N ALA F 107 3.54 -37.17 -22.83
CA ALA F 107 3.13 -37.50 -24.18
C ALA F 107 4.04 -38.20 -25.18
N TYR F 108 5.33 -38.30 -24.90
CA TYR F 108 6.33 -38.78 -25.85
C TYR F 108 6.78 -40.15 -25.31
N TRP F 109 6.79 -41.22 -25.88
CA TRP F 109 7.14 -42.55 -25.40
C TRP F 109 8.28 -43.09 -26.27
N GLY F 110 9.11 -43.95 -25.72
CA GLY F 110 10.18 -44.52 -26.50
C GLY F 110 9.60 -45.67 -27.29
N GLN F 111 10.43 -46.42 -28.01
CA GLN F 111 9.94 -47.53 -28.83
C GLN F 111 9.71 -48.79 -28.04
N GLY F 112 10.29 -48.87 -26.86
CA GLY F 112 10.08 -50.01 -26.00
C GLY F 112 11.15 -51.05 -26.23
N THR F 113 11.39 -51.87 -25.22
CA THR F 113 12.34 -52.96 -25.29
C THR F 113 11.58 -54.22 -24.93
N LEU F 114 11.62 -55.21 -25.81
CA LEU F 114 10.99 -56.49 -25.52
C LEU F 114 11.94 -57.35 -24.67
N VAL F 115 11.58 -57.57 -23.42
CA VAL F 115 12.38 -58.39 -22.53
C VAL F 115 11.78 -59.79 -22.52
N THR F 116 12.56 -60.77 -22.96
CA THR F 116 12.10 -62.15 -22.98
C THR F 116 12.94 -62.99 -22.05
N VAL F 117 12.30 -63.59 -21.07
CA VAL F 117 12.98 -64.44 -20.11
C VAL F 117 12.89 -65.89 -20.62
N SER F 118 14.02 -66.51 -20.94
CA SER F 118 14.02 -67.87 -21.48
C SER F 118 15.33 -68.62 -21.30
N ASP G 1 -43.55 -25.00 13.25
CA ASP G 1 -42.22 -25.27 12.60
C ASP G 1 -42.28 -24.91 11.12
N ILE G 2 -41.12 -24.87 10.49
CA ILE G 2 -41.03 -24.54 9.07
C ILE G 2 -41.72 -25.71 8.34
N VAL G 3 -42.61 -25.38 7.41
CA VAL G 3 -43.33 -26.41 6.65
C VAL G 3 -42.93 -26.46 5.20
N MET G 4 -42.68 -27.68 4.72
CA MET G 4 -42.31 -27.89 3.31
C MET G 4 -43.53 -28.50 2.64
N THR G 5 -44.06 -27.80 1.64
CA THR G 5 -45.20 -28.31 0.90
C THR G 5 -44.70 -28.84 -0.43
N GLN G 6 -44.86 -30.13 -0.61
CA GLN G 6 -44.35 -30.80 -1.80
C GLN G 6 -45.44 -31.32 -2.71
N THR G 7 -45.36 -30.98 -3.99
CA THR G 7 -46.37 -31.45 -4.93
C THR G 7 -45.75 -31.87 -6.26
N PRO G 8 -46.44 -32.78 -7.00
CA PRO G 8 -47.70 -33.41 -6.64
C PRO G 8 -47.45 -34.53 -5.62
N ALA G 9 -48.51 -35.08 -5.03
CA ALA G 9 -48.36 -36.20 -4.12
C ALA G 9 -48.07 -37.45 -4.95
N SER G 10 -48.59 -37.46 -6.17
CA SER G 10 -48.41 -38.62 -7.04
C SER G 10 -48.29 -38.18 -8.50
N LEU G 11 -47.42 -38.87 -9.23
CA LEU G 11 -47.14 -38.50 -10.61
C LEU G 11 -46.84 -39.74 -11.45
N SER G 12 -47.53 -39.87 -12.59
CA SER G 12 -47.31 -41.00 -13.51
C SER G 12 -46.50 -40.50 -14.71
N ALA G 13 -45.60 -41.32 -15.22
CA ALA G 13 -44.81 -40.89 -16.36
C ALA G 13 -44.20 -42.07 -17.09
N SER G 14 -43.76 -41.84 -18.32
CA SER G 14 -43.16 -42.87 -19.13
C SER G 14 -41.66 -42.70 -19.22
N VAL G 15 -40.97 -43.75 -19.62
CA VAL G 15 -39.53 -43.69 -19.77
C VAL G 15 -39.27 -42.75 -20.94
N GLY G 16 -38.34 -41.80 -20.76
CA GLY G 16 -38.05 -40.82 -21.79
C GLY G 16 -38.71 -39.48 -21.55
N GLU G 17 -39.67 -39.46 -20.65
CA GLU G 17 -40.41 -38.27 -20.32
C GLU G 17 -39.69 -37.39 -19.27
N THR G 18 -39.90 -36.09 -19.35
CA THR G 18 -39.30 -35.15 -18.41
C THR G 18 -40.37 -34.78 -17.40
N VAL G 19 -40.04 -34.84 -16.11
CA VAL G 19 -41.00 -34.49 -15.09
C VAL G 19 -40.37 -33.52 -14.12
N THR G 20 -41.23 -32.80 -13.40
CA THR G 20 -40.81 -31.84 -12.39
C THR G 20 -41.62 -31.98 -11.11
N ILE G 21 -40.93 -32.04 -9.98
CA ILE G 21 -41.56 -32.16 -8.67
C ILE G 21 -41.15 -30.87 -7.95
N THR G 22 -42.13 -30.22 -7.29
CA THR G 22 -41.84 -28.91 -6.67
C THR G 22 -42.00 -28.95 -5.16
N CYS G 23 -41.28 -28.07 -4.48
CA CYS G 23 -41.33 -27.98 -3.01
C CYS G 23 -41.35 -26.49 -2.64
N ARG G 24 -42.34 -26.08 -1.84
CA ARG G 24 -42.45 -24.67 -1.42
C ARG G 24 -42.37 -24.52 0.09
N ALA G 25 -41.51 -23.65 0.59
CA ALA G 25 -41.24 -23.47 2.01
C ALA G 25 -42.21 -22.44 2.62
N SER G 26 -42.55 -22.59 3.89
CA SER G 26 -43.44 -21.67 4.58
C SER G 26 -42.80 -20.30 4.83
N GLU G 27 -41.44 -20.32 4.84
CA GLU G 27 -40.68 -19.07 5.05
C GLU G 27 -39.32 -19.29 4.37
N ASN G 28 -38.56 -18.24 4.22
CA ASN G 28 -37.31 -18.27 3.47
C ASN G 28 -36.29 -19.23 4.09
N ILE G 29 -35.80 -20.13 3.23
CA ILE G 29 -34.75 -21.07 3.60
C ILE G 29 -33.49 -20.86 2.78
N TYR G 30 -33.47 -19.49 1.83
CA TYR G 30 -32.23 -19.25 1.08
C TYR G 30 -31.98 -20.33 0.06
N SER G 31 -30.78 -20.91 -0.02
CA SER G 31 -30.51 -21.99 -0.95
C SER G 31 -30.36 -23.36 -0.32
N TYR G 32 -30.62 -23.52 0.96
CA TYR G 32 -30.34 -24.74 1.70
C TYR G 32 -31.48 -25.75 1.63
N LEU G 33 -31.66 -26.33 0.46
CA LEU G 33 -32.68 -27.36 0.21
C LEU G 33 -31.96 -28.64 -0.20
N ALA G 34 -32.42 -29.79 0.28
CA ALA G 34 -31.96 -31.09 -0.16
C ALA G 34 -33.07 -31.94 -0.74
N TRP G 35 -32.70 -32.86 -1.65
CA TRP G 35 -33.64 -33.81 -2.20
C TRP G 35 -33.10 -35.26 -2.08
N TYR G 36 -34.03 -36.17 -1.78
CA TYR G 36 -33.78 -37.58 -1.57
C TYR G 36 -34.65 -38.45 -2.44
N GLN G 37 -34.17 -39.70 -2.85
CA GLN G 37 -34.96 -40.66 -3.59
C GLN G 37 -35.07 -41.86 -2.62
N GLN G 38 -36.22 -42.50 -2.60
CA GLN G 38 -36.39 -43.71 -1.79
C GLN G 38 -37.13 -44.72 -2.65
N LYS G 39 -36.46 -45.82 -2.93
CA LYS G 39 -37.07 -46.87 -3.73
C LYS G 39 -37.80 -47.82 -2.82
N GLN G 40 -38.68 -48.63 -3.40
CA GLN G 40 -39.47 -49.56 -2.61
C GLN G 40 -38.60 -50.47 -1.75
N GLY G 41 -38.81 -50.41 -0.45
CA GLY G 41 -38.08 -51.24 0.49
C GLY G 41 -36.64 -50.89 0.82
N LYS G 42 -36.20 -49.72 0.37
CA LYS G 42 -34.83 -49.27 0.56
C LYS G 42 -34.79 -47.99 1.36
N SER G 43 -33.59 -47.66 1.86
CA SER G 43 -33.40 -46.43 2.63
C SER G 43 -33.27 -45.29 1.61
N PRO G 44 -33.53 -44.05 2.05
CA PRO G 44 -33.42 -42.88 1.18
C PRO G 44 -31.98 -42.68 0.74
N GLN G 45 -31.79 -42.01 -0.39
CA GLN G 45 -30.45 -41.66 -0.87
C GLN G 45 -30.53 -40.20 -1.32
N LEU G 46 -29.53 -39.42 -0.95
CA LEU G 46 -29.51 -37.99 -1.28
C LEU G 46 -29.13 -37.77 -2.74
N LEU G 47 -29.93 -36.97 -3.45
CA LEU G 47 -29.63 -36.62 -4.83
C LEU G 47 -29.10 -35.21 -4.95
N VAL G 48 -29.72 -34.26 -4.23
CA VAL G 48 -29.43 -32.83 -4.36
C VAL G 48 -29.22 -32.16 -3.00
N TYR G 49 -28.28 -31.22 -2.90
CA TYR G 49 -28.10 -30.48 -1.67
C TYR G 49 -27.81 -29.04 -2.09
N ASN G 50 -28.03 -28.09 -1.19
CA ASN G 50 -27.81 -26.68 -1.53
C ASN G 50 -28.65 -26.31 -2.77
N ALA G 51 -29.89 -26.80 -2.79
CA ALA G 51 -30.89 -26.54 -3.83
C ALA G 51 -30.62 -27.06 -5.22
N GLU G 52 -29.37 -26.97 -5.68
CA GLU G 52 -29.08 -27.33 -7.06
C GLU G 52 -27.83 -28.16 -7.34
N THR G 53 -27.10 -28.56 -6.31
CA THR G 53 -25.84 -29.24 -6.55
C THR G 53 -26.02 -30.74 -6.57
N LEU G 54 -25.40 -31.46 -7.70
CA LEU G 54 -25.55 -32.91 -7.80
C LEU G 54 -24.69 -33.63 -6.76
N ALA G 55 -25.26 -34.67 -6.17
CA ALA G 55 -24.61 -35.45 -5.14
C ALA G 55 -23.78 -36.56 -5.81
N GLU G 56 -23.03 -37.27 -4.98
CA GLU G 56 -22.21 -38.37 -5.46
C GLU G 56 -23.03 -39.40 -6.21
N GLY G 57 -22.61 -39.71 -7.44
CA GLY G 57 -23.26 -40.73 -8.24
C GLY G 57 -24.60 -40.40 -8.89
N VAL G 58 -24.99 -39.14 -8.87
CA VAL G 58 -26.27 -38.74 -9.45
C VAL G 58 -26.12 -38.34 -10.92
N PRO G 59 -26.86 -39.04 -11.79
CA PRO G 59 -26.83 -38.71 -13.22
C PRO G 59 -27.18 -37.26 -13.50
N SER G 60 -26.58 -36.68 -14.54
CA SER G 60 -26.85 -35.28 -14.87
C SER G 60 -28.26 -34.99 -15.40
N ARG G 61 -29.06 -36.03 -15.62
CA ARG G 61 -30.43 -35.79 -16.04
C ARG G 61 -31.25 -35.19 -14.89
N PHE G 62 -30.73 -35.29 -13.66
CA PHE G 62 -31.42 -34.70 -12.52
C PHE G 62 -30.90 -33.28 -12.34
N SER G 63 -31.78 -32.36 -11.97
CA SER G 63 -31.33 -31.01 -11.72
C SER G 63 -32.27 -30.34 -10.72
N GLY G 64 -31.67 -29.68 -9.72
CA GLY G 64 -32.46 -28.96 -8.76
C GLY G 64 -32.38 -27.49 -9.08
N SER G 65 -33.40 -26.74 -8.71
CA SER G 65 -33.40 -25.30 -8.95
C SER G 65 -34.21 -24.59 -7.87
N GLY G 66 -34.00 -23.28 -7.77
CA GLY G 66 -34.74 -22.48 -6.80
C GLY G 66 -33.94 -21.91 -5.66
N SER G 67 -34.43 -20.82 -5.08
CA SER G 67 -33.77 -20.22 -3.93
C SER G 67 -34.75 -19.24 -3.29
N GLY G 68 -34.93 -19.40 -1.97
CA GLY G 68 -35.88 -18.59 -1.25
C GLY G 68 -36.96 -19.50 -0.69
N THR G 69 -38.11 -19.56 -1.35
CA THR G 69 -39.20 -20.39 -0.86
C THR G 69 -39.71 -21.40 -1.90
N GLN G 70 -39.39 -21.21 -3.17
CA GLN G 70 -39.88 -22.10 -4.23
C GLN G 70 -38.76 -22.89 -4.89
N PHE G 71 -38.88 -24.21 -4.86
CA PHE G 71 -37.85 -25.07 -5.45
C PHE G 71 -38.43 -26.15 -6.35
N SER G 72 -37.58 -26.73 -7.18
CA SER G 72 -38.03 -27.80 -8.03
C SER G 72 -36.93 -28.80 -8.33
N LEU G 73 -37.36 -30.03 -8.59
CA LEU G 73 -36.42 -31.06 -8.97
C LEU G 73 -36.95 -31.53 -10.31
N ARG G 74 -36.10 -31.45 -11.32
CA ARG G 74 -36.48 -31.87 -12.65
C ARG G 74 -35.67 -33.07 -13.07
N ILE G 75 -36.35 -34.04 -13.67
CA ILE G 75 -35.68 -35.22 -14.17
C ILE G 75 -35.91 -35.28 -15.66
N ASN G 76 -34.84 -35.08 -16.44
CA ASN G 76 -34.94 -35.10 -17.89
C ASN G 76 -34.82 -36.53 -18.39
N SER G 77 -35.68 -36.89 -19.33
CA SER G 77 -35.64 -38.21 -19.92
C SER G 77 -35.52 -39.35 -18.92
N LEU G 78 -36.62 -39.58 -18.22
CA LEU G 78 -36.73 -40.61 -17.19
C LEU G 78 -36.22 -41.97 -17.61
N GLN G 79 -35.50 -42.61 -16.71
CA GLN G 79 -35.00 -43.96 -16.93
C GLN G 79 -35.76 -44.91 -16.00
N PRO G 80 -35.75 -46.21 -16.31
CA PRO G 80 -36.47 -47.13 -15.43
C PRO G 80 -36.09 -47.08 -13.95
N GLU G 81 -34.84 -46.78 -13.66
CA GLU G 81 -34.38 -46.76 -12.28
C GLU G 81 -34.77 -45.49 -11.52
N ASP G 82 -35.50 -44.59 -12.17
CA ASP G 82 -35.92 -43.34 -11.54
C ASP G 82 -37.27 -43.41 -10.86
N PHE G 83 -38.00 -44.51 -11.03
CA PHE G 83 -39.31 -44.58 -10.41
C PHE G 83 -39.19 -44.97 -8.95
N GLY G 84 -40.01 -44.34 -8.14
CA GLY G 84 -39.94 -44.51 -6.69
C GLY G 84 -40.40 -43.23 -6.05
N SER G 85 -40.08 -43.02 -4.77
CA SER G 85 -40.55 -41.83 -4.09
C SER G 85 -39.44 -40.79 -3.97
N TYR G 86 -39.83 -39.52 -3.95
CA TYR G 86 -38.91 -38.40 -3.79
C TYR G 86 -39.39 -37.53 -2.65
N TYR G 87 -38.46 -36.98 -1.86
CA TYR G 87 -38.75 -36.08 -0.74
C TYR G 87 -37.83 -34.88 -0.75
N CYS G 88 -38.38 -33.72 -0.41
CA CYS G 88 -37.50 -32.55 -0.24
C CYS G 88 -37.31 -32.37 1.24
N GLN G 89 -36.24 -31.68 1.63
CA GLN G 89 -35.98 -31.40 3.03
C GLN G 89 -35.10 -30.16 3.10
N HIS G 90 -35.43 -29.19 3.94
CA HIS G 90 -34.53 -28.04 4.01
C HIS G 90 -33.40 -28.42 4.98
N HIS G 91 -32.22 -27.85 4.79
CA HIS G 91 -31.13 -28.09 5.74
C HIS G 91 -30.48 -26.74 6.09
N TYR G 92 -31.35 -25.75 6.29
CA TYR G 92 -30.96 -24.40 6.68
C TYR G 92 -30.73 -24.31 8.19
N VAL G 93 -31.78 -24.55 8.97
CA VAL G 93 -31.63 -24.55 10.42
C VAL G 93 -32.44 -25.68 11.00
N SER G 94 -32.25 -25.99 12.30
CA SER G 94 -33.07 -26.96 13.00
C SER G 94 -34.35 -26.27 13.52
N PRO G 95 -35.45 -27.00 13.62
CA PRO G 95 -35.62 -28.41 13.25
C PRO G 95 -35.69 -28.66 11.75
N LEU G 96 -35.12 -29.79 11.32
CA LEU G 96 -35.10 -30.12 9.90
C LEU G 96 -36.48 -30.72 9.61
N THR G 97 -37.11 -30.31 8.50
CA THR G 97 -38.40 -30.88 8.11
C THR G 97 -38.42 -31.30 6.65
N PHE G 98 -39.26 -32.31 6.39
CA PHE G 98 -39.40 -32.93 5.08
C PHE G 98 -40.69 -32.54 4.41
N GLY G 99 -40.68 -32.63 3.08
CA GLY G 99 -41.89 -32.40 2.30
C GLY G 99 -42.68 -33.70 2.45
N ALA G 100 -43.90 -33.68 1.96
CA ALA G 100 -44.78 -34.84 2.09
C ALA G 100 -44.41 -36.03 1.22
N GLY G 101 -43.65 -35.81 0.17
CA GLY G 101 -43.29 -36.90 -0.71
C GLY G 101 -44.09 -37.00 -1.99
N THR G 102 -43.43 -37.45 -3.04
CA THR G 102 -44.05 -37.60 -4.36
C THR G 102 -43.76 -39.01 -4.77
N LYS G 103 -44.80 -39.72 -5.18
CA LYS G 103 -44.60 -41.06 -5.65
C LYS G 103 -44.62 -40.99 -7.17
N LEU G 104 -43.47 -41.31 -7.79
CA LEU G 104 -43.34 -41.29 -9.25
C LEU G 104 -43.51 -42.72 -9.72
N GLU G 105 -44.56 -42.95 -10.50
CA GLU G 105 -44.83 -44.30 -10.94
C GLU G 105 -44.85 -44.38 -12.47
N LEU G 106 -44.64 -45.59 -12.97
CA LEU G 106 -44.53 -45.86 -14.40
C LEU G 106 -45.87 -46.09 -15.08
N LYS G 107 -46.11 -45.31 -16.13
CA LYS G 107 -47.33 -45.45 -16.91
C LYS G 107 -47.29 -46.72 -17.72
N ARG G 108 -48.41 -47.43 -17.78
CA ARG G 108 -48.50 -48.61 -18.63
C ARG G 108 -49.98 -48.60 -19.12
N ALA G 109 -50.33 -49.50 -20.03
CA ALA G 109 -51.70 -49.55 -20.53
C ALA G 109 -52.65 -49.99 -19.40
N LEU H 1 -22.90 -47.72 8.42
CA LEU H 1 -23.68 -47.39 9.63
C LEU H 1 -24.58 -48.58 9.97
N GLN H 2 -23.98 -49.52 10.66
CA GLN H 2 -24.63 -50.78 11.05
C GLN H 2 -25.54 -50.57 12.25
N GLN H 3 -26.80 -51.00 11.84
CA GLN H 3 -27.91 -50.97 12.78
C GLN H 3 -28.48 -52.36 12.91
N SER H 4 -28.90 -52.73 14.13
CA SER H 4 -29.50 -54.05 14.35
C SER H 4 -30.85 -54.12 13.62
N GLY H 5 -31.16 -55.29 13.06
CA GLY H 5 -32.39 -55.48 12.31
C GLY H 5 -33.73 -55.14 12.96
N ALA H 6 -33.96 -55.57 14.20
CA ALA H 6 -35.24 -55.30 14.85
C ALA H 6 -35.19 -55.36 16.37
N GLU H 7 -36.14 -54.67 16.99
CA GLU H 7 -36.29 -54.63 18.45
C GLU H 7 -37.75 -54.84 18.78
N LEU H 8 -38.03 -55.66 19.79
CA LEU H 8 -39.40 -55.92 20.22
C LEU H 8 -39.48 -55.25 21.57
N ALA H 9 -40.40 -54.32 21.77
CA ALA H 9 -40.50 -53.62 23.05
C ALA H 9 -41.89 -53.73 23.68
N ARG H 10 -41.94 -53.66 25.00
CA ARG H 10 -43.21 -53.70 25.76
C ARG H 10 -43.70 -52.25 25.92
N PRO H 11 -45.02 -52.03 25.73
CA PRO H 11 -45.63 -50.70 25.89
C PRO H 11 -45.28 -50.01 27.19
N GLY H 12 -44.84 -48.76 27.08
CA GLY H 12 -44.47 -48.00 28.25
C GLY H 12 -43.01 -48.05 28.60
N ALA H 13 -42.29 -49.00 28.03
CA ALA H 13 -40.87 -49.16 28.32
C ALA H 13 -39.99 -48.26 27.45
N SER H 14 -38.68 -48.43 27.58
CA SER H 14 -37.71 -47.70 26.78
C SER H 14 -37.00 -48.64 25.81
N VAL H 15 -36.32 -48.07 24.81
CA VAL H 15 -35.57 -48.84 23.85
C VAL H 15 -34.28 -48.08 23.56
N LYS H 16 -33.17 -48.82 23.44
CA LYS H 16 -31.87 -48.22 23.13
C LYS H 16 -31.46 -48.75 21.74
N LEU H 17 -31.33 -47.83 20.79
CA LEU H 17 -30.94 -48.20 19.43
C LEU H 17 -29.51 -47.79 19.20
N SER H 18 -28.76 -48.67 18.54
CA SER H 18 -27.35 -48.42 18.25
C SER H 18 -27.08 -48.18 16.78
N CYS H 19 -25.99 -47.48 16.50
CA CYS H 19 -25.55 -47.20 15.13
C CYS H 19 -24.02 -47.24 15.12
N LYS H 20 -23.44 -48.24 14.45
CA LYS H 20 -21.99 -48.38 14.44
C LYS H 20 -21.38 -47.77 13.20
N ALA H 21 -20.55 -46.76 13.40
CA ALA H 21 -19.86 -46.10 12.31
C ALA H 21 -18.55 -46.80 11.98
N SER H 22 -18.20 -46.79 10.70
CA SER H 22 -16.97 -47.41 10.22
C SER H 22 -16.63 -46.90 8.83
N GLY H 23 -15.34 -46.85 8.52
CA GLY H 23 -14.91 -46.37 7.22
C GLY H 23 -14.63 -44.88 7.13
N TYR H 24 -14.76 -44.17 8.24
CA TYR H 24 -14.50 -42.73 8.25
C TYR H 24 -14.16 -42.19 9.63
N THR H 25 -13.66 -40.96 9.67
CA THR H 25 -13.32 -40.29 10.92
C THR H 25 -14.60 -39.87 11.62
N PHE H 26 -15.09 -40.76 12.48
CA PHE H 26 -16.33 -40.56 13.20
C PHE H 26 -16.50 -39.21 13.90
N ILE H 27 -15.46 -38.76 14.60
CA ILE H 27 -15.57 -37.55 15.43
C ILE H 27 -15.71 -36.25 14.65
N SER H 28 -15.49 -36.32 13.34
CA SER H 28 -15.63 -35.17 12.45
C SER H 28 -17.06 -34.86 11.98
N TYR H 29 -18.05 -35.77 12.32
CA TYR H 29 -19.39 -35.51 11.80
C TYR H 29 -20.50 -35.63 12.85
N TRP H 30 -21.61 -34.93 12.62
CA TRP H 30 -22.82 -35.15 13.40
C TRP H 30 -23.41 -36.52 13.08
N MET H 31 -24.47 -36.90 13.82
CA MET H 31 -25.27 -38.07 13.48
C MET H 31 -26.75 -37.73 13.42
N GLN H 32 -27.39 -38.10 12.31
CA GLN H 32 -28.82 -37.88 12.13
C GLN H 32 -29.67 -39.09 12.46
N TRP H 33 -30.84 -38.85 13.03
CA TRP H 33 -31.77 -39.91 13.36
C TRP H 33 -33.12 -39.58 12.74
N VAL H 34 -33.64 -40.52 11.96
CA VAL H 34 -34.88 -40.29 11.24
C VAL H 34 -35.85 -41.42 11.43
N LYS H 35 -37.17 -41.14 11.62
CA LYS H 35 -38.24 -42.09 11.85
C LYS H 35 -39.04 -42.33 10.57
N GLN H 36 -39.43 -43.57 10.34
CA GLN H 36 -40.28 -43.87 9.21
C GLN H 36 -41.37 -44.87 9.58
N ARG H 37 -42.63 -44.44 9.44
CA ARG H 37 -43.80 -45.27 9.63
C ARG H 37 -44.30 -45.46 8.20
N PRO H 38 -44.77 -46.67 7.87
CA PRO H 38 -45.27 -47.04 6.55
C PRO H 38 -46.28 -46.08 5.93
N GLY H 39 -47.21 -45.59 6.74
CA GLY H 39 -48.20 -44.66 6.26
C GLY H 39 -47.72 -43.27 5.89
N GLN H 40 -46.86 -42.71 6.72
CA GLN H 40 -46.34 -41.35 6.47
C GLN H 40 -44.94 -41.26 5.87
N GLY H 41 -44.47 -40.03 5.74
CA GLY H 41 -43.15 -39.80 5.21
C GLY H 41 -42.07 -39.94 6.27
N LEU H 42 -40.92 -39.33 5.99
CA LEU H 42 -39.78 -39.40 6.88
C LEU H 42 -39.92 -38.28 7.90
N GLU H 43 -39.51 -38.55 9.13
CA GLU H 43 -39.56 -37.52 10.17
C GLU H 43 -38.22 -37.45 10.90
N TRP H 44 -37.67 -36.25 11.02
CA TRP H 44 -36.42 -36.07 11.72
C TRP H 44 -36.63 -36.09 13.24
N ILE H 45 -35.77 -36.77 13.95
CA ILE H 45 -35.84 -36.87 15.41
C ILE H 45 -34.86 -35.88 16.01
N GLY H 46 -33.61 -35.95 15.56
CA GLY H 46 -32.59 -35.07 16.08
C GLY H 46 -31.22 -35.41 15.52
N ALA H 47 -30.22 -34.65 15.96
CA ALA H 47 -28.85 -34.88 15.53
C ALA H 47 -27.87 -34.51 16.62
N ILE H 48 -26.74 -35.19 16.65
CA ILE H 48 -25.79 -35.03 17.73
C ILE H 48 -24.40 -34.92 17.15
N TYR H 49 -23.54 -34.15 17.80
CA TYR H 49 -22.14 -34.02 17.41
C TYR H 49 -21.38 -34.74 18.53
N PRO H 50 -20.94 -35.98 18.28
CA PRO H 50 -20.14 -36.78 19.22
C PRO H 50 -18.91 -36.10 19.80
N GLY H 51 -18.33 -35.18 19.03
CA GLY H 51 -17.12 -34.52 19.48
C GLY H 51 -17.26 -33.66 20.72
N ASP H 52 -18.48 -33.27 21.06
CA ASP H 52 -18.70 -32.47 22.26
C ASP H 52 -20.08 -32.69 22.90
N GLY H 53 -20.88 -33.54 22.29
CA GLY H 53 -22.20 -33.83 22.84
C GLY H 53 -23.33 -32.89 22.47
N ALA H 54 -23.06 -31.94 21.58
CA ALA H 54 -24.09 -30.99 21.14
C ALA H 54 -25.25 -31.70 20.45
N THR H 55 -26.47 -31.35 20.84
CA THR H 55 -27.66 -31.98 20.28
C THR H 55 -28.63 -30.94 19.74
N ARG H 56 -29.41 -31.54 18.74
CA ARG H 56 -30.53 -30.71 18.32
C ARG H 56 -31.73 -31.67 18.24
N TYR H 57 -32.87 -31.24 18.77
CA TYR H 57 -34.05 -32.09 18.75
C TYR H 57 -35.26 -31.45 18.10
N THR H 58 -36.09 -32.30 17.48
CA THR H 58 -37.33 -31.83 16.89
C THR H 58 -38.13 -31.55 18.16
N GLN H 59 -38.84 -30.42 18.20
CA GLN H 59 -39.69 -30.12 19.35
C GLN H 59 -40.61 -31.31 19.68
N LYS H 60 -41.17 -31.92 18.64
CA LYS H 60 -41.98 -33.12 18.76
C LYS H 60 -41.32 -34.25 19.57
N PHE H 61 -40.01 -34.40 19.43
CA PHE H 61 -39.30 -35.43 20.17
C PHE H 61 -38.57 -35.00 21.42
N LYS H 62 -38.71 -33.73 21.81
CA LYS H 62 -38.06 -33.28 23.02
C LYS H 62 -38.83 -33.92 24.18
N GLY H 63 -38.12 -34.61 25.05
CA GLY H 63 -38.77 -35.33 26.13
C GLY H 63 -39.08 -36.77 25.77
N LYS H 64 -38.81 -37.14 24.51
CA LYS H 64 -39.05 -38.51 24.04
C LYS H 64 -37.74 -39.18 23.66
N ALA H 65 -36.95 -38.50 22.84
CA ALA H 65 -35.67 -39.04 22.37
C ALA H 65 -34.48 -38.46 23.12
N THR H 66 -33.45 -39.32 23.47
CA THR H 66 -32.21 -38.88 24.04
C THR H 66 -31.11 -39.37 23.11
N LEU H 67 -30.25 -38.46 22.67
CA LEU H 67 -29.13 -38.80 21.81
C LEU H 67 -27.80 -38.76 22.54
N THR H 68 -26.94 -39.75 22.31
CA THR H 68 -25.60 -39.78 22.88
C THR H 68 -24.68 -40.53 21.92
N ALA H 69 -23.42 -40.70 22.30
CA ALA H 69 -22.40 -41.37 21.48
C ALA H 69 -21.26 -41.90 22.36
N ASP H 70 -20.63 -42.92 21.84
CA ASP H 70 -19.49 -43.61 22.46
C ASP H 70 -18.32 -43.54 21.48
N LYS H 71 -17.59 -42.45 21.57
CA LYS H 71 -16.41 -42.17 20.73
C LYS H 71 -15.40 -43.32 20.76
N SER H 72 -15.17 -44.09 21.80
CA SER H 72 -14.22 -45.20 21.79
C SER H 72 -14.65 -46.40 20.93
N SER H 73 -15.95 -46.54 20.69
CA SER H 73 -16.44 -47.64 19.87
C SER H 73 -17.09 -47.11 18.59
N SER H 74 -17.10 -45.79 18.44
CA SER H 74 -17.70 -45.15 17.27
C SER H 74 -19.17 -45.49 17.12
N THR H 75 -19.88 -45.56 18.23
CA THR H 75 -21.29 -45.94 18.16
C THR H 75 -22.15 -44.79 18.64
N ALA H 76 -23.22 -44.53 17.89
CA ALA H 76 -24.18 -43.49 18.26
C ALA H 76 -25.39 -44.24 18.82
N TYR H 77 -26.03 -43.67 19.85
CA TYR H 77 -27.18 -44.30 20.45
C TYR H 77 -28.33 -43.32 20.54
N MET H 78 -29.55 -43.86 20.48
CA MET H 78 -30.78 -43.08 20.67
C MET H 78 -31.65 -43.89 21.58
N GLN H 79 -32.23 -43.23 22.59
CA GLN H 79 -33.13 -43.92 23.50
C GLN H 79 -34.49 -43.25 23.45
N LEU H 80 -35.54 -44.07 23.43
CA LEU H 80 -36.92 -43.58 23.42
C LEU H 80 -37.56 -44.17 24.67
N SER H 81 -38.54 -43.48 25.25
CA SER H 81 -39.17 -43.99 26.47
C SER H 81 -40.69 -43.84 26.37
N SER H 82 -41.42 -44.47 27.30
CA SER H 82 -42.88 -44.44 27.28
C SER H 82 -43.42 -44.82 25.91
N LEU H 83 -42.92 -45.93 25.39
CA LEU H 83 -43.28 -46.38 24.06
C LEU H 83 -44.76 -46.78 23.94
N THR H 84 -45.36 -46.39 22.82
CA THR H 84 -46.76 -46.72 22.54
C THR H 84 -46.77 -47.26 21.10
N SER H 85 -47.94 -47.67 20.60
CA SER H 85 -48.02 -48.20 19.24
C SER H 85 -47.59 -47.17 18.18
N GLU H 86 -47.76 -45.88 18.50
CA GLU H 86 -47.34 -44.82 17.61
C GLU H 86 -45.83 -44.74 17.40
N ASP H 87 -45.06 -45.42 18.24
CA ASP H 87 -43.61 -45.41 18.10
C ASP H 87 -43.10 -46.58 17.28
N SER H 88 -44.00 -47.49 16.92
CA SER H 88 -43.57 -48.64 16.15
C SER H 88 -43.24 -48.06 14.78
N ALA H 89 -42.01 -48.27 14.33
CA ALA H 89 -41.54 -47.65 13.11
C ALA H 89 -40.15 -48.14 12.83
N VAL H 90 -39.60 -47.79 11.67
CA VAL H 90 -38.24 -48.14 11.34
C VAL H 90 -37.44 -46.87 11.60
N TYR H 91 -36.37 -46.99 12.37
CA TYR H 91 -35.54 -45.84 12.74
C TYR H 91 -34.18 -45.96 12.08
N TYR H 92 -33.79 -44.95 11.37
CA TYR H 92 -32.51 -44.86 10.64
C TYR H 92 -31.59 -43.83 11.25
N CYS H 93 -30.31 -44.15 11.20
CA CYS H 93 -29.23 -43.23 11.57
C CYS H 93 -28.52 -42.88 10.26
N ALA H 94 -28.05 -41.66 10.13
CA ALA H 94 -27.46 -41.26 8.86
C ALA H 94 -26.48 -40.10 8.97
N ARG H 95 -25.67 -39.99 7.95
CA ARG H 95 -24.57 -39.04 7.91
C ARG H 95 -24.40 -38.62 6.44
N PRO H 96 -24.21 -37.11 8.04
CA PRO H 96 -24.27 -35.73 7.51
C PRO H 96 -22.88 -35.30 7.02
N SER H 97 -22.59 -35.17 5.74
CA SER H 97 -21.26 -34.77 5.27
C SER H 97 -21.28 -33.25 5.38
N TYR H 98 -20.32 -32.72 6.15
CA TYR H 98 -20.25 -31.24 6.18
C TYR H 98 -18.78 -30.92 5.91
N TYR H 99 -18.48 -30.09 4.92
CA TYR H 99 -17.12 -29.67 4.63
C TYR H 99 -17.17 -28.14 4.75
N ASP H 100 -18.17 -27.47 4.20
CA ASP H 100 -18.28 -26.01 4.34
C ASP H 100 -19.77 -25.74 4.15
N TYR H 101 -20.16 -24.49 4.27
CA TYR H 101 -21.52 -24.07 4.10
C TYR H 101 -22.18 -24.36 2.78
N ASP H 102 -21.37 -24.66 1.77
CA ASP H 102 -21.86 -24.91 0.44
C ASP H 102 -21.43 -26.29 0.00
N VAL H 103 -20.88 -27.12 0.87
CA VAL H 103 -20.54 -28.47 0.49
C VAL H 103 -20.89 -29.25 1.73
N THR H 104 -21.99 -29.99 1.53
CA THR H 104 -22.60 -30.80 2.57
C THR H 104 -23.63 -31.67 1.91
N TRP H 105 -23.79 -32.87 2.41
CA TRP H 105 -24.82 -33.79 1.97
C TRP H 105 -25.04 -34.88 3.00
N PHE H 106 -26.25 -35.22 3.40
CA PHE H 106 -26.43 -36.26 4.40
C PHE H 106 -26.78 -37.36 3.40
N ALA H 107 -25.77 -38.09 2.99
CA ALA H 107 -26.02 -39.10 1.97
C ALA H 107 -25.97 -40.59 2.24
N TYR H 108 -25.43 -41.01 3.38
CA TYR H 108 -25.17 -42.41 3.68
C TYR H 108 -26.17 -42.81 4.78
N TRP H 109 -26.96 -43.72 4.79
CA TRP H 109 -27.96 -44.08 5.77
C TRP H 109 -27.69 -45.52 6.23
N GLY H 110 -28.06 -45.85 7.45
CA GLY H 110 -27.86 -47.20 7.93
C GLY H 110 -29.01 -48.04 7.40
N GLN H 111 -29.08 -49.30 7.81
CA GLN H 111 -30.13 -50.21 7.32
C GLN H 111 -31.45 -50.03 8.04
N GLY H 112 -31.38 -49.41 9.22
CA GLY H 112 -32.60 -49.16 9.96
C GLY H 112 -32.87 -50.28 10.94
N THR H 113 -33.60 -49.96 12.00
CA THR H 113 -34.00 -50.93 13.00
C THR H 113 -35.51 -50.84 13.07
N LEU H 114 -36.18 -51.97 12.90
CA LEU H 114 -37.63 -52.02 13.05
C LEU H 114 -37.99 -52.18 14.53
N VAL H 115 -38.56 -51.14 15.11
CA VAL H 115 -38.98 -51.18 16.50
C VAL H 115 -40.47 -51.50 16.54
N THR H 116 -40.81 -52.63 17.15
CA THR H 116 -42.19 -53.04 17.26
C THR H 116 -42.61 -53.07 18.72
N VAL H 117 -43.61 -52.27 19.05
CA VAL H 117 -44.13 -52.22 20.41
C VAL H 117 -45.30 -53.20 20.51
N SER H 118 -45.18 -54.24 21.33
CA SER H 118 -46.24 -55.26 21.44
C SER H 118 -46.21 -56.05 22.74
N ALA I 1 -11.22 17.74 55.72
CA ALA I 1 -10.14 17.90 54.70
C ALA I 1 -9.27 16.66 54.63
N VAL I 2 -8.85 16.29 53.42
CA VAL I 2 -7.99 15.12 53.24
C VAL I 2 -6.55 15.62 53.24
N VAL I 3 -5.63 14.76 53.68
CA VAL I 3 -4.22 15.13 53.70
C VAL I 3 -3.32 14.04 53.14
N SER I 4 -2.15 14.46 52.68
CA SER I 4 -1.18 13.53 52.11
C SER I 4 -0.83 12.49 53.16
N THR I 5 -0.51 11.28 52.73
CA THR I 5 -0.15 10.22 53.67
C THR I 5 1.19 10.54 54.32
N ASP I 6 1.98 11.39 53.66
CA ASP I 6 3.29 11.80 54.17
C ASP I 6 3.14 12.51 55.51
N GLU I 7 1.92 12.98 55.79
CA GLU I 7 1.59 13.67 57.03
C GLU I 7 1.59 12.75 58.25
N TYR I 8 0.83 11.66 58.14
CA TYR I 8 0.68 10.70 59.22
C TYR I 8 1.38 9.35 59.04
N VAL I 9 1.96 9.10 57.87
CA VAL I 9 2.63 7.82 57.69
C VAL I 9 4.14 8.02 57.75
N ALA I 10 4.79 7.30 58.65
CA ALA I 10 6.22 7.42 58.81
C ALA I 10 6.93 6.37 57.99
N ARG I 11 8.02 6.79 57.35
CA ARG I 11 8.84 5.95 56.49
C ARG I 11 10.03 5.35 57.20
N THR I 12 10.11 4.02 57.26
CA THR I 12 11.28 3.41 57.89
C THR I 12 12.35 3.27 56.81
N ASN I 13 13.38 2.52 57.13
CA ASN I 13 14.49 2.34 56.23
C ASN I 13 14.56 0.92 55.71
N ILE I 14 13.54 0.14 56.03
CA ILE I 14 13.48 -1.25 55.61
C ILE I 14 12.77 -1.38 54.28
N TYR I 15 13.34 -2.17 53.39
CA TYR I 15 12.76 -2.38 52.08
C TYR I 15 12.77 -3.86 51.76
N TYR I 16 11.70 -4.32 51.17
CA TYR I 16 11.62 -5.71 50.77
C TYR I 16 11.28 -5.82 49.29
N HIS I 17 11.69 -6.92 48.69
CA HIS I 17 11.38 -7.19 47.30
C HIS I 17 10.37 -8.32 47.31
N ALA I 18 9.51 -8.36 46.32
CA ALA I 18 8.52 -9.43 46.23
C ALA I 18 8.19 -9.58 44.75
N GLY I 19 7.90 -10.81 44.34
CA GLY I 19 7.56 -11.02 42.96
C GLY I 19 6.85 -12.32 42.68
N THR I 20 6.05 -12.34 41.63
CA THR I 20 5.35 -13.55 41.22
C THR I 20 6.44 -14.35 40.49
N SER I 21 6.29 -15.66 40.44
CA SER I 21 7.30 -16.46 39.77
C SER I 21 7.31 -16.12 38.28
N ARG I 22 6.17 -16.34 37.65
CA ARG I 22 5.96 -16.10 36.25
C ARG I 22 4.55 -16.59 35.98
N LEU I 23 3.64 -15.65 35.83
CA LEU I 23 2.27 -16.00 35.59
C LEU I 23 2.07 -16.39 34.14
N LEU I 24 1.23 -17.39 33.88
CA LEU I 24 0.99 -17.85 32.54
C LEU I 24 -0.49 -18.02 32.29
N ALA I 25 -0.95 -17.65 31.10
CA ALA I 25 -2.38 -17.78 30.76
C ALA I 25 -2.58 -18.26 29.33
N VAL I 26 -3.30 -19.36 29.19
CA VAL I 26 -3.55 -19.93 27.88
C VAL I 26 -5.02 -20.25 27.72
N GLY I 27 -5.56 -19.89 26.56
CA GLY I 27 -6.97 -20.15 26.29
C GLY I 27 -7.30 -19.82 24.86
N HIS I 28 -8.59 -19.75 24.58
CA HIS I 28 -9.07 -19.41 23.25
C HIS I 28 -9.21 -17.88 23.22
N PRO I 29 -8.82 -17.25 22.11
CA PRO I 29 -8.88 -15.80 21.92
C PRO I 29 -10.25 -15.14 21.87
N TYR I 30 -11.25 -15.84 21.34
CA TYR I 30 -12.57 -15.21 21.20
C TYR I 30 -13.65 -15.59 22.21
N PHE I 31 -13.65 -16.84 22.63
CA PHE I 31 -14.68 -17.32 23.56
C PHE I 31 -14.25 -18.56 24.31
N PRO I 32 -14.88 -18.81 25.45
CA PRO I 32 -14.47 -19.99 26.21
C PRO I 32 -15.04 -21.29 25.62
N ILE I 33 -14.25 -22.34 25.66
CA ILE I 33 -14.63 -23.65 25.17
C ILE I 33 -15.20 -24.41 26.35
N LYS I 34 -16.43 -24.89 26.22
CA LYS I 34 -17.06 -25.65 27.31
C LYS I 34 -17.89 -26.80 26.79
N LYS I 35 -18.33 -27.63 27.72
CA LYS I 35 -19.19 -28.77 27.36
C LYS I 35 -20.58 -28.21 27.03
N PRO I 36 -21.09 -28.48 25.80
CA PRO I 36 -22.39 -28.01 25.31
C PRO I 36 -23.57 -28.25 26.28
N ASN I 37 -23.69 -29.50 26.71
CA ASN I 37 -24.71 -29.97 27.64
C ASN I 37 -24.43 -29.36 29.04
N ASN I 38 -23.14 -29.16 29.32
CA ASN I 38 -22.61 -28.66 30.55
C ASN I 38 -22.47 -27.12 30.51
N ASN I 39 -21.81 -26.57 31.52
CA ASN I 39 -21.57 -25.12 31.60
C ASN I 39 -20.20 -24.87 32.23
N LYS I 40 -19.56 -25.97 32.61
CA LYS I 40 -18.23 -25.94 33.20
C LYS I 40 -17.29 -25.54 32.07
N ILE I 41 -16.39 -24.60 32.36
CA ILE I 41 -15.42 -24.10 31.38
C ILE I 41 -14.26 -25.07 31.18
N LEU I 42 -14.13 -25.58 29.97
CA LEU I 42 -13.08 -26.52 29.67
C LEU I 42 -11.79 -25.76 29.32
N VAL I 43 -11.93 -24.73 28.50
CA VAL I 43 -10.83 -23.87 28.11
C VAL I 43 -11.32 -22.42 28.24
N PRO I 44 -10.59 -21.58 28.97
CA PRO I 44 -11.03 -20.20 29.13
C PRO I 44 -10.71 -19.24 27.97
N LYS I 45 -11.41 -18.11 27.94
CA LYS I 45 -11.15 -17.12 26.91
C LYS I 45 -9.94 -16.30 27.34
N VAL I 46 -8.87 -16.36 26.56
CA VAL I 46 -7.67 -15.61 26.88
C VAL I 46 -7.27 -14.78 25.64
N SER I 47 -7.41 -13.47 25.77
CA SER I 47 -7.10 -12.57 24.67
C SER I 47 -6.24 -11.39 25.12
N GLY I 48 -5.45 -10.86 24.19
CA GLY I 48 -4.62 -9.73 24.53
C GLY I 48 -5.48 -8.48 24.68
N LEU I 49 -6.76 -8.62 24.39
CA LEU I 49 -7.66 -7.49 24.49
C LEU I 49 -8.47 -7.43 25.79
N GLN I 50 -8.08 -8.25 26.76
CA GLN I 50 -8.77 -8.26 28.04
C GLN I 50 -7.95 -7.48 29.06
N TYR I 51 -8.62 -7.01 30.09
CA TYR I 51 -7.95 -6.32 31.17
C TYR I 51 -7.43 -7.46 32.05
N ARG I 52 -6.31 -7.20 32.72
CA ARG I 52 -5.73 -8.15 33.65
C ARG I 52 -5.70 -7.37 34.95
N VAL I 53 -6.54 -7.77 35.90
CA VAL I 53 -6.54 -7.06 37.16
C VAL I 53 -5.99 -7.97 38.24
N PHE I 54 -4.81 -7.63 38.75
CA PHE I 54 -4.15 -8.43 39.78
C PHE I 54 -4.44 -7.90 41.17
N ARG I 55 -4.95 -8.78 42.02
CA ARG I 55 -5.27 -8.46 43.41
C ARG I 55 -4.06 -9.01 44.16
N ILE I 56 -3.14 -8.12 44.52
CA ILE I 56 -1.90 -8.52 45.20
C ILE I 56 -2.05 -8.61 46.70
N HIS I 57 -1.82 -9.79 47.26
CA HIS I 57 -1.94 -9.97 48.69
C HIS I 57 -0.58 -9.92 49.37
N LEU I 58 -0.44 -8.99 50.31
CA LEU I 58 0.80 -8.83 51.04
C LEU I 58 0.73 -9.32 52.46
N PRO I 59 1.85 -9.85 52.98
CA PRO I 59 1.83 -10.32 54.36
C PRO I 59 1.61 -9.11 55.28
N ASP I 60 0.76 -9.26 56.31
CA ASP I 60 0.51 -8.17 57.25
C ASP I 60 1.82 -7.81 57.95
N PRO I 61 2.33 -6.60 57.74
CA PRO I 61 3.60 -6.25 58.40
C PRO I 61 3.54 -6.36 59.93
N ASN I 62 2.35 -6.30 60.49
CA ASN I 62 2.17 -6.39 61.93
C ASN I 62 2.28 -7.82 62.43
N LYS I 63 1.85 -8.78 61.61
CA LYS I 63 1.92 -10.18 61.96
C LYS I 63 3.25 -10.76 61.50
N PHE I 64 3.88 -10.06 60.55
CA PHE I 64 5.16 -10.46 59.97
C PHE I 64 6.22 -10.68 61.05
N GLY I 65 7.23 -11.48 60.72
CA GLY I 65 8.29 -11.73 61.68
C GLY I 65 9.62 -11.12 61.27
N PHE I 66 9.86 -9.86 61.65
CA PHE I 66 11.11 -9.20 61.30
C PHE I 66 12.21 -9.61 62.27
N PRO I 67 13.46 -9.64 61.79
CA PRO I 67 14.61 -10.00 62.62
C PRO I 67 14.79 -9.00 63.77
N ASP I 68 14.50 -7.73 63.48
CA ASP I 68 14.60 -6.69 64.50
C ASP I 68 13.25 -5.99 64.56
N THR I 69 12.81 -5.65 65.76
CA THR I 69 11.53 -4.98 65.93
C THR I 69 11.66 -3.75 66.81
N SER I 70 12.89 -3.27 66.96
CA SER I 70 13.18 -2.10 67.78
C SER I 70 12.81 -0.81 67.06
N PHE I 71 12.79 -0.86 65.74
CA PHE I 71 12.47 0.32 64.91
C PHE I 71 11.10 0.95 65.16
N TYR I 72 10.27 0.31 65.97
CA TYR I 72 8.95 0.88 66.24
C TYR I 72 8.33 0.38 67.54
N ASN I 73 7.28 1.07 68.00
CA ASN I 73 6.61 0.68 69.23
C ASN I 73 5.25 0.09 68.92
N PRO I 74 5.12 -1.25 69.00
CA PRO I 74 3.87 -1.97 68.74
C PRO I 74 2.71 -1.61 69.65
N ASP I 75 2.91 -0.63 70.53
CA ASP I 75 1.87 -0.20 71.47
C ASP I 75 1.23 1.08 71.01
N THR I 76 2.08 2.03 70.61
CA THR I 76 1.61 3.30 70.14
C THR I 76 1.38 3.30 68.64
N GLN I 77 2.07 2.43 67.90
CA GLN I 77 1.89 2.43 66.46
C GLN I 77 1.58 1.12 65.75
N ARG I 78 1.41 1.24 64.44
CA ARG I 78 1.10 0.11 63.57
C ARG I 78 1.95 0.15 62.30
N LEU I 79 1.95 -0.94 61.55
CA LEU I 79 2.75 -1.01 60.33
C LEU I 79 1.96 -1.18 59.03
N VAL I 80 2.43 -0.54 57.96
CA VAL I 80 1.77 -0.61 56.64
C VAL I 80 2.83 -0.70 55.57
N TRP I 81 2.53 -1.42 54.50
CA TRP I 81 3.49 -1.53 53.40
C TRP I 81 3.26 -0.41 52.41
N ALA I 82 4.34 0.17 51.89
CA ALA I 82 4.24 1.22 50.90
C ALA I 82 4.94 0.79 49.61
N CYS I 83 4.20 0.81 48.51
CA CYS I 83 4.76 0.41 47.24
C CYS I 83 5.66 1.51 46.70
N VAL I 84 6.91 1.18 46.43
CA VAL I 84 7.86 2.18 45.94
C VAL I 84 8.44 1.88 44.56
N GLY I 85 8.29 0.64 44.10
CA GLY I 85 8.80 0.27 42.80
C GLY I 85 8.05 -0.90 42.21
N VAL I 86 7.71 -0.81 40.92
CA VAL I 86 6.98 -1.87 40.22
C VAL I 86 7.58 -2.13 38.85
N GLU I 87 7.59 -3.40 38.46
CA GLU I 87 8.11 -3.78 37.17
C GLU I 87 7.16 -4.80 36.62
N VAL I 88 6.40 -4.42 35.60
CA VAL I 88 5.47 -5.35 34.99
C VAL I 88 6.16 -6.05 33.84
N GLY I 89 6.66 -7.25 34.09
CA GLY I 89 7.35 -7.98 33.05
C GLY I 89 6.36 -8.65 32.14
N ARG I 90 6.67 -8.62 30.84
CA ARG I 90 5.84 -9.23 29.81
C ARG I 90 6.78 -10.19 29.09
N GLY I 91 6.28 -11.34 28.65
CA GLY I 91 7.18 -12.29 28.04
C GLY I 91 7.03 -12.88 26.67
N GLN I 92 5.95 -12.63 25.94
CA GLN I 92 5.90 -13.25 24.63
C GLN I 92 6.53 -12.29 23.62
N PRO I 93 6.72 -12.73 22.35
CA PRO I 93 7.29 -11.78 21.39
C PRO I 93 6.21 -10.78 20.94
N LEU I 94 6.61 -9.57 20.56
CA LEU I 94 5.63 -8.57 20.13
C LEU I 94 4.90 -9.07 18.89
N GLY I 95 3.61 -8.76 18.80
CA GLY I 95 2.84 -9.17 17.65
C GLY I 95 1.40 -8.70 17.68
N VAL I 96 0.71 -8.74 16.56
CA VAL I 96 -0.68 -8.29 16.54
C VAL I 96 -1.68 -9.39 16.25
N GLY I 97 -2.74 -9.39 17.04
CA GLY I 97 -3.80 -10.39 16.89
C GLY I 97 -4.74 -10.08 15.75
N ILE I 98 -6.01 -10.42 15.91
CA ILE I 98 -6.99 -10.20 14.87
C ILE I 98 -8.29 -10.85 15.29
N SER I 99 -9.39 -10.13 15.12
CA SER I 99 -10.70 -10.62 15.53
C SER I 99 -11.75 -10.34 14.47
N GLY I 100 -12.68 -11.26 14.29
CA GLY I 100 -13.75 -11.06 13.32
C GLY I 100 -15.09 -11.62 13.76
N HIS I 101 -15.98 -11.78 12.77
CA HIS I 101 -17.31 -12.35 12.98
C HIS I 101 -17.72 -12.96 11.65
N PRO I 102 -18.16 -14.24 11.65
CA PRO I 102 -18.59 -14.93 10.43
C PRO I 102 -19.84 -14.30 9.78
N LEU I 103 -20.58 -13.56 10.59
CA LEU I 103 -21.80 -12.90 10.13
C LEU I 103 -21.84 -11.47 10.64
N LEU I 104 -20.80 -10.71 10.31
CA LEU I 104 -20.73 -9.30 10.70
C LEU I 104 -21.70 -8.45 9.87
N ASN I 105 -22.43 -7.56 10.52
CA ASN I 105 -23.39 -6.72 9.82
C ASN I 105 -22.67 -5.65 8.98
N LYS I 106 -22.26 -6.06 7.79
CA LYS I 106 -21.57 -5.16 6.88
C LYS I 106 -22.26 -5.22 5.50
N LEU I 107 -23.02 -4.19 5.17
CA LEU I 107 -23.73 -4.15 3.89
C LEU I 107 -22.69 -3.97 2.78
N ASP I 108 -22.47 -2.74 2.35
CA ASP I 108 -21.48 -2.51 1.30
C ASP I 108 -20.28 -1.65 1.69
N ASP I 109 -19.27 -1.66 0.82
CA ASP I 109 -18.05 -0.88 1.01
C ASP I 109 -18.39 0.57 0.63
N THR I 110 -18.39 1.48 1.59
CA THR I 110 -18.74 2.87 1.30
C THR I 110 -17.56 3.80 1.16
N GLU I 111 -16.36 3.23 1.13
CA GLU I 111 -15.11 3.99 1.01
C GLU I 111 -14.93 4.51 -0.40
N ASN I 112 -15.50 3.79 -1.35
CA ASN I 112 -15.40 4.14 -2.75
C ASN I 112 -16.31 3.20 -3.56
N ALA I 113 -17.30 3.76 -4.24
CA ALA I 113 -18.22 2.94 -5.05
C ALA I 113 -18.39 3.48 -6.48
N SER I 114 -18.37 2.57 -7.45
CA SER I 114 -18.48 2.93 -8.87
C SER I 114 -19.92 3.02 -9.38
N ALA I 115 -20.84 2.40 -8.66
CA ALA I 115 -22.25 2.40 -9.03
C ALA I 115 -23.05 2.25 -7.76
N TYR I 116 -24.31 2.69 -7.76
CA TYR I 116 -25.12 2.58 -6.56
C TYR I 116 -25.26 1.11 -6.22
N ALA I 117 -25.05 0.78 -4.95
CA ALA I 117 -25.14 -0.59 -4.47
C ALA I 117 -26.54 -1.18 -4.72
N ALA I 118 -26.61 -2.49 -4.78
CA ALA I 118 -27.86 -3.22 -5.04
C ALA I 118 -28.99 -2.84 -4.08
N ASN I 119 -29.56 -3.85 -3.43
CA ASN I 119 -30.65 -3.64 -2.46
C ASN I 119 -30.56 -4.69 -1.35
N ALA I 120 -30.64 -4.22 -0.10
CA ALA I 120 -30.56 -5.11 1.05
C ALA I 120 -31.66 -6.15 0.95
N GLY I 121 -31.27 -7.42 0.94
CA GLY I 121 -32.25 -8.50 0.87
C GLY I 121 -32.47 -8.97 2.29
N VAL I 122 -32.21 -10.25 2.53
CA VAL I 122 -32.35 -10.79 3.87
C VAL I 122 -30.96 -11.28 4.24
N ASP I 123 -30.43 -10.80 5.36
CA ASP I 123 -29.11 -11.26 5.76
C ASP I 123 -28.00 -11.05 4.69
N ASN I 124 -27.36 -9.88 4.72
CA ASN I 124 -26.28 -9.56 3.80
C ASN I 124 -24.95 -9.57 4.58
N ARG I 125 -24.97 -10.17 5.77
CA ARG I 125 -23.79 -10.24 6.61
C ARG I 125 -22.62 -10.93 5.92
N GLU I 126 -21.40 -10.49 6.26
CA GLU I 126 -20.16 -11.04 5.67
C GLU I 126 -19.21 -11.52 6.75
N CYS I 127 -18.35 -12.48 6.40
CA CYS I 127 -17.36 -13.00 7.31
C CYS I 127 -16.21 -11.99 7.27
N ILE I 128 -16.09 -11.19 8.32
CA ILE I 128 -15.07 -10.14 8.37
C ILE I 128 -14.25 -9.98 9.63
N SER I 129 -12.95 -9.78 9.43
CA SER I 129 -12.06 -9.61 10.57
C SER I 129 -11.35 -8.24 10.55
N MET I 130 -10.66 -7.91 11.63
CA MET I 130 -9.98 -6.63 11.73
C MET I 130 -8.93 -6.68 12.83
N ASP I 131 -7.96 -5.75 12.77
CA ASP I 131 -6.95 -5.66 13.81
C ASP I 131 -7.36 -4.50 14.71
N TYR I 132 -7.71 -4.83 15.95
CA TYR I 132 -8.19 -3.88 16.92
C TYR I 132 -7.24 -2.73 17.20
N LYS I 133 -7.74 -1.72 17.89
CA LYS I 133 -6.91 -0.59 18.24
C LYS I 133 -5.88 -0.99 19.29
N GLN I 134 -4.67 -0.46 19.15
CA GLN I 134 -3.58 -0.77 20.08
C GLN I 134 -3.78 -0.05 21.40
N THR I 135 -3.55 -0.76 22.50
CA THR I 135 -3.70 -0.16 23.82
C THR I 135 -2.70 -0.75 24.81
N GLN I 136 -2.01 0.14 25.53
CA GLN I 136 -1.04 -0.26 26.56
C GLN I 136 -1.39 0.57 27.76
N LEU I 137 -1.61 -0.06 28.91
CA LEU I 137 -1.92 0.74 30.08
C LEU I 137 -1.64 -0.04 31.35
N CYS I 138 -1.34 0.70 32.40
CA CYS I 138 -1.05 0.10 33.69
C CYS I 138 -1.54 1.02 34.79
N LEU I 139 -2.43 0.50 35.64
CA LEU I 139 -3.00 1.27 36.76
C LEU I 139 -2.59 0.61 38.06
N ILE I 140 -2.12 1.41 39.02
CA ILE I 140 -1.70 0.89 40.31
C ILE I 140 -2.36 1.67 41.43
N GLY I 141 -2.89 0.96 42.42
CA GLY I 141 -3.54 1.63 43.55
C GLY I 141 -3.86 0.60 44.62
N CYS I 142 -4.48 1.01 45.72
CA CYS I 142 -4.81 0.04 46.75
C CYS I 142 -6.29 -0.31 46.74
N LYS I 143 -6.99 0.16 45.72
CA LYS I 143 -8.42 -0.11 45.54
C LYS I 143 -8.59 -0.60 44.10
N PRO I 144 -9.61 -1.43 43.83
CA PRO I 144 -9.77 -1.89 42.45
C PRO I 144 -10.05 -0.71 41.51
N PRO I 145 -9.67 -0.85 40.24
CA PRO I 145 -9.85 0.17 39.22
C PRO I 145 -11.31 0.38 38.81
N ILE I 146 -11.66 1.59 38.39
CA ILE I 146 -13.02 1.87 37.97
C ILE I 146 -13.15 2.28 36.51
N GLY I 147 -14.06 1.62 35.80
CA GLY I 147 -14.25 1.97 34.40
C GLY I 147 -15.58 2.64 34.07
N GLU I 148 -15.72 3.08 32.82
CA GLU I 148 -16.94 3.70 32.33
C GLU I 148 -17.27 3.08 30.99
N HIS I 149 -18.57 3.00 30.69
CA HIS I 149 -19.01 2.46 29.42
C HIS I 149 -20.45 2.89 29.23
N TRP I 150 -20.93 2.87 27.98
CA TRP I 150 -22.30 3.24 27.72
C TRP I 150 -23.16 1.98 27.74
N GLY I 151 -24.28 2.07 28.44
CA GLY I 151 -25.20 0.95 28.53
C GLY I 151 -26.61 1.46 28.29
N LYS I 152 -27.59 0.56 28.42
CA LYS I 152 -28.96 0.98 28.21
C LYS I 152 -29.58 1.64 29.43
N GLY I 153 -29.79 2.95 29.35
CA GLY I 153 -30.36 3.66 30.46
C GLY I 153 -31.81 3.28 30.70
N SER I 154 -32.33 3.64 31.87
CA SER I 154 -33.71 3.34 32.24
C SER I 154 -34.56 4.36 31.50
N PRO I 155 -35.68 3.91 30.91
CA PRO I 155 -36.58 4.81 30.18
C PRO I 155 -37.47 5.68 31.07
N CYS I 156 -37.83 6.85 30.54
CA CYS I 156 -38.69 7.82 31.23
C CYS I 156 -40.14 7.29 31.20
N THR I 157 -40.83 7.31 32.34
CA THR I 157 -42.21 6.80 32.39
C THR I 157 -43.21 7.68 31.63
N GLN I 158 -43.27 7.48 30.32
CA GLN I 158 -44.18 8.22 29.49
C GLN I 158 -44.49 7.43 28.24
N VAL I 159 -43.97 7.96 27.13
CA VAL I 159 -44.13 7.39 25.80
C VAL I 159 -43.70 5.92 25.76
N ALA I 160 -44.67 5.01 25.72
CA ALA I 160 -44.37 3.59 25.70
C ALA I 160 -43.40 3.19 24.58
N VAL I 161 -42.22 2.72 24.97
CA VAL I 161 -41.20 2.28 24.03
C VAL I 161 -41.82 1.38 22.97
N GLN I 162 -41.85 1.85 21.73
CA GLN I 162 -42.37 1.03 20.63
C GLN I 162 -41.26 0.03 20.33
N PRO I 163 -41.62 -1.23 20.01
CA PRO I 163 -40.56 -2.22 19.72
C PRO I 163 -39.63 -1.70 18.63
N GLY I 164 -38.34 -1.93 18.80
CA GLY I 164 -37.38 -1.45 17.82
C GLY I 164 -36.94 -0.03 18.06
N ASP I 165 -37.60 0.67 18.98
CA ASP I 165 -37.24 2.05 19.30
C ASP I 165 -35.78 2.07 19.76
N CYS I 166 -35.07 3.14 19.47
CA CYS I 166 -33.68 3.26 19.88
C CYS I 166 -33.60 3.29 21.42
N PRO I 167 -32.77 2.44 22.04
CA PRO I 167 -32.64 2.40 23.50
C PRO I 167 -31.86 3.59 24.03
N PRO I 168 -32.23 4.10 25.21
CA PRO I 168 -31.56 5.25 25.81
C PRO I 168 -30.16 4.90 26.34
N LEU I 169 -29.23 5.85 26.24
CA LEU I 169 -27.88 5.61 26.71
C LEU I 169 -27.67 6.12 28.13
N GLU I 170 -26.65 5.60 28.80
CA GLU I 170 -26.35 6.05 30.14
C GLU I 170 -24.92 5.65 30.46
N LEU I 171 -24.09 6.60 30.84
CA LEU I 171 -22.70 6.28 31.17
C LEU I 171 -22.75 5.55 32.51
N ILE I 172 -22.24 4.32 32.51
CA ILE I 172 -22.25 3.50 33.70
C ILE I 172 -20.89 3.19 34.29
N ASN I 173 -20.67 3.62 35.52
CA ASN I 173 -19.40 3.36 36.19
C ASN I 173 -19.47 1.94 36.73
N THR I 174 -18.38 1.21 36.56
CA THR I 174 -18.32 -0.19 37.00
C THR I 174 -16.94 -0.51 37.57
N VAL I 175 -16.80 -1.67 38.18
CA VAL I 175 -15.49 -2.05 38.71
C VAL I 175 -14.87 -2.85 37.60
N ILE I 176 -13.63 -2.54 37.22
CA ILE I 176 -12.98 -3.29 36.14
C ILE I 176 -12.45 -4.60 36.67
N GLN I 177 -13.06 -5.68 36.23
CA GLN I 177 -12.66 -7.00 36.67
C GLN I 177 -11.69 -7.68 35.72
N ASP I 178 -10.94 -8.63 36.26
CA ASP I 178 -9.98 -9.38 35.46
C ASP I 178 -10.73 -10.16 34.39
N GLY I 179 -10.38 -9.97 33.13
CA GLY I 179 -11.08 -10.69 32.09
C GLY I 179 -12.00 -9.78 31.30
N ASP I 180 -12.30 -8.61 31.82
CA ASP I 180 -13.13 -7.65 31.11
C ASP I 180 -12.42 -7.25 29.79
N MET I 181 -13.19 -6.72 28.84
CA MET I 181 -12.62 -6.34 27.54
C MET I 181 -12.34 -4.83 27.41
N VAL I 182 -11.31 -4.48 26.66
CA VAL I 182 -10.91 -3.09 26.45
C VAL I 182 -11.54 -2.57 25.19
N ASP I 183 -11.85 -1.27 25.16
CA ASP I 183 -12.42 -0.69 23.95
C ASP I 183 -11.45 -1.11 22.83
N THR I 184 -12.01 -1.57 21.72
CA THR I 184 -11.21 -2.07 20.61
C THR I 184 -11.30 -1.25 19.34
N GLY I 185 -12.04 -0.15 19.42
CA GLY I 185 -12.19 0.70 18.26
C GLY I 185 -13.65 1.01 18.04
N PHE I 186 -14.51 0.36 18.82
CA PHE I 186 -15.95 0.62 18.72
C PHE I 186 -16.45 1.34 19.98
N GLY I 187 -15.51 1.91 20.76
CA GLY I 187 -15.86 2.63 21.96
C GLY I 187 -16.15 1.75 23.14
N ALA I 188 -16.35 2.35 24.29
CA ALA I 188 -16.64 1.57 25.50
C ALA I 188 -18.16 1.50 25.75
N MET I 189 -18.75 0.37 25.38
CA MET I 189 -20.18 0.18 25.53
C MET I 189 -20.55 -1.26 25.75
N ASP I 190 -21.78 -1.48 26.19
CA ASP I 190 -22.32 -2.80 26.46
C ASP I 190 -23.04 -3.31 25.21
N PHE I 191 -22.32 -4.02 24.36
CA PHE I 191 -22.87 -4.49 23.10
C PHE I 191 -24.01 -5.48 23.20
N THR I 192 -24.07 -6.20 24.31
CA THR I 192 -25.14 -7.17 24.52
C THR I 192 -26.48 -6.46 24.66
N THR I 193 -26.53 -5.48 25.56
CA THR I 193 -27.76 -4.74 25.79
C THR I 193 -28.04 -3.58 24.84
N LEU I 194 -27.08 -3.29 23.95
CA LEU I 194 -27.23 -2.18 23.00
C LEU I 194 -27.24 -2.60 21.53
N GLN I 195 -27.06 -3.89 21.27
CA GLN I 195 -27.07 -4.41 19.91
C GLN I 195 -27.73 -5.78 19.86
N ALA I 196 -29.04 -5.80 19.64
CA ALA I 196 -29.81 -7.04 19.57
C ALA I 196 -29.30 -7.88 18.42
N ASN I 197 -28.76 -7.18 17.44
CA ASN I 197 -28.20 -7.74 16.21
C ASN I 197 -27.25 -8.92 16.45
N LYS I 198 -26.40 -8.79 17.45
CA LYS I 198 -25.43 -9.82 17.79
C LYS I 198 -24.39 -10.03 16.67
N SER I 199 -24.35 -9.09 15.73
CA SER I 199 -23.44 -9.19 14.60
C SER I 199 -22.77 -7.86 14.21
N GLU I 200 -22.83 -6.88 15.10
CA GLU I 200 -22.23 -5.57 14.83
C GLU I 200 -20.70 -5.53 15.01
N VAL I 201 -20.18 -6.37 15.90
CA VAL I 201 -18.75 -6.41 16.16
C VAL I 201 -18.27 -7.86 16.26
N PRO I 202 -16.94 -8.09 16.17
CA PRO I 202 -16.36 -9.45 16.23
C PRO I 202 -16.82 -10.25 17.44
N LEU I 203 -16.74 -11.56 17.35
CA LEU I 203 -17.16 -12.45 18.43
C LEU I 203 -16.64 -12.11 19.84
N ASP I 204 -15.35 -11.83 19.94
CA ASP I 204 -14.72 -11.56 21.24
C ASP I 204 -15.22 -10.40 22.08
N ILE I 205 -15.99 -9.48 21.50
CA ILE I 205 -16.54 -8.36 22.29
C ILE I 205 -18.04 -8.32 22.03
N CYS I 206 -18.42 -9.12 21.06
CA CYS I 206 -19.79 -9.31 20.59
C CYS I 206 -20.88 -9.34 21.69
N THR I 207 -20.64 -10.09 22.76
CA THR I 207 -21.61 -10.18 23.84
C THR I 207 -20.94 -9.83 25.13
N SER I 208 -20.01 -8.88 25.08
CA SER I 208 -19.29 -8.44 26.27
C SER I 208 -19.47 -6.94 26.46
N ILE I 209 -18.73 -6.42 27.42
CA ILE I 209 -18.78 -4.98 27.66
C ILE I 209 -17.35 -4.48 27.55
N CYS I 210 -17.14 -3.51 26.67
CA CYS I 210 -15.81 -2.94 26.53
C CYS I 210 -15.83 -1.74 27.45
N LYS I 211 -14.94 -1.76 28.45
CA LYS I 211 -14.88 -0.69 29.42
C LYS I 211 -13.61 0.14 29.25
N TYR I 212 -13.67 1.40 29.65
CA TYR I 212 -12.54 2.30 29.54
C TYR I 212 -12.27 2.83 30.93
N PRO I 213 -11.01 2.91 31.34
CA PRO I 213 -10.72 3.43 32.68
C PRO I 213 -11.31 4.82 32.84
N ASP I 214 -11.99 5.07 33.95
CA ASP I 214 -12.54 6.40 34.17
C ASP I 214 -11.46 7.18 34.92
N TYR I 215 -10.44 7.60 34.20
CA TYR I 215 -9.32 8.32 34.77
C TYR I 215 -9.76 9.57 35.51
N ILE I 216 -10.70 10.31 34.93
CA ILE I 216 -11.20 11.53 35.56
C ILE I 216 -11.77 11.28 36.97
N LYS I 217 -12.70 10.34 37.07
CA LYS I 217 -13.31 10.00 38.33
C LYS I 217 -12.27 9.54 39.37
N MET I 218 -11.42 8.58 38.97
CA MET I 218 -10.42 8.04 39.87
C MET I 218 -9.45 9.07 40.44
N VAL I 219 -9.08 10.05 39.62
CA VAL I 219 -8.16 11.09 40.09
C VAL I 219 -8.88 12.14 40.92
N SER I 220 -10.19 12.23 40.72
CA SER I 220 -10.99 13.19 41.45
C SER I 220 -11.17 12.64 42.85
N GLU I 221 -11.23 11.32 42.92
CA GLU I 221 -11.36 10.62 44.19
C GLU I 221 -10.56 11.37 45.26
N PRO I 222 -11.21 11.74 46.37
CA PRO I 222 -10.61 12.47 47.50
C PRO I 222 -9.34 11.88 48.10
N TYR I 223 -9.37 10.61 48.45
CA TYR I 223 -8.20 9.97 49.04
C TYR I 223 -7.21 9.43 47.99
N GLY I 224 -7.70 9.18 46.78
CA GLY I 224 -6.85 8.69 45.71
C GLY I 224 -6.26 7.31 45.94
N ASP I 225 -7.06 6.39 46.48
CA ASP I 225 -6.59 5.03 46.74
C ASP I 225 -6.74 4.14 45.53
N SER I 226 -7.75 4.42 44.70
CA SER I 226 -8.00 3.57 43.55
C SER I 226 -6.84 3.55 42.56
N LEU I 227 -6.11 4.65 42.48
CA LEU I 227 -4.96 4.69 41.59
C LEU I 227 -3.98 5.83 41.92
N PHE I 228 -2.76 5.45 42.31
CA PHE I 228 -1.78 6.45 42.62
C PHE I 228 -0.64 6.50 41.60
N PHE I 229 -0.87 5.86 40.45
CA PHE I 229 0.09 5.85 39.36
C PHE I 229 -0.53 5.17 38.13
N TYR I 230 -0.25 5.68 36.94
CA TYR I 230 -0.75 5.05 35.74
C TYR I 230 0.02 5.44 34.47
N LEU I 231 -0.04 4.56 33.49
CA LEU I 231 0.60 4.79 32.21
C LEU I 231 -0.39 4.36 31.15
N ARG I 232 -0.68 5.25 30.21
CA ARG I 232 -1.63 4.91 29.16
C ARG I 232 -1.08 5.25 27.79
N ARG I 233 -1.30 4.35 26.85
CA ARG I 233 -0.85 4.53 25.49
C ARG I 233 -1.83 3.84 24.54
N GLU I 234 -2.58 4.64 23.81
CA GLU I 234 -3.54 4.11 22.86
C GLU I 234 -3.49 4.86 21.52
N GLN I 235 -3.66 4.11 20.43
CA GLN I 235 -3.64 4.67 19.09
C GLN I 235 -4.59 3.86 18.22
N MET I 236 -5.11 4.51 17.19
CA MET I 236 -6.05 3.86 16.29
C MET I 236 -6.33 4.66 15.04
N PHE I 237 -6.60 3.98 13.93
CA PHE I 237 -6.92 4.69 12.69
C PHE I 237 -7.96 3.88 11.90
N VAL I 238 -8.60 4.55 10.95
CA VAL I 238 -9.65 3.92 10.12
C VAL I 238 -9.12 3.13 8.93
N ARG I 239 -9.25 1.81 9.00
CA ARG I 239 -8.80 0.93 7.94
C ARG I 239 -9.86 0.88 6.80
N HIS I 240 -11.11 0.57 7.14
CA HIS I 240 -12.19 0.51 6.13
C HIS I 240 -13.43 1.25 6.55
N LEU I 241 -14.21 1.69 5.57
CA LEU I 241 -15.44 2.42 5.85
C LEU I 241 -16.65 1.66 5.29
N PHE I 242 -17.47 1.14 6.20
CA PHE I 242 -18.62 0.34 5.80
C PHE I 242 -20.03 0.90 6.06
N ASN I 243 -21.01 0.09 5.66
CA ASN I 243 -22.43 0.38 5.77
C ASN I 243 -23.06 -0.67 6.67
N ARG I 244 -24.14 -0.31 7.36
CA ARG I 244 -24.84 -1.27 8.23
C ARG I 244 -26.14 -1.70 7.60
N ALA I 245 -26.34 -3.01 7.48
CA ALA I 245 -27.59 -3.53 6.95
C ALA I 245 -28.61 -3.41 8.08
N GLY I 246 -29.88 -3.53 7.75
CA GLY I 246 -30.91 -3.40 8.77
C GLY I 246 -31.90 -2.38 8.26
N THR I 247 -32.77 -1.86 9.13
CA THR I 247 -33.74 -0.89 8.66
C THR I 247 -33.60 0.44 9.35
N VAL I 248 -33.87 1.50 8.60
CA VAL I 248 -33.73 2.84 9.13
C VAL I 248 -34.45 3.00 10.47
N GLY I 249 -33.66 3.30 11.50
CA GLY I 249 -34.21 3.50 12.82
C GLY I 249 -34.64 4.95 12.86
N GLU I 250 -33.81 5.80 12.27
CA GLU I 250 -34.07 7.23 12.18
C GLU I 250 -33.79 7.67 10.77
N ASN I 251 -34.80 8.22 10.11
CA ASN I 251 -34.65 8.65 8.74
C ASN I 251 -33.90 9.94 8.53
N VAL I 252 -33.22 10.01 7.39
CA VAL I 252 -32.45 11.19 7.06
C VAL I 252 -33.40 12.34 6.71
N PRO I 253 -33.34 13.44 7.46
CA PRO I 253 -34.21 14.60 7.20
C PRO I 253 -34.02 15.02 5.73
N ASP I 254 -35.12 15.09 4.98
CA ASP I 254 -35.03 15.43 3.58
C ASP I 254 -34.57 16.86 3.26
N ASP I 255 -34.36 17.69 4.27
CA ASP I 255 -33.87 19.04 4.02
C ASP I 255 -32.36 18.95 3.82
N LEU I 256 -31.81 17.74 3.97
CA LEU I 256 -30.37 17.49 3.85
C LEU I 256 -29.95 16.92 2.50
N TYR I 257 -30.87 16.85 1.56
CA TYR I 257 -30.53 16.30 0.26
C TYR I 257 -31.67 16.45 -0.75
N ILE I 258 -31.33 16.19 -2.00
CA ILE I 258 -32.28 16.26 -3.08
C ILE I 258 -32.64 14.84 -3.49
N LYS I 259 -33.93 14.54 -3.42
CA LYS I 259 -34.45 13.23 -3.78
C LYS I 259 -33.82 12.74 -5.06
N GLY I 260 -33.56 11.43 -5.11
CA GLY I 260 -32.97 10.83 -6.30
C GLY I 260 -34.05 10.33 -7.26
N SER I 261 -33.78 9.23 -7.94
CA SER I 261 -34.75 8.65 -8.90
C SER I 261 -34.13 7.41 -9.53
N GLY I 262 -34.98 6.50 -10.00
CA GLY I 262 -34.47 5.27 -10.61
C GLY I 262 -33.71 4.52 -9.56
N SER I 263 -32.40 4.36 -9.72
CA SER I 263 -31.58 3.67 -8.71
C SER I 263 -31.42 4.51 -7.42
N THR I 264 -31.06 5.77 -7.59
CA THR I 264 -30.88 6.69 -6.46
C THR I 264 -32.21 7.16 -5.89
N ALA I 265 -33.30 6.49 -6.26
CA ALA I 265 -34.62 6.86 -5.74
C ALA I 265 -34.67 6.49 -4.26
N ASN I 266 -34.14 5.31 -3.95
CA ASN I 266 -34.08 4.78 -2.58
C ASN I 266 -32.74 5.02 -1.91
N LEU I 267 -32.75 5.75 -0.79
CA LEU I 267 -31.55 6.07 -0.04
C LEU I 267 -30.86 4.83 0.54
N ALA I 268 -29.56 4.73 0.31
CA ALA I 268 -28.80 3.61 0.84
C ALA I 268 -28.57 3.91 2.33
N SER I 269 -28.23 2.87 3.09
CA SER I 269 -27.98 3.04 4.52
C SER I 269 -26.89 4.07 4.77
N SER I 270 -27.19 5.07 5.57
CA SER I 270 -26.20 6.08 5.90
C SER I 270 -25.81 5.85 7.37
N ASN I 271 -25.87 4.58 7.77
CA ASN I 271 -25.50 4.14 9.10
C ASN I 271 -24.10 3.55 8.91
N TYR I 272 -23.13 4.45 8.69
CA TYR I 272 -21.76 4.02 8.45
C TYR I 272 -21.04 3.66 9.74
N PHE I 273 -20.04 2.80 9.60
CA PHE I 273 -19.21 2.38 10.71
C PHE I 273 -17.85 2.05 10.11
N PRO I 274 -16.77 2.46 10.80
CA PRO I 274 -15.42 2.20 10.32
C PRO I 274 -14.81 0.97 10.98
N THR I 275 -13.80 0.42 10.34
CA THR I 275 -13.10 -0.75 10.83
C THR I 275 -11.85 -0.19 11.47
N PRO I 276 -11.59 -0.51 12.74
CA PRO I 276 -10.38 0.02 13.36
C PRO I 276 -9.11 -0.68 12.92
N SER I 277 -7.98 -0.11 13.34
CA SER I 277 -6.66 -0.65 13.07
C SER I 277 -5.63 0.03 13.94
N GLY I 278 -5.10 -0.69 14.92
CA GLY I 278 -4.03 -0.16 15.76
C GLY I 278 -2.84 -0.49 14.89
N SER I 279 -2.14 0.52 14.43
CA SER I 279 -1.03 0.30 13.52
C SER I 279 0.05 -0.69 13.97
N MET I 280 1.27 -0.45 13.55
CA MET I 280 2.42 -1.28 13.88
C MET I 280 2.73 -1.22 15.38
N VAL I 281 3.30 -2.31 15.90
CA VAL I 281 3.68 -2.40 17.31
C VAL I 281 5.18 -2.33 17.32
N THR I 282 5.74 -1.68 18.33
CA THR I 282 7.17 -1.51 18.40
C THR I 282 7.79 -1.60 19.77
N SER I 283 9.07 -1.97 19.81
CA SER I 283 9.80 -2.09 21.06
C SER I 283 9.95 -0.71 21.67
N ASP I 284 10.48 0.21 20.86
CA ASP I 284 10.70 1.57 21.32
C ASP I 284 9.49 2.15 22.03
N ALA I 285 8.29 1.66 21.73
CA ALA I 285 7.10 2.20 22.35
C ALA I 285 6.60 1.42 23.57
N GLN I 286 7.37 0.42 24.00
CA GLN I 286 6.99 -0.42 25.13
C GLN I 286 6.87 0.32 26.42
N ILE I 287 5.92 -0.12 27.23
CA ILE I 287 5.66 0.49 28.51
C ILE I 287 6.09 -0.40 29.64
N PHE I 288 6.13 -1.68 29.33
CA PHE I 288 6.51 -2.67 30.31
C PHE I 288 7.99 -3.05 30.27
N ASN I 289 8.37 -3.94 31.17
CA ASN I 289 9.73 -4.38 31.28
C ASN I 289 10.64 -3.18 31.53
N LYS I 290 10.08 -2.22 32.25
CA LYS I 290 10.73 -0.98 32.67
C LYS I 290 10.21 -0.83 34.10
N PRO I 291 11.07 -0.38 35.02
CA PRO I 291 10.62 -0.20 36.40
C PRO I 291 9.94 1.14 36.59
N TYR I 292 8.93 1.19 37.43
CA TYR I 292 8.21 2.44 37.71
C TYR I 292 8.55 2.81 39.16
N TRP I 293 9.06 4.01 39.36
CA TRP I 293 9.37 4.43 40.70
C TRP I 293 8.27 5.35 41.21
N LEU I 294 7.39 4.80 42.05
CA LEU I 294 6.28 5.53 42.64
C LEU I 294 6.74 6.39 43.81
N GLN I 295 7.53 7.43 43.56
CA GLN I 295 7.98 8.25 44.65
C GLN I 295 7.07 9.39 45.09
N ARG I 296 6.56 10.15 44.14
CA ARG I 296 5.68 11.27 44.47
C ARG I 296 4.36 11.00 43.80
N ALA I 297 3.30 10.75 44.56
CA ALA I 297 2.01 10.50 43.93
C ALA I 297 1.26 11.82 43.75
N GLN I 298 0.43 11.89 42.72
CA GLN I 298 -0.34 13.10 42.47
C GLN I 298 -1.55 13.17 43.40
N GLY I 299 -1.90 12.02 43.97
CA GLY I 299 -3.01 11.91 44.90
C GLY I 299 -2.51 12.04 46.32
N HIS I 300 -3.41 12.00 47.28
CA HIS I 300 -3.01 12.13 48.67
C HIS I 300 -2.45 10.84 49.22
N ASN I 301 -2.89 9.72 48.66
CA ASN I 301 -2.36 8.45 49.10
C ASN I 301 -1.08 8.21 48.31
N ASN I 302 0.08 8.38 48.94
CA ASN I 302 1.33 8.19 48.22
C ASN I 302 1.82 6.76 48.19
N GLY I 303 1.02 5.88 47.61
CA GLY I 303 1.39 4.48 47.47
C GLY I 303 1.28 3.63 48.73
N ILE I 304 0.46 4.04 49.67
CA ILE I 304 0.30 3.26 50.87
C ILE I 304 -0.69 2.15 50.53
N CYS I 305 -0.31 0.90 50.82
CA CYS I 305 -1.14 -0.24 50.53
C CYS I 305 -2.04 -0.61 51.71
N TRP I 306 -3.01 0.23 52.01
CA TRP I 306 -3.94 -0.04 53.10
C TRP I 306 -4.56 -1.44 52.93
N GLY I 307 -4.70 -2.17 54.02
CA GLY I 307 -5.28 -3.50 53.95
C GLY I 307 -4.27 -4.52 53.45
N ASN I 308 -3.02 -4.12 53.32
CA ASN I 308 -1.98 -5.02 52.84
C ASN I 308 -2.43 -5.59 51.49
N GLN I 309 -3.08 -4.71 50.72
CA GLN I 309 -3.59 -5.04 49.40
C GLN I 309 -2.88 -4.15 48.41
N LEU I 310 -2.99 -4.49 47.13
CA LEU I 310 -2.37 -3.72 46.07
C LEU I 310 -2.98 -4.17 44.75
N PHE I 311 -3.43 -3.22 43.94
CA PHE I 311 -4.03 -3.56 42.66
C PHE I 311 -3.19 -3.15 41.48
N VAL I 312 -3.00 -4.08 40.56
CA VAL I 312 -2.22 -3.78 39.35
C VAL I 312 -3.05 -4.16 38.15
N THR I 313 -3.57 -3.14 37.46
CA THR I 313 -4.36 -3.37 36.28
C THR I 313 -3.45 -3.20 35.06
N VAL I 314 -3.59 -4.10 34.09
CA VAL I 314 -2.79 -4.05 32.87
C VAL I 314 -3.58 -4.43 31.62
N VAL I 315 -3.20 -3.83 30.51
CA VAL I 315 -3.81 -4.13 29.20
C VAL I 315 -2.64 -3.98 28.25
N ASP I 316 -2.34 -5.03 27.50
CA ASP I 316 -1.24 -4.98 26.55
C ASP I 316 -1.64 -5.72 25.30
N THR I 317 -1.87 -4.97 24.23
CA THR I 317 -2.27 -5.58 22.98
C THR I 317 -1.10 -5.64 22.02
N THR I 318 0.12 -5.44 22.53
CA THR I 318 1.29 -5.46 21.66
C THR I 318 1.91 -6.86 21.59
N ARG I 319 1.16 -7.84 22.10
CA ARG I 319 1.61 -9.24 22.10
C ARG I 319 0.38 -10.08 21.94
N SER I 320 -0.55 -9.60 21.13
CA SER I 320 -1.82 -10.27 20.91
C SER I 320 -1.83 -11.42 19.92
N THR I 321 -0.66 -11.83 19.46
CA THR I 321 -0.57 -12.92 18.50
C THR I 321 -1.38 -14.14 18.94
N ASN I 322 -2.22 -14.62 18.04
CA ASN I 322 -3.03 -15.82 18.29
C ASN I 322 -2.34 -16.87 17.42
N MET I 323 -2.25 -18.10 17.89
CA MET I 323 -1.60 -19.11 17.09
C MET I 323 -2.60 -20.20 16.72
N SER I 324 -2.69 -20.51 15.44
CA SER I 324 -3.60 -21.56 15.01
C SER I 324 -2.83 -22.87 15.03
N LEU I 325 -3.42 -23.88 15.64
CA LEU I 325 -2.79 -25.19 15.67
C LEU I 325 -3.83 -26.18 15.20
N CYS I 326 -3.50 -26.98 14.18
CA CYS I 326 -4.44 -27.98 13.68
C CYS I 326 -3.84 -29.37 13.75
N ALA I 327 -4.71 -30.32 14.11
CA ALA I 327 -4.34 -31.72 14.24
C ALA I 327 -5.02 -32.52 13.14
N ALA I 328 -4.29 -33.50 12.61
CA ALA I 328 -4.80 -34.36 11.55
C ALA I 328 -5.70 -35.43 12.15
N ILE I 329 -6.80 -35.74 11.47
CA ILE I 329 -7.71 -36.77 11.94
C ILE I 329 -7.12 -38.10 11.51
N SER I 330 -6.34 -38.06 10.44
CA SER I 330 -5.69 -39.25 9.90
C SER I 330 -4.31 -38.90 9.39
N THR I 331 -3.34 -39.76 9.65
CA THR I 331 -1.97 -39.53 9.22
C THR I 331 -1.59 -40.45 8.05
N SER I 332 -2.60 -40.81 7.25
CA SER I 332 -2.40 -41.69 6.11
C SER I 332 -2.23 -40.96 4.78
N GLU I 333 -3.36 -40.75 4.09
CA GLU I 333 -3.39 -40.12 2.77
C GLU I 333 -2.33 -39.02 2.56
N THR I 334 -1.71 -39.06 1.39
CA THR I 334 -0.70 -38.09 1.02
C THR I 334 -1.30 -36.98 0.19
N THR I 335 -2.60 -36.80 0.34
CA THR I 335 -3.31 -35.78 -0.40
C THR I 335 -4.10 -34.93 0.56
N TYR I 336 -3.85 -33.63 0.52
CA TYR I 336 -4.53 -32.71 1.42
C TYR I 336 -6.04 -32.81 1.29
N LYS I 337 -6.73 -32.71 2.42
CA LYS I 337 -8.19 -32.73 2.44
C LYS I 337 -8.54 -31.84 3.61
N ASN I 338 -9.29 -30.78 3.37
CA ASN I 338 -9.64 -29.90 4.48
C ASN I 338 -10.40 -30.63 5.56
N THR I 339 -11.01 -31.70 5.06
CA THR I 339 -11.75 -32.65 5.84
C THR I 339 -10.92 -33.44 6.85
N ASN I 340 -9.64 -33.62 6.54
CA ASN I 340 -8.75 -34.39 7.37
C ASN I 340 -8.09 -33.60 8.51
N PHE I 341 -8.25 -32.27 8.55
CA PHE I 341 -7.64 -31.46 9.61
C PHE I 341 -8.58 -30.58 10.40
N LYS I 342 -8.49 -30.69 11.71
CA LYS I 342 -9.32 -29.88 12.60
C LYS I 342 -8.51 -28.63 12.99
N GLU I 343 -9.00 -27.46 12.60
CA GLU I 343 -8.30 -26.21 12.91
C GLU I 343 -8.77 -25.59 14.22
N TYR I 344 -7.83 -25.08 15.01
CA TYR I 344 -8.18 -24.43 16.28
C TYR I 344 -7.43 -23.12 16.40
N LEU I 345 -7.67 -22.40 17.50
CA LEU I 345 -7.01 -21.12 17.80
C LEU I 345 -6.72 -21.03 19.31
N ARG I 346 -5.51 -20.59 19.65
CA ARG I 346 -5.12 -20.46 21.04
C ARG I 346 -4.26 -19.21 21.22
N HIS I 347 -4.34 -18.57 22.39
CA HIS I 347 -3.55 -17.39 22.64
C HIS I 347 -2.89 -17.49 24.02
N GLY I 348 -1.61 -17.16 24.10
CA GLY I 348 -0.91 -17.24 25.38
C GLY I 348 -0.43 -15.89 25.88
N GLU I 349 -0.52 -15.69 27.19
CA GLU I 349 -0.09 -14.45 27.82
C GLU I 349 0.93 -14.78 28.91
N GLU I 350 2.01 -14.01 28.99
CA GLU I 350 3.06 -14.26 30.00
C GLU I 350 3.38 -13.03 30.82
N TYR I 351 3.15 -13.11 32.14
CA TYR I 351 3.44 -11.98 33.03
C TYR I 351 4.46 -12.33 34.09
N ASP I 352 5.00 -11.31 34.73
CA ASP I 352 5.99 -11.47 35.79
C ASP I 352 6.03 -10.17 36.58
N LEU I 353 5.31 -10.13 37.69
CA LEU I 353 5.24 -8.92 38.48
C LEU I 353 6.34 -8.87 39.52
N GLN I 354 6.89 -7.68 39.74
CA GLN I 354 7.97 -7.49 40.71
C GLN I 354 7.74 -6.17 41.46
N PHE I 355 7.97 -6.17 42.77
CA PHE I 355 7.73 -4.95 43.52
C PHE I 355 8.81 -4.71 44.56
N ILE I 356 8.94 -3.46 44.97
CA ILE I 356 9.87 -3.06 46.02
C ILE I 356 8.99 -2.36 47.03
N PHE I 357 8.93 -2.87 48.25
CA PHE I 357 8.07 -2.28 49.28
C PHE I 357 8.85 -1.66 50.41
N GLN I 358 8.37 -0.52 50.90
CA GLN I 358 9.02 0.17 52.00
C GLN I 358 8.13 0.10 53.22
N LEU I 359 8.68 -0.40 54.32
CA LEU I 359 7.92 -0.50 55.56
C LEU I 359 7.63 0.91 56.10
N CYS I 360 6.43 1.08 56.67
CA CYS I 360 6.01 2.36 57.22
C CYS I 360 5.33 2.18 58.57
N LYS I 361 5.36 3.20 59.41
CA LYS I 361 4.75 3.13 60.74
C LYS I 361 3.82 4.30 60.97
N ILE I 362 2.72 4.04 61.70
CA ILE I 362 1.72 5.05 62.02
C ILE I 362 1.48 5.12 63.52
N THR I 363 1.81 6.24 64.16
CA THR I 363 1.55 6.37 65.59
C THR I 363 0.06 6.66 65.74
N LEU I 364 -0.67 5.72 66.30
CA LEU I 364 -2.11 5.86 66.47
C LEU I 364 -2.61 6.89 67.47
N THR I 365 -2.37 8.16 67.20
CA THR I 365 -2.86 9.20 68.10
C THR I 365 -4.36 9.32 67.91
N ALA I 366 -4.96 10.28 68.61
CA ALA I 366 -6.40 10.50 68.54
C ALA I 366 -6.80 10.94 67.14
N ASP I 367 -6.24 12.07 66.74
CA ASP I 367 -6.49 12.67 65.44
C ASP I 367 -6.30 11.65 64.34
N VAL I 368 -5.17 10.96 64.40
CA VAL I 368 -4.85 9.97 63.40
C VAL I 368 -5.93 8.92 63.35
N MET I 369 -6.34 8.44 64.52
CA MET I 369 -7.37 7.42 64.56
C MET I 369 -8.71 7.92 64.03
N THR I 370 -8.98 9.21 64.25
CA THR I 370 -10.22 9.81 63.79
C THR I 370 -10.19 9.83 62.27
N TYR I 371 -9.08 10.34 61.73
CA TYR I 371 -8.90 10.44 60.29
C TYR I 371 -8.98 9.08 59.60
N ILE I 372 -8.07 8.17 60.00
CA ILE I 372 -8.05 6.84 59.41
C ILE I 372 -9.40 6.15 59.54
N HIS I 373 -10.11 6.45 60.64
CA HIS I 373 -11.43 5.85 60.86
C HIS I 373 -12.44 6.35 59.83
N SER I 374 -12.47 7.66 59.63
CA SER I 374 -13.37 8.26 58.66
C SER I 374 -13.01 7.71 57.28
N MET I 375 -11.74 7.86 56.91
CA MET I 375 -11.22 7.39 55.62
C MET I 375 -11.67 5.98 55.32
N ASN I 376 -11.31 5.04 56.18
CA ASN I 376 -11.68 3.66 55.97
C ASN I 376 -11.64 2.85 57.25
N SER I 377 -12.70 2.97 58.04
CA SER I 377 -12.80 2.24 59.30
C SER I 377 -12.17 0.85 59.35
N THR I 378 -12.32 0.05 58.31
CA THR I 378 -11.78 -1.32 58.33
C THR I 378 -10.28 -1.35 58.67
N ILE I 379 -9.56 -0.28 58.34
CA ILE I 379 -8.12 -0.21 58.61
C ILE I 379 -7.85 -0.52 60.07
N LEU I 380 -8.44 0.28 60.96
CA LEU I 380 -8.27 0.09 62.40
C LEU I 380 -8.86 -1.22 62.92
N GLU I 381 -10.03 -1.59 62.42
CA GLU I 381 -10.66 -2.82 62.87
C GLU I 381 -9.77 -4.00 62.58
N ASP I 382 -9.13 -3.99 61.41
CA ASP I 382 -8.25 -5.09 61.03
C ASP I 382 -6.96 -5.06 61.81
N TRP I 383 -6.52 -3.88 62.21
CA TRP I 383 -5.29 -3.80 62.96
C TRP I 383 -5.35 -4.60 64.23
N ASN I 384 -4.66 -4.20 65.29
CA ASN I 384 -4.69 -5.05 66.48
C ASN I 384 -5.93 -5.95 66.57
N GLU I 419 -14.07 -11.32 56.25
CA GLU I 419 -14.44 -11.82 54.93
C GLU I 419 -14.24 -10.73 53.86
N ASP I 420 -13.88 -11.15 52.64
CA ASP I 420 -13.61 -10.29 51.48
C ASP I 420 -14.75 -9.36 51.04
N PRO I 421 -14.56 -8.02 51.18
CA PRO I 421 -15.56 -7.01 50.79
C PRO I 421 -15.84 -6.89 49.30
N LEU I 422 -15.05 -7.57 48.48
CA LEU I 422 -15.22 -7.55 47.03
C LEU I 422 -15.32 -8.99 46.52
N LYS I 423 -16.04 -9.84 47.25
CA LYS I 423 -16.20 -11.23 46.86
C LYS I 423 -16.97 -11.31 45.54
N LYS I 424 -17.81 -10.32 45.30
CA LYS I 424 -18.60 -10.28 44.08
C LYS I 424 -17.81 -10.16 42.82
N TYR I 425 -16.70 -9.45 42.92
CA TYR I 425 -15.84 -9.23 41.78
C TYR I 425 -14.78 -10.29 41.69
N THR I 426 -14.28 -10.52 40.48
CA THR I 426 -13.24 -11.50 40.29
C THR I 426 -11.97 -10.91 39.66
N PHE I 427 -10.82 -11.25 40.23
CA PHE I 427 -9.54 -10.80 39.71
C PHE I 427 -8.49 -11.88 39.85
N TRP I 428 -7.39 -11.74 39.12
CA TRP I 428 -6.30 -12.69 39.19
C TRP I 428 -5.72 -12.55 40.59
N GLU I 429 -5.97 -13.53 41.43
CA GLU I 429 -5.46 -13.47 42.80
C GLU I 429 -3.99 -13.78 42.83
N VAL I 430 -3.22 -12.91 43.49
CA VAL I 430 -1.79 -13.09 43.60
C VAL I 430 -1.36 -13.03 45.05
N ASN I 431 -0.81 -14.15 45.54
CA ASN I 431 -0.38 -14.20 46.93
C ASN I 431 1.12 -13.99 47.07
N LEU I 432 1.50 -12.93 47.78
CA LEU I 432 2.90 -12.62 47.97
C LEU I 432 3.36 -12.76 49.42
N LYS I 433 2.50 -13.28 50.28
CA LYS I 433 2.86 -13.42 51.70
C LYS I 433 4.15 -14.20 51.94
N GLU I 434 4.50 -15.12 51.05
CA GLU I 434 5.72 -15.91 51.20
C GLU I 434 6.80 -15.48 50.21
N LYS I 435 6.62 -14.33 49.59
CA LYS I 435 7.56 -13.85 48.58
C LYS I 435 8.43 -12.64 48.94
N PHE I 436 8.23 -12.09 50.13
CA PHE I 436 9.05 -10.96 50.52
C PHE I 436 10.46 -11.39 50.88
N SER I 437 11.44 -10.61 50.43
CA SER I 437 12.84 -10.88 50.74
C SER I 437 13.56 -9.57 51.04
N ALA I 438 14.40 -9.57 52.07
CA ALA I 438 15.13 -8.37 52.46
C ALA I 438 16.37 -8.14 51.60
N ASP I 439 16.76 -9.13 50.80
CA ASP I 439 17.95 -8.96 49.95
C ASP I 439 17.63 -8.48 48.54
N LEU I 440 17.36 -7.18 48.40
CA LEU I 440 17.02 -6.61 47.10
C LEU I 440 18.12 -7.00 46.13
N ASP I 441 19.32 -7.02 46.66
CA ASP I 441 20.53 -7.37 45.97
C ASP I 441 20.34 -8.57 45.04
N GLN I 442 19.66 -9.60 45.55
CA GLN I 442 19.42 -10.84 44.84
C GLN I 442 18.38 -10.83 43.72
N PHE I 443 17.78 -9.70 43.44
CA PHE I 443 16.77 -9.62 42.39
C PHE I 443 17.04 -8.50 41.40
N PRO I 444 16.56 -8.68 40.16
CA PRO I 444 16.79 -7.64 39.15
C PRO I 444 16.13 -6.29 39.48
N LEU I 445 14.88 -6.31 39.96
CA LEU I 445 14.20 -5.08 40.29
C LEU I 445 14.90 -4.49 41.49
N GLY I 446 15.33 -5.36 42.39
CA GLY I 446 16.02 -4.88 43.58
C GLY I 446 17.32 -4.18 43.23
N ARG I 447 18.11 -4.77 42.34
CA ARG I 447 19.39 -4.16 41.98
C ARG I 447 19.08 -2.78 41.40
N LYS I 448 18.14 -2.74 40.46
CA LYS I 448 17.77 -1.50 39.81
C LYS I 448 17.41 -0.44 40.82
N PHE I 449 16.63 -0.83 41.82
CA PHE I 449 16.19 0.08 42.88
C PHE I 449 17.36 0.66 43.65
N LEU I 450 18.25 -0.20 44.16
CA LEU I 450 19.40 0.29 44.91
C LEU I 450 20.20 1.28 44.07
N LEU I 451 20.58 0.85 42.87
CA LEU I 451 21.33 1.70 41.96
C LEU I 451 20.59 3.03 41.75
N GLN I 452 19.29 2.96 41.54
CA GLN I 452 18.50 4.17 41.33
C GLN I 452 18.49 5.07 42.56
N LEU I 453 18.13 4.52 43.72
CA LEU I 453 18.08 5.30 44.94
C LEU I 453 19.44 5.49 45.63
N GLY I 454 20.52 5.07 44.98
CA GLY I 454 21.85 5.20 45.55
C GLY I 454 21.94 4.48 46.90
N LEU I 455 21.63 5.21 47.96
CA LEU I 455 21.68 4.59 49.28
C LEU I 455 20.40 3.77 49.54
N ALA J 1 24.27 -16.57 49.27
CA ALA J 1 23.99 -15.26 48.60
C ALA J 1 24.94 -15.05 47.42
N VAL J 2 24.43 -14.49 46.33
CA VAL J 2 25.31 -14.25 45.18
C VAL J 2 25.88 -12.84 45.30
N VAL J 3 27.04 -12.61 44.72
CA VAL J 3 27.64 -11.28 44.80
C VAL J 3 28.23 -10.85 43.48
N SER J 4 28.34 -9.55 43.30
CA SER J 4 28.89 -8.99 42.08
C SER J 4 30.29 -9.50 41.90
N THR J 5 30.71 -9.69 40.66
CA THR J 5 32.05 -10.15 40.37
C THR J 5 33.07 -9.08 40.78
N ASP J 6 32.62 -7.85 40.91
CA ASP J 6 33.53 -6.77 41.30
C ASP J 6 34.10 -7.04 42.68
N GLU J 7 33.40 -7.87 43.43
CA GLU J 7 33.80 -8.24 44.79
C GLU J 7 35.09 -9.07 44.83
N TYR J 8 35.11 -10.18 44.09
CA TYR J 8 36.23 -11.09 44.03
C TYR J 8 37.11 -11.08 42.78
N VAL J 9 36.71 -10.34 41.75
CA VAL J 9 37.51 -10.28 40.54
C VAL J 9 38.26 -8.94 40.44
N ALA J 10 39.58 -9.02 40.39
CA ALA J 10 40.41 -7.84 40.32
C ALA J 10 40.69 -7.41 38.89
N ARG J 11 40.68 -6.11 38.68
CA ARG J 11 40.88 -5.55 37.34
C ARG J 11 42.30 -5.07 37.14
N THR J 12 42.98 -5.59 36.11
CA THR J 12 44.32 -5.14 35.83
C THR J 12 44.19 -3.99 34.87
N ASN J 13 45.33 -3.52 34.39
CA ASN J 13 45.37 -2.40 33.49
C ASN J 13 45.67 -2.83 32.05
N ILE J 14 45.73 -4.12 31.82
CA ILE J 14 46.04 -4.65 30.49
C ILE J 14 44.76 -4.82 29.68
N TYR J 15 44.81 -4.40 28.42
CA TYR J 15 43.65 -4.55 27.56
C TYR J 15 44.08 -5.11 26.22
N TYR J 16 43.29 -6.05 25.70
CA TYR J 16 43.60 -6.66 24.42
C TYR J 16 42.41 -6.53 23.47
N HIS J 17 42.73 -6.45 22.19
CA HIS J 17 41.70 -6.38 21.15
C HIS J 17 41.69 -7.70 20.45
N ALA J 18 40.52 -8.12 19.98
CA ALA J 18 40.44 -9.39 19.28
C ALA J 18 39.28 -9.28 18.29
N GLY J 19 39.43 -9.92 17.14
CA GLY J 19 38.35 -9.85 16.17
C GLY J 19 38.39 -10.89 15.11
N THR J 20 37.21 -11.28 14.63
CA THR J 20 37.09 -12.24 13.56
C THR J 20 37.50 -11.47 12.30
N SER J 21 38.04 -12.17 11.31
CA SER J 21 38.46 -11.48 10.09
C SER J 21 37.25 -10.84 9.41
N ARG J 22 36.30 -11.68 9.03
CA ARG J 22 35.08 -11.28 8.35
C ARG J 22 34.36 -12.57 8.07
N LEU J 23 33.34 -12.87 8.85
CA LEU J 23 32.59 -14.10 8.67
C LEU J 23 31.63 -13.94 7.51
N LEU J 24 31.44 -15.00 6.74
CA LEU J 24 30.58 -14.94 5.59
C LEU J 24 29.72 -16.18 5.51
N ALA J 25 28.45 -16.00 5.17
CA ALA J 25 27.52 -17.15 5.11
C ALA J 25 26.62 -17.06 3.88
N VAL J 26 26.64 -18.09 3.04
CA VAL J 26 25.82 -18.09 1.84
C VAL J 26 25.04 -19.39 1.73
N GLY J 27 23.78 -19.29 1.36
CA GLY J 27 22.98 -20.48 1.25
C GLY J 27 21.59 -20.17 0.71
N HIS J 28 20.70 -21.13 0.81
CA HIS J 28 19.34 -20.93 0.34
C HIS J 28 18.53 -20.34 1.50
N PRO J 29 17.70 -19.33 1.22
CA PRO J 29 16.87 -18.66 2.22
C PRO J 29 15.79 -19.48 2.93
N TYR J 30 15.21 -20.46 2.25
CA TYR J 30 14.11 -21.23 2.84
C TYR J 30 14.41 -22.64 3.36
N PHE J 31 15.29 -23.34 2.68
CA PHE J 31 15.60 -24.71 3.08
C PHE J 31 16.95 -25.15 2.54
N PRO J 32 17.53 -26.21 3.12
CA PRO J 32 18.82 -26.64 2.61
C PRO J 32 18.71 -27.47 1.36
N ILE J 33 19.66 -27.31 0.47
CA ILE J 33 19.70 -28.08 -0.77
C ILE J 33 20.60 -29.28 -0.50
N LYS J 34 20.05 -30.48 -0.71
CA LYS J 34 20.84 -31.69 -0.50
C LYS J 34 20.54 -32.73 -1.59
N LYS J 35 21.33 -33.80 -1.60
CA LYS J 35 21.12 -34.88 -2.56
C LYS J 35 19.86 -35.67 -2.11
N PRO J 36 18.89 -35.87 -3.03
CA PRO J 36 17.63 -36.58 -2.75
C PRO J 36 17.83 -37.97 -2.14
N ASN J 37 18.62 -38.77 -2.83
CA ASN J 37 18.96 -40.13 -2.40
C ASN J 37 19.80 -40.10 -1.14
N ASN J 38 20.58 -39.04 -1.02
CA ASN J 38 21.50 -38.82 0.09
C ASN J 38 20.87 -37.95 1.21
N ASN J 39 21.70 -37.51 2.16
CA ASN J 39 21.22 -36.63 3.24
C ASN J 39 22.28 -35.61 3.59
N LYS J 40 23.39 -35.70 2.89
CA LYS J 40 24.49 -34.76 3.08
C LYS J 40 24.00 -33.42 2.55
N ILE J 41 24.31 -32.33 3.27
CA ILE J 41 23.88 -31.00 2.86
C ILE J 41 24.83 -30.41 1.82
N LEU J 42 24.28 -30.12 0.65
CA LEU J 42 25.06 -29.56 -0.44
C LEU J 42 25.14 -28.04 -0.31
N VAL J 43 24.01 -27.43 0.01
CA VAL J 43 23.91 -25.99 0.22
C VAL J 43 23.08 -25.80 1.48
N PRO J 44 23.59 -25.04 2.44
CA PRO J 44 22.83 -24.83 3.68
C PRO J 44 21.75 -23.74 3.63
N LYS J 45 20.85 -23.78 4.60
CA LYS J 45 19.79 -22.79 4.69
C LYS J 45 20.38 -21.57 5.40
N VAL J 46 20.44 -20.44 4.69
CA VAL J 46 20.97 -19.22 5.28
C VAL J 46 19.96 -18.10 5.07
N SER J 47 19.33 -17.70 6.16
CA SER J 47 18.30 -16.67 6.12
C SER J 47 18.51 -15.56 7.16
N GLY J 48 18.04 -14.36 6.83
CA GLY J 48 18.19 -13.26 7.76
C GLY J 48 17.28 -13.46 8.95
N LEU J 49 16.44 -14.48 8.88
CA LEU J 49 15.52 -14.76 9.96
C LEU J 49 16.00 -15.82 10.95
N GLN J 50 17.27 -16.21 10.86
CA GLN J 50 17.78 -17.20 11.78
C GLN J 50 18.58 -16.50 12.85
N TYR J 51 18.75 -17.18 13.98
CA TYR J 51 19.56 -16.67 15.06
C TYR J 51 20.98 -17.04 14.69
N ARG J 52 21.92 -16.21 15.09
CA ARG J 52 23.34 -16.46 14.85
C ARG J 52 23.93 -16.49 16.25
N VAL J 53 24.31 -17.66 16.70
CA VAL J 53 24.87 -17.79 18.02
C VAL J 53 26.34 -18.12 17.88
N PHE J 54 27.19 -17.15 18.24
CA PHE J 54 28.63 -17.32 18.17
C PHE J 54 29.24 -17.78 19.49
N ARG J 55 29.97 -18.88 19.42
CA ARG J 55 30.66 -19.47 20.56
C ARG J 55 32.11 -18.98 20.40
N ILE J 56 32.44 -17.92 21.11
CA ILE J 56 33.76 -17.30 21.05
C ILE J 56 34.78 -17.95 21.96
N HIS J 57 35.84 -18.48 21.37
CA HIS J 57 36.87 -19.13 22.17
C HIS J 57 38.03 -18.19 22.42
N LEU J 58 38.36 -18.01 23.69
CA LEU J 58 39.45 -17.13 24.06
C LEU J 58 40.68 -17.88 24.53
N PRO J 59 41.86 -17.31 24.32
CA PRO J 59 43.05 -18.01 24.79
C PRO J 59 43.04 -17.98 26.31
N ASP J 60 43.36 -19.10 26.97
CA ASP J 60 43.41 -19.12 28.44
C ASP J 60 44.46 -18.11 28.93
N PRO J 61 44.02 -17.05 29.61
CA PRO J 61 45.00 -16.06 30.09
C PRO J 61 46.10 -16.67 30.97
N ASN J 62 45.83 -17.82 31.55
CA ASN J 62 46.80 -18.49 32.42
C ASN J 62 47.88 -19.22 31.59
N LYS J 63 47.48 -19.73 30.43
CA LYS J 63 48.39 -20.43 29.54
C LYS J 63 49.04 -19.42 28.58
N PHE J 64 48.40 -18.27 28.43
CA PHE J 64 48.86 -17.19 27.57
C PHE J 64 50.28 -16.77 27.91
N GLY J 65 50.95 -16.15 26.94
CA GLY J 65 52.32 -15.71 27.15
C GLY J 65 52.47 -14.22 27.13
N PHE J 66 52.34 -13.58 28.30
CA PHE J 66 52.48 -12.14 28.37
C PHE J 66 53.94 -11.73 28.47
N PRO J 67 54.28 -10.56 27.94
CA PRO J 67 55.65 -10.03 27.98
C PRO J 67 56.08 -9.82 29.42
N ASP J 68 55.13 -9.37 30.24
CA ASP J 68 55.39 -9.14 31.65
C ASP J 68 54.39 -9.97 32.46
N THR J 69 54.86 -10.56 33.55
CA THR J 69 54.00 -11.38 34.40
C THR J 69 54.12 -11.00 35.89
N SER J 70 54.69 -9.82 36.13
CA SER J 70 54.88 -9.31 37.49
C SER J 70 53.57 -8.77 38.07
N PHE J 71 52.63 -8.41 37.19
CA PHE J 71 51.36 -7.87 37.61
C PHE J 71 50.51 -8.79 38.48
N TYR J 72 50.91 -10.05 38.63
CA TYR J 72 50.16 -10.99 39.48
C TYR J 72 50.98 -12.17 40.01
N ASN J 73 50.45 -12.84 41.02
CA ASN J 73 51.12 -13.99 41.61
C ASN J 73 50.42 -15.29 41.19
N PRO J 74 51.06 -16.03 40.27
CA PRO J 74 50.53 -17.30 39.76
C PRO J 74 50.36 -18.41 40.80
N ASP J 75 50.70 -18.11 42.05
CA ASP J 75 50.60 -19.07 43.14
C ASP J 75 49.31 -18.85 43.92
N THR J 76 49.07 -17.61 44.30
CA THR J 76 47.88 -17.28 45.06
C THR J 76 46.68 -17.00 44.16
N GLN J 77 46.93 -16.56 42.92
CA GLN J 77 45.82 -16.23 42.04
C GLN J 77 45.76 -16.83 40.63
N ARG J 78 44.70 -16.49 39.92
CA ARG J 78 44.44 -16.98 38.57
C ARG J 78 43.98 -15.81 37.69
N LEU J 79 43.93 -16.03 36.38
CA LEU J 79 43.52 -14.98 35.46
C LEU J 79 42.27 -15.31 34.66
N VAL J 80 41.46 -14.27 34.40
CA VAL J 80 40.21 -14.41 33.62
C VAL J 80 40.07 -13.22 32.70
N TRP J 81 39.48 -13.46 31.52
CA TRP J 81 39.26 -12.36 30.59
C TRP J 81 37.89 -11.72 30.87
N ALA J 82 37.84 -10.40 30.82
CA ALA J 82 36.59 -9.67 31.03
C ALA J 82 36.26 -8.89 29.76
N CYS J 83 35.05 -9.11 29.24
CA CYS J 83 34.61 -8.41 28.03
C CYS J 83 34.20 -6.97 28.37
N VAL J 84 34.84 -6.01 27.76
CA VAL J 84 34.55 -4.62 28.04
C VAL J 84 34.02 -3.84 26.85
N GLY J 85 34.19 -4.38 25.65
CA GLY J 85 33.70 -3.68 24.49
C GLY J 85 33.40 -4.64 23.36
N VAL J 86 32.29 -4.42 22.67
CA VAL J 86 31.90 -5.29 21.55
C VAL J 86 31.37 -4.45 20.41
N GLU J 87 31.69 -4.87 19.19
CA GLU J 87 31.20 -4.19 18.01
C GLU J 87 30.76 -5.26 17.02
N VAL J 88 29.46 -5.39 16.84
CA VAL J 88 28.96 -6.37 15.89
C VAL J 88 28.86 -5.72 14.52
N GLY J 89 29.86 -5.94 13.68
CA GLY J 89 29.84 -5.34 12.35
C GLY J 89 28.98 -6.15 11.41
N ARG J 90 28.18 -5.47 10.60
CA ARG J 90 27.28 -6.09 9.62
C ARG J 90 27.68 -5.51 8.29
N GLY J 91 27.60 -6.29 7.22
CA GLY J 91 28.08 -5.75 5.96
C GLY J 91 27.34 -5.71 4.66
N GLN J 92 26.16 -6.27 4.58
CA GLN J 92 25.51 -6.17 3.29
C GLN J 92 24.67 -4.91 3.31
N PRO J 93 24.09 -4.53 2.17
CA PRO J 93 23.26 -3.32 2.20
C PRO J 93 21.92 -3.63 2.90
N LEU J 94 21.29 -2.61 3.47
CA LEU J 94 20.01 -2.81 4.15
C LEU J 94 18.97 -3.21 3.15
N GLY J 95 18.06 -4.08 3.55
CA GLY J 95 17.01 -4.52 2.64
C GLY J 95 16.07 -5.52 3.26
N VAL J 96 14.93 -5.77 2.63
CA VAL J 96 13.97 -6.71 3.21
C VAL J 96 13.73 -7.94 2.36
N GLY J 97 13.74 -9.09 3.03
CA GLY J 97 13.52 -10.37 2.36
C GLY J 97 12.05 -10.63 2.09
N ILE J 98 11.68 -11.89 2.07
CA ILE J 98 10.30 -12.25 1.78
C ILE J 98 10.20 -13.79 1.77
N SER J 99 9.17 -14.33 2.38
CA SER J 99 8.99 -15.77 2.47
C SER J 99 7.53 -16.16 2.22
N GLY J 100 7.34 -17.32 1.60
CA GLY J 100 5.99 -17.77 1.34
C GLY J 100 5.83 -19.27 1.35
N HIS J 101 4.72 -19.74 0.77
CA HIS J 101 4.44 -21.16 0.68
C HIS J 101 3.55 -21.34 -0.55
N PRO J 102 3.87 -22.32 -1.43
CA PRO J 102 3.11 -22.61 -2.65
C PRO J 102 1.74 -23.16 -2.35
N LEU J 103 1.57 -23.68 -1.13
CA LEU J 103 0.28 -24.23 -0.71
C LEU J 103 -0.06 -23.75 0.71
N LEU J 104 -0.12 -22.43 0.89
CA LEU J 104 -0.42 -21.86 2.18
C LEU J 104 -1.90 -22.02 2.48
N ASN J 105 -2.24 -22.40 3.71
CA ASN J 105 -3.64 -22.56 4.07
C ASN J 105 -4.35 -21.21 4.22
N LYS J 106 -4.82 -20.69 3.10
CA LYS J 106 -5.52 -19.42 3.09
C LYS J 106 -6.81 -19.56 2.31
N LEU J 107 -7.92 -19.62 3.03
CA LEU J 107 -9.22 -19.75 2.40
C LEU J 107 -9.52 -18.43 1.69
N ASP J 108 -10.30 -17.56 2.31
CA ASP J 108 -10.60 -16.30 1.66
C ASP J 108 -10.09 -15.05 2.35
N ASP J 109 -10.18 -13.93 1.63
CA ASP J 109 -9.75 -12.64 2.14
C ASP J 109 -10.85 -12.14 3.06
N THR J 110 -10.57 -12.05 4.35
CA THR J 110 -11.62 -11.62 5.27
C THR J 110 -11.56 -10.15 5.67
N GLU J 111 -10.60 -9.41 5.07
CA GLU J 111 -10.40 -7.99 5.36
C GLU J 111 -11.52 -7.10 4.83
N ASN J 112 -12.20 -7.60 3.80
CA ASN J 112 -13.30 -6.88 3.17
C ASN J 112 -13.92 -7.81 2.12
N ALA J 113 -15.21 -8.14 2.26
CA ALA J 113 -15.87 -9.03 1.31
C ALA J 113 -17.20 -8.45 0.85
N SER J 114 -17.49 -8.56 -0.44
CA SER J 114 -18.72 -8.01 -1.02
C SER J 114 -19.92 -8.98 -1.03
N ALA J 115 -19.61 -10.27 -0.90
CA ALA J 115 -20.64 -11.29 -0.87
C ALA J 115 -20.08 -12.45 -0.07
N TYR J 116 -20.95 -13.28 0.47
CA TYR J 116 -20.49 -14.40 1.26
C TYR J 116 -19.65 -15.33 0.39
N ALA J 117 -18.46 -15.67 0.88
CA ALA J 117 -17.53 -16.55 0.15
C ALA J 117 -18.20 -17.88 -0.19
N ALA J 118 -17.71 -18.53 -1.25
CA ALA J 118 -18.23 -19.80 -1.74
C ALA J 118 -18.30 -20.90 -0.67
N ASN J 119 -17.68 -22.04 -0.94
CA ASN J 119 -17.66 -23.16 0.00
C ASN J 119 -16.34 -23.91 -0.11
N ALA J 120 -15.71 -24.17 1.03
CA ALA J 120 -14.45 -24.88 1.05
C ALA J 120 -14.63 -26.26 0.40
N GLY J 121 -13.84 -26.51 -0.64
CA GLY J 121 -13.91 -27.79 -1.32
C GLY J 121 -12.79 -28.65 -0.76
N VAL J 122 -11.91 -29.09 -1.63
CA VAL J 122 -10.79 -29.91 -1.19
C VAL J 122 -9.56 -29.10 -1.56
N ASP J 123 -8.70 -28.82 -0.59
CA ASP J 123 -7.49 -28.06 -0.91
C ASP J 123 -7.73 -26.71 -1.62
N ASN J 124 -7.96 -25.67 -0.84
CA ASN J 124 -8.17 -24.31 -1.37
C ASN J 124 -6.92 -23.47 -1.12
N ARG J 125 -5.80 -24.15 -0.84
CA ARG J 125 -4.53 -23.49 -0.57
C ARG J 125 -4.05 -22.61 -1.71
N GLU J 126 -3.41 -21.48 -1.38
CA GLU J 126 -2.90 -20.52 -2.36
C GLU J 126 -1.38 -20.32 -2.24
N CYS J 127 -0.74 -19.89 -3.33
CA CYS J 127 0.68 -19.61 -3.34
C CYS J 127 0.83 -18.19 -2.78
N ILE J 128 1.23 -18.07 -1.52
CA ILE J 128 1.33 -16.77 -0.89
C ILE J 128 2.62 -16.44 -0.15
N SER J 129 3.05 -15.19 -0.28
CA SER J 129 4.27 -14.74 0.39
C SER J 129 4.00 -13.53 1.28
N MET J 130 4.97 -13.20 2.12
CA MET J 130 4.81 -12.09 3.03
C MET J 130 6.17 -11.59 3.50
N ASP J 131 6.20 -10.38 4.04
CA ASP J 131 7.46 -9.82 4.57
C ASP J 131 7.34 -9.92 6.10
N TYR J 132 8.16 -10.81 6.66
CA TYR J 132 8.18 -11.08 8.09
C TYR J 132 8.36 -9.86 8.96
N LYS J 133 8.16 -10.02 10.26
CA LYS J 133 8.32 -8.92 11.19
C LYS J 133 9.81 -8.62 11.39
N GLN J 134 10.12 -7.34 11.41
CA GLN J 134 11.48 -6.89 11.59
C GLN J 134 11.97 -7.16 13.01
N THR J 135 13.19 -7.67 13.12
CA THR J 135 13.77 -7.95 14.43
C THR J 135 15.27 -7.69 14.42
N GLN J 136 15.75 -6.98 15.44
CA GLN J 136 17.18 -6.72 15.60
C GLN J 136 17.47 -7.00 17.04
N LEU J 137 18.43 -7.87 17.32
CA LEU J 137 18.75 -8.14 18.72
C LEU J 137 20.16 -8.64 18.89
N CYS J 138 20.72 -8.40 20.07
CA CYS J 138 22.07 -8.82 20.37
C CYS J 138 22.18 -9.18 21.83
N LEU J 139 22.52 -10.44 22.11
CA LEU J 139 22.65 -10.94 23.48
C LEU J 139 24.11 -11.33 23.71
N ILE J 140 24.66 -10.94 24.86
CA ILE J 140 26.03 -11.30 25.20
C ILE J 140 26.13 -11.81 26.63
N GLY J 141 26.84 -12.92 26.80
CA GLY J 141 27.03 -13.50 28.10
C GLY J 141 28.10 -14.57 28.01
N CYS J 142 28.38 -15.28 29.12
CA CYS J 142 29.38 -16.33 29.07
C CYS J 142 28.72 -17.70 29.06
N LYS J 143 27.40 -17.73 28.89
CA LYS J 143 26.64 -18.97 28.80
C LYS J 143 25.76 -18.84 27.57
N PRO J 144 25.41 -19.97 26.95
CA PRO J 144 24.55 -19.84 25.76
C PRO J 144 23.20 -19.21 26.11
N PRO J 145 22.56 -18.56 25.14
CA PRO J 145 21.26 -17.91 25.33
C PRO J 145 20.10 -18.90 25.47
N ILE J 146 19.06 -18.51 26.18
CA ILE J 146 17.92 -19.39 26.37
C ILE J 146 16.63 -18.81 25.82
N GLY J 147 15.91 -19.63 25.06
CA GLY J 147 14.66 -19.17 24.49
C GLY J 147 13.41 -19.89 25.01
N GLU J 148 12.26 -19.37 24.60
CA GLU J 148 10.98 -19.94 24.95
C GLU J 148 10.13 -20.06 23.69
N HIS J 149 9.24 -21.05 23.66
CA HIS J 149 8.36 -21.25 22.53
C HIS J 149 7.25 -22.18 22.98
N TRP J 150 6.12 -22.16 22.28
CA TRP J 150 5.04 -23.06 22.67
C TRP J 150 5.19 -24.34 21.88
N GLY J 151 5.04 -25.46 22.57
CA GLY J 151 5.15 -26.75 21.93
C GLY J 151 3.97 -27.61 22.37
N LYS J 152 3.96 -28.88 21.97
CA LYS J 152 2.87 -29.76 22.36
C LYS J 152 3.13 -30.33 23.75
N GLY J 153 2.34 -29.90 24.73
CA GLY J 153 2.52 -30.41 26.07
C GLY J 153 2.13 -31.87 26.16
N SER J 154 2.48 -32.52 27.27
CA SER J 154 2.13 -33.91 27.49
C SER J 154 0.66 -33.94 27.97
N PRO J 155 -0.15 -34.89 27.45
CA PRO J 155 -1.55 -34.97 27.84
C PRO J 155 -1.78 -35.60 29.21
N CYS J 156 -2.89 -35.23 29.86
CA CYS J 156 -3.30 -35.76 31.17
C CYS J 156 -3.84 -37.18 30.93
N THR J 157 -3.53 -38.12 31.82
CA THR J 157 -4.02 -39.48 31.65
C THR J 157 -5.49 -39.62 32.01
N GLN J 158 -6.35 -39.34 31.05
CA GLN J 158 -7.79 -39.45 31.22
C GLN J 158 -8.44 -39.70 29.86
N VAL J 159 -9.20 -38.70 29.44
CA VAL J 159 -9.95 -38.70 28.19
C VAL J 159 -9.04 -38.99 27.00
N ALA J 160 -9.14 -40.20 26.45
CA ALA J 160 -8.30 -40.58 25.31
C ALA J 160 -8.40 -39.57 24.19
N VAL J 161 -7.27 -38.95 23.86
CA VAL J 161 -7.20 -37.96 22.80
C VAL J 161 -7.83 -38.50 21.51
N GLN J 162 -8.99 -37.96 21.16
CA GLN J 162 -9.68 -38.37 19.94
C GLN J 162 -8.82 -37.80 18.81
N PRO J 163 -8.65 -38.57 17.71
CA PRO J 163 -7.83 -38.04 16.61
C PRO J 163 -8.35 -36.66 16.16
N GLY J 164 -7.44 -35.73 15.87
CA GLY J 164 -7.88 -34.42 15.44
C GLY J 164 -8.14 -33.47 16.59
N ASP J 165 -8.14 -34.01 17.81
CA ASP J 165 -8.35 -33.22 19.03
C ASP J 165 -7.25 -32.16 19.09
N CYS J 166 -7.58 -30.97 19.61
CA CYS J 166 -6.60 -29.90 19.72
C CYS J 166 -5.49 -30.35 20.67
N PRO J 167 -4.21 -30.19 20.27
CA PRO J 167 -3.10 -30.60 21.14
C PRO J 167 -2.85 -29.60 22.25
N PRO J 168 -2.43 -30.09 23.42
CA PRO J 168 -2.17 -29.22 24.56
C PRO J 168 -0.88 -28.39 24.40
N LEU J 169 -0.91 -27.15 24.88
CA LEU J 169 0.23 -26.24 24.79
C LEU J 169 1.11 -26.29 26.03
N GLU J 170 2.37 -25.91 25.87
CA GLU J 170 3.27 -25.91 27.00
C GLU J 170 4.47 -25.02 26.64
N LEU J 171 4.74 -24.01 27.45
CA LEU J 171 5.87 -23.13 27.17
C LEU J 171 7.13 -23.95 27.48
N ILE J 172 7.99 -24.09 26.47
CA ILE J 172 9.19 -24.89 26.58
C ILE J 172 10.47 -24.06 26.47
N ASN J 173 11.30 -24.14 27.50
CA ASN J 173 12.56 -23.41 27.53
C ASN J 173 13.56 -24.26 26.76
N THR J 174 14.37 -23.62 25.94
CA THR J 174 15.34 -24.35 25.15
C THR J 174 16.62 -23.56 25.04
N VAL J 175 17.68 -24.16 24.50
CA VAL J 175 18.91 -23.42 24.32
C VAL J 175 18.81 -22.89 22.89
N ILE J 176 19.11 -21.62 22.69
CA ILE J 176 19.04 -21.08 21.35
C ILE J 176 20.29 -21.40 20.57
N GLN J 177 20.15 -22.26 19.57
CA GLN J 177 21.27 -22.67 18.77
C GLN J 177 21.39 -21.86 17.49
N ASP J 178 22.61 -21.86 16.95
CA ASP J 178 22.90 -21.14 15.73
C ASP J 178 22.12 -21.75 14.60
N GLY J 179 21.29 -20.94 13.95
CA GLY J 179 20.54 -21.48 12.84
C GLY J 179 19.08 -21.58 13.18
N ASP J 180 18.76 -21.45 14.47
CA ASP J 180 17.35 -21.50 14.87
C ASP J 180 16.59 -20.32 14.23
N MET J 181 15.27 -20.42 14.15
CA MET J 181 14.47 -19.36 13.55
C MET J 181 13.88 -18.43 14.61
N VAL J 182 13.69 -17.16 14.21
CA VAL J 182 13.13 -16.13 15.08
C VAL J 182 11.65 -15.99 14.80
N ASP J 183 10.87 -15.64 15.81
CA ASP J 183 9.45 -15.44 15.61
C ASP J 183 9.36 -14.48 14.41
N THR J 184 8.49 -14.79 13.46
CA THR J 184 8.37 -13.99 12.27
C THR J 184 7.03 -13.26 12.12
N GLY J 185 6.19 -13.35 13.16
CA GLY J 185 4.90 -12.71 13.11
C GLY J 185 3.83 -13.72 13.47
N PHE J 186 4.22 -14.99 13.56
CA PHE J 186 3.26 -16.03 13.96
C PHE J 186 3.56 -16.51 15.37
N GLY J 187 4.35 -15.73 16.11
CA GLY J 187 4.70 -16.07 17.48
C GLY J 187 5.81 -17.10 17.57
N ALA J 188 6.20 -17.44 18.80
CA ALA J 188 7.27 -18.40 19.01
C ALA J 188 6.69 -19.76 19.35
N MET J 189 6.59 -20.64 18.36
CA MET J 189 6.04 -21.96 18.57
C MET J 189 6.67 -23.00 17.67
N ASP J 190 6.38 -24.26 17.98
CA ASP J 190 6.91 -25.40 17.22
C ASP J 190 5.84 -25.81 16.21
N PHE J 191 5.96 -25.26 15.00
CA PHE J 191 5.00 -25.53 13.95
C PHE J 191 4.91 -26.97 13.46
N THR J 192 6.01 -27.71 13.60
CA THR J 192 6.05 -29.10 13.17
C THR J 192 5.09 -29.92 14.03
N THR J 193 5.28 -29.86 15.35
CA THR J 193 4.44 -30.62 16.26
C THR J 193 3.09 -29.98 16.61
N LEU J 194 2.82 -28.78 16.11
CA LEU J 194 1.55 -28.11 16.42
C LEU J 194 0.70 -27.80 15.17
N GLN J 195 1.21 -28.17 14.00
CA GLN J 195 0.48 -27.94 12.75
C GLN J 195 0.71 -29.08 11.77
N ALA J 196 -0.14 -30.10 11.87
CA ALA J 196 -0.04 -31.28 11.01
C ALA J 196 -0.16 -30.85 9.57
N ASN J 197 -0.96 -29.81 9.38
CA ASN J 197 -1.25 -29.18 8.11
C ASN J 197 -0.04 -29.00 7.20
N LYS J 198 1.06 -28.54 7.78
CA LYS J 198 2.31 -28.32 7.04
C LYS J 198 2.18 -27.19 6.00
N SER J 199 1.11 -26.40 6.12
CA SER J 199 0.85 -25.31 5.18
C SER J 199 0.33 -24.04 5.85
N GLU J 200 0.50 -23.93 7.16
CA GLU J 200 0.00 -22.76 7.88
C GLU J 200 0.91 -21.54 7.76
N VAL J 201 2.21 -21.78 7.56
CA VAL J 201 3.18 -20.71 7.47
C VAL J 201 4.16 -20.98 6.33
N PRO J 202 4.92 -19.96 5.89
CA PRO J 202 5.90 -20.13 4.81
C PRO J 202 6.88 -21.27 5.04
N LEU J 203 7.46 -21.78 3.95
CA LEU J 203 8.42 -22.89 4.03
C LEU J 203 9.55 -22.76 5.06
N ASP J 204 10.20 -21.60 5.13
CA ASP J 204 11.33 -21.39 6.03
C ASP J 204 11.13 -21.56 7.54
N ILE J 205 9.89 -21.61 8.01
CA ILE J 205 9.62 -21.80 9.46
C ILE J 205 8.59 -22.94 9.57
N CYS J 206 8.10 -23.31 8.40
CA CYS J 206 7.10 -24.36 8.21
C CYS J 206 7.32 -25.63 9.01
N THR J 207 8.55 -26.12 9.06
CA THR J 207 8.82 -27.33 9.83
C THR J 207 9.94 -27.06 10.81
N SER J 208 9.97 -25.84 11.35
CA SER J 208 10.97 -25.43 12.32
C SER J 208 10.31 -24.95 13.61
N ILE J 209 11.14 -24.40 14.50
CA ILE J 209 10.64 -23.84 15.75
C ILE J 209 11.10 -22.40 15.81
N CYS J 210 10.15 -21.49 15.97
CA CYS J 210 10.46 -20.09 16.10
C CYS J 210 10.58 -19.85 17.58
N LYS J 211 11.77 -19.48 18.02
CA LYS J 211 12.02 -19.26 19.42
C LYS J 211 12.21 -17.78 19.75
N TYR J 212 11.82 -17.39 20.95
CA TYR J 212 11.96 -16.00 21.39
C TYR J 212 12.85 -15.99 22.61
N PRO J 213 13.75 -15.02 22.71
CA PRO J 213 14.61 -15.00 23.89
C PRO J 213 13.77 -14.92 25.15
N ASP J 214 14.11 -15.72 26.16
CA ASP J 214 13.37 -15.67 27.40
C ASP J 214 14.13 -14.69 28.28
N TYR J 215 13.96 -13.40 27.97
CA TYR J 215 14.63 -12.33 28.70
C TYR J 215 14.33 -12.36 30.20
N ILE J 216 13.07 -12.63 30.56
CA ILE J 216 12.67 -12.70 31.96
C ILE J 216 13.52 -13.72 32.74
N LYS J 217 13.54 -14.96 32.25
CA LYS J 217 14.28 -16.04 32.91
C LYS J 217 15.76 -15.76 32.99
N MET J 218 16.36 -15.32 31.88
CA MET J 218 17.80 -15.04 31.88
C MET J 218 18.22 -13.96 32.85
N VAL J 219 17.41 -12.93 32.99
CA VAL J 219 17.75 -11.85 33.91
C VAL J 219 17.49 -12.25 35.37
N SER J 220 16.57 -13.19 35.57
CA SER J 220 16.26 -13.67 36.91
C SER J 220 17.42 -14.54 37.36
N GLU J 221 18.03 -15.21 36.40
CA GLU J 221 19.16 -16.08 36.67
C GLU J 221 20.02 -15.46 37.78
N PRO J 222 20.26 -16.20 38.86
CA PRO J 222 21.05 -15.76 40.01
C PRO J 222 22.41 -15.15 39.71
N TYR J 223 23.26 -15.88 38.98
CA TYR J 223 24.59 -15.38 38.67
C TYR J 223 24.65 -14.48 37.43
N GLY J 224 23.62 -14.58 36.59
CA GLY J 224 23.53 -13.77 35.39
C GLY J 224 24.65 -13.95 34.39
N ASP J 225 25.03 -15.20 34.15
CA ASP J 225 26.11 -15.50 33.21
C ASP J 225 25.57 -15.61 31.80
N SER J 226 24.34 -16.09 31.66
CA SER J 226 23.76 -16.28 30.33
C SER J 226 23.67 -15.00 29.51
N LEU J 227 23.51 -13.87 30.17
CA LEU J 227 23.47 -12.62 29.43
C LEU J 227 23.70 -11.43 30.34
N PHE J 228 24.78 -10.71 30.09
CA PHE J 228 25.08 -9.53 30.89
C PHE J 228 24.93 -8.22 30.11
N PHE J 229 24.28 -8.32 28.96
CA PHE J 229 24.04 -7.16 28.11
C PHE J 229 23.18 -7.56 26.91
N TYR J 230 22.25 -6.71 26.51
CA TYR J 230 21.42 -7.01 25.38
C TYR J 230 20.76 -5.78 24.76
N LEU J 231 20.39 -5.90 23.49
CA LEU J 231 19.72 -4.86 22.75
C LEU J 231 18.65 -5.54 21.91
N ARG J 232 17.42 -5.07 22.04
CA ARG J 232 16.33 -5.67 21.28
C ARG J 232 15.49 -4.59 20.60
N ARG J 233 15.09 -4.89 19.38
CA ARG J 233 14.30 -3.96 18.58
C ARG J 233 13.43 -4.78 17.61
N GLU J 234 12.14 -4.83 17.90
CA GLU J 234 11.21 -5.57 17.07
C GLU J 234 9.94 -4.76 16.81
N GLN J 235 9.44 -4.86 15.58
CA GLN J 235 8.24 -4.15 15.17
C GLN J 235 7.48 -4.98 14.14
N MET J 236 6.16 -4.80 14.10
CA MET J 236 5.33 -5.57 13.21
C MET J 236 3.93 -4.99 13.09
N PHE J 237 3.31 -5.18 11.93
CA PHE J 237 1.94 -4.72 11.74
C PHE J 237 1.18 -5.67 10.82
N VAL J 238 -0.15 -5.58 10.86
CA VAL J 238 -0.99 -6.45 10.06
C VAL J 238 -1.15 -5.99 8.61
N ARG J 239 -0.58 -6.74 7.67
CA ARG J 239 -0.69 -6.41 6.27
C ARG J 239 -2.05 -6.93 5.72
N HIS J 240 -2.33 -8.23 5.87
CA HIS J 240 -3.59 -8.81 5.39
C HIS J 240 -4.30 -9.63 6.44
N LEU J 241 -5.61 -9.77 6.28
CA LEU J 241 -6.41 -10.55 7.23
C LEU J 241 -7.11 -11.70 6.49
N PHE J 242 -6.66 -12.92 6.79
CA PHE J 242 -7.19 -14.11 6.15
C PHE J 242 -8.00 -15.09 6.97
N ASN J 243 -8.42 -16.15 6.29
CA ASN J 243 -9.24 -17.24 6.82
C ASN J 243 -8.45 -18.53 6.70
N ARG J 244 -8.73 -19.50 7.56
CA ARG J 244 -8.05 -20.79 7.47
C ARG J 244 -9.02 -21.86 6.96
N ALA J 245 -8.60 -22.61 5.95
CA ALA J 245 -9.43 -23.70 5.42
C ALA J 245 -9.19 -24.85 6.39
N GLY J 246 -10.06 -25.84 6.34
CA GLY J 246 -9.93 -26.98 7.25
C GLY J 246 -11.27 -27.14 7.91
N THR J 247 -11.35 -27.95 8.95
CA THR J 247 -12.65 -28.12 9.59
C THR J 247 -12.70 -27.64 11.01
N VAL J 248 -13.86 -27.09 11.39
CA VAL J 248 -14.05 -26.56 12.73
C VAL J 248 -13.55 -27.52 13.82
N GLY J 249 -12.54 -27.08 14.54
CA GLY J 249 -11.98 -27.87 15.62
C GLY J 249 -12.84 -27.57 16.82
N GLU J 250 -13.24 -26.32 16.94
CA GLU J 250 -14.09 -25.87 18.02
C GLU J 250 -15.15 -24.95 17.46
N ASN J 251 -16.41 -25.35 17.60
CA ASN J 251 -17.52 -24.58 17.06
C ASN J 251 -17.84 -23.30 17.80
N VAL J 252 -18.34 -22.34 17.03
CA VAL J 252 -18.70 -21.06 17.56
C VAL J 252 -19.96 -21.15 18.38
N PRO J 253 -19.88 -20.88 19.69
CA PRO J 253 -21.07 -20.95 20.54
C PRO J 253 -22.23 -20.16 19.92
N ASP J 254 -23.38 -20.80 19.72
CA ASP J 254 -24.52 -20.12 19.12
C ASP J 254 -25.16 -18.98 19.91
N ASP J 255 -24.66 -18.71 21.10
CA ASP J 255 -25.18 -17.61 21.91
C ASP J 255 -24.49 -16.31 21.48
N LEU J 256 -23.52 -16.46 20.57
CA LEU J 256 -22.76 -15.33 20.05
C LEU J 256 -23.25 -14.77 18.72
N TYR J 257 -24.34 -15.32 18.19
CA TYR J 257 -24.84 -14.87 16.90
C TYR J 257 -26.20 -15.42 16.56
N ILE J 258 -26.82 -14.81 15.56
CA ILE J 258 -28.13 -15.23 15.09
C ILE J 258 -27.98 -16.06 13.82
N LYS J 259 -28.47 -17.28 13.86
CA LYS J 259 -28.41 -18.19 12.72
C LYS J 259 -28.76 -17.48 11.42
N GLY J 260 -28.04 -17.83 10.37
CA GLY J 260 -28.29 -17.24 9.07
C GLY J 260 -29.32 -18.04 8.29
N SER J 261 -29.17 -18.06 6.97
CA SER J 261 -30.08 -18.79 6.08
C SER J 261 -29.62 -18.69 4.63
N GLY J 262 -29.97 -19.66 3.81
CA GLY J 262 -29.55 -19.61 2.42
C GLY J 262 -28.04 -19.68 2.37
N SER J 263 -27.40 -18.61 1.92
CA SER J 263 -25.94 -18.57 1.86
C SER J 263 -25.33 -18.45 3.26
N THR J 264 -25.88 -17.54 4.07
CA THR J 264 -25.40 -17.32 5.44
C THR J 264 -25.89 -18.42 6.40
N ALA J 265 -26.45 -19.49 5.84
CA ALA J 265 -26.95 -20.60 6.65
C ALA J 265 -25.75 -21.27 7.32
N ASN J 266 -24.70 -21.49 6.53
CA ASN J 266 -23.48 -22.12 7.00
C ASN J 266 -22.42 -21.09 7.35
N LEU J 267 -21.93 -21.17 8.59
CA LEU J 267 -20.90 -20.26 9.09
C LEU J 267 -19.57 -20.46 8.39
N ALA J 268 -18.96 -19.36 7.97
CA ALA J 268 -17.66 -19.39 7.31
C ALA J 268 -16.61 -19.56 8.40
N SER J 269 -15.44 -20.08 8.04
CA SER J 269 -14.38 -20.25 9.01
C SER J 269 -14.08 -18.95 9.74
N SER J 270 -14.11 -18.99 11.07
CA SER J 270 -13.81 -17.81 11.86
C SER J 270 -12.46 -18.05 12.53
N ASN J 271 -11.64 -18.84 11.86
CA ASN J 271 -10.29 -19.16 12.28
C ASN J 271 -9.39 -18.22 11.48
N TYR J 272 -9.47 -16.94 11.82
CA TYR J 272 -8.70 -15.90 11.14
C TYR J 272 -7.23 -15.91 11.53
N PHE J 273 -6.40 -15.43 10.62
CA PHE J 273 -4.98 -15.32 10.85
C PHE J 273 -4.49 -14.15 9.99
N PRO J 274 -3.65 -13.30 10.57
CA PRO J 274 -3.15 -12.14 9.84
C PRO J 274 -1.79 -12.42 9.21
N THR J 275 -1.46 -11.59 8.23
CA THR J 275 -0.19 -11.67 7.51
C THR J 275 0.68 -10.60 8.13
N PRO J 276 1.86 -10.98 8.62
CA PRO J 276 2.70 -9.94 9.24
C PRO J 276 3.41 -9.06 8.22
N SER J 277 4.05 -8.00 8.72
CA SER J 277 4.82 -7.08 7.90
C SER J 277 5.66 -6.18 8.75
N GLY J 278 6.97 -6.41 8.71
CA GLY J 278 7.89 -5.56 9.45
C GLY J 278 8.08 -4.44 8.46
N SER J 279 7.61 -3.26 8.79
CA SER J 279 7.68 -2.13 7.88
C SER J 279 9.05 -1.85 7.26
N MET J 280 9.27 -0.58 6.96
CA MET J 280 10.50 -0.09 6.36
C MET J 280 11.71 -0.29 7.27
N VAL J 281 12.88 -0.52 6.66
CA VAL J 281 14.12 -0.69 7.42
C VAL J 281 14.90 0.59 7.22
N THR J 282 15.62 1.02 8.25
CA THR J 282 16.36 2.28 8.17
C THR J 282 17.71 2.31 8.87
N SER J 283 18.59 3.16 8.38
CA SER J 283 19.92 3.34 8.94
C SER J 283 19.77 3.88 10.34
N ASP J 284 19.07 4.99 10.46
CA ASP J 284 18.87 5.62 11.74
C ASP J 284 18.47 4.64 12.85
N ALA J 285 17.85 3.53 12.48
CA ALA J 285 17.42 2.56 13.49
C ALA J 285 18.38 1.39 13.72
N GLN J 286 19.54 1.42 13.08
CA GLN J 286 20.51 0.34 13.23
C GLN J 286 21.04 0.18 14.63
N ILE J 287 21.24 -1.07 15.00
CA ILE J 287 21.71 -1.47 16.32
C ILE J 287 23.17 -1.82 16.23
N PHE J 288 23.59 -2.31 15.06
CA PHE J 288 24.94 -2.76 14.82
C PHE J 288 25.89 -1.70 14.27
N ASN J 289 27.16 -2.08 14.07
CA ASN J 289 28.18 -1.18 13.58
C ASN J 289 28.30 0.01 14.51
N LYS J 290 28.07 -0.26 15.78
CA LYS J 290 28.14 0.71 16.87
C LYS J 290 28.80 -0.10 17.98
N PRO J 291 29.71 0.52 18.74
CA PRO J 291 30.37 -0.23 19.84
C PRO J 291 29.49 -0.26 21.07
N TYR J 292 29.54 -1.35 21.83
CA TYR J 292 28.78 -1.46 23.07
C TYR J 292 29.79 -1.51 24.23
N TRP J 293 29.72 -0.57 25.15
CA TRP J 293 30.66 -0.57 26.28
C TRP J 293 30.03 -1.27 27.48
N LEU J 294 30.43 -2.51 27.75
CA LEU J 294 29.90 -3.31 28.85
C LEU J 294 30.56 -2.96 30.16
N GLN J 295 30.34 -1.76 30.65
CA GLN J 295 30.97 -1.34 31.89
C GLN J 295 30.25 -1.75 33.18
N ARG J 296 28.95 -1.46 33.26
CA ARG J 296 28.18 -1.79 34.45
C ARG J 296 27.11 -2.77 34.06
N ALA J 297 27.21 -4.01 34.51
CA ALA J 297 26.18 -4.96 34.14
C ALA J 297 25.06 -4.93 35.15
N GLN J 298 23.85 -5.27 34.71
CA GLN J 298 22.70 -5.29 35.60
C GLN J 298 22.68 -6.58 36.43
N GLY J 299 23.45 -7.58 35.98
CA GLY J 299 23.53 -8.84 36.69
C GLY J 299 24.76 -8.85 37.58
N HIS J 300 24.95 -9.92 38.34
CA HIS J 300 26.12 -9.99 39.21
C HIS J 300 27.42 -10.30 38.47
N ASN J 301 27.30 -10.95 37.32
CA ASN J 301 28.49 -11.24 36.54
C ASN J 301 28.71 -10.03 35.66
N ASN J 302 29.72 -9.25 35.96
CA ASN J 302 29.95 -8.06 35.17
C ASN J 302 30.85 -8.29 33.98
N GLY J 303 30.39 -9.13 33.05
CA GLY J 303 31.17 -9.39 31.85
C GLY J 303 32.41 -10.26 32.01
N ILE J 304 32.43 -11.11 33.02
CA ILE J 304 33.56 -11.99 33.21
C ILE J 304 33.31 -13.19 32.31
N CYS J 305 34.31 -13.54 31.52
CA CYS J 305 34.19 -14.66 30.61
C CYS J 305 34.72 -15.98 31.19
N TRP J 306 34.02 -16.50 32.21
CA TRP J 306 34.41 -17.74 32.85
C TRP J 306 34.58 -18.81 31.76
N GLY J 307 35.61 -19.63 31.90
CA GLY J 307 35.86 -20.67 30.93
C GLY J 307 36.51 -20.16 29.67
N ASN J 308 36.90 -18.89 29.69
CA ASN J 308 37.53 -18.27 28.52
C ASN J 308 36.59 -18.40 27.32
N GLN J 309 35.29 -18.40 27.60
CA GLN J 309 34.24 -18.50 26.61
C GLN J 309 33.51 -17.16 26.57
N LEU J 310 32.66 -17.00 25.56
CA LEU J 310 31.91 -15.77 25.38
C LEU J 310 30.84 -16.05 24.33
N PHE J 311 29.58 -15.74 24.62
CA PHE J 311 28.52 -15.98 23.65
C PHE J 311 27.95 -14.68 23.10
N VAL J 312 27.81 -14.63 21.78
CA VAL J 312 27.25 -13.45 21.13
C VAL J 312 26.16 -13.92 20.22
N THR J 313 24.93 -13.68 20.65
CA THR J 313 23.76 -14.05 19.86
C THR J 313 23.25 -12.82 19.09
N VAL J 314 22.92 -13.01 17.81
CA VAL J 314 22.45 -11.92 16.99
C VAL J 314 21.31 -12.34 16.08
N VAL J 315 20.49 -11.36 15.73
CA VAL J 315 19.40 -11.59 14.79
C VAL J 315 19.29 -10.24 14.12
N ASP J 316 19.38 -10.22 12.79
CA ASP J 316 19.28 -8.98 12.06
C ASP J 316 18.51 -9.23 10.80
N THR J 317 17.28 -8.71 10.72
CA THR J 317 16.45 -8.91 9.51
C THR J 317 16.40 -7.64 8.65
N THR J 318 17.32 -6.70 8.91
CA THR J 318 17.35 -5.46 8.17
C THR J 318 18.28 -5.57 6.97
N ARG J 319 18.72 -6.80 6.68
CA ARG J 319 19.60 -7.09 5.54
C ARG J 319 19.20 -8.45 5.02
N SER J 320 17.91 -8.73 5.03
CA SER J 320 17.38 -10.02 4.60
C SER J 320 17.16 -10.20 3.11
N THR J 321 17.68 -9.28 2.31
CA THR J 321 17.55 -9.37 0.85
C THR J 321 17.96 -10.74 0.35
N ASN J 322 17.10 -11.35 -0.45
CA ASN J 322 17.41 -12.64 -1.06
C ASN J 322 17.63 -12.28 -2.52
N MET J 323 18.61 -12.89 -3.16
CA MET J 323 18.84 -12.56 -4.56
C MET J 323 18.57 -13.74 -5.45
N SER J 324 17.74 -13.55 -6.47
CA SER J 324 17.45 -14.62 -7.39
C SER J 324 18.47 -14.59 -8.51
N LEU J 325 19.05 -15.74 -8.82
CA LEU J 325 20.01 -15.81 -9.91
C LEU J 325 19.60 -16.99 -10.79
N CYS J 326 19.38 -16.73 -12.08
CA CYS J 326 18.99 -17.80 -12.97
C CYS J 326 20.00 -17.99 -14.10
N ALA J 327 20.23 -19.25 -14.45
CA ALA J 327 21.16 -19.62 -15.51
C ALA J 327 20.37 -20.16 -16.70
N ALA J 328 20.84 -19.84 -17.90
CA ALA J 328 20.17 -20.29 -19.12
C ALA J 328 20.63 -21.70 -19.45
N ILE J 329 19.70 -22.53 -19.90
CA ILE J 329 20.04 -23.89 -20.23
C ILE J 329 20.67 -23.91 -21.60
N SER J 330 20.29 -22.93 -22.41
CA SER J 330 20.80 -22.76 -23.76
C SER J 330 21.07 -21.29 -24.01
N THR J 331 22.15 -20.98 -24.71
CA THR J 331 22.50 -19.60 -25.02
C THR J 331 22.26 -19.29 -26.51
N SER J 332 21.32 -20.00 -27.12
CA SER J 332 21.00 -19.84 -28.54
C SER J 332 19.81 -18.93 -28.84
N GLU J 333 18.64 -19.55 -28.95
CA GLU J 333 17.39 -18.86 -29.28
C GLU J 333 17.33 -17.44 -28.75
N THR J 334 16.83 -16.54 -29.59
CA THR J 334 16.70 -15.15 -29.22
C THR J 334 15.27 -14.87 -28.83
N THR J 335 14.59 -15.91 -28.36
CA THR J 335 13.22 -15.79 -27.92
C THR J 335 13.11 -16.37 -26.53
N TYR J 336 12.60 -15.56 -25.61
CA TYR J 336 12.45 -16.00 -24.23
C TYR J 336 11.56 -17.22 -24.14
N LYS J 337 11.97 -18.16 -23.27
CA LYS J 337 11.23 -19.38 -22.99
C LYS J 337 11.47 -19.68 -21.52
N ASN J 338 10.39 -19.68 -20.73
CA ASN J 338 10.55 -19.95 -19.31
C ASN J 338 11.30 -21.26 -19.10
N THR J 339 11.12 -22.19 -20.03
CA THR J 339 11.75 -23.50 -19.93
C THR J 339 13.25 -23.44 -20.15
N ASN J 340 13.73 -22.36 -20.75
CA ASN J 340 15.15 -22.22 -21.03
C ASN J 340 15.96 -21.71 -19.85
N PHE J 341 15.29 -21.25 -18.80
CA PHE J 341 15.99 -20.72 -17.63
C PHE J 341 15.64 -21.36 -16.29
N LYS J 342 16.67 -21.76 -15.56
CA LYS J 342 16.48 -22.38 -14.24
C LYS J 342 16.64 -21.29 -13.19
N GLU J 343 15.56 -20.99 -12.48
CA GLU J 343 15.55 -19.95 -11.45
C GLU J 343 15.94 -20.47 -10.09
N TYR J 344 16.77 -19.73 -9.37
CA TYR J 344 17.18 -20.12 -8.03
C TYR J 344 17.10 -18.93 -7.08
N LEU J 345 17.40 -19.19 -5.80
CA LEU J 345 17.39 -18.19 -4.74
C LEU J 345 18.56 -18.40 -3.79
N ARG J 346 19.23 -17.32 -3.45
CA ARG J 346 20.37 -17.38 -2.54
C ARG J 346 20.35 -16.15 -1.64
N HIS J 347 20.88 -16.30 -0.43
CA HIS J 347 20.94 -15.20 0.52
C HIS J 347 22.31 -15.18 1.18
N GLY J 348 22.90 -13.99 1.30
CA GLY J 348 24.21 -13.89 1.91
C GLY J 348 24.20 -13.04 3.16
N GLU J 349 24.99 -13.43 4.15
CA GLU J 349 25.07 -12.72 5.40
C GLU J 349 26.56 -12.41 5.64
N GLU J 350 26.86 -11.19 6.12
CA GLU J 350 28.24 -10.78 6.39
C GLU J 350 28.41 -10.23 7.80
N TYR J 351 29.31 -10.84 8.58
CA TYR J 351 29.57 -10.40 9.94
C TYR J 351 31.02 -10.05 10.16
N ASP J 352 31.28 -9.38 11.26
CA ASP J 352 32.63 -8.99 11.64
C ASP J 352 32.60 -8.62 13.11
N LEU J 353 32.96 -9.58 13.98
CA LEU J 353 32.95 -9.35 15.41
C LEU J 353 34.27 -8.77 15.93
N GLN J 354 34.18 -7.80 16.83
CA GLN J 354 35.35 -7.16 17.41
C GLN J 354 35.15 -6.97 18.90
N PHE J 355 36.19 -7.25 19.68
CA PHE J 355 36.07 -7.11 21.12
C PHE J 355 37.27 -6.45 21.75
N ILE J 356 37.07 -5.95 22.96
CA ILE J 356 38.12 -5.33 23.74
C ILE J 356 38.05 -6.11 25.04
N PHE J 357 39.13 -6.77 25.42
CA PHE J 357 39.09 -7.53 26.68
C PHE J 357 40.03 -6.96 27.72
N GLN J 358 39.60 -7.04 28.97
CA GLN J 358 40.41 -6.56 30.09
C GLN J 358 40.83 -7.74 30.92
N LEU J 359 42.13 -7.84 31.17
CA LEU J 359 42.65 -8.93 31.99
C LEU J 359 42.24 -8.75 33.46
N CYS J 360 41.92 -9.86 34.12
CA CYS J 360 41.52 -9.82 35.51
C CYS J 360 42.22 -10.93 36.32
N LYS J 361 42.35 -10.71 37.63
CA LYS J 361 43.00 -11.67 38.51
C LYS J 361 42.12 -12.02 39.70
N ILE J 362 42.20 -13.27 40.15
CA ILE J 362 41.42 -13.72 41.29
C ILE J 362 42.29 -14.41 42.31
N THR J 363 42.46 -13.81 43.48
CA THR J 363 43.25 -14.45 44.51
C THR J 363 42.39 -15.57 45.06
N LEU J 364 42.86 -16.80 44.90
CA LEU J 364 42.12 -17.97 45.33
C LEU J 364 42.11 -18.26 46.83
N THR J 365 41.40 -17.43 47.59
CA THR J 365 41.29 -17.62 49.01
C THR J 365 40.30 -18.74 49.26
N ALA J 366 40.11 -19.07 50.53
CA ALA J 366 39.18 -20.12 50.90
C ALA J 366 37.78 -19.75 50.44
N ASP J 367 37.28 -18.65 50.96
CA ASP J 367 35.94 -18.18 50.63
C ASP J 367 35.75 -18.10 49.14
N VAL J 368 36.73 -17.52 48.46
CA VAL J 368 36.64 -17.37 47.02
C VAL J 368 36.48 -18.71 46.35
N MET J 369 37.28 -19.68 46.78
CA MET J 369 37.21 -21.00 46.21
C MET J 369 35.92 -21.74 46.53
N THR J 370 35.34 -21.43 47.67
CA THR J 370 34.08 -22.06 48.04
C THR J 370 33.01 -21.49 47.11
N TYR J 371 33.00 -20.16 46.96
CA TYR J 371 32.04 -19.48 46.11
C TYR J 371 32.13 -19.95 44.67
N ILE J 372 33.28 -19.68 44.05
CA ILE J 372 33.49 -20.08 42.67
C ILE J 372 33.16 -21.56 42.49
N HIS J 373 33.46 -22.38 43.49
CA HIS J 373 33.17 -23.81 43.40
C HIS J 373 31.68 -24.06 43.31
N SER J 374 30.92 -23.40 44.17
CA SER J 374 29.47 -23.58 44.17
C SER J 374 28.91 -23.07 42.86
N MET J 375 29.33 -21.88 42.48
CA MET J 375 28.85 -21.26 41.26
C MET J 375 29.01 -22.16 40.04
N ASN J 376 30.23 -22.64 39.83
CA ASN J 376 30.50 -23.50 38.69
C ASN J 376 31.81 -24.25 38.86
N SER J 377 31.76 -25.34 39.60
CA SER J 377 32.94 -26.17 39.86
C SER J 377 33.99 -26.33 38.76
N THR J 378 33.55 -26.37 37.52
CA THR J 378 34.49 -26.53 36.41
C THR J 378 35.52 -25.41 36.38
N ILE J 379 35.16 -24.21 36.81
CA ILE J 379 36.08 -23.06 36.81
C ILE J 379 37.42 -23.46 37.41
N LEU J 380 37.38 -23.88 38.67
CA LEU J 380 38.56 -24.30 39.41
C LEU J 380 39.23 -25.54 38.82
N GLU J 381 38.43 -26.54 38.45
CA GLU J 381 38.97 -27.77 37.89
C GLU J 381 39.79 -27.49 36.66
N ASP J 382 39.31 -26.59 35.82
CA ASP J 382 40.02 -26.25 34.59
C ASP J 382 41.23 -25.38 34.88
N TRP J 383 41.21 -24.66 36.00
CA TRP J 383 42.36 -23.82 36.29
C TRP J 383 43.57 -24.68 36.54
N ASN J 384 44.53 -24.22 37.32
CA ASN J 384 45.73 -25.05 37.47
C ASN J 384 45.52 -26.50 37.08
N GLU J 419 36.45 -32.30 28.02
CA GLU J 419 35.56 -32.34 26.87
C GLU J 419 34.42 -31.30 26.96
N ASP J 420 33.90 -30.84 25.80
CA ASP J 420 32.81 -29.84 25.67
C ASP J 420 31.46 -30.24 26.30
N PRO J 421 31.01 -29.48 27.32
CA PRO J 421 29.74 -29.73 28.03
C PRO J 421 28.47 -29.41 27.26
N LEU J 422 28.63 -28.80 26.08
CA LEU J 422 27.49 -28.46 25.24
C LEU J 422 27.68 -29.05 23.85
N LYS J 423 28.29 -30.24 23.78
CA LYS J 423 28.54 -30.90 22.49
C LYS J 423 27.25 -31.17 21.74
N LYS J 424 26.16 -31.32 22.51
CA LYS J 424 24.82 -31.57 21.97
C LYS J 424 24.33 -30.42 21.10
N TYR J 425 24.66 -29.20 21.51
CA TYR J 425 24.22 -28.01 20.81
C TYR J 425 25.20 -27.55 19.76
N THR J 426 24.70 -26.87 18.73
CA THR J 426 25.59 -26.39 17.69
C THR J 426 25.55 -24.87 17.53
N PHE J 427 26.73 -24.26 17.40
CA PHE J 427 26.84 -22.84 17.20
C PHE J 427 28.01 -22.52 16.30
N TRP J 428 27.99 -21.32 15.72
CA TRP J 428 29.06 -20.85 14.87
C TRP J 428 30.27 -20.76 15.78
N GLU J 429 31.21 -21.69 15.59
CA GLU J 429 32.41 -21.69 16.41
C GLU J 429 33.36 -20.61 15.95
N VAL J 430 33.85 -19.82 16.90
CA VAL J 430 34.77 -18.76 16.57
C VAL J 430 36.00 -18.86 17.45
N ASN J 431 37.16 -19.05 16.81
CA ASN J 431 38.38 -19.16 17.58
C ASN J 431 39.18 -17.87 17.56
N LEU J 432 39.42 -17.31 18.73
CA LEU J 432 40.19 -16.08 18.82
C LEU J 432 41.51 -16.24 19.54
N LYS J 433 41.91 -17.47 19.84
CA LYS J 433 43.16 -17.71 20.55
C LYS J 433 44.39 -17.07 19.91
N GLU J 434 44.37 -16.89 18.60
CA GLU J 434 45.49 -16.28 17.88
C GLU J 434 45.18 -14.85 17.43
N LYS J 435 44.07 -14.29 17.90
CA LYS J 435 43.65 -12.95 17.49
C LYS J 435 43.86 -11.81 18.49
N PHE J 436 44.29 -12.12 19.70
CA PHE J 436 44.49 -11.04 20.66
C PHE J 436 45.69 -10.19 20.31
N SER J 437 45.55 -8.89 20.52
CA SER J 437 46.62 -7.94 20.25
C SER J 437 46.63 -6.87 21.34
N ALA J 438 47.81 -6.51 21.82
CA ALA J 438 47.89 -5.51 22.85
C ALA J 438 47.86 -4.09 22.28
N ASP J 439 47.94 -3.95 20.96
CA ASP J 439 47.91 -2.60 20.35
C ASP J 439 46.51 -2.17 19.88
N LEU J 440 45.64 -1.83 20.82
CA LEU J 440 44.29 -1.42 20.48
C LEU J 440 44.39 -0.35 19.42
N ASP J 441 45.43 0.46 19.53
CA ASP J 441 45.72 1.55 18.62
C ASP J 441 45.49 1.15 17.15
N GLN J 442 46.00 -0.02 16.80
CA GLN J 442 45.93 -0.56 15.45
C GLN J 442 44.57 -1.06 14.93
N PHE J 443 43.54 -0.94 15.75
CA PHE J 443 42.24 -1.40 15.30
C PHE J 443 41.16 -0.35 15.51
N PRO J 444 40.12 -0.37 14.67
CA PRO J 444 39.03 0.60 14.80
C PRO J 444 38.28 0.55 16.15
N LEU J 445 37.92 -0.65 16.62
CA LEU J 445 37.23 -0.75 17.90
C LEU J 445 38.20 -0.32 18.97
N GLY J 446 39.48 -0.61 18.78
CA GLY J 446 40.49 -0.24 19.76
C GLY J 446 40.65 1.28 19.89
N ARG J 447 40.69 1.96 18.75
CA ARG J 447 40.83 3.40 18.78
C ARG J 447 39.62 3.93 19.53
N LYS J 448 38.45 3.54 19.07
CA LYS J 448 37.22 3.98 19.72
C LYS J 448 37.31 3.83 21.23
N PHE J 449 37.73 2.66 21.69
CA PHE J 449 37.83 2.38 23.11
C PHE J 449 38.76 3.36 23.82
N LEU J 450 39.95 3.53 23.29
CA LEU J 450 40.90 4.46 23.92
C LEU J 450 40.28 5.83 24.01
N LEU J 451 39.80 6.33 22.88
CA LEU J 451 39.16 7.65 22.85
C LEU J 451 38.03 7.74 23.88
N GLN J 452 37.20 6.71 23.95
CA GLN J 452 36.09 6.69 24.89
C GLN J 452 36.59 6.70 26.33
N LEU J 453 37.42 5.74 26.69
CA LEU J 453 37.92 5.66 28.04
C LEU J 453 39.03 6.65 28.36
N GLY J 454 39.32 7.58 27.45
CA GLY J 454 40.39 8.53 27.71
C GLY J 454 41.75 7.86 27.98
N LEU J 455 42.01 7.53 29.25
CA LEU J 455 43.26 6.87 29.63
C LEU J 455 43.19 5.34 29.43
N ALA K 1 54.11 -0.55 13.36
CA ALA K 1 52.88 0.08 13.93
C ALA K 1 52.50 1.35 13.17
N VAL K 2 51.20 1.59 13.00
CA VAL K 2 50.71 2.78 12.31
C VAL K 2 50.44 3.84 13.35
N VAL K 3 50.57 5.12 12.98
CA VAL K 3 50.33 6.21 13.92
C VAL K 3 49.49 7.33 13.32
N SER K 4 48.79 8.04 14.18
CA SER K 4 47.97 9.16 13.76
C SER K 4 48.84 10.14 13.01
N THR K 5 48.27 10.80 12.01
CA THR K 5 49.02 11.79 11.24
C THR K 5 49.38 12.97 12.14
N ASP K 6 48.63 13.14 13.23
CA ASP K 6 48.86 14.23 14.17
C ASP K 6 50.26 14.14 14.74
N GLU K 7 50.84 12.94 14.66
CA GLU K 7 52.19 12.66 15.17
C GLU K 7 53.29 13.32 14.32
N TYR K 8 53.22 13.11 13.02
CA TYR K 8 54.23 13.65 12.11
C TYR K 8 53.79 14.79 11.21
N VAL K 9 52.50 15.12 11.20
CA VAL K 9 52.06 16.21 10.33
C VAL K 9 51.78 17.46 11.17
N ALA K 10 52.49 18.53 10.87
CA ALA K 10 52.32 19.78 11.61
C ALA K 10 51.28 20.66 10.94
N ARG K 11 50.48 21.30 11.79
CA ARG K 11 49.40 22.16 11.34
C ARG K 11 49.77 23.65 11.33
N THR K 12 49.68 24.28 10.16
CA THR K 12 49.99 25.71 10.09
C THR K 12 48.71 26.46 10.38
N ASN K 13 48.76 27.77 10.21
CA ASN K 13 47.60 28.60 10.50
C ASN K 13 46.95 29.12 9.22
N ILE K 14 47.45 28.65 8.08
CA ILE K 14 46.92 29.08 6.78
C ILE K 14 45.75 28.19 6.37
N TYR K 15 44.68 28.83 5.89
CA TYR K 15 43.50 28.10 5.42
C TYR K 15 43.07 28.64 4.06
N TYR K 16 42.72 27.73 3.16
CA TYR K 16 42.27 28.13 1.84
C TYR K 16 40.90 27.52 1.54
N HIS K 17 40.14 28.22 0.71
CA HIS K 17 38.84 27.75 0.32
C HIS K 17 38.96 27.39 -1.14
N ALA K 18 38.21 26.38 -1.55
CA ALA K 18 38.24 25.93 -2.93
C ALA K 18 36.89 25.34 -3.25
N GLY K 19 36.42 25.54 -4.48
CA GLY K 19 35.13 25.02 -4.85
C GLY K 19 34.93 24.91 -6.35
N THR K 20 34.10 23.94 -6.74
CA THR K 20 33.76 23.74 -8.14
C THR K 20 32.76 24.85 -8.43
N SER K 21 32.65 25.25 -9.68
CA SER K 21 31.71 26.32 -10.00
C SER K 21 30.28 25.85 -9.74
N ARG K 22 29.91 24.79 -10.44
CA ARG K 22 28.60 24.18 -10.35
C ARG K 22 28.61 23.10 -11.37
N LEU K 23 28.77 21.87 -10.92
CA LEU K 23 28.79 20.73 -11.82
C LEU K 23 27.38 20.38 -12.28
N LEU K 24 27.25 19.98 -13.54
CA LEU K 24 25.95 19.66 -14.09
C LEU K 24 26.03 18.38 -14.93
N ALA K 25 25.04 17.49 -14.81
CA ALA K 25 25.03 16.24 -15.57
C ALA K 25 23.65 15.93 -16.11
N VAL K 26 23.54 15.76 -17.41
CA VAL K 26 22.25 15.50 -18.03
C VAL K 26 22.37 14.30 -18.94
N GLY K 27 21.39 13.40 -18.87
CA GLY K 27 21.46 12.23 -19.72
C GLY K 27 20.18 11.44 -19.62
N HIS K 28 20.23 10.21 -20.11
CA HIS K 28 19.07 9.32 -20.03
C HIS K 28 19.18 8.54 -18.72
N PRO K 29 18.08 8.39 -18.00
CA PRO K 29 18.01 7.69 -16.72
C PRO K 29 18.33 6.20 -16.69
N TYR K 30 17.98 5.48 -17.77
CA TYR K 30 18.19 4.01 -17.81
C TYR K 30 19.38 3.48 -18.60
N PHE K 31 19.69 4.10 -19.73
CA PHE K 31 20.78 3.60 -20.54
C PHE K 31 21.35 4.70 -21.43
N PRO K 32 22.54 4.48 -21.98
CA PRO K 32 23.11 5.54 -22.84
C PRO K 32 22.54 5.46 -24.24
N ILE K 33 22.33 6.61 -24.84
CA ILE K 33 21.83 6.70 -26.20
C ILE K 33 23.04 6.81 -27.11
N LYS K 34 23.16 5.89 -28.06
CA LYS K 34 24.29 5.92 -28.98
C LYS K 34 23.87 5.56 -30.39
N LYS K 35 24.80 5.71 -31.33
CA LYS K 35 24.51 5.37 -32.72
C LYS K 35 24.50 3.83 -32.80
N PRO K 36 23.46 3.22 -33.41
CA PRO K 36 23.32 1.76 -33.54
C PRO K 36 24.51 1.08 -34.26
N ASN K 37 24.81 1.60 -35.44
CA ASN K 37 25.93 1.12 -36.27
C ASN K 37 27.23 1.44 -35.55
N ASN K 38 27.21 2.55 -34.81
CA ASN K 38 28.38 3.05 -34.08
C ASN K 38 28.44 2.58 -32.61
N ASN K 39 29.34 3.16 -31.83
CA ASN K 39 29.49 2.79 -30.43
C ASN K 39 29.77 4.03 -29.60
N LYS K 40 29.93 5.14 -30.30
CA LYS K 40 30.19 6.44 -29.68
C LYS K 40 28.93 6.82 -28.90
N ILE K 41 29.12 7.29 -27.67
CA ILE K 41 27.99 7.69 -26.82
C ILE K 41 27.49 9.08 -27.18
N LEU K 42 26.25 9.14 -27.63
CA LEU K 42 25.63 10.39 -28.03
C LEU K 42 25.04 11.10 -26.81
N VAL K 43 24.39 10.33 -25.95
CA VAL K 43 23.81 10.84 -24.71
C VAL K 43 24.16 9.83 -23.63
N PRO K 44 24.74 10.29 -22.53
CA PRO K 44 25.11 9.36 -21.47
C PRO K 44 23.99 8.93 -20.51
N LYS K 45 24.25 7.88 -19.75
CA LYS K 45 23.27 7.43 -18.76
C LYS K 45 23.50 8.25 -17.50
N VAL K 46 22.50 9.02 -17.11
CA VAL K 46 22.61 9.82 -15.90
C VAL K 46 21.40 9.53 -15.02
N SER K 47 21.65 8.89 -13.89
CA SER K 47 20.58 8.52 -12.98
C SER K 47 20.89 8.86 -11.55
N GLY K 48 19.85 9.11 -10.78
CA GLY K 48 20.05 9.43 -9.38
C GLY K 48 20.53 8.21 -8.60
N LEU K 49 20.52 7.06 -9.27
CA LEU K 49 20.94 5.82 -8.65
C LEU K 49 22.37 5.41 -8.90
N GLN K 50 23.16 6.32 -9.47
CA GLN K 50 24.56 6.02 -9.73
C GLN K 50 25.43 6.64 -8.64
N TYR K 51 26.64 6.13 -8.50
CA TYR K 51 27.57 6.67 -7.53
C TYR K 51 28.20 7.81 -8.30
N ARG K 52 28.64 8.82 -7.58
CA ARG K 52 29.34 9.96 -8.17
C ARG K 52 30.64 9.97 -7.42
N VAL K 53 31.71 9.63 -8.12
CA VAL K 53 33.01 9.60 -7.46
C VAL K 53 33.84 10.74 -8.02
N PHE K 54 34.11 11.73 -7.19
CA PHE K 54 34.89 12.89 -7.61
C PHE K 54 36.35 12.77 -7.23
N ARG K 55 37.22 12.89 -8.23
CA ARG K 55 38.67 12.82 -8.06
C ARG K 55 39.08 14.29 -8.03
N ILE K 56 39.31 14.79 -6.83
CA ILE K 56 39.67 16.18 -6.63
C ILE K 56 41.16 16.45 -6.72
N HIS K 57 41.56 17.26 -7.70
CA HIS K 57 42.96 17.59 -7.86
C HIS K 57 43.31 18.91 -7.20
N LEU K 58 44.28 18.87 -6.29
CA LEU K 58 44.69 20.07 -5.58
C LEU K 58 46.04 20.56 -6.03
N PRO K 59 46.26 21.88 -6.00
CA PRO K 59 47.56 22.41 -6.42
C PRO K 59 48.63 21.95 -5.42
N ASP K 60 49.78 21.52 -5.91
CA ASP K 60 50.85 21.06 -5.01
C ASP K 60 51.25 22.21 -4.11
N PRO K 61 51.03 22.09 -2.79
CA PRO K 61 51.41 23.20 -1.90
C PRO K 61 52.89 23.56 -1.99
N ASN K 62 53.71 22.61 -2.43
CA ASN K 62 55.15 22.81 -2.56
C ASN K 62 55.50 23.65 -3.80
N LYS K 63 54.75 23.44 -4.87
CA LYS K 63 54.96 24.19 -6.11
C LYS K 63 54.17 25.49 -6.06
N PHE K 64 53.15 25.51 -5.20
CA PHE K 64 52.27 26.68 -5.00
C PHE K 64 53.08 27.94 -4.73
N GLY K 65 52.47 29.09 -4.99
CA GLY K 65 53.16 30.35 -4.75
C GLY K 65 52.51 31.17 -3.65
N PHE K 66 52.92 30.94 -2.40
CA PHE K 66 52.37 31.68 -1.27
C PHE K 66 53.02 33.05 -1.14
N PRO K 67 52.26 34.05 -0.64
CA PRO K 67 52.76 35.43 -0.46
C PRO K 67 53.92 35.43 0.54
N ASP K 68 53.82 34.57 1.56
CA ASP K 68 54.86 34.43 2.57
C ASP K 68 55.25 32.96 2.64
N THR K 69 56.55 32.70 2.80
CA THR K 69 57.07 31.35 2.85
C THR K 69 58.01 31.16 4.05
N SER K 70 57.92 32.08 4.99
CA SER K 70 58.74 32.03 6.20
C SER K 70 58.21 30.99 7.19
N PHE K 71 56.93 30.67 7.08
CA PHE K 71 56.28 29.72 7.98
C PHE K 71 56.88 28.32 7.97
N TYR K 72 57.81 28.05 7.06
CA TYR K 72 58.43 26.73 7.00
C TYR K 72 59.79 26.69 6.29
N ASN K 73 60.52 25.61 6.52
CA ASN K 73 61.84 25.43 5.92
C ASN K 73 61.78 24.42 4.77
N PRO K 74 61.79 24.91 3.53
CA PRO K 74 61.74 24.05 2.33
C PRO K 74 62.90 23.06 2.20
N ASP K 75 63.81 23.09 3.16
CA ASP K 75 64.98 22.22 3.15
C ASP K 75 64.78 20.99 4.02
N THR K 76 64.29 21.24 5.23
CA THR K 76 64.03 20.17 6.17
C THR K 76 62.63 19.59 6.02
N GLN K 77 61.69 20.39 5.53
CA GLN K 77 60.32 19.90 5.41
C GLN K 77 59.60 20.01 4.06
N ARG K 78 58.38 19.51 4.05
CA ARG K 78 57.52 19.51 2.88
C ARG K 78 56.10 19.94 3.26
N LEU K 79 55.26 20.23 2.27
CA LEU K 79 53.90 20.66 2.55
C LEU K 79 52.80 19.74 1.99
N VAL K 80 51.71 19.63 2.74
CA VAL K 80 50.56 18.80 2.36
C VAL K 80 49.28 19.50 2.73
N TRP K 81 48.26 19.33 1.91
CA TRP K 81 46.96 19.93 2.18
C TRP K 81 46.13 19.01 3.09
N ALA K 82 45.46 19.60 4.07
CA ALA K 82 44.62 18.80 4.97
C ALA K 82 43.17 19.26 4.82
N CYS K 83 42.27 18.35 4.50
CA CYS K 83 40.88 18.71 4.34
C CYS K 83 40.23 18.89 5.71
N VAL K 84 39.67 20.07 5.94
CA VAL K 84 39.06 20.39 7.23
C VAL K 84 37.55 20.69 7.16
N GLY K 85 37.06 20.96 5.97
CA GLY K 85 35.65 21.24 5.83
C GLY K 85 35.15 20.92 4.44
N VAL K 86 34.00 20.28 4.36
CA VAL K 86 33.40 19.93 3.07
C VAL K 86 31.92 20.25 3.06
N GLU K 87 31.44 20.72 1.91
CA GLU K 87 30.02 21.03 1.74
C GLU K 87 29.61 20.51 0.38
N VAL K 88 28.83 19.45 0.39
CA VAL K 88 28.36 18.88 -0.86
C VAL K 88 27.03 19.54 -1.21
N GLY K 89 27.07 20.54 -2.08
CA GLY K 89 25.84 21.21 -2.46
C GLY K 89 25.07 20.44 -3.52
N ARG K 90 23.76 20.33 -3.35
CA ARG K 90 22.90 19.65 -4.30
C ARG K 90 21.89 20.70 -4.76
N GLY K 91 21.48 20.63 -6.01
CA GLY K 91 20.61 21.67 -6.49
C GLY K 91 19.27 21.46 -7.15
N GLN K 92 18.87 20.24 -7.45
CA GLN K 92 17.55 20.14 -8.05
C GLN K 92 16.50 20.02 -6.95
N PRO K 93 15.20 20.11 -7.29
CA PRO K 93 14.21 19.97 -6.21
C PRO K 93 14.15 18.51 -5.76
N LEU K 94 13.71 18.27 -4.53
CA LEU K 94 13.61 16.90 -4.04
C LEU K 94 12.53 16.18 -4.81
N GLY K 95 12.78 14.91 -5.12
CA GLY K 95 11.79 14.13 -5.85
C GLY K 95 12.20 12.69 -6.05
N VAL K 96 11.24 11.83 -6.36
CA VAL K 96 11.56 10.41 -6.56
C VAL K 96 11.40 9.96 -7.99
N GLY K 97 12.40 9.19 -8.46
CA GLY K 97 12.42 8.66 -9.80
C GLY K 97 11.58 7.41 -9.95
N ILE K 98 11.99 6.51 -10.82
CA ILE K 98 11.21 5.29 -11.02
C ILE K 98 11.85 4.52 -12.16
N SER K 99 11.99 3.22 -12.00
CA SER K 99 12.61 2.40 -13.02
C SER K 99 11.83 1.09 -13.25
N GLY K 100 11.80 0.62 -14.48
CA GLY K 100 11.09 -0.61 -14.76
C GLY K 100 11.76 -1.44 -15.83
N HIS K 101 11.01 -2.41 -16.34
CA HIS K 101 11.47 -3.28 -17.44
C HIS K 101 10.21 -3.69 -18.22
N PRO K 102 10.24 -3.56 -19.56
CA PRO K 102 9.10 -3.91 -20.41
C PRO K 102 8.81 -5.40 -20.36
N LEU K 103 9.81 -6.18 -20.01
CA LEU K 103 9.68 -7.63 -19.93
C LEU K 103 10.28 -8.15 -18.63
N LEU K 104 9.75 -7.67 -17.51
CA LEU K 104 10.24 -8.09 -16.21
C LEU K 104 9.75 -9.50 -15.90
N ASN K 105 10.63 -10.34 -15.36
CA ASN K 105 10.22 -11.70 -15.05
C ASN K 105 9.32 -11.71 -13.81
N LYS K 106 8.03 -11.49 -14.06
CA LYS K 106 7.07 -11.48 -12.99
C LYS K 106 5.89 -12.38 -13.37
N LEU K 107 5.82 -13.57 -12.77
CA LEU K 107 4.73 -14.48 -13.04
C LEU K 107 3.45 -13.91 -12.43
N ASP K 108 3.10 -14.35 -11.22
CA ASP K 108 1.90 -13.81 -10.63
C ASP K 108 2.10 -13.05 -9.31
N ASP K 109 1.01 -12.41 -8.89
CA ASP K 109 0.98 -11.63 -7.66
C ASP K 109 0.76 -12.58 -6.50
N THR K 110 1.79 -12.79 -5.70
CA THR K 110 1.68 -13.73 -4.60
C THR K 110 1.35 -13.10 -3.25
N GLU K 111 1.05 -11.80 -3.25
CA GLU K 111 0.70 -11.08 -2.02
C GLU K 111 -0.68 -11.45 -1.52
N ASN K 112 -1.51 -11.93 -2.42
CA ASN K 112 -2.88 -12.31 -2.09
C ASN K 112 -3.53 -12.88 -3.35
N ALA K 113 -3.97 -14.14 -3.30
CA ALA K 113 -4.60 -14.77 -4.46
C ALA K 113 -5.90 -15.44 -4.06
N SER K 114 -6.91 -15.32 -4.92
CA SER K 114 -8.22 -15.89 -4.67
C SER K 114 -8.42 -17.30 -5.23
N ALA K 115 -7.54 -17.70 -6.13
CA ALA K 115 -7.58 -19.03 -6.73
C ALA K 115 -6.19 -19.36 -7.20
N TYR K 116 -5.87 -20.63 -7.33
CA TYR K 116 -4.54 -21.04 -7.77
C TYR K 116 -4.26 -20.50 -9.17
N ALA K 117 -3.13 -19.83 -9.32
CA ALA K 117 -2.73 -19.23 -10.59
C ALA K 117 -2.73 -20.27 -11.70
N ALA K 118 -2.89 -19.81 -12.93
CA ALA K 118 -2.93 -20.66 -14.12
C ALA K 118 -1.71 -21.56 -14.25
N ASN K 119 -1.00 -21.44 -15.38
CA ASN K 119 0.20 -22.24 -15.63
C ASN K 119 1.17 -21.48 -16.50
N ALA K 120 2.43 -21.44 -16.09
CA ALA K 120 3.45 -20.73 -16.87
C ALA K 120 3.52 -21.27 -18.29
N GLY K 121 3.30 -20.40 -19.27
CA GLY K 121 3.37 -20.81 -20.66
C GLY K 121 4.76 -20.50 -21.16
N VAL K 122 4.84 -19.66 -22.18
CA VAL K 122 6.14 -19.27 -22.70
C VAL K 122 6.16 -17.77 -22.51
N ASP K 123 7.17 -17.24 -21.84
CA ASP K 123 7.21 -15.78 -21.69
C ASP K 123 5.95 -15.13 -21.06
N ASN K 124 5.90 -15.08 -19.73
CA ASN K 124 4.78 -14.47 -19.01
C ASN K 124 5.24 -13.12 -18.45
N ARG K 125 6.36 -12.62 -18.95
CA ARG K 125 6.92 -11.35 -18.49
C ARG K 125 5.95 -10.17 -18.64
N GLU K 126 5.99 -9.25 -17.68
CA GLU K 126 5.10 -8.07 -17.68
C GLU K 126 5.92 -6.78 -17.70
N CYS K 127 5.29 -5.69 -18.15
CA CYS K 127 5.92 -4.37 -18.19
C CYS K 127 5.70 -3.81 -16.80
N ILE K 128 6.75 -3.81 -15.98
CA ILE K 128 6.64 -3.36 -14.58
C ILE K 128 7.71 -2.37 -14.09
N SER K 129 7.27 -1.36 -13.33
CA SER K 129 8.20 -0.39 -12.78
C SER K 129 8.11 -0.34 -11.24
N MET K 130 9.07 0.33 -10.61
CA MET K 130 9.10 0.42 -9.17
C MET K 130 9.94 1.62 -8.76
N ASP K 131 9.77 2.05 -7.51
CA ASP K 131 10.54 3.16 -6.97
C ASP K 131 11.59 2.52 -6.05
N TYR K 132 12.83 2.59 -6.51
CA TYR K 132 13.97 2.01 -5.79
C TYR K 132 14.12 2.45 -4.35
N LYS K 133 15.00 1.77 -3.62
CA LYS K 133 15.23 2.12 -2.23
C LYS K 133 16.02 3.42 -2.14
N GLN K 134 15.64 4.26 -1.19
CA GLN K 134 16.26 5.55 -0.96
C GLN K 134 17.66 5.39 -0.35
N THR K 135 18.61 6.14 -0.90
CA THR K 135 19.98 6.08 -0.39
C THR K 135 20.67 7.44 -0.46
N GLN K 136 21.28 7.85 0.65
CA GLN K 136 22.03 9.10 0.70
C GLN K 136 23.33 8.72 1.36
N LEU K 137 24.45 9.04 0.72
CA LEU K 137 25.72 8.72 1.33
C LEU K 137 26.85 9.58 0.79
N CYS K 138 27.85 9.79 1.63
CA CYS K 138 29.00 10.60 1.26
C CYS K 138 30.27 10.04 1.91
N LEU K 139 31.23 9.68 1.07
CA LEU K 139 32.49 9.12 1.53
C LEU K 139 33.60 10.05 1.12
N ILE K 140 34.50 10.31 2.05
CA ILE K 140 35.65 11.18 1.78
C ILE K 140 36.93 10.55 2.28
N GLY K 141 37.97 10.63 1.46
CA GLY K 141 39.25 10.06 1.80
C GLY K 141 40.25 10.46 0.72
N CYS K 142 41.50 10.04 0.86
CA CYS K 142 42.49 10.42 -0.14
C CYS K 142 42.77 9.25 -1.09
N LYS K 143 41.97 8.19 -0.96
CA LYS K 143 42.10 7.03 -1.83
C LYS K 143 40.71 6.76 -2.36
N PRO K 144 40.60 6.13 -3.53
CA PRO K 144 39.26 5.85 -4.07
C PRO K 144 38.50 4.92 -3.16
N PRO K 145 37.16 5.02 -3.14
CA PRO K 145 36.28 4.18 -2.31
C PRO K 145 36.22 2.72 -2.77
N ILE K 146 36.02 1.81 -1.83
CA ILE K 146 35.95 0.40 -2.19
C ILE K 146 34.59 -0.22 -1.91
N GLY K 147 34.07 -0.96 -2.89
CA GLY K 147 32.78 -1.59 -2.70
C GLY K 147 32.80 -3.11 -2.70
N GLU K 148 31.66 -3.71 -2.37
CA GLU K 148 31.51 -5.15 -2.36
C GLU K 148 30.24 -5.49 -3.12
N HIS K 149 30.18 -6.69 -3.69
CA HIS K 149 29.01 -7.13 -4.42
C HIS K 149 29.18 -8.61 -4.65
N TRP K 150 28.08 -9.32 -4.89
CA TRP K 150 28.20 -10.74 -5.14
C TRP K 150 28.30 -10.96 -6.65
N GLY K 151 29.25 -11.79 -7.05
CA GLY K 151 29.44 -12.12 -8.45
C GLY K 151 29.54 -13.62 -8.61
N LYS K 152 29.85 -14.09 -9.82
CA LYS K 152 29.97 -15.53 -10.05
C LYS K 152 31.35 -16.02 -9.66
N GLY K 153 31.41 -16.80 -8.59
CA GLY K 153 32.69 -17.31 -8.14
C GLY K 153 33.22 -18.34 -9.12
N SER K 154 34.50 -18.68 -9.01
CA SER K 154 35.13 -19.69 -9.87
C SER K 154 34.67 -21.07 -9.34
N PRO K 155 34.33 -22.01 -10.24
CA PRO K 155 33.87 -23.34 -9.83
C PRO K 155 35.01 -24.27 -9.39
N CYS K 156 34.67 -25.23 -8.52
CA CYS K 156 35.62 -26.22 -8.02
C CYS K 156 35.85 -27.23 -9.14
N THR K 157 37.10 -27.67 -9.33
CA THR K 157 37.39 -28.64 -10.38
C THR K 157 36.94 -30.05 -10.03
N GLN K 158 35.65 -30.30 -10.24
CA GLN K 158 35.09 -31.60 -9.97
C GLN K 158 33.90 -31.82 -10.88
N VAL K 159 32.74 -31.88 -10.25
CA VAL K 159 31.45 -32.09 -10.91
C VAL K 159 31.24 -31.06 -12.02
N ALA K 160 31.36 -31.52 -13.26
CA ALA K 160 31.19 -30.64 -14.42
C ALA K 160 29.84 -29.90 -14.39
N VAL K 161 29.92 -28.58 -14.32
CA VAL K 161 28.74 -27.73 -14.28
C VAL K 161 27.75 -28.11 -15.39
N GLN K 162 26.62 -28.68 -15.01
CA GLN K 162 25.60 -29.03 -15.97
C GLN K 162 24.99 -27.70 -16.41
N PRO K 163 24.65 -27.56 -17.70
CA PRO K 163 24.05 -26.29 -18.15
C PRO K 163 22.82 -25.93 -17.30
N GLY K 164 22.70 -24.68 -16.90
CA GLY K 164 21.57 -24.28 -16.09
C GLY K 164 21.78 -24.43 -14.59
N ASP K 165 22.90 -25.06 -14.23
CA ASP K 165 23.26 -25.27 -12.83
C ASP K 165 23.36 -23.89 -12.19
N CYS K 166 22.98 -23.80 -10.93
CA CYS K 166 23.07 -22.54 -10.23
C CYS K 166 24.55 -22.16 -10.13
N PRO K 167 24.91 -20.92 -10.50
CA PRO K 167 26.30 -20.46 -10.44
C PRO K 167 26.75 -20.17 -9.02
N PRO K 168 28.02 -20.40 -8.72
CA PRO K 168 28.55 -20.15 -7.37
C PRO K 168 28.73 -18.65 -7.06
N LEU K 169 28.49 -18.25 -5.82
CA LEU K 169 28.62 -16.87 -5.43
C LEU K 169 30.01 -16.58 -4.84
N GLU K 170 30.38 -15.31 -4.81
CA GLU K 170 31.65 -14.91 -4.27
C GLU K 170 31.61 -13.42 -4.02
N LEU K 171 31.88 -12.99 -2.79
CA LEU K 171 31.85 -11.57 -2.51
C LEU K 171 33.09 -11.00 -3.18
N ILE K 172 32.90 -10.02 -4.06
CA ILE K 172 34.00 -9.41 -4.78
C ILE K 172 34.23 -7.94 -4.44
N ASN K 173 35.43 -7.62 -3.96
CA ASN K 173 35.77 -6.25 -3.63
C ASN K 173 36.18 -5.56 -4.92
N THR K 174 35.73 -4.34 -5.12
CA THR K 174 36.04 -3.63 -6.35
C THR K 174 36.27 -2.14 -6.01
N VAL K 175 36.72 -1.37 -6.98
CA VAL K 175 36.91 0.05 -6.74
C VAL K 175 35.62 0.66 -7.23
N ILE K 176 35.00 1.53 -6.44
CA ILE K 176 33.75 2.16 -6.87
C ILE K 176 34.04 3.29 -7.83
N GLN K 177 33.47 3.19 -8.95
CA GLN K 177 33.72 4.19 -9.97
C GLN K 177 32.53 5.09 -10.26
N ASP K 178 32.95 6.24 -10.81
CA ASP K 178 31.91 7.21 -11.08
C ASP K 178 30.98 6.63 -12.13
N GLY K 179 29.70 6.55 -11.81
CA GLY K 179 28.76 6.01 -12.78
C GLY K 179 28.25 4.64 -12.40
N ASP K 180 28.93 4.00 -11.44
CA ASP K 180 28.51 2.69 -10.97
C ASP K 180 27.12 2.82 -10.33
N MET K 181 26.41 1.70 -10.21
CA MET K 181 25.07 1.74 -9.64
C MET K 181 25.04 1.32 -8.17
N VAL K 182 24.08 1.87 -7.45
CA VAL K 182 23.88 1.59 -6.03
C VAL K 182 22.85 0.49 -5.88
N ASP K 183 22.97 -0.29 -4.81
CA ASP K 183 21.99 -1.34 -4.56
C ASP K 183 20.68 -0.58 -4.58
N THR K 184 19.69 -1.14 -5.25
CA THR K 184 18.39 -0.50 -5.40
C THR K 184 17.25 -1.22 -4.70
N GLY K 185 17.58 -2.30 -4.00
CA GLY K 185 16.55 -3.06 -3.33
C GLY K 185 16.70 -4.52 -3.68
N PHE K 186 17.59 -4.80 -4.62
CA PHE K 186 17.82 -6.18 -5.02
C PHE K 186 19.19 -6.62 -4.55
N GLY K 187 19.75 -5.85 -3.60
CA GLY K 187 21.07 -6.16 -3.05
C GLY K 187 22.23 -5.75 -3.95
N ALA K 188 23.45 -6.01 -3.51
CA ALA K 188 24.62 -5.66 -4.30
C ALA K 188 25.20 -6.87 -5.00
N MET K 189 24.84 -7.03 -6.27
CA MET K 189 25.32 -8.16 -7.06
C MET K 189 25.50 -7.80 -8.51
N ASP K 190 26.19 -8.68 -9.24
CA ASP K 190 26.46 -8.52 -10.65
C ASP K 190 25.37 -9.24 -11.44
N PHE K 191 24.32 -8.51 -11.77
CA PHE K 191 23.17 -9.08 -12.49
C PHE K 191 23.48 -9.63 -13.87
N THR K 192 24.51 -9.12 -14.52
CA THR K 192 24.86 -9.58 -15.85
C THR K 192 25.33 -11.03 -15.78
N THR K 193 26.32 -11.29 -14.93
CA THR K 193 26.88 -12.62 -14.77
C THR K 193 26.11 -13.58 -13.86
N LEU K 194 25.06 -13.11 -13.22
CA LEU K 194 24.28 -13.94 -12.31
C LEU K 194 22.81 -14.10 -12.75
N GLN K 195 22.43 -13.42 -13.83
CA GLN K 195 21.07 -13.51 -14.34
C GLN K 195 21.01 -13.53 -15.88
N ALA K 196 21.14 -14.72 -16.45
CA ALA K 196 21.11 -14.90 -17.90
C ALA K 196 19.79 -14.35 -18.45
N ASN K 197 18.76 -14.49 -17.63
CA ASN K 197 17.41 -14.05 -17.92
C ASN K 197 17.35 -12.67 -18.56
N LYS K 198 18.15 -11.73 -18.05
CA LYS K 198 18.18 -10.34 -18.53
C LYS K 198 16.87 -9.60 -18.28
N SER K 199 16.01 -10.17 -17.43
CA SER K 199 14.71 -9.55 -17.17
C SER K 199 14.30 -9.62 -15.69
N GLU K 200 15.27 -9.86 -14.80
CA GLU K 200 14.96 -9.99 -13.37
C GLU K 200 14.78 -8.63 -12.70
N VAL K 201 15.47 -7.62 -13.22
CA VAL K 201 15.40 -6.29 -12.63
C VAL K 201 15.23 -5.23 -13.72
N PRO K 202 14.87 -4.00 -13.35
CA PRO K 202 14.68 -2.93 -14.33
C PRO K 202 15.90 -2.74 -15.22
N LEU K 203 15.69 -2.10 -16.39
CA LEU K 203 16.76 -1.84 -17.36
C LEU K 203 18.01 -1.17 -16.78
N ASP K 204 17.85 -0.13 -16.00
CA ASP K 204 18.99 0.61 -15.45
C ASP K 204 20.03 -0.13 -14.61
N ILE K 205 19.71 -1.32 -14.10
CA ILE K 205 20.68 -2.11 -13.31
C ILE K 205 20.78 -3.51 -13.92
N CYS K 206 19.84 -3.74 -14.83
CA CYS K 206 19.69 -4.98 -15.58
C CYS K 206 20.99 -5.65 -16.08
N THR K 207 21.92 -4.87 -16.61
CA THR K 207 23.17 -5.44 -17.09
C THR K 207 24.32 -4.70 -16.44
N SER K 208 24.11 -4.26 -15.21
CA SER K 208 25.15 -3.54 -14.47
C SER K 208 25.48 -4.27 -13.18
N ILE K 209 26.32 -3.64 -12.36
CA ILE K 209 26.68 -4.22 -11.09
C ILE K 209 26.29 -3.22 -10.03
N CYS K 210 25.44 -3.62 -9.10
CA CYS K 210 25.06 -2.75 -8.01
C CYS K 210 26.07 -3.02 -6.89
N LYS K 211 26.84 -2.01 -6.52
CA LYS K 211 27.85 -2.16 -5.50
C LYS K 211 27.48 -1.44 -4.21
N TYR K 212 27.97 -1.96 -3.10
CA TYR K 212 27.69 -1.37 -1.79
C TYR K 212 29.02 -1.03 -1.17
N PRO K 213 29.13 0.13 -0.53
CA PRO K 213 30.42 0.48 0.07
C PRO K 213 30.82 -0.57 1.08
N ASP K 214 32.07 -1.01 1.03
CA ASP K 214 32.52 -1.99 2.00
C ASP K 214 33.09 -1.20 3.18
N TYR K 215 32.18 -0.65 3.98
CA TYR K 215 32.54 0.14 5.13
C TYR K 215 33.45 -0.62 6.08
N ILE K 216 33.15 -1.90 6.31
CA ILE K 216 33.95 -2.72 7.23
C ILE K 216 35.42 -2.74 6.82
N LYS K 217 35.67 -3.10 5.56
CA LYS K 217 37.01 -3.20 5.02
C LYS K 217 37.77 -1.89 5.08
N MET K 218 37.12 -0.83 4.60
CA MET K 218 37.74 0.49 4.56
C MET K 218 38.14 1.02 5.92
N VAL K 219 37.34 0.76 6.95
CA VAL K 219 37.66 1.25 8.27
C VAL K 219 38.74 0.37 8.93
N SER K 220 38.81 -0.88 8.51
CA SER K 220 39.80 -1.81 9.05
C SER K 220 41.15 -1.40 8.47
N GLU K 221 41.12 -0.87 7.25
CA GLU K 221 42.33 -0.40 6.59
C GLU K 221 43.27 0.24 7.62
N PRO K 222 44.51 -0.25 7.70
CA PRO K 222 45.54 0.23 8.63
C PRO K 222 45.76 1.74 8.68
N TYR K 223 46.06 2.34 7.54
CA TYR K 223 46.29 3.78 7.48
C TYR K 223 45.01 4.61 7.39
N GLY K 224 43.93 4.00 6.93
CA GLY K 224 42.66 4.70 6.82
C GLY K 224 42.66 5.85 5.82
N ASP K 225 43.25 5.64 4.64
CA ASP K 225 43.29 6.70 3.63
C ASP K 225 42.06 6.67 2.75
N SER K 226 41.53 5.49 2.52
CA SER K 226 40.37 5.35 1.65
C SER K 226 39.17 6.15 2.10
N LEU K 227 39.01 6.34 3.40
CA LEU K 227 37.88 7.10 3.88
C LEU K 227 38.07 7.55 5.32
N PHE K 228 38.15 8.86 5.53
CA PHE K 228 38.32 9.38 6.88
C PHE K 228 37.10 10.11 7.40
N PHE K 229 35.98 9.91 6.72
CA PHE K 229 34.70 10.50 7.08
C PHE K 229 33.60 9.97 6.17
N TYR K 230 32.41 9.75 6.73
CA TYR K 230 31.30 9.27 5.91
C TYR K 230 29.95 9.50 6.55
N LEU K 231 28.92 9.56 5.70
CA LEU K 231 27.56 9.70 6.17
C LEU K 231 26.72 8.79 5.30
N ARG K 232 25.94 7.92 5.94
CA ARG K 232 25.09 6.99 5.20
C ARG K 232 23.68 7.01 5.74
N ARG K 233 22.74 6.96 4.81
CA ARG K 233 21.33 6.97 5.16
C ARG K 233 20.58 6.15 4.09
N GLU K 234 20.07 4.99 4.49
CA GLU K 234 19.34 4.14 3.57
C GLU K 234 18.07 3.56 4.23
N GLN K 235 16.98 3.51 3.46
CA GLN K 235 15.72 2.97 3.94
C GLN K 235 14.98 2.27 2.80
N MET K 236 14.20 1.26 3.12
CA MET K 236 13.47 0.52 2.10
C MET K 236 12.38 -0.35 2.70
N PHE K 237 11.30 -0.54 1.94
CA PHE K 237 10.24 -1.41 2.40
C PHE K 237 9.64 -2.17 1.22
N VAL K 238 8.93 -3.27 1.51
CA VAL K 238 8.34 -4.10 0.47
C VAL K 238 7.01 -3.57 -0.04
N ARG K 239 6.99 -3.16 -1.31
CA ARG K 239 5.77 -2.64 -1.94
C ARG K 239 4.90 -3.82 -2.47
N HIS K 240 5.48 -4.69 -3.29
CA HIS K 240 4.75 -5.84 -3.81
C HIS K 240 5.48 -7.16 -3.65
N LEU K 241 4.73 -8.25 -3.63
CA LEU K 241 5.34 -9.56 -3.48
C LEU K 241 4.98 -10.41 -4.70
N PHE K 242 5.99 -10.71 -5.50
CA PHE K 242 5.82 -11.47 -6.73
C PHE K 242 6.47 -12.85 -6.79
N ASN K 243 6.22 -13.49 -7.94
CA ASN K 243 6.67 -14.82 -8.31
C ASN K 243 7.64 -14.72 -9.49
N ARG K 244 8.53 -15.69 -9.64
CA ARG K 244 9.43 -15.68 -10.79
C ARG K 244 9.07 -16.80 -11.76
N ALA K 245 8.89 -16.45 -13.02
CA ALA K 245 8.60 -17.46 -14.04
C ALA K 245 9.94 -18.11 -14.33
N GLY K 246 9.92 -19.24 -15.02
CA GLY K 246 11.17 -19.94 -15.30
C GLY K 246 10.97 -21.35 -14.81
N THR K 247 12.04 -22.12 -14.70
CA THR K 247 11.88 -23.50 -14.24
C THR K 247 12.64 -23.75 -12.97
N VAL K 248 12.07 -24.59 -12.12
CA VAL K 248 12.66 -24.93 -10.84
C VAL K 248 14.13 -25.32 -10.97
N GLY K 249 14.98 -24.53 -10.33
CA GLY K 249 16.41 -24.80 -10.37
C GLY K 249 16.65 -25.77 -9.25
N GLU K 250 15.96 -25.54 -8.13
CA GLU K 250 16.05 -26.40 -6.98
C GLU K 250 14.64 -26.65 -6.49
N ASN K 251 14.25 -27.93 -6.46
CA ASN K 251 12.92 -28.30 -6.02
C ASN K 251 12.68 -28.21 -4.54
N VAL K 252 11.43 -27.95 -4.19
CA VAL K 252 11.01 -27.83 -2.80
C VAL K 252 10.95 -29.21 -2.15
N PRO K 253 11.77 -29.45 -1.13
CA PRO K 253 11.79 -30.74 -0.45
C PRO K 253 10.35 -31.11 -0.03
N ASP K 254 9.91 -32.31 -0.41
CA ASP K 254 8.54 -32.75 -0.12
C ASP K 254 8.21 -32.99 1.35
N ASP K 255 9.22 -32.91 2.20
CA ASP K 255 9.01 -33.08 3.64
C ASP K 255 8.49 -31.75 4.22
N LEU K 256 8.37 -30.74 3.37
CA LEU K 256 7.90 -29.41 3.76
C LEU K 256 6.45 -29.14 3.38
N TYR K 257 5.76 -30.15 2.87
CA TYR K 257 4.37 -29.94 2.46
C TYR K 257 3.67 -31.22 2.06
N ILE K 258 2.36 -31.11 1.98
CA ILE K 258 1.52 -32.22 1.60
C ILE K 258 1.07 -32.06 0.16
N LYS K 259 1.44 -33.04 -0.67
CA LYS K 259 1.10 -33.02 -2.09
C LYS K 259 -0.35 -32.57 -2.28
N GLY K 260 -0.59 -31.77 -3.31
CA GLY K 260 -1.92 -31.31 -3.63
C GLY K 260 -2.62 -32.27 -4.57
N SER K 261 -3.46 -31.74 -5.45
CA SER K 261 -4.20 -32.54 -6.41
C SER K 261 -5.04 -31.65 -7.30
N GLY K 262 -5.35 -32.11 -8.52
CA GLY K 262 -6.14 -31.30 -9.41
C GLY K 262 -5.34 -30.06 -9.74
N SER K 263 -5.81 -28.88 -9.32
CA SER K 263 -5.09 -27.63 -9.59
C SER K 263 -3.82 -27.53 -8.73
N THR K 264 -3.97 -27.82 -7.45
CA THR K 264 -2.84 -27.77 -6.52
C THR K 264 -1.91 -28.97 -6.67
N ALA K 265 -2.11 -29.74 -7.74
CA ALA K 265 -1.29 -30.92 -7.97
C ALA K 265 0.13 -30.47 -8.28
N ASN K 266 0.22 -29.42 -9.09
CA ASN K 266 1.51 -28.86 -9.49
C ASN K 266 1.87 -27.63 -8.67
N LEU K 267 3.02 -27.67 -8.03
CA LEU K 267 3.48 -26.56 -7.21
C LEU K 267 3.80 -25.31 -8.04
N ALA K 268 3.28 -24.19 -7.59
CA ALA K 268 3.54 -22.90 -8.24
C ALA K 268 4.96 -22.46 -7.84
N SER K 269 5.56 -21.61 -8.65
CA SER K 269 6.92 -21.12 -8.34
C SER K 269 6.99 -20.55 -6.93
N SER K 270 7.93 -21.04 -6.14
CA SER K 270 8.10 -20.51 -4.79
C SER K 270 9.39 -19.70 -4.78
N ASN K 271 9.73 -19.17 -5.95
CA ASN K 271 10.90 -18.31 -6.13
C ASN K 271 10.34 -16.90 -6.05
N TYR K 272 9.99 -16.47 -4.84
CA TYR K 272 9.42 -15.15 -4.65
C TYR K 272 10.46 -14.05 -4.65
N PHE K 273 10.01 -12.86 -5.01
CA PHE K 273 10.88 -11.70 -5.02
C PHE K 273 9.98 -10.50 -4.75
N PRO K 274 10.44 -9.59 -3.89
CA PRO K 274 9.68 -8.38 -3.55
C PRO K 274 10.08 -7.18 -4.39
N THR K 275 9.17 -6.21 -4.47
CA THR K 275 9.40 -4.97 -5.20
C THR K 275 9.77 -3.95 -4.15
N PRO K 276 10.94 -3.32 -4.29
CA PRO K 276 11.32 -2.34 -3.27
C PRO K 276 10.55 -1.02 -3.37
N SER K 277 10.79 -0.17 -2.39
CA SER K 277 10.17 1.14 -2.34
C SER K 277 10.82 1.95 -1.25
N GLY K 278 11.59 2.97 -1.64
CA GLY K 278 12.22 3.87 -0.68
C GLY K 278 11.10 4.84 -0.50
N SER K 279 10.55 4.93 0.69
CA SER K 279 9.41 5.78 0.94
C SER K 279 9.54 7.25 0.53
N MET K 280 8.88 8.11 1.30
CA MET K 280 8.88 9.55 1.04
C MET K 280 10.26 10.15 1.25
N VAL K 281 10.54 11.22 0.52
CA VAL K 281 11.82 11.93 0.63
C VAL K 281 11.49 13.23 1.35
N THR K 282 12.40 13.67 2.21
CA THR K 282 12.16 14.85 3.00
C THR K 282 13.37 15.75 3.20
N SER K 283 13.08 17.04 3.39
CA SER K 283 14.11 18.05 3.64
C SER K 283 14.78 17.74 4.99
N ASP K 284 13.96 17.61 6.02
CA ASP K 284 14.46 17.34 7.35
C ASP K 284 15.47 16.20 7.38
N ALA K 285 15.41 15.32 6.39
CA ALA K 285 16.33 14.18 6.40
C ALA K 285 17.53 14.35 5.47
N GLN K 286 17.72 15.56 4.94
CA GLN K 286 18.82 15.83 4.04
C GLN K 286 20.16 15.73 4.70
N ILE K 287 21.12 15.25 3.94
CA ILE K 287 22.48 15.07 4.41
C ILE K 287 23.38 16.10 3.80
N PHE K 288 22.99 16.58 2.63
CA PHE K 288 23.77 17.56 1.91
C PHE K 288 23.38 19.01 2.20
N ASN K 289 24.10 19.95 1.57
CA ASN K 289 23.89 21.36 1.75
C ASN K 289 24.04 21.71 3.22
N LYS K 290 24.93 20.96 3.87
CA LYS K 290 25.28 21.13 5.28
C LYS K 290 26.79 20.97 5.24
N PRO K 291 27.51 21.71 6.08
CA PRO K 291 28.98 21.58 6.07
C PRO K 291 29.41 20.43 6.97
N TYR K 292 30.49 19.75 6.61
CA TYR K 292 31.00 18.66 7.45
C TYR K 292 32.36 19.11 7.95
N TRP K 293 32.54 19.14 9.26
CA TRP K 293 33.82 19.56 9.82
C TRP K 293 34.65 18.33 10.18
N LEU K 294 35.61 18.00 9.31
CA LEU K 294 36.49 16.84 9.50
C LEU K 294 37.62 17.13 10.49
N GLN K 295 37.27 17.35 11.75
CA GLN K 295 38.29 17.66 12.74
C GLN K 295 39.02 16.48 13.37
N ARG K 296 38.26 15.49 13.85
CA ARG K 296 38.85 14.31 14.47
C ARG K 296 38.47 13.09 13.67
N ALA K 297 39.43 12.47 13.00
CA ALA K 297 39.09 11.29 12.21
C ALA K 297 39.19 10.04 13.08
N GLN K 298 38.39 9.03 12.75
CA GLN K 298 38.42 7.78 13.50
C GLN K 298 39.58 6.91 13.05
N GLY K 299 40.15 7.26 11.89
CA GLY K 299 41.28 6.53 11.34
C GLY K 299 42.57 7.25 11.69
N HIS K 300 43.71 6.68 11.31
CA HIS K 300 44.97 7.32 11.62
C HIS K 300 45.29 8.48 10.71
N ASN K 301 44.71 8.47 9.51
CA ASN K 301 44.93 9.56 8.59
C ASN K 301 43.84 10.59 8.90
N ASN K 302 44.22 11.68 9.55
CA ASN K 302 43.23 12.68 9.89
C ASN K 302 42.98 13.73 8.82
N GLY K 303 42.48 13.28 7.68
CA GLY K 303 42.16 14.19 6.60
C GLY K 303 43.33 14.75 5.81
N ILE K 304 44.46 14.04 5.82
CA ILE K 304 45.61 14.52 5.07
C ILE K 304 45.41 14.04 3.64
N CYS K 305 45.55 14.96 2.68
CA CYS K 305 45.36 14.63 1.29
C CYS K 305 46.68 14.30 0.59
N TRP K 306 47.27 13.16 0.95
CA TRP K 306 48.52 12.73 0.34
C TRP K 306 48.33 12.72 -1.18
N GLY K 307 49.39 13.15 -1.89
CA GLY K 307 49.33 13.19 -3.34
C GLY K 307 48.52 14.38 -3.84
N ASN K 308 48.16 15.27 -2.95
CA ASN K 308 47.36 16.45 -3.31
C ASN K 308 46.10 15.99 -4.01
N GLN K 309 45.60 14.84 -3.59
CA GLN K 309 44.38 14.25 -4.12
C GLN K 309 43.32 14.26 -3.01
N LEU K 310 42.08 13.99 -3.40
CA LEU K 310 40.98 13.96 -2.46
C LEU K 310 39.81 13.30 -3.19
N PHE K 311 39.19 12.31 -2.54
CA PHE K 311 38.05 11.61 -3.13
C PHE K 311 36.75 11.88 -2.40
N VAL K 312 35.73 12.27 -3.15
CA VAL K 312 34.42 12.55 -2.58
C VAL K 312 33.40 11.71 -3.31
N THR K 313 32.93 10.67 -2.64
CA THR K 313 31.94 9.80 -3.23
C THR K 313 30.56 10.20 -2.72
N VAL K 314 29.59 10.24 -3.62
CA VAL K 314 28.24 10.62 -3.26
C VAL K 314 27.17 9.80 -3.96
N VAL K 315 26.05 9.61 -3.27
CA VAL K 315 24.91 8.91 -3.83
C VAL K 315 23.73 9.62 -3.22
N ASP K 316 22.87 10.18 -4.07
CA ASP K 316 21.69 10.89 -3.58
C ASP K 316 20.51 10.54 -4.44
N THR K 317 19.56 9.82 -3.88
CA THR K 317 18.40 9.41 -4.65
C THR K 317 17.18 10.22 -4.24
N THR K 318 17.42 11.32 -3.52
CA THR K 318 16.32 12.16 -3.06
C THR K 318 16.02 13.26 -4.05
N ARG K 319 16.62 13.17 -5.23
CA ARG K 319 16.41 14.14 -6.30
C ARG K 319 16.47 13.38 -7.59
N SER K 320 15.89 12.19 -7.60
CA SER K 320 15.90 11.30 -8.75
C SER K 320 14.83 11.51 -9.81
N THR K 321 14.09 12.60 -9.69
CA THR K 321 13.04 12.89 -10.66
C THR K 321 13.53 12.81 -12.08
N ASN K 322 12.80 12.08 -12.91
CA ASN K 322 13.14 11.97 -14.31
C ASN K 322 12.07 12.80 -14.97
N MET K 323 12.41 13.51 -16.03
CA MET K 323 11.41 14.31 -16.71
C MET K 323 11.20 13.82 -18.13
N SER K 324 9.94 13.60 -18.47
CA SER K 324 9.64 13.13 -19.81
C SER K 324 9.40 14.36 -20.68
N LEU K 325 10.01 14.38 -21.85
CA LEU K 325 9.82 15.48 -22.76
C LEU K 325 9.52 14.90 -24.11
N CYS K 326 8.39 15.27 -24.70
CA CYS K 326 8.04 14.76 -26.00
C CYS K 326 7.85 15.88 -27.01
N ALA K 327 8.35 15.64 -28.22
CA ALA K 327 8.27 16.59 -29.32
C ALA K 327 7.26 16.06 -30.35
N ALA K 328 6.52 16.98 -30.98
CA ALA K 328 5.54 16.58 -31.99
C ALA K 328 6.23 16.45 -33.33
N ILE K 329 5.80 15.45 -34.09
CA ILE K 329 6.37 15.20 -35.41
C ILE K 329 5.71 16.18 -36.40
N SER K 330 4.49 16.59 -36.08
CA SER K 330 3.72 17.50 -36.89
C SER K 330 2.96 18.47 -35.99
N THR K 331 2.92 19.75 -36.34
CA THR K 331 2.22 20.74 -35.52
C THR K 331 0.92 21.16 -36.19
N SER K 332 0.32 20.24 -36.94
CA SER K 332 -0.90 20.51 -37.67
C SER K 332 -2.18 20.05 -36.99
N GLU K 333 -2.58 18.83 -37.32
CA GLU K 333 -3.82 18.21 -36.82
C GLU K 333 -4.16 18.61 -35.40
N THR K 334 -5.43 18.91 -35.19
CA THR K 334 -5.87 19.31 -33.87
C THR K 334 -6.48 18.11 -33.15
N THR K 335 -6.05 16.92 -33.55
CA THR K 335 -6.53 15.72 -32.93
C THR K 335 -5.35 14.92 -32.46
N TYR K 336 -5.36 14.55 -31.19
CA TYR K 336 -4.26 13.78 -30.61
C TYR K 336 -4.09 12.45 -31.36
N LYS K 337 -2.83 12.08 -31.57
CA LYS K 337 -2.46 10.82 -32.19
C LYS K 337 -1.17 10.41 -31.53
N ASN K 338 -1.15 9.25 -30.89
CA ASN K 338 0.06 8.82 -30.22
C ASN K 338 1.23 8.74 -31.18
N THR K 339 0.92 8.53 -32.45
CA THR K 339 1.94 8.40 -33.49
C THR K 339 2.56 9.73 -33.86
N ASN K 340 1.89 10.82 -33.52
CA ASN K 340 2.39 12.14 -33.83
C ASN K 340 3.47 12.66 -32.84
N PHE K 341 3.57 12.04 -31.66
CA PHE K 341 4.53 12.48 -30.65
C PHE K 341 5.57 11.46 -30.24
N LYS K 342 6.82 11.87 -30.28
CA LYS K 342 7.92 11.01 -29.88
C LYS K 342 8.23 11.28 -28.39
N GLU K 343 8.01 10.28 -27.54
CA GLU K 343 8.25 10.42 -26.10
C GLU K 343 9.67 10.07 -25.69
N TYR K 344 10.28 10.87 -24.83
CA TYR K 344 11.64 10.62 -24.35
C TYR K 344 11.74 10.77 -22.84
N LEU K 345 12.92 10.45 -22.29
CA LEU K 345 13.18 10.57 -20.85
C LEU K 345 14.55 11.18 -20.63
N ARG K 346 14.64 12.11 -19.68
CA ARG K 346 15.91 12.74 -19.37
C ARG K 346 15.98 13.02 -17.88
N HIS K 347 17.18 12.95 -17.32
CA HIS K 347 17.37 13.22 -15.90
C HIS K 347 18.57 14.13 -15.69
N GLY K 348 18.40 15.14 -14.83
CA GLY K 348 19.49 16.06 -14.55
C GLY K 348 19.98 16.02 -13.10
N GLU K 349 21.28 16.15 -12.94
CA GLU K 349 21.87 16.15 -11.61
C GLU K 349 22.67 17.46 -11.45
N GLU K 350 22.59 18.09 -10.27
CA GLU K 350 23.29 19.35 -10.04
C GLU K 350 24.13 19.32 -8.76
N TYR K 351 25.44 19.47 -8.90
CA TYR K 351 26.32 19.47 -7.73
C TYR K 351 27.09 20.77 -7.59
N ASP K 352 27.73 20.95 -6.45
CA ASP K 352 28.54 22.12 -6.14
C ASP K 352 29.39 21.80 -4.94
N LEU K 353 30.62 21.38 -5.18
CA LEU K 353 31.50 21.00 -4.08
C LEU K 353 32.30 22.18 -3.53
N GLN K 354 32.45 22.22 -2.20
CA GLN K 354 33.18 23.32 -1.55
C GLN K 354 34.04 22.75 -0.44
N PHE K 355 35.26 23.25 -0.33
CA PHE K 355 36.15 22.73 0.70
C PHE K 355 36.93 23.82 1.39
N ILE K 356 37.42 23.50 2.58
CA ILE K 356 38.25 24.40 3.35
C ILE K 356 39.50 23.55 3.63
N PHE K 357 40.65 24.01 3.16
CA PHE K 357 41.88 23.26 3.38
C PHE K 357 42.86 23.96 4.33
N GLN K 358 43.53 23.15 5.14
CA GLN K 358 44.53 23.65 6.09
C GLN K 358 45.91 23.21 5.67
N LEU K 359 46.82 24.17 5.51
CA LEU K 359 48.18 23.86 5.10
C LEU K 359 48.87 23.11 6.25
N CYS K 360 49.70 22.13 5.89
CA CYS K 360 50.44 21.35 6.87
C CYS K 360 51.90 21.17 6.42
N LYS K 361 52.78 20.94 7.39
CA LYS K 361 54.20 20.78 7.10
C LYS K 361 54.75 19.51 7.76
N ILE K 362 55.71 18.87 7.09
CA ILE K 362 56.31 17.64 7.61
C ILE K 362 57.81 17.70 7.56
N THR K 363 58.43 17.72 8.73
CA THR K 363 59.88 17.76 8.76
C THR K 363 60.34 16.36 8.39
N LEU K 364 61.03 16.25 7.26
CA LEU K 364 61.52 14.98 6.75
C LEU K 364 62.69 14.35 7.49
N THR K 365 62.46 13.91 8.73
CA THR K 365 63.49 13.26 9.51
C THR K 365 63.67 11.83 9.00
N ALA K 366 64.63 11.12 9.59
CA ALA K 366 64.90 9.75 9.18
C ALA K 366 63.66 8.90 9.35
N ASP K 367 63.24 8.76 10.59
CA ASP K 367 62.08 8.00 10.98
C ASP K 367 60.86 8.36 10.11
N VAL K 368 60.60 9.65 9.99
CA VAL K 368 59.47 10.11 9.21
C VAL K 368 59.57 9.59 7.79
N MET K 369 60.74 9.72 7.19
CA MET K 369 60.95 9.25 5.82
C MET K 369 60.80 7.74 5.69
N THR K 370 61.20 7.02 6.74
CA THR K 370 61.08 5.56 6.72
C THR K 370 59.57 5.23 6.73
N TYR K 371 58.84 5.84 7.68
CA TYR K 371 57.41 5.64 7.82
C TYR K 371 56.66 5.97 6.54
N ILE K 372 56.71 7.24 6.13
CA ILE K 372 56.04 7.70 4.91
C ILE K 372 56.43 6.81 3.75
N HIS K 373 57.70 6.39 3.70
CA HIS K 373 58.16 5.53 2.62
C HIS K 373 57.39 4.20 2.62
N SER K 374 57.32 3.56 3.78
CA SER K 374 56.61 2.29 3.92
C SER K 374 55.14 2.47 3.56
N MET K 375 54.54 3.49 4.16
CA MET K 375 53.14 3.79 3.95
C MET K 375 52.80 3.94 2.47
N ASN K 376 53.51 4.83 1.78
CA ASN K 376 53.27 5.04 0.36
C ASN K 376 54.46 5.72 -0.31
N SER K 377 55.45 4.92 -0.67
CA SER K 377 56.67 5.42 -1.31
C SER K 377 56.49 6.56 -2.29
N THR K 378 55.41 6.57 -3.06
CA THR K 378 55.20 7.64 -4.04
C THR K 378 55.18 9.02 -3.40
N ILE K 379 54.77 9.12 -2.13
CA ILE K 379 54.72 10.42 -1.44
C ILE K 379 56.04 11.16 -1.61
N LEU K 380 57.11 10.51 -1.13
CA LEU K 380 58.47 11.05 -1.18
C LEU K 380 59.00 11.23 -2.60
N GLU K 381 58.73 10.25 -3.45
CA GLU K 381 59.18 10.30 -4.84
C GLU K 381 58.60 11.51 -5.56
N ASP K 382 57.36 11.84 -5.27
CA ASP K 382 56.73 12.98 -5.91
C ASP K 382 57.19 14.29 -5.30
N TRP K 383 57.61 14.25 -4.04
CA TRP K 383 58.05 15.49 -3.44
C TRP K 383 59.24 16.09 -4.14
N ASN K 384 60.09 16.85 -3.46
CA ASN K 384 61.19 17.48 -4.17
C ASN K 384 61.57 16.73 -5.45
N GLU K 419 52.93 9.29 -14.33
CA GLU K 419 51.60 9.00 -14.85
C GLU K 419 50.62 8.49 -13.77
N ASP K 420 49.32 8.65 -14.00
CA ASP K 420 48.19 8.25 -13.12
C ASP K 420 48.11 6.75 -12.76
N PRO K 421 48.25 6.39 -11.46
CA PRO K 421 48.20 4.99 -11.01
C PRO K 421 46.84 4.32 -11.06
N LEU K 422 45.81 5.09 -11.35
CA LEU K 422 44.47 4.55 -11.45
C LEU K 422 43.89 4.93 -12.81
N LYS K 423 44.73 4.86 -13.85
CA LYS K 423 44.26 5.23 -15.19
C LYS K 423 43.17 4.30 -15.66
N LYS K 424 43.15 3.09 -15.14
CA LYS K 424 42.17 2.10 -15.54
C LYS K 424 40.78 2.42 -15.05
N TYR K 425 40.68 3.10 -13.92
CA TYR K 425 39.39 3.43 -13.36
C TYR K 425 38.93 4.77 -13.85
N THR K 426 37.65 5.01 -13.62
CA THR K 426 37.18 6.28 -14.01
C THR K 426 36.51 7.04 -12.90
N PHE K 427 36.55 8.34 -13.06
CA PHE K 427 35.83 9.19 -12.11
C PHE K 427 35.71 10.60 -12.63
N TRP K 428 34.72 11.32 -12.08
CA TRP K 428 34.47 12.71 -12.43
C TRP K 428 35.72 13.47 -12.01
N GLU K 429 36.50 13.90 -12.99
CA GLU K 429 37.72 14.62 -12.68
C GLU K 429 37.41 16.07 -12.32
N VAL K 430 37.92 16.51 -11.18
CA VAL K 430 37.69 17.86 -10.73
C VAL K 430 38.99 18.57 -10.47
N ASN K 431 39.26 19.60 -11.26
CA ASN K 431 40.51 20.35 -11.08
C ASN K 431 40.34 21.61 -10.24
N LEU K 432 41.04 21.67 -9.11
CA LEU K 432 40.94 22.81 -8.22
C LEU K 432 42.21 23.63 -8.10
N LYS K 433 43.24 23.29 -8.91
CA LYS K 433 44.52 23.98 -8.87
C LYS K 433 44.43 25.50 -9.00
N GLU K 434 43.41 25.98 -9.71
CA GLU K 434 43.21 27.42 -9.88
C GLU K 434 42.05 27.96 -9.05
N LYS K 435 41.56 27.15 -8.11
CA LYS K 435 40.40 27.54 -7.31
C LYS K 435 40.67 27.91 -5.86
N PHE K 436 41.90 27.73 -5.39
CA PHE K 436 42.20 28.08 -4.00
C PHE K 436 42.19 29.58 -3.76
N SER K 437 41.61 29.98 -2.64
CA SER K 437 41.54 31.39 -2.28
C SER K 437 41.79 31.56 -0.79
N ALA K 438 42.62 32.53 -0.42
CA ALA K 438 42.92 32.72 0.98
C ALA K 438 41.81 33.48 1.70
N ASP K 439 40.91 34.11 0.96
CA ASP K 439 39.80 34.85 1.58
C ASP K 439 38.54 34.03 1.86
N LEU K 440 38.58 33.18 2.89
CA LEU K 440 37.41 32.38 3.23
C LEU K 440 36.20 33.29 3.35
N ASP K 441 36.46 34.46 3.90
CA ASP K 441 35.47 35.50 4.08
C ASP K 441 34.53 35.60 2.86
N GLN K 442 35.10 35.61 1.66
CA GLN K 442 34.34 35.76 0.42
C GLN K 442 33.49 34.58 -0.05
N PHE K 443 33.46 33.49 0.70
CA PHE K 443 32.67 32.34 0.28
C PHE K 443 31.75 31.83 1.40
N PRO K 444 30.61 31.23 1.03
CA PRO K 444 29.67 30.71 2.02
C PRO K 444 30.25 29.63 2.94
N LEU K 445 30.98 28.68 2.38
CA LEU K 445 31.56 27.65 3.24
C LEU K 445 32.60 28.33 4.11
N GLY K 446 33.27 29.31 3.52
CA GLY K 446 34.30 30.05 4.24
C GLY K 446 33.77 30.78 5.46
N ARG K 447 32.70 31.54 5.27
CA ARG K 447 32.11 32.26 6.38
C ARG K 447 31.73 31.25 7.46
N LYS K 448 31.01 30.21 7.06
CA LYS K 448 30.58 29.18 8.01
C LYS K 448 31.76 28.70 8.84
N PHE K 449 32.87 28.38 8.17
CA PHE K 449 34.07 27.88 8.82
C PHE K 449 34.60 28.85 9.87
N LEU K 450 34.80 30.09 9.46
CA LEU K 450 35.29 31.09 10.40
C LEU K 450 34.37 31.18 11.61
N LEU K 451 33.09 31.40 11.36
CA LEU K 451 32.11 31.49 12.44
C LEU K 451 32.17 30.26 13.35
N GLN K 452 32.27 29.06 12.77
CA GLN K 452 32.34 27.83 13.54
C GLN K 452 33.63 27.74 14.35
N LEU K 453 34.77 27.95 13.71
CA LEU K 453 36.04 27.86 14.43
C LEU K 453 36.40 29.14 15.20
N GLY K 454 35.48 30.10 15.26
CA GLY K 454 35.75 31.34 15.96
C GLY K 454 36.98 32.05 15.40
N LEU K 455 38.16 31.69 15.90
CA LEU K 455 39.43 32.27 15.43
C LEU K 455 39.97 31.57 14.17
N ALA L 1 37.11 43.34 -2.88
CA ALA L 1 36.63 42.44 -1.79
C ALA L 1 35.31 42.95 -1.19
N VAL L 2 34.40 42.02 -0.91
CA VAL L 2 33.11 42.38 -0.34
C VAL L 2 33.22 42.31 1.18
N VAL L 3 32.41 43.11 1.86
CA VAL L 3 32.46 43.12 3.33
C VAL L 3 31.08 43.14 3.92
N SER L 4 30.98 42.64 5.15
CA SER L 4 29.72 42.63 5.88
C SER L 4 29.16 44.05 5.99
N THR L 5 27.85 44.18 5.98
CA THR L 5 27.24 45.50 6.11
C THR L 5 27.50 46.05 7.51
N ASP L 6 27.81 45.17 8.45
CA ASP L 6 28.08 45.60 9.81
C ASP L 6 29.26 46.55 9.83
N GLU L 7 30.11 46.46 8.81
CA GLU L 7 31.30 47.27 8.65
C GLU L 7 31.00 48.75 8.46
N TYR L 8 30.18 49.04 7.46
CA TYR L 8 29.82 50.41 7.11
C TYR L 8 28.40 50.87 7.48
N VAL L 9 27.55 49.97 7.98
CA VAL L 9 26.20 50.38 8.33
C VAL L 9 26.07 50.47 9.86
N ALA L 10 25.69 51.65 10.33
CA ALA L 10 25.54 51.86 11.77
C ALA L 10 24.11 51.63 12.21
N ARG L 11 23.97 50.94 13.34
CA ARG L 11 22.68 50.59 13.91
C ARG L 11 22.21 51.59 14.94
N THR L 12 21.05 52.19 14.73
CA THR L 12 20.51 53.12 15.70
C THR L 12 19.70 52.29 16.68
N ASN L 13 18.99 52.97 17.56
CA ASN L 13 18.20 52.29 18.56
C ASN L 13 16.71 52.37 18.28
N ILE L 14 16.36 52.98 17.16
CA ILE L 14 14.97 53.15 16.77
C ILE L 14 14.46 51.91 16.04
N TYR L 15 13.27 51.45 16.41
CA TYR L 15 12.66 50.31 15.77
C TYR L 15 11.21 50.61 15.41
N TYR L 16 10.80 50.20 14.22
CA TYR L 16 9.42 50.42 13.78
C TYR L 16 8.78 49.11 13.39
N HIS L 17 7.46 49.08 13.52
CA HIS L 17 6.68 47.91 13.13
C HIS L 17 5.89 48.31 11.91
N ALA L 18 5.64 47.35 11.04
CA ALA L 18 4.88 47.62 9.84
C ALA L 18 4.21 46.31 9.45
N GLY L 19 3.00 46.40 8.91
CA GLY L 19 2.32 45.18 8.52
C GLY L 19 1.22 45.40 7.53
N THR L 20 0.96 44.39 6.71
CA THR L 20 -0.10 44.47 5.72
C THR L 20 -1.36 44.25 6.55
N SER L 21 -2.50 44.71 6.07
CA SER L 21 -3.73 44.52 6.84
C SER L 21 -4.07 43.04 6.91
N ARG L 22 -4.29 42.47 5.74
CA ARG L 22 -4.64 41.08 5.57
C ARG L 22 -4.85 40.93 4.10
N LEU L 23 -3.87 40.35 3.42
CA LEU L 23 -3.99 40.19 1.99
C LEU L 23 -4.89 39.03 1.69
N LEU L 24 -5.66 39.12 0.62
CA LEU L 24 -6.58 38.05 0.28
C LEU L 24 -6.56 37.79 -1.22
N ALA L 25 -6.56 36.51 -1.61
CA ALA L 25 -6.53 36.14 -3.03
C ALA L 25 -7.52 35.03 -3.35
N VAL L 26 -8.41 35.29 -4.30
CA VAL L 26 -9.40 34.30 -4.66
C VAL L 26 -9.42 34.14 -6.16
N GLY L 27 -9.41 32.90 -6.63
CA GLY L 27 -9.44 32.65 -8.05
C GLY L 27 -9.72 31.20 -8.35
N HIS L 28 -9.47 30.82 -9.59
CA HIS L 28 -9.67 29.44 -10.00
C HIS L 28 -8.31 28.77 -9.82
N PRO L 29 -8.29 27.55 -9.27
CA PRO L 29 -7.09 26.75 -8.99
C PRO L 29 -6.21 26.32 -10.17
N TYR L 30 -6.82 26.04 -11.33
CA TYR L 30 -6.03 25.55 -12.47
C TYR L 30 -5.73 26.52 -13.58
N PHE L 31 -6.66 27.42 -13.88
CA PHE L 31 -6.45 28.37 -14.98
C PHE L 31 -7.31 29.63 -14.82
N PRO L 32 -6.92 30.72 -15.50
CA PRO L 32 -7.72 31.92 -15.37
C PRO L 32 -8.99 31.89 -16.23
N ILE L 33 -10.09 32.39 -15.67
CA ILE L 33 -11.35 32.46 -16.39
C ILE L 33 -11.42 33.83 -17.07
N LYS L 34 -11.58 33.82 -18.39
CA LYS L 34 -11.66 35.06 -19.15
C LYS L 34 -12.72 34.98 -20.22
N LYS L 35 -12.93 36.10 -20.90
CA LYS L 35 -13.91 36.16 -21.99
C LYS L 35 -13.29 35.50 -23.22
N PRO L 36 -13.99 34.50 -23.81
CA PRO L 36 -13.49 33.78 -24.99
C PRO L 36 -13.07 34.68 -26.14
N ASN L 37 -14.00 35.52 -26.57
CA ASN L 37 -13.75 36.48 -27.66
C ASN L 37 -12.72 37.51 -27.21
N ASN L 38 -12.67 37.72 -25.89
CA ASN L 38 -11.75 38.67 -25.28
C ASN L 38 -10.46 38.04 -24.77
N ASN L 39 -9.74 38.81 -23.95
CA ASN L 39 -8.51 38.33 -23.37
C ASN L 39 -8.35 38.92 -21.95
N LYS L 40 -9.27 39.79 -21.51
CA LYS L 40 -9.16 40.32 -20.17
C LYS L 40 -9.46 39.19 -19.26
N ILE L 41 -8.78 39.19 -18.13
CA ILE L 41 -8.97 38.17 -17.13
C ILE L 41 -10.14 38.53 -16.23
N LEU L 42 -11.14 37.66 -16.24
CA LEU L 42 -12.33 37.86 -15.44
C LEU L 42 -12.12 37.33 -14.03
N VAL L 43 -11.47 36.17 -13.94
CA VAL L 43 -11.15 35.54 -12.67
C VAL L 43 -9.73 35.01 -12.82
N PRO L 44 -8.84 35.36 -11.89
CA PRO L 44 -7.45 34.90 -12.00
C PRO L 44 -7.19 33.50 -11.49
N LYS L 45 -6.05 32.94 -11.88
CA LYS L 45 -5.66 31.63 -11.43
C LYS L 45 -5.02 31.81 -10.06
N VAL L 46 -5.63 31.22 -9.03
CA VAL L 46 -5.08 31.30 -7.69
C VAL L 46 -4.96 29.88 -7.11
N SER L 47 -3.72 29.42 -6.98
CA SER L 47 -3.45 28.08 -6.49
C SER L 47 -2.43 28.06 -5.37
N GLY L 48 -2.54 27.07 -4.49
CA GLY L 48 -1.59 26.97 -3.40
C GLY L 48 -0.25 26.53 -3.94
N LEU L 49 -0.22 26.19 -5.23
CA LEU L 49 1.02 25.75 -5.85
C LEU L 49 1.81 26.82 -6.57
N GLN L 50 1.41 28.07 -6.38
CA GLN L 50 2.11 29.18 -7.02
C GLN L 50 3.05 29.85 -6.03
N TYR L 51 4.03 30.57 -6.57
CA TYR L 51 4.95 31.30 -5.72
C TYR L 51 4.22 32.59 -5.48
N ARG L 52 4.48 33.18 -4.31
CA ARG L 52 3.91 34.46 -3.93
C ARG L 52 5.14 35.33 -3.69
N VAL L 53 5.38 36.29 -4.57
CA VAL L 53 6.54 37.14 -4.42
C VAL L 53 6.07 38.53 -4.07
N PHE L 54 6.33 38.94 -2.84
CA PHE L 54 5.90 40.27 -2.39
C PHE L 54 6.99 41.32 -2.52
N ARG L 55 6.66 42.40 -3.22
CA ARG L 55 7.58 43.51 -3.41
C ARG L 55 7.15 44.53 -2.36
N ILE L 56 7.86 44.55 -1.24
CA ILE L 56 7.54 45.44 -0.13
C ILE L 56 8.17 46.81 -0.28
N HIS L 57 7.33 47.84 -0.32
CA HIS L 57 7.80 49.22 -0.44
C HIS L 57 7.85 49.90 0.91
N LEU L 58 9.02 50.42 1.25
CA LEU L 58 9.20 51.09 2.53
C LEU L 58 9.36 52.58 2.38
N PRO L 59 8.89 53.35 3.37
CA PRO L 59 9.02 54.81 3.27
C PRO L 59 10.51 55.15 3.37
N ASP L 60 10.98 56.07 2.52
CA ASP L 60 12.39 56.46 2.55
C ASP L 60 12.72 57.04 3.92
N PRO L 61 13.62 56.40 4.68
CA PRO L 61 13.94 56.94 6.01
C PRO L 61 14.52 58.35 5.94
N ASN L 62 15.05 58.72 4.79
CA ASN L 62 15.61 60.06 4.62
C ASN L 62 14.50 61.09 4.43
N LYS L 63 13.44 60.72 3.72
CA LYS L 63 12.31 61.61 3.49
C LYS L 63 11.35 61.52 4.67
N PHE L 64 11.41 60.41 5.40
CA PHE L 64 10.55 60.15 6.55
C PHE L 64 10.58 61.31 7.54
N GLY L 65 9.53 61.45 8.33
CA GLY L 65 9.48 62.52 9.31
C GLY L 65 9.56 62.05 10.75
N PHE L 66 10.77 61.88 11.28
CA PHE L 66 10.93 61.44 12.66
C PHE L 66 10.73 62.56 13.67
N PRO L 67 10.20 62.24 14.86
CA PRO L 67 9.97 63.23 15.92
C PRO L 67 11.31 63.85 16.34
N ASP L 68 12.35 63.02 16.38
CA ASP L 68 13.69 63.48 16.73
C ASP L 68 14.62 63.15 15.57
N THR L 69 15.52 64.08 15.25
CA THR L 69 16.47 63.90 14.16
C THR L 69 17.90 64.20 14.59
N SER L 70 18.11 64.25 15.90
CA SER L 70 19.42 64.51 16.49
C SER L 70 20.35 63.28 16.42
N PHE L 71 19.74 62.09 16.39
CA PHE L 71 20.48 60.82 16.34
C PHE L 71 21.45 60.64 15.14
N TYR L 72 21.42 61.57 14.18
CA TYR L 72 22.31 61.50 13.03
C TYR L 72 22.53 62.85 12.33
N ASN L 73 23.59 62.91 11.53
CA ASN L 73 23.93 64.12 10.80
C ASN L 73 23.55 63.97 9.32
N PRO L 74 22.45 64.61 8.89
CA PRO L 74 21.98 64.55 7.50
C PRO L 74 22.94 65.14 6.44
N ASP L 75 24.13 65.54 6.89
CA ASP L 75 25.12 66.12 5.99
C ASP L 75 26.20 65.11 5.66
N THR L 76 26.69 64.44 6.70
CA THR L 76 27.73 63.43 6.55
C THR L 76 27.17 62.04 6.26
N GLN L 77 25.95 61.78 6.71
CA GLN L 77 25.37 60.47 6.50
C GLN L 77 23.99 60.33 5.84
N ARG L 78 23.55 59.08 5.71
CA ARG L 78 22.26 58.73 5.11
C ARG L 78 21.59 57.64 5.93
N LEU L 79 20.30 57.43 5.69
CA LEU L 79 19.56 56.42 6.44
C LEU L 79 19.03 55.24 5.61
N VAL L 80 19.04 54.05 6.22
CA VAL L 80 18.55 52.83 5.55
C VAL L 80 17.80 51.96 6.54
N TRP L 81 16.76 51.30 6.05
CA TRP L 81 15.99 50.41 6.91
C TRP L 81 16.62 49.03 6.89
N ALA L 82 16.67 48.40 8.06
CA ALA L 82 17.21 47.06 8.17
C ALA L 82 16.10 46.17 8.72
N CYS L 83 15.85 45.06 8.03
CA CYS L 83 14.83 44.12 8.46
C CYS L 83 15.38 43.25 9.58
N VAL L 84 14.70 43.24 10.73
CA VAL L 84 15.17 42.47 11.87
C VAL L 84 14.21 41.38 12.30
N GLY L 85 12.95 41.49 11.88
CA GLY L 85 11.97 40.48 12.27
C GLY L 85 10.86 40.36 11.24
N VAL L 86 10.47 39.13 10.92
CA VAL L 86 9.41 38.89 9.97
C VAL L 86 8.45 37.82 10.47
N GLU L 87 7.17 38.00 10.19
CA GLU L 87 6.17 37.02 10.58
C GLU L 87 5.24 36.86 9.40
N VAL L 88 5.32 35.71 8.74
CA VAL L 88 4.46 35.47 7.61
C VAL L 88 3.19 34.78 8.10
N GLY L 89 2.14 35.56 8.33
CA GLY L 89 0.91 34.96 8.81
C GLY L 89 0.12 34.31 7.68
N ARG L 90 -0.41 33.13 7.96
CA ARG L 90 -1.23 32.38 7.01
C ARG L 90 -2.56 32.21 7.70
N GLY L 91 -3.65 32.24 6.92
CA GLY L 91 -4.96 32.16 7.55
C GLY L 91 -6.04 31.16 7.20
N GLN L 92 -5.87 30.32 6.21
CA GLN L 92 -6.96 29.38 6.01
C GLN L 92 -6.68 28.08 6.81
N PRO L 93 -7.66 27.18 6.91
CA PRO L 93 -7.36 25.95 7.65
C PRO L 93 -6.40 25.06 6.82
N LEU L 94 -5.65 24.18 7.49
CA LEU L 94 -4.71 23.33 6.76
C LEU L 94 -5.49 22.34 5.91
N GLY L 95 -4.96 22.03 4.73
CA GLY L 95 -5.63 21.10 3.87
C GLY L 95 -4.90 20.84 2.57
N VAL L 96 -5.23 19.76 1.89
CA VAL L 96 -4.55 19.46 0.64
C VAL L 96 -5.44 19.57 -0.61
N GLY L 97 -4.87 20.20 -1.63
CA GLY L 97 -5.58 20.39 -2.89
C GLY L 97 -5.53 19.15 -3.77
N ILE L 98 -5.55 19.34 -5.07
CA ILE L 98 -5.53 18.20 -5.99
C ILE L 98 -5.65 18.75 -7.40
N SER L 99 -4.85 18.21 -8.31
CA SER L 99 -4.86 18.67 -9.70
C SER L 99 -4.81 17.50 -10.67
N GLY L 100 -5.46 17.67 -11.81
CA GLY L 100 -5.46 16.60 -12.80
C GLY L 100 -5.56 17.14 -14.20
N HIS L 101 -5.84 16.24 -15.14
CA HIS L 101 -6.00 16.57 -16.55
C HIS L 101 -7.00 15.58 -17.12
N PRO L 102 -8.01 16.06 -17.85
CA PRO L 102 -9.04 15.22 -18.47
C PRO L 102 -8.46 14.28 -19.52
N LEU L 103 -7.30 14.66 -20.06
CA LEU L 103 -6.65 13.87 -21.09
C LEU L 103 -5.17 13.70 -20.77
N LEU L 104 -4.88 13.16 -19.60
CA LEU L 104 -3.51 12.93 -19.19
C LEU L 104 -2.91 11.77 -19.99
N ASN L 105 -1.66 11.91 -20.42
CA ASN L 105 -1.01 10.84 -21.18
C ASN L 105 -0.59 9.71 -20.26
N LYS L 106 -1.54 8.80 -20.02
CA LYS L 106 -1.27 7.66 -19.15
C LYS L 106 -1.76 6.43 -19.86
N LEU L 107 -0.82 5.63 -20.36
CA LEU L 107 -1.18 4.38 -21.05
C LEU L 107 -1.71 3.38 -20.02
N ASP L 108 -0.84 2.52 -19.51
CA ASP L 108 -1.32 1.56 -18.53
C ASP L 108 -0.67 1.65 -17.15
N ASP L 109 -1.25 0.92 -16.20
CA ASP L 109 -0.77 0.86 -14.84
C ASP L 109 0.41 -0.12 -14.84
N THR L 110 1.62 0.38 -14.58
CA THR L 110 2.80 -0.49 -14.61
C THR L 110 3.31 -0.89 -13.22
N GLU L 111 2.55 -0.55 -12.18
CA GLU L 111 2.91 -0.89 -10.81
C GLU L 111 2.72 -2.39 -10.54
N ASN L 112 1.81 -2.99 -11.29
CA ASN L 112 1.53 -4.41 -11.14
C ASN L 112 0.55 -4.82 -12.26
N ALA L 113 0.94 -5.80 -13.08
CA ALA L 113 0.07 -6.23 -14.17
C ALA L 113 -0.01 -7.76 -14.25
N SER L 114 -1.23 -8.26 -14.46
CA SER L 114 -1.48 -9.69 -14.53
C SER L 114 -1.33 -10.32 -15.90
N ALA L 115 -1.37 -9.47 -16.94
CA ALA L 115 -1.22 -9.93 -18.31
C ALA L 115 -0.63 -8.77 -19.12
N TYR L 116 0.06 -9.08 -20.20
CA TYR L 116 0.64 -8.02 -21.00
C TYR L 116 -0.48 -7.12 -21.50
N ALA L 117 -0.31 -5.81 -21.31
CA ALA L 117 -1.28 -4.80 -21.73
C ALA L 117 -1.57 -4.91 -23.23
N ALA L 118 -2.76 -4.47 -23.62
CA ALA L 118 -3.22 -4.50 -25.02
C ALA L 118 -2.22 -3.87 -26.01
N ASN L 119 -2.70 -2.90 -26.78
CA ASN L 119 -1.89 -2.18 -27.76
C ASN L 119 -2.35 -0.73 -27.92
N ALA L 120 -1.41 0.20 -27.83
CA ALA L 120 -1.74 1.62 -27.96
C ALA L 120 -2.45 1.90 -29.28
N GLY L 121 -3.66 2.43 -29.19
CA GLY L 121 -4.41 2.75 -30.39
C GLY L 121 -4.17 4.21 -30.70
N VAL L 122 -5.25 4.98 -30.73
CA VAL L 122 -5.13 6.40 -31.00
C VAL L 122 -5.69 7.06 -29.75
N ASP L 123 -4.91 7.92 -29.11
CA ASP L 123 -5.45 8.57 -27.92
C ASP L 123 -5.95 7.62 -26.81
N ASN L 124 -5.05 7.19 -25.92
CA ASN L 124 -5.40 6.32 -24.80
C ASN L 124 -5.40 7.14 -23.53
N ARG L 125 -5.40 8.45 -23.66
CA ARG L 125 -5.37 9.34 -22.51
C ARG L 125 -6.52 9.13 -21.51
N GLU L 126 -6.23 9.31 -20.21
CA GLU L 126 -7.23 9.12 -19.14
C GLU L 126 -7.44 10.39 -18.30
N CYS L 127 -8.64 10.52 -17.71
CA CYS L 127 -8.94 11.66 -16.83
C CYS L 127 -8.34 11.30 -15.47
N ILE L 128 -7.19 11.88 -15.17
CA ILE L 128 -6.47 11.55 -13.94
C ILE L 128 -6.05 12.75 -13.08
N SER L 129 -6.17 12.60 -11.77
CA SER L 129 -5.76 13.65 -10.85
C SER L 129 -4.74 13.12 -9.85
N MET L 130 -4.12 14.02 -9.09
CA MET L 130 -3.11 13.64 -8.13
C MET L 130 -2.90 14.75 -7.11
N ASP L 131 -2.33 14.40 -5.96
CA ASP L 131 -2.04 15.37 -4.92
C ASP L 131 -0.53 15.66 -5.02
N TYR L 132 -0.22 16.88 -5.44
CA TYR L 132 1.15 17.34 -5.65
C TYR L 132 2.05 17.20 -4.43
N LYS L 133 3.35 17.37 -4.65
CA LYS L 133 4.30 17.26 -3.57
C LYS L 133 4.14 18.47 -2.66
N GLN L 134 4.33 18.25 -1.37
CA GLN L 134 4.21 19.30 -0.37
C GLN L 134 5.45 20.22 -0.35
N THR L 135 5.21 21.51 -0.30
CA THR L 135 6.31 22.47 -0.27
C THR L 135 6.00 23.68 0.59
N GLN L 136 6.91 24.02 1.48
CA GLN L 136 6.78 25.20 2.33
C GLN L 136 8.10 25.91 2.21
N LEU L 137 8.09 27.18 1.85
CA LEU L 137 9.35 27.90 1.77
C LEU L 137 9.16 29.39 1.89
N CYS L 138 10.18 30.05 2.40
CA CYS L 138 10.11 31.48 2.55
C CYS L 138 11.49 32.05 2.30
N LEU L 139 11.58 32.97 1.35
CA LEU L 139 12.84 33.60 0.99
C LEU L 139 12.73 35.09 1.25
N ILE L 140 13.76 35.67 1.86
CA ILE L 140 13.78 37.10 2.13
C ILE L 140 15.11 37.73 1.72
N GLY L 141 15.02 38.88 1.06
CA GLY L 141 16.20 39.61 0.62
C GLY L 141 15.79 40.95 0.09
N CYS L 142 16.74 41.76 -0.37
CA CYS L 142 16.37 43.08 -0.90
C CYS L 142 16.40 43.07 -2.44
N LYS L 143 16.54 41.88 -3.00
CA LYS L 143 16.55 41.69 -4.44
C LYS L 143 15.55 40.57 -4.72
N PRO L 144 14.92 40.59 -5.91
CA PRO L 144 13.97 39.52 -6.18
C PRO L 144 14.67 38.16 -6.20
N PRO L 145 13.92 37.09 -5.90
CA PRO L 145 14.44 35.71 -5.87
C PRO L 145 14.78 35.16 -7.24
N ILE L 146 15.76 34.25 -7.30
CA ILE L 146 16.14 33.65 -8.59
C ILE L 146 15.90 32.13 -8.63
N GLY L 147 15.26 31.68 -9.70
CA GLY L 147 15.00 30.26 -9.82
C GLY L 147 15.71 29.58 -10.97
N GLU L 148 15.61 28.25 -11.01
CA GLU L 148 16.20 27.45 -12.08
C GLU L 148 15.16 26.47 -12.59
N HIS L 149 15.26 26.13 -13.86
CA HIS L 149 14.34 25.17 -14.44
C HIS L 149 14.94 24.70 -15.76
N TRP L 150 14.55 23.51 -16.22
CA TRP L 150 15.09 23.02 -17.47
C TRP L 150 14.21 23.51 -18.59
N GLY L 151 14.83 24.06 -19.63
CA GLY L 151 14.10 24.53 -20.79
C GLY L 151 14.70 23.97 -22.05
N LYS L 152 14.21 24.36 -23.22
CA LYS L 152 14.77 23.84 -24.46
C LYS L 152 15.99 24.65 -24.85
N GLY L 153 17.15 24.02 -24.79
CA GLY L 153 18.37 24.70 -25.14
C GLY L 153 18.42 24.98 -26.63
N SER L 154 19.38 25.79 -27.04
CA SER L 154 19.57 26.12 -28.45
C SER L 154 20.33 24.95 -29.07
N PRO L 155 19.96 24.55 -30.29
CA PRO L 155 20.63 23.42 -30.96
C PRO L 155 21.97 23.78 -31.61
N CYS L 156 22.88 22.81 -31.71
CA CYS L 156 24.20 23.00 -32.33
C CYS L 156 24.00 23.04 -33.86
N THR L 157 24.72 23.93 -34.54
CA THR L 157 24.56 24.04 -35.99
C THR L 157 25.21 22.91 -36.76
N GLN L 158 24.50 21.79 -36.84
CA GLN L 158 24.95 20.62 -37.57
C GLN L 158 23.76 19.83 -38.07
N VAL L 159 23.62 18.64 -37.52
CA VAL L 159 22.56 17.70 -37.84
C VAL L 159 21.19 18.37 -37.75
N ALA L 160 20.60 18.67 -38.90
CA ALA L 160 19.28 19.31 -38.93
C ALA L 160 18.28 18.51 -38.08
N VAL L 161 17.74 19.17 -37.07
CA VAL L 161 16.77 18.55 -36.19
C VAL L 161 15.63 17.92 -36.99
N GLN L 162 15.54 16.60 -36.97
CA GLN L 162 14.50 15.87 -37.65
C GLN L 162 13.24 16.12 -36.81
N PRO L 163 12.09 16.35 -37.45
CA PRO L 163 10.88 16.59 -36.66
C PRO L 163 10.67 15.46 -35.63
N GLY L 164 10.27 15.82 -34.42
CA GLY L 164 10.06 14.81 -33.39
C GLY L 164 11.32 14.43 -32.63
N ASP L 165 12.46 14.94 -33.10
CA ASP L 165 13.73 14.67 -32.44
C ASP L 165 13.61 15.18 -31.00
N CYS L 166 14.32 14.54 -30.07
CA CYS L 166 14.27 14.98 -28.68
C CYS L 166 14.92 16.36 -28.59
N PRO L 167 14.25 17.33 -27.93
CA PRO L 167 14.81 18.68 -27.80
C PRO L 167 15.92 18.73 -26.78
N PRO L 168 16.92 19.61 -27.00
CA PRO L 168 18.06 19.74 -26.08
C PRO L 168 17.68 20.48 -24.78
N LEU L 169 18.24 20.04 -23.66
CA LEU L 169 17.94 20.66 -22.37
C LEU L 169 18.97 21.72 -22.04
N GLU L 170 18.57 22.62 -21.15
CA GLU L 170 19.46 23.71 -20.71
C GLU L 170 18.91 24.26 -19.41
N LEU L 171 19.75 24.30 -18.37
CA LEU L 171 19.28 24.85 -17.09
C LEU L 171 19.20 26.35 -17.30
N ILE L 172 18.03 26.92 -17.07
CA ILE L 172 17.81 28.35 -17.27
C ILE L 172 17.48 29.12 -16.00
N ASN L 173 18.30 30.11 -15.68
CA ASN L 173 18.08 30.93 -14.49
C ASN L 173 17.07 31.98 -14.89
N THR L 174 16.13 32.24 -13.99
CA THR L 174 15.06 33.20 -14.27
C THR L 174 14.74 33.95 -12.97
N VAL L 175 13.94 35.01 -13.07
CA VAL L 175 13.54 35.75 -11.87
C VAL L 175 12.21 35.12 -11.48
N ILE L 176 12.06 34.71 -10.24
CA ILE L 176 10.81 34.10 -9.77
C ILE L 176 9.76 35.19 -9.60
N GLN L 177 8.73 35.17 -10.45
CA GLN L 177 7.68 36.16 -10.35
C GLN L 177 6.46 35.66 -9.60
N ASP L 178 5.70 36.59 -9.04
CA ASP L 178 4.50 36.26 -8.29
C ASP L 178 3.52 35.59 -9.24
N GLY L 179 3.08 34.38 -8.90
CA GLY L 179 2.16 33.68 -9.77
C GLY L 179 2.83 32.50 -10.44
N ASP L 180 4.16 32.45 -10.43
CA ASP L 180 4.87 31.33 -11.05
C ASP L 180 4.52 30.04 -10.31
N MET L 181 4.75 28.91 -10.95
CA MET L 181 4.43 27.62 -10.35
C MET L 181 5.65 26.93 -9.75
N VAL L 182 5.42 26.19 -8.66
CA VAL L 182 6.45 25.45 -7.95
C VAL L 182 6.53 24.03 -8.47
N ASP L 183 7.71 23.42 -8.42
CA ASP L 183 7.84 22.04 -8.86
C ASP L 183 6.78 21.28 -8.05
N THR L 184 6.04 20.42 -8.75
CA THR L 184 4.94 19.69 -8.12
C THR L 184 5.16 18.18 -8.02
N GLY L 185 6.32 17.73 -8.47
CA GLY L 185 6.60 16.32 -8.44
C GLY L 185 7.13 15.90 -9.79
N PHE L 186 7.04 16.81 -10.75
CA PHE L 186 7.54 16.52 -12.08
C PHE L 186 8.82 17.30 -12.36
N GLY L 187 9.45 17.82 -11.31
CA GLY L 187 10.68 18.57 -11.43
C GLY L 187 10.45 20.00 -11.88
N ALA L 188 11.53 20.76 -12.00
CA ALA L 188 11.41 22.16 -12.43
C ALA L 188 11.77 22.30 -13.91
N MET L 189 10.75 22.38 -14.75
CA MET L 189 10.96 22.48 -16.17
C MET L 189 9.85 23.25 -16.86
N ASP L 190 10.13 23.64 -18.10
CA ASP L 190 9.19 24.37 -18.93
C ASP L 190 8.42 23.36 -19.78
N PHE L 191 7.28 22.94 -19.28
CA PHE L 191 6.45 21.95 -19.95
C PHE L 191 5.90 22.39 -21.30
N THR L 192 5.73 23.69 -21.47
CA THR L 192 5.19 24.22 -22.72
C THR L 192 6.15 23.94 -23.87
N THR L 193 7.42 24.30 -23.67
CA THR L 193 8.43 24.11 -24.71
C THR L 193 9.12 22.76 -24.73
N LEU L 194 8.76 21.90 -23.77
CA LEU L 194 9.39 20.58 -23.69
C LEU L 194 8.38 19.44 -23.82
N GLN L 195 7.11 19.78 -23.94
CA GLN L 195 6.07 18.76 -24.07
C GLN L 195 4.98 19.21 -25.04
N ALA L 196 5.19 18.93 -26.33
CA ALA L 196 4.24 19.30 -27.36
C ALA L 196 2.89 18.65 -27.04
N ASN L 197 2.97 17.48 -26.44
CA ASN L 197 1.85 16.65 -26.03
C ASN L 197 0.71 17.43 -25.40
N LYS L 198 1.05 18.34 -24.47
CA LYS L 198 0.08 19.16 -23.76
C LYS L 198 -0.80 18.32 -22.83
N SER L 199 -0.38 17.09 -22.58
CA SER L 199 -1.15 16.19 -21.73
C SER L 199 -0.28 15.33 -20.81
N GLU L 200 0.96 15.77 -20.56
CA GLU L 200 1.86 15.01 -19.71
C GLU L 200 1.64 15.29 -18.22
N VAL L 201 1.14 16.47 -17.89
CA VAL L 201 0.91 16.85 -16.51
C VAL L 201 -0.44 17.53 -16.36
N PRO L 202 -0.95 17.70 -15.11
CA PRO L 202 -2.25 18.36 -14.88
C PRO L 202 -2.34 19.73 -15.52
N LEU L 203 -3.57 20.20 -15.73
CA LEU L 203 -3.79 21.51 -16.35
C LEU L 203 -3.04 22.71 -15.73
N ASP L 204 -3.01 22.79 -14.41
CA ASP L 204 -2.37 23.91 -13.71
C ASP L 204 -0.87 24.16 -13.92
N ILE L 205 -0.13 23.18 -14.44
CA ILE L 205 1.30 23.37 -14.71
C ILE L 205 1.56 23.00 -16.17
N CYS L 206 0.51 22.46 -16.77
CA CYS L 206 0.48 21.98 -18.14
C CYS L 206 1.10 22.91 -19.20
N THR L 207 0.84 24.20 -19.09
CA THR L 207 1.42 25.12 -20.04
C THR L 207 2.14 26.21 -19.27
N SER L 208 2.76 25.82 -18.16
CA SER L 208 3.50 26.75 -17.34
C SER L 208 4.94 26.31 -17.15
N ILE L 209 5.66 27.02 -16.29
CA ILE L 209 7.04 26.66 -15.98
C ILE L 209 7.13 26.46 -14.48
N CYS L 210 7.52 25.27 -14.07
CA CYS L 210 7.69 25.01 -12.64
C CYS L 210 9.14 25.36 -12.34
N LYS L 211 9.34 26.35 -11.49
CA LYS L 211 10.67 26.79 -11.17
C LYS L 211 11.05 26.40 -9.75
N TYR L 212 12.34 26.22 -9.52
CA TYR L 212 12.86 25.86 -8.20
C TYR L 212 13.86 26.92 -7.78
N PRO L 213 13.78 27.36 -6.52
CA PRO L 213 14.74 28.38 -6.11
C PRO L 213 16.16 27.90 -6.38
N ASP L 214 17.00 28.77 -6.94
CA ASP L 214 18.38 28.38 -7.16
C ASP L 214 19.16 28.83 -5.90
N TYR L 215 18.98 28.07 -4.82
CA TYR L 215 19.62 28.37 -3.57
C TYR L 215 21.12 28.52 -3.71
N ILE L 216 21.73 27.63 -4.48
CA ILE L 216 23.18 27.66 -4.66
C ILE L 216 23.69 28.96 -5.23
N LYS L 217 23.10 29.39 -6.34
CA LYS L 217 23.50 30.63 -6.99
C LYS L 217 23.29 31.84 -6.08
N MET L 218 22.11 31.92 -5.47
CA MET L 218 21.78 33.02 -4.59
C MET L 218 22.70 33.17 -3.40
N VAL L 219 23.13 32.06 -2.82
CA VAL L 219 24.02 32.14 -1.67
C VAL L 219 25.46 32.44 -2.12
N SER L 220 25.79 32.07 -3.34
CA SER L 220 27.11 32.30 -3.92
C SER L 220 27.25 33.79 -4.19
N GLU L 221 26.13 34.38 -4.57
CA GLU L 221 26.07 35.80 -4.84
C GLU L 221 27.00 36.54 -3.87
N PRO L 222 27.95 37.32 -4.40
CA PRO L 222 28.93 38.08 -3.62
C PRO L 222 28.38 38.97 -2.50
N TYR L 223 27.43 39.83 -2.82
CA TYR L 223 26.86 40.73 -1.80
C TYR L 223 25.74 40.07 -0.99
N GLY L 224 25.09 39.07 -1.56
CA GLY L 224 24.02 38.38 -0.86
C GLY L 224 22.77 39.20 -0.62
N ASP L 225 22.38 40.00 -1.60
CA ASP L 225 21.19 40.82 -1.46
C ASP L 225 19.92 40.07 -1.83
N SER L 226 20.03 39.15 -2.78
CA SER L 226 18.86 38.41 -3.22
C SER L 226 18.17 37.62 -2.12
N LEU L 227 18.94 37.15 -1.15
CA LEU L 227 18.33 36.43 -0.04
C LEU L 227 19.26 36.35 1.17
N PHE L 228 18.81 36.93 2.29
CA PHE L 228 19.62 36.89 3.48
C PHE L 228 19.01 36.04 4.57
N PHE L 229 18.01 35.25 4.18
CA PHE L 229 17.34 34.35 5.11
C PHE L 229 16.37 33.47 4.35
N TYR L 230 16.28 32.19 4.71
CA TYR L 230 15.31 31.33 4.06
C TYR L 230 14.92 30.09 4.87
N LEU L 231 13.77 29.53 4.55
CA LEU L 231 13.28 28.33 5.20
C LEU L 231 12.64 27.49 4.12
N ARG L 232 13.08 26.25 4.01
CA ARG L 232 12.54 25.35 3.01
C ARG L 232 12.16 24.02 3.65
N ARG L 233 11.04 23.50 3.18
CA ARG L 233 10.52 22.22 3.67
C ARG L 233 9.72 21.59 2.53
N GLU L 234 10.29 20.54 1.94
CA GLU L 234 9.65 19.82 0.84
C GLU L 234 9.72 18.30 1.05
N GLN L 235 8.64 17.60 0.72
CA GLN L 235 8.56 16.15 0.85
C GLN L 235 7.67 15.59 -0.24
N MET L 236 7.97 14.37 -0.67
CA MET L 236 7.21 13.72 -1.72
C MET L 236 7.47 12.22 -1.81
N PHE L 237 6.47 11.49 -2.27
CA PHE L 237 6.62 10.05 -2.45
C PHE L 237 5.79 9.58 -3.67
N VAL L 238 6.12 8.41 -4.19
CA VAL L 238 5.46 7.84 -5.35
C VAL L 238 4.13 7.16 -5.04
N ARG L 239 3.03 7.74 -5.49
CA ARG L 239 1.72 7.15 -5.28
C ARG L 239 1.44 6.07 -6.34
N HIS L 240 1.56 6.40 -7.63
CA HIS L 240 1.32 5.43 -8.69
C HIS L 240 2.44 5.38 -9.70
N LEU L 241 2.56 4.25 -10.40
CA LEU L 241 3.60 4.10 -11.43
C LEU L 241 2.96 3.82 -12.78
N PHE L 242 3.08 4.78 -13.69
CA PHE L 242 2.47 4.67 -15.00
C PHE L 242 3.37 4.56 -16.21
N ASN L 243 2.70 4.47 -17.36
CA ASN L 243 3.31 4.33 -18.67
C ASN L 243 2.90 5.53 -19.51
N ARG L 244 3.74 5.90 -20.48
CA ARG L 244 3.42 7.01 -21.37
C ARG L 244 3.08 6.50 -22.77
N ALA L 245 1.91 6.91 -23.27
CA ALA L 245 1.51 6.54 -24.60
C ALA L 245 2.34 7.44 -25.51
N GLY L 246 2.37 7.12 -26.80
CA GLY L 246 3.16 7.91 -27.72
C GLY L 246 4.06 6.95 -28.46
N THR L 247 5.04 7.45 -29.17
CA THR L 247 5.91 6.54 -29.90
C THR L 247 7.34 6.63 -29.44
N VAL L 248 8.02 5.48 -29.43
CA VAL L 248 9.40 5.42 -28.97
C VAL L 248 10.24 6.50 -29.62
N GLY L 249 10.81 7.36 -28.78
CA GLY L 249 11.66 8.44 -29.25
C GLY L 249 13.05 7.85 -29.30
N GLU L 250 13.35 7.00 -28.34
CA GLU L 250 14.62 6.32 -28.26
C GLU L 250 14.35 4.87 -27.90
N ASN L 251 14.82 4.02 -28.64
CA ASN L 251 14.60 2.60 -28.43
C ASN L 251 15.49 1.94 -27.40
N VAL L 252 14.88 0.88 -26.88
CA VAL L 252 15.60 0.19 -25.85
C VAL L 252 16.65 -0.68 -26.52
N PRO L 253 17.93 -0.47 -26.17
CA PRO L 253 19.04 -1.27 -26.74
C PRO L 253 18.73 -2.74 -26.51
N ASP L 254 18.77 -3.53 -27.57
CA ASP L 254 18.45 -4.95 -27.45
C ASP L 254 19.44 -5.81 -26.66
N ASP L 255 20.54 -5.21 -26.21
CA ASP L 255 21.52 -5.93 -25.41
C ASP L 255 21.03 -5.96 -23.96
N LEU L 256 19.90 -5.30 -23.71
CA LEU L 256 19.32 -5.21 -22.37
C LEU L 256 18.17 -6.16 -22.13
N TYR L 257 17.90 -7.05 -23.08
CA TYR L 257 16.79 -7.97 -22.91
C TYR L 257 16.74 -9.01 -23.99
N ILE L 258 15.92 -10.03 -23.76
CA ILE L 258 15.74 -11.11 -24.70
C ILE L 258 14.40 -10.94 -25.38
N LYS L 259 14.42 -10.86 -26.71
CA LYS L 259 13.24 -10.67 -27.53
C LYS L 259 12.11 -11.57 -27.07
N GLY L 260 10.89 -11.04 -27.08
CA GLY L 260 9.74 -11.83 -26.69
C GLY L 260 9.14 -12.58 -27.88
N SER L 261 7.82 -12.74 -27.88
CA SER L 261 7.13 -13.43 -28.94
C SER L 261 5.64 -13.40 -28.67
N GLY L 262 4.84 -13.54 -29.72
CA GLY L 262 3.40 -13.53 -29.53
C GLY L 262 3.00 -12.19 -28.96
N SER L 263 2.51 -12.18 -27.71
CA SER L 263 2.13 -10.93 -27.06
C SER L 263 3.37 -10.11 -26.66
N THR L 264 4.35 -10.78 -26.06
CA THR L 264 5.58 -10.12 -25.64
C THR L 264 6.54 -9.89 -26.82
N ALA L 265 6.03 -10.01 -28.04
CA ALA L 265 6.87 -9.81 -29.23
C ALA L 265 7.17 -8.31 -29.37
N ASN L 266 6.16 -7.50 -29.09
CA ASN L 266 6.26 -6.06 -29.15
C ASN L 266 6.46 -5.45 -27.79
N LEU L 267 7.58 -4.73 -27.62
CA LEU L 267 7.91 -4.09 -26.34
C LEU L 267 6.90 -3.01 -25.93
N ALA L 268 6.46 -3.05 -24.67
CA ALA L 268 5.53 -2.04 -24.18
C ALA L 268 6.36 -0.79 -23.87
N SER L 269 5.69 0.35 -23.80
CA SER L 269 6.37 1.61 -23.49
C SER L 269 7.14 1.51 -22.18
N SER L 270 8.43 1.80 -22.22
CA SER L 270 9.23 1.77 -21.00
C SER L 270 9.55 3.22 -20.63
N ASN L 271 8.62 4.11 -21.01
CA ASN L 271 8.71 5.53 -20.70
C ASN L 271 7.79 5.69 -19.51
N TYR L 272 8.27 5.21 -18.35
CA TYR L 272 7.49 5.27 -17.12
C TYR L 272 7.55 6.62 -16.48
N PHE L 273 6.49 6.97 -15.75
CA PHE L 273 6.44 8.21 -15.02
C PHE L 273 5.60 7.94 -13.78
N PRO L 274 6.04 8.47 -12.63
CA PRO L 274 5.29 8.27 -11.38
C PRO L 274 4.35 9.42 -11.07
N THR L 275 3.39 9.15 -10.21
CA THR L 275 2.41 10.12 -9.77
C THR L 275 2.90 10.58 -8.41
N PRO L 276 3.04 11.88 -8.21
CA PRO L 276 3.51 12.32 -6.91
C PRO L 276 2.43 12.31 -5.85
N SER L 277 2.85 12.57 -4.62
CA SER L 277 1.98 12.66 -3.46
C SER L 277 2.72 13.26 -2.28
N GLY L 278 2.35 14.49 -1.92
CA GLY L 278 2.95 15.13 -0.75
C GLY L 278 2.04 14.57 0.32
N SER L 279 2.59 13.77 1.21
CA SER L 279 1.76 13.13 2.23
C SER L 279 0.85 14.04 3.04
N MET L 280 0.67 13.67 4.31
CA MET L 280 -0.16 14.40 5.23
C MET L 280 0.43 15.75 5.57
N VAL L 281 -0.42 16.73 5.85
CA VAL L 281 0.01 18.06 6.25
C VAL L 281 -0.25 18.16 7.73
N THR L 282 0.60 18.89 8.44
CA THR L 282 0.46 19.00 9.88
C THR L 282 0.83 20.34 10.48
N SER L 283 0.22 20.64 11.62
CA SER L 283 0.49 21.87 12.36
C SER L 283 1.93 21.85 12.83
N ASP L 284 2.29 20.79 13.54
CA ASP L 284 3.63 20.66 14.08
C ASP L 284 4.72 20.96 13.05
N ALA L 285 4.42 20.79 11.78
CA ALA L 285 5.43 21.04 10.75
C ALA L 285 5.35 22.41 10.11
N GLN L 286 4.44 23.25 10.60
CA GLN L 286 4.28 24.59 10.04
C GLN L 286 5.53 25.44 10.15
N ILE L 287 5.72 26.27 9.14
CA ILE L 287 6.86 27.15 8.99
C ILE L 287 6.43 28.58 9.26
N PHE L 288 5.17 28.86 9.00
CA PHE L 288 4.61 30.19 9.14
C PHE L 288 3.93 30.43 10.47
N ASN L 289 3.46 31.65 10.68
CA ASN L 289 2.80 32.04 11.91
C ASN L 289 3.77 31.85 13.08
N LYS L 290 5.03 32.10 12.78
CA LYS L 290 6.13 32.03 13.71
C LYS L 290 6.98 33.23 13.28
N PRO L 291 7.61 33.90 14.24
CA PRO L 291 8.45 35.06 13.88
C PRO L 291 9.86 34.60 13.52
N TYR L 292 10.49 35.28 12.57
CA TYR L 292 11.85 34.93 12.17
C TYR L 292 12.73 36.12 12.57
N TRP L 293 13.72 35.87 13.41
CA TRP L 293 14.61 36.95 13.83
C TRP L 293 15.87 36.98 12.98
N LEU L 294 15.91 37.88 12.00
CA LEU L 294 17.06 38.01 11.09
C LEU L 294 18.24 38.77 11.71
N GLN L 295 18.86 38.20 12.74
CA GLN L 295 19.96 38.89 13.42
C GLN L 295 21.33 38.72 12.77
N ARG L 296 21.73 37.49 12.50
CA ARG L 296 23.02 37.21 11.88
C ARG L 296 22.78 36.58 10.52
N ALA L 297 23.09 37.29 9.44
CA ALA L 297 22.89 36.74 8.11
C ALA L 297 24.14 35.98 7.70
N GLN L 298 23.97 34.95 6.88
CA GLN L 298 25.10 34.16 6.42
C GLN L 298 25.79 34.88 5.25
N GLY L 299 25.09 35.83 4.66
CA GLY L 299 25.62 36.61 3.55
C GLY L 299 26.25 37.89 4.08
N HIS L 300 26.84 38.70 3.22
CA HIS L 300 27.46 39.93 3.69
C HIS L 300 26.42 41.01 3.96
N ASN L 301 25.31 40.95 3.25
CA ASN L 301 24.25 41.93 3.49
C ASN L 301 23.44 41.39 4.66
N ASN L 302 23.58 42.01 5.83
CA ASN L 302 22.86 41.53 6.97
C ASN L 302 21.49 42.15 7.11
N GLY L 303 20.62 41.88 6.15
CA GLY L 303 19.27 42.40 6.23
C GLY L 303 19.06 43.87 5.95
N ILE L 304 19.98 44.49 5.22
CA ILE L 304 19.83 45.89 4.91
C ILE L 304 18.92 45.93 3.67
N CYS L 305 17.89 46.78 3.74
CA CYS L 305 16.93 46.91 2.65
C CYS L 305 17.27 48.07 1.70
N TRP L 306 18.38 47.91 0.97
CA TRP L 306 18.82 48.92 0.02
C TRP L 306 17.66 49.28 -0.90
N GLY L 307 17.50 50.56 -1.19
CA GLY L 307 16.43 51.00 -2.06
C GLY L 307 15.10 51.05 -1.34
N ASN L 308 15.12 50.85 -0.02
CA ASN L 308 13.89 50.88 0.78
C ASN L 308 12.92 49.84 0.22
N GLN L 309 13.49 48.75 -0.30
CA GLN L 309 12.75 47.64 -0.87
C GLN L 309 12.98 46.43 0.01
N LEU L 310 12.18 45.40 -0.21
CA LEU L 310 12.28 44.18 0.57
C LEU L 310 11.44 43.11 -0.14
N PHE L 311 12.05 41.95 -0.40
CA PHE L 311 11.34 40.86 -1.08
C PHE L 311 11.05 39.68 -0.19
N VAL L 312 9.78 39.28 -0.18
CA VAL L 312 9.37 38.13 0.64
C VAL L 312 8.70 37.14 -0.26
N THR L 313 9.43 36.05 -0.55
CA THR L 313 8.89 35.02 -1.42
C THR L 313 8.34 33.91 -0.55
N VAL L 314 7.17 33.39 -0.93
CA VAL L 314 6.53 32.33 -0.18
C VAL L 314 5.89 31.28 -1.05
N VAL L 315 5.82 30.06 -0.53
CA VAL L 315 5.14 28.95 -1.19
C VAL L 315 4.63 28.10 -0.02
N ASP L 316 3.33 27.88 0.01
CA ASP L 316 2.72 27.09 1.06
C ASP L 316 1.63 26.23 0.48
N THR L 317 1.89 24.93 0.40
CA THR L 317 0.88 24.02 -0.16
C THR L 317 0.18 23.25 0.94
N THR L 318 0.28 23.74 2.17
CA THR L 318 -0.36 23.08 3.30
C THR L 318 -1.75 23.66 3.56
N ARG L 319 -2.22 24.48 2.63
CA ARG L 319 -3.54 25.11 2.72
C ARG L 319 -4.10 25.23 1.30
N SER L 320 -3.83 24.20 0.51
CA SER L 320 -4.24 24.18 -0.90
C SER L 320 -5.64 23.69 -1.21
N THR L 321 -6.47 23.53 -0.16
CA THR L 321 -7.84 23.08 -0.33
C THR L 321 -8.55 23.91 -1.39
N ASN L 322 -9.16 23.22 -2.35
CA ASN L 322 -9.93 23.90 -3.39
C ASN L 322 -11.37 23.60 -3.02
N MET L 323 -12.26 24.56 -3.16
CA MET L 323 -13.64 24.31 -2.82
C MET L 323 -14.53 24.39 -4.05
N SER L 324 -15.35 23.37 -4.23
CA SER L 324 -16.26 23.32 -5.36
C SER L 324 -17.58 23.92 -4.91
N LEU L 325 -18.09 24.87 -5.69
CA LEU L 325 -19.36 25.48 -5.37
C LEU L 325 -20.22 25.39 -6.64
N CYS L 326 -21.42 24.82 -6.51
CA CYS L 326 -22.28 24.69 -7.68
C CYS L 326 -23.61 25.36 -7.45
N ALA L 327 -24.08 26.05 -8.49
CA ALA L 327 -25.36 26.75 -8.46
C ALA L 327 -26.36 25.98 -9.32
N ALA L 328 -27.62 25.99 -8.89
CA ALA L 328 -28.67 25.30 -9.61
C ALA L 328 -29.20 26.21 -10.70
N ILE L 329 -29.51 25.63 -11.86
CA ILE L 329 -30.03 26.44 -12.95
C ILE L 329 -31.51 26.67 -12.72
N SER L 330 -32.11 25.73 -12.00
CA SER L 330 -33.52 25.79 -11.68
C SER L 330 -33.73 25.31 -10.24
N THR L 331 -34.60 26.01 -9.50
CA THR L 331 -34.88 25.65 -8.12
C THR L 331 -36.24 24.96 -7.97
N SER L 332 -36.69 24.31 -9.03
CA SER L 332 -37.99 23.64 -9.04
C SER L 332 -37.93 22.15 -8.71
N GLU L 333 -37.81 21.34 -9.77
CA GLU L 333 -37.78 19.88 -9.68
C GLU L 333 -37.13 19.37 -8.41
N THR L 334 -37.77 18.37 -7.83
CA THR L 334 -37.29 17.77 -6.60
C THR L 334 -36.54 16.50 -6.96
N THR L 335 -36.07 16.44 -8.19
CA THR L 335 -35.33 15.26 -8.64
C THR L 335 -34.00 15.74 -9.21
N TYR L 336 -32.91 15.17 -8.68
CA TYR L 336 -31.57 15.53 -9.10
C TYR L 336 -31.38 15.29 -10.59
N LYS L 337 -30.72 16.24 -11.24
CA LYS L 337 -30.40 16.16 -12.67
C LYS L 337 -29.05 16.84 -12.79
N ASN L 338 -28.04 16.10 -13.24
CA ASN L 338 -26.71 16.66 -13.38
C ASN L 338 -26.76 17.91 -14.24
N THR L 339 -27.70 17.94 -15.18
CA THR L 339 -27.84 19.06 -16.09
C THR L 339 -28.38 20.31 -15.40
N ASN L 340 -29.03 20.13 -14.25
CA ASN L 340 -29.58 21.26 -13.53
C ASN L 340 -28.58 22.05 -12.70
N PHE L 341 -27.38 21.49 -12.49
CA PHE L 341 -26.36 22.18 -11.69
C PHE L 341 -25.03 22.45 -12.40
N LYS L 342 -24.58 23.70 -12.30
CA LYS L 342 -23.32 24.11 -12.89
C LYS L 342 -22.23 24.02 -11.80
N GLU L 343 -21.26 23.12 -12.01
CA GLU L 343 -20.17 22.89 -11.07
C GLU L 343 -18.96 23.78 -11.34
N TYR L 344 -18.43 24.39 -10.28
CA TYR L 344 -17.25 25.24 -10.41
C TYR L 344 -16.19 24.90 -9.36
N LEU L 345 -15.04 25.56 -9.45
CA LEU L 345 -13.93 25.39 -8.51
C LEU L 345 -13.30 26.74 -8.19
N ARG L 346 -13.00 26.97 -6.92
CA ARG L 346 -12.39 28.22 -6.49
C ARG L 346 -11.42 27.89 -5.38
N HIS L 347 -10.39 28.72 -5.22
CA HIS L 347 -9.42 28.50 -4.16
C HIS L 347 -9.07 29.84 -3.54
N GLY L 348 -8.98 29.87 -2.22
CA GLY L 348 -8.65 31.12 -1.55
C GLY L 348 -7.36 31.06 -0.76
N GLU L 349 -6.62 32.15 -0.76
CA GLU L 349 -5.37 32.23 -0.05
C GLU L 349 -5.45 33.44 0.88
N GLU L 350 -4.94 33.31 2.11
CA GLU L 350 -4.98 34.40 3.08
C GLU L 350 -3.62 34.67 3.70
N TYR L 351 -3.10 35.88 3.53
CA TYR L 351 -1.79 36.25 4.09
C TYR L 351 -1.89 37.44 5.01
N ASP L 352 -0.83 37.65 5.77
CA ASP L 352 -0.73 38.77 6.71
C ASP L 352 0.75 38.95 7.06
N LEU L 353 1.41 39.87 6.38
CA LEU L 353 2.84 40.09 6.60
C LEU L 353 3.09 41.13 7.69
N GLN L 354 4.06 40.84 8.55
CA GLN L 354 4.43 41.73 9.65
C GLN L 354 5.94 41.82 9.75
N PHE L 355 6.44 43.04 9.98
CA PHE L 355 7.89 43.22 10.08
C PHE L 355 8.28 44.15 11.20
N ILE L 356 9.53 44.03 11.60
CA ILE L 356 10.12 44.90 12.62
C ILE L 356 11.35 45.46 11.92
N PHE L 357 11.41 46.78 11.75
CA PHE L 357 12.58 47.38 11.10
C PHE L 357 13.46 48.22 12.03
N GLN L 358 14.76 48.13 11.82
CA GLN L 358 15.70 48.89 12.62
C GLN L 358 16.35 49.97 11.77
N LEU L 359 16.27 51.21 12.24
CA LEU L 359 16.86 52.35 11.52
C LEU L 359 18.38 52.22 11.54
N CYS L 360 19.01 52.54 10.42
CA CYS L 360 20.47 52.47 10.30
C CYS L 360 21.02 53.72 9.61
N LYS L 361 22.28 54.04 9.91
CA LYS L 361 22.90 55.22 9.33
C LYS L 361 24.23 54.87 8.68
N ILE L 362 24.56 55.59 7.61
CA ILE L 362 25.82 55.38 6.87
C ILE L 362 26.57 56.69 6.63
N THR L 363 27.71 56.85 7.28
CA THR L 363 28.49 58.06 7.08
C THR L 363 29.14 57.92 5.71
N LEU L 364 28.72 58.78 4.80
CA LEU L 364 29.20 58.74 3.44
C LEU L 364 30.65 59.17 3.18
N THR L 365 31.60 58.39 3.70
CA THR L 365 33.01 58.70 3.49
C THR L 365 33.39 58.39 2.05
N ALA L 366 34.65 58.59 1.69
CA ALA L 366 35.12 58.32 0.34
C ALA L 366 35.01 56.84 0.05
N ASP L 367 35.73 56.07 0.84
CA ASP L 367 35.77 54.62 0.72
C ASP L 367 34.35 54.06 0.63
N VAL L 368 33.52 54.42 1.62
CA VAL L 368 32.14 53.98 1.68
C VAL L 368 31.42 54.27 0.36
N MET L 369 31.55 55.50 -0.13
CA MET L 369 30.89 55.88 -1.37
C MET L 369 31.46 55.13 -2.57
N THR L 370 32.73 54.77 -2.51
CA THR L 370 33.34 54.03 -3.61
C THR L 370 32.71 52.63 -3.61
N TYR L 371 32.70 52.00 -2.42
CA TYR L 371 32.15 50.66 -2.24
C TYR L 371 30.70 50.61 -2.67
N ILE L 372 29.83 51.37 -1.98
CA ILE L 372 28.42 51.38 -2.30
C ILE L 372 28.16 51.71 -3.75
N HIS L 373 29.02 52.53 -4.34
CA HIS L 373 28.88 52.88 -5.74
C HIS L 373 29.10 51.65 -6.59
N SER L 374 30.17 50.92 -6.31
CA SER L 374 30.49 49.71 -7.06
C SER L 374 29.38 48.67 -6.89
N MET L 375 29.03 48.44 -5.63
CA MET L 375 27.97 47.49 -5.28
C MET L 375 26.68 47.76 -6.03
N ASN L 376 26.17 48.97 -5.94
CA ASN L 376 24.93 49.32 -6.61
C ASN L 376 24.75 50.83 -6.76
N SER L 377 25.41 51.40 -7.76
CA SER L 377 25.36 52.83 -8.01
C SER L 377 24.03 53.55 -7.72
N THR L 378 22.91 52.90 -8.02
CA THR L 378 21.60 53.52 -7.79
C THR L 378 21.39 53.96 -6.34
N ILE L 379 22.02 53.26 -5.39
CA ILE L 379 21.88 53.61 -3.99
C ILE L 379 22.16 55.08 -3.77
N LEU L 380 23.36 55.49 -4.14
CA LEU L 380 23.79 56.88 -4.00
C LEU L 380 22.96 57.86 -4.84
N GLU L 381 22.69 57.49 -6.09
CA GLU L 381 21.90 58.32 -6.99
C GLU L 381 20.52 58.65 -6.40
N ASP L 382 19.90 57.65 -5.78
CA ASP L 382 18.59 57.83 -5.19
C ASP L 382 18.68 58.63 -3.90
N TRP L 383 19.80 58.54 -3.21
CA TRP L 383 19.92 59.31 -1.98
C TRP L 383 19.82 60.78 -2.25
N ASN L 384 20.41 61.64 -1.42
CA ASN L 384 20.22 63.09 -1.64
C ASN L 384 19.68 63.44 -3.02
N GLU L 419 12.40 55.59 -12.44
CA GLU L 419 11.49 54.57 -12.95
C GLU L 419 11.97 53.17 -12.53
N ASP L 420 11.01 52.29 -12.24
CA ASP L 420 11.24 50.91 -11.78
C ASP L 420 12.11 50.03 -12.70
N PRO L 421 13.29 49.60 -12.21
CA PRO L 421 14.24 48.76 -12.95
C PRO L 421 13.78 47.33 -13.24
N LEU L 422 12.67 46.93 -12.60
CA LEU L 422 12.12 45.59 -12.80
C LEU L 422 10.68 45.70 -13.27
N LYS L 423 10.40 46.68 -14.13
CA LYS L 423 9.06 46.88 -14.64
C LYS L 423 8.61 45.67 -15.44
N LYS L 424 9.57 44.98 -16.03
CA LYS L 424 9.32 43.80 -16.83
C LYS L 424 8.67 42.70 -16.04
N TYR L 425 9.08 42.58 -14.78
CA TYR L 425 8.57 41.53 -13.92
C TYR L 425 7.34 41.94 -13.13
N THR L 426 6.57 40.96 -12.69
CA THR L 426 5.38 41.26 -11.91
C THR L 426 5.35 40.55 -10.57
N PHE L 427 5.05 41.31 -9.52
CA PHE L 427 4.94 40.76 -8.17
C PHE L 427 3.82 41.44 -7.42
N TRP L 428 3.40 40.82 -6.32
CA TRP L 428 2.35 41.37 -5.47
C TRP L 428 2.96 42.62 -4.84
N GLU L 429 2.51 43.78 -5.29
CA GLU L 429 3.02 45.05 -4.78
C GLU L 429 2.45 45.31 -3.41
N VAL L 430 3.31 45.61 -2.46
CA VAL L 430 2.87 45.89 -1.10
C VAL L 430 3.42 47.23 -0.62
N ASN L 431 2.53 48.19 -0.37
CA ASN L 431 2.98 49.50 0.07
C ASN L 431 2.88 49.70 1.57
N LEU L 432 4.03 49.86 2.22
CA LEU L 432 4.04 50.04 3.67
C LEU L 432 4.45 51.44 4.10
N LYS L 433 4.59 52.37 3.17
CA LYS L 433 4.99 53.73 3.49
C LYS L 433 4.11 54.41 4.56
N GLU L 434 2.85 53.99 4.68
CA GLU L 434 1.93 54.56 5.68
C GLU L 434 1.67 53.58 6.80
N LYS L 435 2.46 52.52 6.88
CA LYS L 435 2.25 51.50 7.90
C LYS L 435 3.26 51.41 9.03
N PHE L 436 4.29 52.25 9.01
CA PHE L 436 5.28 52.20 10.07
C PHE L 436 4.75 52.81 11.36
N SER L 437 5.04 52.17 12.48
CA SER L 437 4.60 52.65 13.78
C SER L 437 5.71 52.43 14.79
N ALA L 438 5.99 53.45 15.59
CA ALA L 438 7.04 53.35 16.57
C ALA L 438 6.61 52.56 17.80
N ASP L 439 5.32 52.30 17.95
CA ASP L 439 4.85 51.56 19.13
C ASP L 439 4.74 50.06 18.93
N LEU L 440 5.88 49.37 18.93
CA LEU L 440 5.89 47.92 18.73
C LEU L 440 4.92 47.29 19.71
N ASP L 441 4.85 47.91 20.89
CA ASP L 441 3.97 47.52 21.99
C ASP L 441 2.57 47.16 21.49
N GLN L 442 2.03 47.99 20.61
CA GLN L 442 0.69 47.81 20.06
C GLN L 442 0.46 46.72 19.04
N PHE L 443 1.48 45.96 18.71
CA PHE L 443 1.30 44.88 17.73
C PHE L 443 1.84 43.55 18.23
N PRO L 444 1.25 42.44 17.75
CA PRO L 444 1.70 41.12 18.17
C PRO L 444 3.16 40.81 17.82
N LEU L 445 3.60 41.14 16.60
CA LEU L 445 4.98 40.86 16.26
C LEU L 445 5.85 41.78 17.10
N GLY L 446 5.37 42.99 17.35
CA GLY L 446 6.11 43.95 18.14
C GLY L 446 6.31 43.49 19.58
N ARG L 447 5.23 42.97 20.19
CA ARG L 447 5.35 42.48 21.56
C ARG L 447 6.38 41.37 21.55
N LYS L 448 6.21 40.40 20.64
CA LYS L 448 7.12 39.29 20.55
C LYS L 448 8.57 39.75 20.49
N PHE L 449 8.84 40.74 19.64
CA PHE L 449 10.19 41.29 19.45
C PHE L 449 10.75 41.86 20.73
N LEU L 450 9.97 42.69 21.39
CA LEU L 450 10.43 43.27 22.66
C LEU L 450 10.77 42.16 23.64
N LEU L 451 9.81 41.28 23.87
CA LEU L 451 10.03 40.17 24.78
C LEU L 451 11.30 39.40 24.41
N GLN L 452 11.46 39.09 23.14
CA GLN L 452 12.64 38.35 22.68
C GLN L 452 13.93 39.14 22.90
N LEU L 453 13.98 40.38 22.42
CA LEU L 453 15.19 41.17 22.59
C LEU L 453 15.34 41.80 23.98
N GLY L 454 14.46 41.45 24.90
CA GLY L 454 14.50 42.01 26.23
C GLY L 454 14.44 43.53 26.21
N LEU L 455 15.59 44.19 26.07
CA LEU L 455 15.65 45.66 26.01
C LEU L 455 15.36 46.21 24.61
N ALA M 1 -3.38 54.56 23.48
CA ALA M 1 -2.50 53.36 23.53
C ALA M 1 -3.04 52.31 24.50
N VAL M 2 -2.88 51.04 24.17
CA VAL M 2 -3.34 49.97 25.04
C VAL M 2 -2.19 49.56 25.94
N VAL M 3 -2.49 49.05 27.13
CA VAL M 3 -1.43 48.63 28.03
C VAL M 3 -1.72 47.29 28.66
N SER M 4 -0.66 46.58 29.05
CA SER M 4 -0.82 45.29 29.68
C SER M 4 -1.66 45.47 30.95
N THR M 5 -2.43 44.45 31.29
CA THR M 5 -3.26 44.49 32.47
C THR M 5 -2.36 44.53 33.71
N ASP M 6 -1.12 44.07 33.56
CA ASP M 6 -0.17 44.04 34.67
C ASP M 6 0.05 45.44 35.20
N GLU M 7 -0.21 46.43 34.34
CA GLU M 7 -0.06 47.83 34.68
C GLU M 7 -1.06 48.33 35.74
N TYR M 8 -2.34 48.06 35.49
CA TYR M 8 -3.40 48.49 36.38
C TYR M 8 -4.10 47.42 37.19
N VAL M 9 -3.78 46.16 36.97
CA VAL M 9 -4.43 45.10 37.73
C VAL M 9 -3.46 44.55 38.75
N ALA M 10 -3.82 44.60 40.02
CA ALA M 10 -2.97 44.11 41.08
C ALA M 10 -3.33 42.67 41.41
N ARG M 11 -2.30 41.90 41.70
CA ARG M 11 -2.42 40.49 42.02
C ARG M 11 -2.41 40.22 43.50
N THR M 12 -3.43 39.56 44.02
CA THR M 12 -3.44 39.26 45.44
C THR M 12 -2.79 37.90 45.58
N ASN M 13 -2.87 37.35 46.77
CA ASN M 13 -2.25 36.07 47.04
C ASN M 13 -3.28 34.98 47.21
N ILE M 14 -4.53 35.30 46.93
CA ILE M 14 -5.63 34.37 47.08
C ILE M 14 -5.87 33.61 45.80
N TYR M 15 -6.04 32.30 45.92
CA TYR M 15 -6.29 31.45 44.77
C TYR M 15 -7.46 30.55 45.08
N TYR M 16 -8.30 30.36 44.08
CA TYR M 16 -9.44 29.47 44.22
C TYR M 16 -9.46 28.46 43.08
N HIS M 17 -10.04 27.30 43.36
CA HIS M 17 -10.17 26.26 42.38
C HIS M 17 -11.64 26.20 42.07
N ALA M 18 -11.97 25.82 40.84
CA ALA M 18 -13.35 25.71 40.41
C ALA M 18 -13.42 24.66 39.31
N GLY M 19 -14.47 23.87 39.29
CA GLY M 19 -14.57 22.88 38.25
C GLY M 19 -15.98 22.38 38.01
N THR M 20 -16.26 22.00 36.76
CA THR M 20 -17.55 21.46 36.41
C THR M 20 -17.50 20.05 36.96
N SER M 21 -18.65 19.48 37.29
CA SER M 21 -18.65 18.12 37.82
C SER M 21 -18.11 17.13 36.77
N ARG M 22 -18.80 17.08 35.64
CA ARG M 22 -18.48 16.19 34.55
C ARG M 22 -19.58 16.43 33.56
N LEU M 23 -19.28 17.18 32.53
CA LEU M 23 -20.27 17.47 31.52
C LEU M 23 -20.44 16.28 30.59
N LEU M 24 -21.68 16.03 30.16
CA LEU M 24 -21.94 14.90 29.28
C LEU M 24 -22.85 15.31 28.13
N ALA M 25 -22.56 14.78 26.94
CA ALA M 25 -23.37 15.10 25.75
C ALA M 25 -23.62 13.86 24.88
N VAL M 26 -24.90 13.54 24.68
CA VAL M 26 -25.25 12.39 23.86
C VAL M 26 -26.25 12.77 22.79
N GLY M 27 -25.99 12.34 21.55
CA GLY M 27 -26.91 12.69 20.49
C GLY M 27 -26.58 11.93 19.23
N HIS M 28 -27.18 12.34 18.12
CA HIS M 28 -26.94 11.70 16.83
C HIS M 28 -25.77 12.43 16.20
N PRO M 29 -24.82 11.69 15.62
CA PRO M 29 -23.63 12.24 14.98
C PRO M 29 -23.80 13.16 13.77
N TYR M 30 -24.80 12.89 12.92
CA TYR M 30 -24.99 13.68 11.70
C TYR M 30 -26.09 14.74 11.69
N PHE M 31 -27.19 14.49 12.38
CA PHE M 31 -28.29 15.45 12.37
C PHE M 31 -29.21 15.25 13.57
N PRO M 32 -30.00 16.27 13.90
CA PRO M 32 -30.89 16.12 15.06
C PRO M 32 -32.16 15.35 14.71
N ILE M 33 -32.58 14.48 15.64
CA ILE M 33 -33.79 13.69 15.48
C ILE M 33 -34.93 14.47 16.07
N LYS M 34 -35.94 14.77 15.27
CA LYS M 34 -37.10 15.51 15.76
C LYS M 34 -38.39 14.95 15.21
N LYS M 35 -39.52 15.46 15.71
CA LYS M 35 -40.84 15.04 15.24
C LYS M 35 -41.06 15.66 13.87
N PRO M 36 -41.35 14.83 12.83
CA PRO M 36 -41.58 15.30 11.46
C PRO M 36 -42.58 16.46 11.35
N ASN M 37 -43.75 16.26 11.93
CA ASN M 37 -44.83 17.24 11.98
C ASN M 37 -44.44 18.45 12.82
N ASN M 38 -43.67 18.16 13.85
CA ASN M 38 -43.20 19.13 14.83
C ASN M 38 -41.85 19.73 14.42
N ASN M 39 -41.21 20.44 15.34
CA ASN M 39 -39.91 21.04 15.07
C ASN M 39 -39.08 20.99 16.34
N LYS M 40 -39.72 20.51 17.41
CA LYS M 40 -39.08 20.36 18.71
C LYS M 40 -38.01 19.28 18.55
N ILE M 41 -36.81 19.52 19.08
CA ILE M 41 -35.73 18.56 18.99
C ILE M 41 -35.86 17.45 20.01
N LEU M 42 -35.98 16.23 19.53
CA LEU M 42 -36.13 15.06 20.39
C LEU M 42 -34.73 14.58 20.84
N VAL M 43 -33.81 14.51 19.87
CA VAL M 43 -32.44 14.11 20.12
C VAL M 43 -31.55 15.12 19.39
N PRO M 44 -30.55 15.68 20.05
CA PRO M 44 -29.69 16.65 19.39
C PRO M 44 -28.52 16.07 18.58
N LYS M 45 -27.94 16.90 17.73
CA LYS M 45 -26.80 16.47 16.94
C LYS M 45 -25.57 16.67 17.80
N VAL M 46 -24.88 15.58 18.09
CA VAL M 46 -23.67 15.61 18.90
C VAL M 46 -22.56 14.86 18.16
N SER M 47 -21.60 15.62 17.65
CA SER M 47 -20.51 15.05 16.88
C SER M 47 -19.16 15.55 17.37
N GLY M 48 -18.15 14.72 17.18
CA GLY M 48 -16.82 15.10 17.61
C GLY M 48 -16.27 16.19 16.70
N LEU M 49 -17.02 16.48 15.64
CA LEU M 49 -16.61 17.50 14.71
C LEU M 49 -17.22 18.86 14.96
N GLN M 50 -17.89 19.03 16.09
CA GLN M 50 -18.48 20.34 16.39
C GLN M 50 -17.59 21.11 17.36
N TYR M 51 -17.75 22.43 17.40
CA TYR M 51 -17.01 23.25 18.32
C TYR M 51 -17.80 23.17 19.61
N ARG M 52 -17.08 23.28 20.72
CA ARG M 52 -17.69 23.28 22.04
C ARG M 52 -17.28 24.62 22.61
N VAL M 53 -18.22 25.54 22.74
CA VAL M 53 -17.89 26.85 23.28
C VAL M 53 -18.55 26.99 24.64
N PHE M 54 -17.73 26.97 25.68
CA PHE M 54 -18.23 27.08 27.05
C PHE M 54 -18.20 28.50 27.58
N ARG M 55 -19.37 28.96 28.02
CA ARG M 55 -19.53 30.29 28.59
C ARG M 55 -19.46 30.06 30.09
N ILE M 56 -18.30 30.34 30.69
CA ILE M 56 -18.06 30.13 32.10
C ILE M 56 -18.47 31.31 32.98
N HIS M 57 -19.44 31.07 33.86
CA HIS M 57 -19.90 32.12 34.74
C HIS M 57 -19.21 32.03 36.10
N LEU M 58 -18.60 33.13 36.51
CA LEU M 58 -17.91 33.18 37.77
C LEU M 58 -18.62 34.06 38.77
N PRO M 59 -18.52 33.71 40.06
CA PRO M 59 -19.17 34.53 41.08
C PRO M 59 -18.47 35.90 41.12
N ASP M 60 -19.26 36.98 41.19
CA ASP M 60 -18.67 38.33 41.24
C ASP M 60 -17.80 38.41 42.49
N PRO M 61 -16.48 38.62 42.32
CA PRO M 61 -15.60 38.70 43.49
C PRO M 61 -15.97 39.84 44.43
N ASN M 62 -16.71 40.82 43.92
CA ASN M 62 -17.13 41.95 44.74
C ASN M 62 -18.33 41.60 45.62
N LYS M 63 -19.21 40.75 45.10
CA LYS M 63 -20.38 40.33 45.85
C LYS M 63 -20.03 39.11 46.69
N PHE M 64 -18.98 38.41 46.27
CA PHE M 64 -18.49 37.19 46.93
C PHE M 64 -18.25 37.42 48.40
N GLY M 65 -18.32 36.36 49.18
CA GLY M 65 -18.13 36.49 50.61
C GLY M 65 -16.85 35.85 51.12
N PHE M 66 -15.75 36.59 51.11
CA PHE M 66 -14.48 36.07 51.60
C PHE M 66 -14.40 36.14 53.12
N PRO M 67 -13.68 35.18 53.74
CA PRO M 67 -13.52 35.12 55.19
C PRO M 67 -12.80 36.37 55.69
N ASP M 68 -11.84 36.85 54.90
CA ASP M 68 -11.10 38.05 55.23
C ASP M 68 -11.26 39.05 54.08
N THR M 69 -11.43 40.33 54.40
CA THR M 69 -11.60 41.35 53.37
C THR M 69 -10.66 42.52 53.60
N SER M 70 -9.66 42.31 54.45
CA SER M 70 -8.69 43.34 54.77
C SER M 70 -7.69 43.55 53.66
N PHE M 71 -7.55 42.54 52.81
CA PHE M 71 -6.60 42.59 51.70
C PHE M 71 -6.85 43.69 50.66
N TYR M 72 -7.99 44.38 50.74
CA TYR M 72 -8.28 45.48 49.81
C TYR M 72 -9.29 46.50 50.34
N ASN M 73 -9.31 47.67 49.72
CA ASN M 73 -10.21 48.74 50.12
C ASN M 73 -11.38 48.86 49.16
N PRO M 74 -12.56 48.37 49.57
CA PRO M 74 -13.78 48.40 48.76
C PRO M 74 -14.26 49.79 48.37
N ASP M 75 -13.52 50.81 48.78
CA ASP M 75 -13.87 52.20 48.50
C ASP M 75 -13.08 52.74 47.31
N THR M 76 -11.78 52.47 47.32
CA THR M 76 -10.91 52.93 46.27
C THR M 76 -10.76 51.90 45.17
N GLN M 77 -10.99 50.63 45.49
CA GLN M 77 -10.80 49.61 44.46
C GLN M 77 -11.91 48.60 44.24
N ARG M 78 -11.70 47.72 43.26
CA ARG M 78 -12.65 46.69 42.87
C ARG M 78 -11.92 45.37 42.64
N LEU M 79 -12.67 44.27 42.55
CA LEU M 79 -12.04 42.97 42.36
C LEU M 79 -12.38 42.26 41.05
N VAL M 80 -11.43 41.52 40.51
CA VAL M 80 -11.61 40.78 39.28
C VAL M 80 -10.92 39.46 39.40
N TRP M 81 -11.47 38.44 38.73
CA TRP M 81 -10.87 37.12 38.75
C TRP M 81 -9.90 36.97 37.56
N ALA M 82 -8.74 36.38 37.82
CA ALA M 82 -7.75 36.16 36.76
C ALA M 82 -7.52 34.68 36.61
N CYS M 83 -7.68 34.19 35.38
CA CYS M 83 -7.48 32.78 35.10
C CYS M 83 -5.98 32.47 35.00
N VAL M 84 -5.52 31.56 35.86
CA VAL M 84 -4.10 31.21 35.93
C VAL M 84 -3.82 29.75 35.55
N GLY M 85 -4.85 28.91 35.58
CA GLY M 85 -4.64 27.52 35.25
C GLY M 85 -5.89 26.86 34.74
N VAL M 86 -5.76 26.08 33.66
CA VAL M 86 -6.90 25.39 33.07
C VAL M 86 -6.57 23.93 32.73
N GLU M 87 -7.53 23.05 32.95
CA GLU M 87 -7.34 21.66 32.62
C GLU M 87 -8.60 21.18 31.93
N VAL M 88 -8.51 20.93 30.63
CA VAL M 88 -9.65 20.46 29.88
C VAL M 88 -9.63 18.94 29.89
N GLY M 89 -10.37 18.36 30.80
CA GLY M 89 -10.43 16.90 30.87
C GLY M 89 -11.35 16.32 29.83
N ARG M 90 -10.91 15.25 29.18
CA ARG M 90 -11.69 14.55 28.16
C ARG M 90 -11.86 13.14 28.70
N GLY M 91 -13.00 12.52 28.43
CA GLY M 91 -13.21 11.21 29.01
C GLY M 91 -13.53 9.97 28.21
N GLN M 92 -13.76 10.05 26.92
CA GLN M 92 -14.04 8.80 26.26
C GLN M 92 -12.74 8.16 25.74
N PRO M 93 -12.78 6.90 25.29
CA PRO M 93 -11.52 6.35 24.78
C PRO M 93 -11.20 7.00 23.42
N LEU M 94 -9.93 7.03 23.03
CA LEU M 94 -9.56 7.63 21.76
C LEU M 94 -10.12 6.79 20.63
N GLY M 95 -10.53 7.44 19.55
CA GLY M 95 -11.08 6.71 18.41
C GLY M 95 -11.47 7.62 17.28
N VAL M 96 -11.68 7.07 16.09
CA VAL M 96 -12.06 7.92 14.96
C VAL M 96 -13.46 7.63 14.46
N GLY M 97 -14.20 8.71 14.18
CA GLY M 97 -15.55 8.62 13.68
C GLY M 97 -15.59 8.35 12.18
N ILE M 98 -16.61 8.87 11.51
CA ILE M 98 -16.73 8.63 10.08
C ILE M 98 -18.04 9.24 9.63
N SER M 99 -18.02 9.96 8.51
CA SER M 99 -19.22 10.63 7.98
C SER M 99 -19.38 10.42 6.48
N GLY M 100 -20.61 10.35 6.01
CA GLY M 100 -20.81 10.16 4.59
C GLY M 100 -22.09 10.81 4.11
N HIS M 101 -22.51 10.42 2.91
CA HIS M 101 -23.74 10.90 2.30
C HIS M 101 -24.24 9.79 1.37
N PRO M 102 -25.52 9.40 1.47
CA PRO M 102 -26.11 8.35 0.64
C PRO M 102 -26.11 8.76 -0.83
N LEU M 103 -26.10 10.06 -1.07
CA LEU M 103 -26.11 10.57 -2.44
C LEU M 103 -25.03 11.62 -2.65
N LEU M 104 -23.78 11.23 -2.41
CA LEU M 104 -22.64 12.13 -2.59
C LEU M 104 -22.33 12.36 -4.06
N ASN M 105 -22.11 13.61 -4.44
CA ASN M 105 -21.79 13.89 -5.83
C ASN M 105 -20.39 13.42 -6.17
N LYS M 106 -20.27 12.15 -6.51
CA LYS M 106 -18.99 11.56 -6.90
C LYS M 106 -19.17 10.80 -8.22
N LEU M 107 -18.68 11.38 -9.31
CA LEU M 107 -18.80 10.73 -10.61
C LEU M 107 -17.89 9.52 -10.63
N ASP M 108 -16.68 9.67 -11.14
CA ASP M 108 -15.78 8.52 -11.18
C ASP M 108 -14.50 8.67 -10.37
N ASP M 109 -13.80 7.55 -10.25
CA ASP M 109 -12.53 7.48 -9.52
C ASP M 109 -11.46 7.99 -10.47
N THR M 110 -10.91 9.17 -10.17
CA THR M 110 -9.91 9.75 -11.05
C THR M 110 -8.47 9.54 -10.60
N GLU M 111 -8.29 8.74 -9.54
CA GLU M 111 -6.95 8.43 -9.01
C GLU M 111 -6.16 7.51 -9.93
N ASN M 112 -6.89 6.72 -10.71
CA ASN M 112 -6.29 5.76 -11.64
C ASN M 112 -7.41 5.13 -12.47
N ALA M 113 -7.37 5.30 -13.78
CA ALA M 113 -8.38 4.74 -14.66
C ALA M 113 -7.78 3.99 -15.84
N SER M 114 -8.33 2.81 -16.14
CA SER M 114 -7.85 1.96 -17.22
C SER M 114 -8.46 2.26 -18.60
N ALA M 115 -9.58 2.95 -18.60
CA ALA M 115 -10.29 3.32 -19.83
C ALA M 115 -11.07 4.58 -19.55
N TYR M 116 -11.40 5.33 -20.59
CA TYR M 116 -12.15 6.57 -20.39
C TYR M 116 -13.51 6.23 -19.81
N ALA M 117 -13.86 6.92 -18.73
CA ALA M 117 -15.12 6.72 -18.05
C ALA M 117 -16.31 6.92 -18.99
N ALA M 118 -17.42 6.24 -18.70
CA ALA M 118 -18.63 6.30 -19.50
C ALA M 118 -19.11 7.72 -19.78
N ASN M 119 -20.35 8.01 -19.41
CA ASN M 119 -20.93 9.33 -19.64
C ASN M 119 -21.96 9.67 -18.56
N ALA M 120 -21.84 10.87 -18.00
CA ALA M 120 -22.76 11.27 -16.95
C ALA M 120 -24.22 11.24 -17.43
N GLY M 121 -25.05 10.43 -16.77
CA GLY M 121 -26.44 10.34 -17.13
C GLY M 121 -27.22 11.31 -16.24
N VAL M 122 -28.15 10.77 -15.48
CA VAL M 122 -28.92 11.59 -14.57
C VAL M 122 -28.64 11.01 -13.21
N ASP M 123 -28.15 11.83 -12.28
CA ASP M 123 -27.89 11.33 -10.93
C ASP M 123 -26.95 10.10 -10.87
N ASN M 124 -25.64 10.35 -10.82
CA ASN M 124 -24.65 9.30 -10.74
C ASN M 124 -24.09 9.30 -9.31
N ARG M 125 -24.80 9.93 -8.39
CA ARG M 125 -24.37 10.02 -7.00
C ARG M 125 -24.18 8.65 -6.35
N GLU M 126 -23.20 8.53 -5.46
CA GLU M 126 -22.90 7.26 -4.77
C GLU M 126 -22.99 7.43 -3.25
N CYS M 127 -23.22 6.31 -2.56
CA CYS M 127 -23.29 6.30 -1.09
C CYS M 127 -21.83 6.20 -0.63
N ILE M 128 -21.28 7.34 -0.16
CA ILE M 128 -19.88 7.38 0.25
C ILE M 128 -19.55 8.03 1.57
N SER M 129 -18.63 7.40 2.31
CA SER M 129 -18.21 7.93 3.61
C SER M 129 -16.69 8.20 3.66
N MET M 130 -16.25 8.91 4.68
CA MET M 130 -14.85 9.25 4.81
C MET M 130 -14.52 9.60 6.25
N ASP M 131 -13.24 9.54 6.61
CA ASP M 131 -12.81 9.89 7.95
C ASP M 131 -12.21 11.31 7.85
N TYR M 132 -12.92 12.26 8.44
CA TYR M 132 -12.56 13.66 8.42
C TYR M 132 -11.12 13.95 8.89
N LYS M 133 -10.68 15.18 8.67
CA LYS M 133 -9.36 15.59 9.09
C LYS M 133 -9.34 15.77 10.60
N GLN M 134 -8.25 15.33 11.21
CA GLN M 134 -8.06 15.40 12.64
C GLN M 134 -7.78 16.83 13.12
N THR M 135 -8.47 17.24 14.19
CA THR M 135 -8.31 18.59 14.74
C THR M 135 -8.43 18.60 16.25
N GLN M 136 -7.46 19.24 16.91
CA GLN M 136 -7.48 19.41 18.36
C GLN M 136 -7.17 20.87 18.60
N LEU M 137 -8.03 21.58 19.32
CA LEU M 137 -7.73 22.97 19.58
C LEU M 137 -8.44 23.42 20.84
N CYS M 138 -7.88 24.44 21.46
CA CYS M 138 -8.43 24.99 22.68
C CYS M 138 -8.15 26.47 22.71
N LEU M 139 -9.20 27.27 22.80
CA LEU M 139 -9.08 28.73 22.84
C LEU M 139 -9.65 29.20 24.17
N ILE M 140 -8.95 30.13 24.82
CA ILE M 140 -9.38 30.69 26.12
C ILE M 140 -9.28 32.22 26.03
N GLY M 141 -10.32 32.90 26.49
CA GLY M 141 -10.33 34.36 26.50
C GLY M 141 -11.54 34.80 27.31
N CYS M 142 -11.74 36.11 27.47
CA CYS M 142 -12.91 36.59 28.21
C CYS M 142 -14.00 37.08 27.26
N LYS M 143 -13.78 36.88 25.97
CA LYS M 143 -14.73 37.25 24.93
C LYS M 143 -14.92 36.01 24.08
N PRO M 144 -16.10 35.85 23.48
CA PRO M 144 -16.31 34.66 22.65
C PRO M 144 -15.33 34.64 21.47
N PRO M 145 -15.00 33.44 20.98
CA PRO M 145 -14.09 33.19 19.86
C PRO M 145 -14.64 33.63 18.49
N ILE M 146 -13.77 34.07 17.61
CA ILE M 146 -14.20 34.52 16.29
C ILE M 146 -13.65 33.67 15.17
N GLY M 147 -14.53 33.27 14.25
CA GLY M 147 -14.11 32.45 13.14
C GLY M 147 -14.25 33.09 11.78
N GLU M 148 -13.72 32.41 10.78
CA GLU M 148 -13.80 32.87 9.40
C GLU M 148 -14.26 31.69 8.54
N HIS M 149 -14.97 32.02 7.45
CA HIS M 149 -15.43 31.01 6.51
C HIS M 149 -15.85 31.73 5.25
N TRP M 150 -15.85 31.01 4.14
CA TRP M 150 -16.24 31.62 2.88
C TRP M 150 -17.73 31.45 2.69
N GLY M 151 -18.40 32.54 2.31
CA GLY M 151 -19.83 32.47 2.08
C GLY M 151 -20.10 33.10 0.73
N LYS M 152 -21.39 33.31 0.43
CA LYS M 152 -21.76 33.95 -0.83
C LYS M 152 -21.75 35.46 -0.68
N GLY M 153 -20.80 36.12 -1.33
CA GLY M 153 -20.71 37.56 -1.27
C GLY M 153 -21.85 38.23 -2.01
N SER M 154 -22.03 39.53 -1.77
CA SER M 154 -23.08 40.29 -2.42
C SER M 154 -22.60 40.60 -3.83
N PRO M 155 -23.47 40.45 -4.84
CA PRO M 155 -23.08 40.72 -6.23
C PRO M 155 -22.98 42.21 -6.57
N CYS M 156 -22.16 42.54 -7.55
CA CYS M 156 -21.96 43.92 -8.03
C CYS M 156 -23.17 44.28 -8.93
N THR M 157 -23.73 45.49 -8.76
CA THR M 157 -24.89 45.91 -9.55
C THR M 157 -24.54 46.17 -11.02
N GLN M 158 -24.48 45.10 -11.80
CA GLN M 158 -24.19 45.22 -13.22
C GLN M 158 -24.83 44.05 -13.91
N VAL M 159 -23.94 43.25 -14.47
CA VAL M 159 -24.25 42.03 -15.22
C VAL M 159 -25.21 41.15 -14.41
N ALA M 160 -26.45 41.04 -14.85
CA ALA M 160 -27.43 40.25 -14.14
C ALA M 160 -27.02 38.78 -14.01
N VAL M 161 -26.95 38.31 -12.76
CA VAL M 161 -26.57 36.95 -12.47
C VAL M 161 -27.42 35.96 -13.25
N GLN M 162 -26.85 35.32 -14.25
CA GLN M 162 -27.58 34.33 -15.01
C GLN M 162 -27.78 33.12 -14.10
N PRO M 163 -28.95 32.48 -14.14
CA PRO M 163 -29.14 31.32 -13.26
C PRO M 163 -28.01 30.31 -13.46
N GLY M 164 -27.53 29.74 -12.37
CA GLY M 164 -26.44 28.78 -12.48
C GLY M 164 -25.06 29.43 -12.47
N ASP M 165 -25.02 30.75 -12.60
CA ASP M 165 -23.76 31.48 -12.59
C ASP M 165 -23.05 31.17 -11.28
N CYS M 166 -21.72 31.13 -11.31
CA CYS M 166 -20.96 30.86 -10.09
C CYS M 166 -21.18 32.01 -9.11
N PRO M 167 -21.51 31.69 -7.84
CA PRO M 167 -21.74 32.73 -6.84
C PRO M 167 -20.43 33.35 -6.37
N PRO M 168 -20.44 34.65 -6.03
CA PRO M 168 -19.24 35.34 -5.56
C PRO M 168 -18.85 34.95 -4.13
N LEU M 169 -17.56 34.86 -3.84
CA LEU M 169 -17.11 34.49 -2.50
C LEU M 169 -16.84 35.73 -1.65
N GLU M 170 -16.79 35.52 -0.34
CA GLU M 170 -16.54 36.60 0.58
C GLU M 170 -16.15 35.99 1.92
N LEU M 171 -14.98 36.35 2.44
CA LEU M 171 -14.56 35.79 3.72
C LEU M 171 -15.42 36.47 4.77
N ILE M 172 -16.16 35.67 5.54
CA ILE M 172 -17.07 36.21 6.54
C ILE M 172 -16.68 35.92 7.99
N ASN M 173 -16.48 36.97 8.77
CA ASN M 173 -16.15 36.80 10.17
C ASN M 173 -17.44 36.58 10.96
N THR M 174 -17.41 35.60 11.86
CA THR M 174 -18.59 35.28 12.63
C THR M 174 -18.19 34.92 14.05
N VAL M 175 -19.15 34.77 14.93
CA VAL M 175 -18.86 34.41 16.31
C VAL M 175 -18.99 32.90 16.32
N ILE M 176 -18.00 32.21 16.85
CA ILE M 176 -18.08 30.75 16.89
C ILE M 176 -18.99 30.29 18.03
N GLN M 177 -20.12 29.70 17.66
CA GLN M 177 -21.08 29.24 18.64
C GLN M 177 -20.96 27.77 18.95
N ASP M 178 -21.46 27.39 20.12
CA ASP M 178 -21.40 26.02 20.55
C ASP M 178 -22.24 25.18 19.62
N GLY M 179 -21.64 24.15 19.03
CA GLY M 179 -22.39 23.31 18.13
C GLY M 179 -22.03 23.54 16.67
N ASP M 180 -21.32 24.62 16.40
CA ASP M 180 -20.88 24.91 15.04
C ASP M 180 -19.96 23.77 14.58
N MET M 181 -19.73 23.69 13.27
CA MET M 181 -18.87 22.64 12.73
C MET M 181 -17.47 23.15 12.38
N VAL M 182 -16.48 22.26 12.50
CA VAL M 182 -15.09 22.56 12.20
C VAL M 182 -14.79 22.10 10.79
N ASP M 183 -13.86 22.78 10.14
CA ASP M 183 -13.46 22.39 8.79
C ASP M 183 -13.09 20.93 8.90
N THR M 184 -13.59 20.13 7.97
CA THR M 184 -13.35 18.68 8.00
C THR M 184 -12.49 18.15 6.86
N GLY M 185 -11.97 19.06 6.04
CA GLY M 185 -11.15 18.64 4.93
C GLY M 185 -11.66 19.32 3.66
N PHE M 186 -12.82 19.96 3.75
CA PHE M 186 -13.35 20.66 2.59
C PHE M 186 -13.24 22.17 2.79
N GLY M 187 -12.38 22.58 3.73
CA GLY M 187 -12.18 23.99 4.02
C GLY M 187 -13.29 24.60 4.86
N ALA M 188 -13.16 25.88 5.16
CA ALA M 188 -14.16 26.55 5.98
C ALA M 188 -15.09 27.41 5.11
N MET M 189 -16.24 26.85 4.79
CA MET M 189 -17.21 27.53 3.96
C MET M 189 -18.64 27.20 4.34
N ASP M 190 -19.56 28.01 3.82
CA ASP M 190 -20.99 27.84 4.04
C ASP M 190 -21.54 26.99 2.90
N PHE M 191 -21.64 25.68 3.14
CA PHE M 191 -22.09 24.76 2.11
C PHE M 191 -23.56 24.89 1.68
N THR M 192 -24.37 25.46 2.57
CA THR M 192 -25.79 25.66 2.26
C THR M 192 -25.95 26.72 1.17
N THR M 193 -25.30 27.87 1.37
CA THR M 193 -25.40 28.96 0.41
C THR M 193 -24.43 28.92 -0.75
N LEU M 194 -23.54 27.92 -0.77
CA LEU M 194 -22.55 27.81 -1.85
C LEU M 194 -22.66 26.49 -2.60
N GLN M 195 -23.58 25.64 -2.18
CA GLN M 195 -23.75 24.36 -2.86
C GLN M 195 -25.21 23.96 -2.93
N ALA M 196 -25.88 24.36 -4.01
CA ALA M 196 -27.30 24.06 -4.21
C ALA M 196 -27.50 22.56 -4.29
N ASN M 197 -26.48 21.90 -4.81
CA ASN M 197 -26.42 20.46 -4.97
C ASN M 197 -26.90 19.65 -3.75
N LYS M 198 -26.54 20.13 -2.56
CA LYS M 198 -26.90 19.45 -1.31
C LYS M 198 -26.32 18.05 -1.21
N SER M 199 -25.33 17.75 -2.05
CA SER M 199 -24.72 16.42 -2.06
C SER M 199 -23.20 16.43 -2.28
N GLU M 200 -22.57 17.58 -2.03
CA GLU M 200 -21.12 17.68 -2.25
C GLU M 200 -20.31 17.14 -1.08
N VAL M 201 -20.90 17.16 0.11
CA VAL M 201 -20.21 16.72 1.31
C VAL M 201 -21.15 15.88 2.16
N PRO M 202 -20.61 15.13 3.15
CA PRO M 202 -21.43 14.30 4.01
C PRO M 202 -22.56 15.07 4.69
N LEU M 203 -23.58 14.35 5.15
CA LEU M 203 -24.72 14.95 5.82
C LEU M 203 -24.41 15.92 6.98
N ASP M 204 -23.51 15.52 7.88
CA ASP M 204 -23.20 16.35 9.04
C ASP M 204 -22.69 17.79 8.84
N ILE M 205 -22.18 18.12 7.65
CA ILE M 205 -21.71 19.48 7.38
C ILE M 205 -22.45 20.00 6.15
N CYS M 206 -23.14 19.05 5.51
CA CYS M 206 -23.92 19.25 4.29
C CYS M 206 -24.78 20.53 4.21
N THR M 207 -25.45 20.89 5.29
CA THR M 207 -26.24 22.12 5.30
C THR M 207 -25.80 23.00 6.47
N SER M 208 -24.52 22.92 6.81
CA SER M 208 -23.98 23.72 7.89
C SER M 208 -22.86 24.63 7.40
N ILE M 209 -22.19 25.26 8.35
CA ILE M 209 -21.08 26.14 8.02
C ILE M 209 -19.88 25.62 8.77
N CYS M 210 -18.81 25.32 8.06
CA CYS M 210 -17.60 24.88 8.73
C CYS M 210 -16.77 26.13 8.91
N LYS M 211 -16.54 26.50 10.17
CA LYS M 211 -15.78 27.69 10.48
C LYS M 211 -14.39 27.38 11.01
N TYR M 212 -13.46 28.29 10.76
CA TYR M 212 -12.09 28.12 11.20
C TYR M 212 -11.75 29.30 12.10
N PRO M 213 -11.11 29.06 13.25
CA PRO M 213 -10.79 30.18 14.12
C PRO M 213 -10.01 31.21 13.34
N ASP M 214 -10.36 32.48 13.48
CA ASP M 214 -9.60 33.50 12.79
C ASP M 214 -8.50 33.95 13.78
N TYR M 215 -7.47 33.12 13.93
CA TYR M 215 -6.36 33.39 14.82
C TYR M 215 -5.73 34.75 14.54
N ILE M 216 -5.49 35.06 13.27
CA ILE M 216 -4.87 36.34 12.88
C ILE M 216 -5.62 37.53 13.47
N LYS M 217 -6.92 37.60 13.19
CA LYS M 217 -7.75 38.70 13.66
C LYS M 217 -7.77 38.81 15.18
N MET M 218 -7.98 37.67 15.84
CA MET M 218 -8.06 37.65 17.30
C MET M 218 -6.80 38.14 18.00
N VAL M 219 -5.63 37.78 17.45
CA VAL M 219 -4.37 38.19 18.05
C VAL M 219 -4.06 39.66 17.74
N SER M 220 -4.61 40.15 16.64
CA SER M 220 -4.38 41.53 16.24
C SER M 220 -5.21 42.39 17.16
N GLU M 221 -6.35 41.86 17.57
CA GLU M 221 -7.23 42.56 18.48
C GLU M 221 -6.39 43.36 19.49
N PRO M 222 -6.61 44.67 19.56
CA PRO M 222 -5.90 45.59 20.45
C PRO M 222 -5.79 45.21 21.93
N TYR M 223 -6.92 44.90 22.57
CA TYR M 223 -6.92 44.52 23.98
C TYR M 223 -6.66 43.03 24.20
N GLY M 224 -6.90 42.25 23.17
CA GLY M 224 -6.69 40.82 23.25
C GLY M 224 -7.52 40.08 24.28
N ASP M 225 -8.81 40.40 24.35
CA ASP M 225 -9.71 39.74 25.29
C ASP M 225 -10.30 38.46 24.73
N SER M 226 -10.50 38.43 23.42
CA SER M 226 -11.11 37.27 22.77
C SER M 226 -10.33 35.99 22.98
N LEU M 227 -9.01 36.09 23.06
CA LEU M 227 -8.20 34.90 23.30
C LEU M 227 -6.81 35.23 23.85
N PHE M 228 -6.53 34.80 25.08
CA PHE M 228 -5.23 35.05 25.65
C PHE M 228 -4.39 33.80 25.78
N PHE M 229 -4.80 32.74 25.10
CA PHE M 229 -4.08 31.48 25.11
C PHE M 229 -4.76 30.50 24.16
N TYR M 230 -3.96 29.70 23.45
CA TYR M 230 -4.54 28.72 22.56
C TYR M 230 -3.59 27.59 22.18
N LEU M 231 -4.15 26.45 21.79
CA LEU M 231 -3.41 25.28 21.36
C LEU M 231 -4.12 24.70 20.16
N ARG M 232 -3.40 24.58 19.06
CA ARG M 232 -3.99 24.02 17.86
C ARG M 232 -3.15 22.88 17.31
N ARG M 233 -3.84 21.87 16.79
CA ARG M 233 -3.17 20.71 16.24
C ARG M 233 -4.10 20.11 15.17
N GLU M 234 -3.72 20.27 13.91
CA GLU M 234 -4.54 19.75 12.82
C GLU M 234 -3.66 19.05 11.79
N GLN M 235 -4.18 17.95 11.24
CA GLN M 235 -3.46 17.18 10.23
C GLN M 235 -4.44 16.54 9.27
N MET M 236 -4.00 16.33 8.04
CA MET M 236 -4.88 15.76 7.04
C MET M 236 -4.12 15.30 5.78
N PHE M 237 -4.64 14.27 5.12
CA PHE M 237 -4.03 13.82 3.88
C PHE M 237 -5.12 13.31 2.93
N VAL M 238 -4.77 13.22 1.64
CA VAL M 238 -5.70 12.78 0.61
C VAL M 238 -5.84 11.28 0.53
N ARG M 239 -7.03 10.77 0.86
CA ARG M 239 -7.31 9.34 0.81
C ARG M 239 -7.71 8.96 -0.62
N HIS M 240 -8.73 9.63 -1.17
CA HIS M 240 -9.16 9.36 -2.54
C HIS M 240 -9.29 10.60 -3.42
N LEU M 241 -9.20 10.41 -4.73
CA LEU M 241 -9.29 11.50 -5.69
C LEU M 241 -10.48 11.27 -6.65
N PHE M 242 -11.50 12.09 -6.50
CA PHE M 242 -12.71 11.95 -7.29
C PHE M 242 -13.05 13.06 -8.27
N ASN M 243 -14.14 12.81 -8.98
CA ASN M 243 -14.70 13.68 -10.01
C ASN M 243 -16.06 14.19 -9.53
N ARG M 244 -16.48 15.35 -10.00
CA ARG M 244 -17.81 15.86 -9.63
C ARG M 244 -18.76 15.78 -10.85
N ALA M 245 -19.92 15.17 -10.65
CA ALA M 245 -20.91 15.09 -11.72
C ALA M 245 -21.57 16.46 -11.74
N GLY M 246 -22.30 16.76 -12.80
CA GLY M 246 -22.93 18.05 -12.91
C GLY M 246 -22.53 18.60 -14.26
N THR M 247 -22.73 19.89 -14.50
CA THR M 247 -22.36 20.43 -15.79
C THR M 247 -21.32 21.51 -15.71
N VAL M 248 -20.45 21.55 -16.70
CA VAL M 248 -19.39 22.52 -16.72
C VAL M 248 -19.89 23.94 -16.46
N GLY M 249 -19.39 24.51 -15.36
CA GLY M 249 -19.77 25.86 -14.98
C GLY M 249 -18.81 26.77 -15.72
N GLU M 250 -17.57 26.33 -15.82
CA GLU M 250 -16.52 27.06 -16.52
C GLU M 250 -15.72 26.06 -17.33
N ASN M 251 -15.72 26.26 -18.65
CA ASN M 251 -15.02 25.37 -19.54
C ASN M 251 -13.51 25.47 -19.51
N VAL M 252 -12.87 24.33 -19.79
CA VAL M 252 -11.43 24.25 -19.82
C VAL M 252 -10.93 24.93 -21.08
N PRO M 253 -10.14 26.00 -20.93
CA PRO M 253 -9.59 26.72 -22.10
C PRO M 253 -8.89 25.74 -23.03
N ASP M 254 -9.29 25.72 -24.30
CA ASP M 254 -8.70 24.78 -25.25
C ASP M 254 -7.24 24.97 -25.59
N ASP M 255 -6.61 26.01 -25.04
CA ASP M 255 -5.19 26.24 -25.28
C ASP M 255 -4.39 25.37 -24.30
N LEU M 256 -5.10 24.67 -23.42
CA LEU M 256 -4.50 23.80 -22.43
C LEU M 256 -4.49 22.30 -22.81
N TYR M 257 -4.94 21.97 -24.01
CA TYR M 257 -4.98 20.57 -24.44
C TYR M 257 -5.32 20.39 -25.91
N ILE M 258 -5.09 19.18 -26.38
CA ILE M 258 -5.36 18.82 -27.76
C ILE M 258 -6.63 18.01 -27.80
N LYS M 259 -7.61 18.49 -28.57
CA LYS M 259 -8.91 17.83 -28.73
C LYS M 259 -8.74 16.36 -28.94
N GLY M 260 -9.62 15.58 -28.33
CA GLY M 260 -9.57 14.14 -28.47
C GLY M 260 -10.41 13.69 -29.64
N SER M 261 -11.03 12.52 -29.54
CA SER M 261 -11.87 11.98 -30.61
C SER M 261 -12.47 10.65 -30.17
N GLY M 262 -13.58 10.27 -30.77
CA GLY M 262 -14.22 9.02 -30.39
C GLY M 262 -14.64 9.13 -28.93
N SER M 263 -14.01 8.35 -28.07
CA SER M 263 -14.33 8.40 -26.64
C SER M 263 -13.77 9.68 -25.99
N THR M 264 -12.52 9.98 -26.28
CA THR M 264 -11.88 11.17 -25.74
C THR M 264 -12.31 12.44 -26.47
N ALA M 265 -13.38 12.34 -27.25
CA ALA M 265 -13.88 13.50 -27.98
C ALA M 265 -14.48 14.47 -26.97
N ASN M 266 -15.20 13.93 -26.00
CA ASN M 266 -15.84 14.72 -24.96
C ASN M 266 -15.03 14.72 -23.69
N LEU M 267 -14.68 15.92 -23.22
CA LEU M 267 -13.89 16.07 -22.00
C LEU M 267 -14.64 15.63 -20.72
N ALA M 268 -13.99 14.81 -19.92
CA ALA M 268 -14.57 14.35 -18.66
C ALA M 268 -14.47 15.50 -17.65
N SER M 269 -15.33 15.49 -16.65
CA SER M 269 -15.32 16.53 -15.63
C SER M 269 -13.94 16.68 -15.01
N SER M 270 -13.39 17.89 -15.05
CA SER M 270 -12.08 18.13 -14.45
C SER M 270 -12.30 18.95 -13.19
N ASN M 271 -13.48 18.75 -12.61
CA ASN M 271 -13.88 19.36 -11.35
C ASN M 271 -13.56 18.33 -10.27
N TYR M 272 -12.25 18.11 -10.03
CA TYR M 272 -11.80 17.13 -9.06
C TYR M 272 -11.99 17.58 -7.62
N PHE M 273 -12.11 16.60 -6.74
CA PHE M 273 -12.24 16.88 -5.33
C PHE M 273 -11.67 15.65 -4.62
N PRO M 274 -10.87 15.88 -3.57
CA PRO M 274 -10.27 14.78 -2.82
C PRO M 274 -11.06 14.44 -1.56
N THR M 275 -10.87 13.22 -1.08
CA THR M 275 -11.51 12.74 0.14
C THR M 275 -10.49 12.91 1.24
N PRO M 276 -10.84 13.63 2.30
CA PRO M 276 -9.87 13.80 3.38
C PRO M 276 -9.67 12.57 4.24
N SER M 277 -8.68 12.65 5.11
CA SER M 277 -8.39 11.57 6.05
C SER M 277 -7.43 12.04 7.11
N GLY M 278 -7.93 12.20 8.33
CA GLY M 278 -7.07 12.57 9.43
C GLY M 278 -6.54 11.22 9.84
N SER M 279 -5.25 11.04 9.72
CA SER M 279 -4.65 9.74 10.02
C SER M 279 -4.96 9.17 11.37
N MET M 280 -4.02 8.40 11.91
CA MET M 280 -4.14 7.75 13.20
C MET M 280 -4.19 8.75 14.35
N VAL M 281 -4.90 8.40 15.42
CA VAL M 281 -5.00 9.26 16.60
C VAL M 281 -4.12 8.61 17.64
N THR M 282 -3.47 9.42 18.46
CA THR M 282 -2.56 8.87 19.46
C THR M 282 -2.53 9.60 20.79
N SER M 283 -2.20 8.85 21.83
CA SER M 283 -2.11 9.41 23.18
C SER M 283 -1.01 10.46 23.20
N ASP M 284 0.18 10.06 22.80
CA ASP M 284 1.33 10.93 22.79
C ASP M 284 1.02 12.31 22.21
N ALA M 285 0.04 12.39 21.32
CA ALA M 285 -0.27 13.66 20.69
C ALA M 285 -1.42 14.43 21.35
N GLN M 286 -1.90 13.94 22.48
CA GLN M 286 -3.01 14.58 23.19
C GLN M 286 -2.69 15.97 23.67
N ILE M 287 -3.70 16.82 23.60
CA ILE M 287 -3.58 18.20 24.00
C ILE M 287 -4.29 18.42 25.32
N PHE M 288 -5.27 17.56 25.58
CA PHE M 288 -6.05 17.68 26.78
C PHE M 288 -5.57 16.79 27.92
N ASN M 289 -6.23 16.89 29.07
CA ASN M 289 -5.88 16.15 30.26
C ASN M 289 -4.45 16.51 30.65
N LYS M 290 -4.12 17.77 30.42
CA LYS M 290 -2.81 18.34 30.72
C LYS M 290 -3.20 19.71 31.21
N PRO M 291 -2.49 20.23 32.22
CA PRO M 291 -2.84 21.57 32.71
C PRO M 291 -2.13 22.66 31.90
N TYR M 292 -2.80 23.79 31.72
CA TYR M 292 -2.24 24.92 30.99
C TYR M 292 -2.03 26.04 31.99
N TRP M 293 -0.80 26.49 32.16
CA TRP M 293 -0.51 27.57 33.08
C TRP M 293 -0.45 28.89 32.31
N LEU M 294 -1.52 29.68 32.42
CA LEU M 294 -1.64 30.97 31.74
C LEU M 294 -0.92 32.08 32.48
N GLN M 295 0.40 32.01 32.53
CA GLN M 295 1.15 33.02 33.27
C GLN M 295 1.49 34.29 32.49
N ARG M 296 2.06 34.15 31.30
CA ARG M 296 2.43 35.32 30.51
C ARG M 296 1.62 35.26 29.24
N ALA M 297 0.73 36.22 29.05
CA ALA M 297 -0.07 36.21 27.83
C ALA M 297 0.62 37.03 26.76
N GLN M 298 0.44 36.65 25.50
CA GLN M 298 1.04 37.39 24.39
C GLN M 298 0.25 38.66 24.09
N GLY M 299 -0.99 38.72 24.60
CA GLY M 299 -1.84 39.88 24.43
C GLY M 299 -1.72 40.81 25.63
N HIS M 300 -2.39 41.95 25.59
CA HIS M 300 -2.31 42.88 26.71
C HIS M 300 -3.17 42.44 27.88
N ASN M 301 -4.21 41.65 27.59
CA ASN M 301 -5.05 41.16 28.65
C ASN M 301 -4.42 39.87 29.12
N ASN M 302 -3.81 39.90 30.29
CA ASN M 302 -3.16 38.71 30.78
C ASN M 302 -4.05 37.81 31.60
N GLY M 303 -5.07 37.27 30.95
CA GLY M 303 -5.97 36.36 31.63
C GLY M 303 -6.95 36.96 32.60
N ILE M 304 -7.25 38.24 32.46
CA ILE M 304 -8.20 38.87 33.36
C ILE M 304 -9.59 38.57 32.81
N CYS M 305 -10.45 38.01 33.66
CA CYS M 305 -11.82 37.66 33.28
C CYS M 305 -12.84 38.77 33.53
N TRP M 306 -12.71 39.85 32.76
CA TRP M 306 -13.60 40.99 32.86
C TRP M 306 -15.04 40.49 32.74
N GLY M 307 -15.92 41.05 33.58
CA GLY M 307 -17.30 40.65 33.58
C GLY M 307 -17.52 39.35 34.31
N ASN M 308 -16.49 38.83 34.94
CA ASN M 308 -16.60 37.58 35.66
C ASN M 308 -17.04 36.50 34.68
N GLN M 309 -16.57 36.62 33.44
CA GLN M 309 -16.87 35.69 32.37
C GLN M 309 -15.56 35.02 31.96
N LEU M 310 -15.69 33.96 31.18
CA LEU M 310 -14.51 33.22 30.72
C LEU M 310 -14.97 32.28 29.60
N PHE M 311 -14.29 32.33 28.46
CA PHE M 311 -14.67 31.45 27.36
C PHE M 311 -13.64 30.38 27.08
N VAL M 312 -14.12 29.15 26.92
CA VAL M 312 -13.25 28.02 26.64
C VAL M 312 -13.81 27.31 25.45
N THR M 313 -13.13 27.47 24.32
CA THR M 313 -13.54 26.83 23.09
C THR M 313 -12.68 25.58 22.93
N VAL M 314 -13.31 24.49 22.49
CA VAL M 314 -12.65 23.22 22.30
C VAL M 314 -13.17 22.47 21.07
N VAL M 315 -12.27 21.72 20.45
CA VAL M 315 -12.60 20.86 19.31
C VAL M 315 -11.65 19.70 19.49
N ASP M 316 -12.20 18.50 19.56
CA ASP M 316 -11.40 17.30 19.74
C ASP M 316 -12.01 16.21 18.91
N THR M 317 -11.34 15.84 17.82
CA THR M 317 -11.85 14.78 16.95
C THR M 317 -11.09 13.50 17.20
N THR M 318 -10.38 13.42 18.32
CA THR M 318 -9.61 12.23 18.64
C THR M 318 -10.42 11.21 19.48
N ARG M 319 -11.72 11.50 19.62
CA ARG M 319 -12.65 10.68 20.39
C ARG M 319 -13.99 10.76 19.69
N SER M 320 -13.95 10.74 18.37
CA SER M 320 -15.14 10.85 17.54
C SER M 320 -15.88 9.56 17.26
N THR M 321 -15.50 8.49 17.94
CA THR M 321 -16.16 7.20 17.76
C THR M 321 -17.69 7.33 17.85
N ASN M 322 -18.37 6.78 16.84
CA ASN M 322 -19.82 6.77 16.83
C ASN M 322 -20.17 5.32 17.11
N MET M 323 -21.21 5.08 17.90
CA MET M 323 -21.58 3.71 18.19
C MET M 323 -22.95 3.38 17.61
N SER M 324 -23.02 2.29 16.86
CA SER M 324 -24.30 1.91 16.30
C SER M 324 -24.95 0.97 17.28
N LEU M 325 -26.20 1.24 17.61
CA LEU M 325 -26.96 0.37 18.49
C LEU M 325 -28.26 0.02 17.78
N CYS M 326 -28.55 -1.27 17.64
CA CYS M 326 -29.77 -1.66 16.97
C CYS M 326 -30.64 -2.55 17.86
N ALA M 327 -31.94 -2.25 17.84
CA ALA M 327 -32.94 -3.00 18.60
C ALA M 327 -33.73 -3.92 17.68
N ALA M 328 -34.07 -5.10 18.17
CA ALA M 328 -34.86 -6.07 17.40
C ALA M 328 -36.34 -5.71 17.52
N ILE M 329 -37.07 -5.90 16.43
CA ILE M 329 -38.49 -5.59 16.46
C ILE M 329 -39.21 -6.80 17.03
N SER M 330 -38.59 -7.96 16.91
CA SER M 330 -39.13 -9.21 17.40
C SER M 330 -37.99 -10.05 17.95
N THR M 331 -38.23 -10.71 19.07
CA THR M 331 -37.22 -11.55 19.70
C THR M 331 -37.53 -13.03 19.52
N SER M 332 -38.18 -13.36 18.42
CA SER M 332 -38.56 -14.73 18.15
C SER M 332 -37.62 -15.51 17.23
N GLU M 333 -37.94 -15.44 15.93
CA GLU M 333 -37.22 -16.11 14.85
C GLU M 333 -35.74 -16.26 15.10
N THR M 334 -35.22 -17.44 14.84
CA THR M 334 -33.82 -17.67 15.04
C THR M 334 -33.11 -17.53 13.72
N THR M 335 -33.71 -16.74 12.83
CA THR M 335 -33.11 -16.51 11.52
C THR M 335 -33.00 -15.02 11.30
N TYR M 336 -31.79 -14.57 11.00
CA TYR M 336 -31.55 -13.15 10.77
C TYR M 336 -32.41 -12.63 9.61
N LYS M 337 -32.91 -11.42 9.79
CA LYS M 337 -33.72 -10.73 8.80
C LYS M 337 -33.42 -9.25 8.98
N ASN M 338 -32.86 -8.60 7.97
CA ASN M 338 -32.46 -7.19 8.14
C ASN M 338 -33.58 -6.36 8.68
N THR M 339 -34.70 -6.92 8.51
CA THR M 339 -35.80 -6.12 8.67
C THR M 339 -36.37 -6.19 10.03
N ASN M 340 -35.90 -7.21 10.69
CA ASN M 340 -36.31 -7.43 12.05
C ASN M 340 -35.56 -6.46 12.96
N PHE M 341 -34.49 -5.83 12.46
CA PHE M 341 -33.69 -4.92 13.28
C PHE M 341 -33.57 -3.48 12.81
N LYS M 342 -33.89 -2.56 13.72
CA LYS M 342 -33.79 -1.15 13.44
C LYS M 342 -32.40 -0.65 13.86
N GLU M 343 -31.60 -0.21 12.90
CA GLU M 343 -30.24 0.28 13.15
C GLU M 343 -30.23 1.79 13.43
N TYR M 344 -29.46 2.19 14.44
CA TYR M 344 -29.34 3.61 14.76
C TYR M 344 -27.87 3.99 14.96
N LEU M 345 -27.63 5.29 15.22
CA LEU M 345 -26.29 5.82 15.47
C LEU M 345 -26.34 6.84 16.59
N ARG M 346 -25.38 6.78 17.49
CA ARG M 346 -25.30 7.71 18.62
C ARG M 346 -23.84 8.02 18.93
N HIS M 347 -23.58 9.24 19.40
CA HIS M 347 -22.22 9.62 19.73
C HIS M 347 -22.19 10.35 21.07
N GLY M 348 -21.24 9.96 21.93
CA GLY M 348 -21.15 10.60 23.22
C GLY M 348 -19.85 11.36 23.43
N GLU M 349 -19.96 12.49 24.12
CA GLU M 349 -18.82 13.33 24.40
C GLU M 349 -18.76 13.49 25.94
N GLU M 350 -17.55 13.47 26.51
CA GLU M 350 -17.38 13.62 27.96
C GLU M 350 -16.34 14.69 28.28
N TYR M 351 -16.73 15.73 29.02
CA TYR M 351 -15.82 16.81 29.40
C TYR M 351 -15.73 16.98 30.91
N ASP M 352 -14.74 17.74 31.34
CA ASP M 352 -14.55 18.03 32.75
C ASP M 352 -13.60 19.22 32.83
N LEU M 353 -14.16 20.41 33.01
CA LEU M 353 -13.36 21.61 33.08
C LEU M 353 -12.91 21.93 34.48
N GLN M 354 -11.65 22.34 34.62
CA GLN M 354 -11.09 22.68 35.92
C GLN M 354 -10.26 23.95 35.78
N PHE M 355 -10.36 24.83 36.77
CA PHE M 355 -9.63 26.08 36.71
C PHE M 355 -9.02 26.49 38.04
N ILE M 356 -8.01 27.36 37.96
CA ILE M 356 -7.38 27.90 39.15
C ILE M 356 -7.49 29.40 38.93
N PHE M 357 -8.17 30.10 39.83
CA PHE M 357 -8.30 31.55 39.66
C PHE M 357 -7.56 32.35 40.72
N GLN M 358 -7.02 33.49 40.30
CA GLN M 358 -6.27 34.36 41.21
C GLN M 358 -7.04 35.66 41.36
N LEU M 359 -7.33 36.02 42.60
CA LEU M 359 -8.06 37.25 42.89
C LEU M 359 -7.16 38.43 42.54
N CYS M 360 -7.76 39.48 42.00
CA CYS M 360 -7.00 40.68 41.63
C CYS M 360 -7.77 41.92 42.06
N LYS M 361 -7.06 43.04 42.21
CA LYS M 361 -7.68 44.27 42.64
C LYS M 361 -7.29 45.42 41.72
N ILE M 362 -8.21 46.36 41.54
CA ILE M 362 -7.96 47.53 40.70
C ILE M 362 -8.30 48.81 41.44
N THR M 363 -7.31 49.66 41.69
CA THR M 363 -7.59 50.92 42.36
C THR M 363 -8.17 51.85 41.29
N LEU M 364 -9.45 52.19 41.45
CA LEU M 364 -10.13 53.03 40.49
C LEU M 364 -9.72 54.49 40.47
N THR M 365 -8.52 54.77 40.01
CA THR M 365 -8.04 56.15 39.92
C THR M 365 -8.69 56.77 38.69
N ALA M 366 -8.40 58.04 38.43
CA ALA M 366 -8.97 58.74 37.29
C ALA M 366 -8.59 58.05 35.99
N ASP M 367 -7.29 57.99 35.75
CA ASP M 367 -6.71 57.38 34.58
C ASP M 367 -7.22 55.98 34.34
N VAL M 368 -7.20 55.19 35.40
CA VAL M 368 -7.68 53.83 35.30
C VAL M 368 -9.13 53.79 34.86
N MET M 369 -9.97 54.63 35.45
CA MET M 369 -11.38 54.67 35.07
C MET M 369 -11.58 55.12 33.64
N THR M 370 -10.76 56.07 33.20
CA THR M 370 -10.86 56.55 31.84
C THR M 370 -10.53 55.36 30.94
N TYR M 371 -9.39 54.72 31.18
CA TYR M 371 -8.97 53.58 30.38
C TYR M 371 -10.02 52.49 30.34
N ILE M 372 -10.36 51.94 31.50
CA ILE M 372 -11.34 50.87 31.57
C ILE M 372 -12.65 51.27 30.94
N HIS M 373 -12.99 52.55 31.05
CA HIS M 373 -14.22 53.04 30.46
C HIS M 373 -14.14 52.95 28.93
N SER M 374 -13.04 53.39 28.35
CA SER M 374 -12.87 53.33 26.92
C SER M 374 -12.88 51.87 26.47
N MET M 375 -12.06 51.07 27.13
CA MET M 375 -11.94 49.66 26.80
C MET M 375 -13.28 48.96 26.76
N ASN M 376 -14.02 49.03 27.85
CA ASN M 376 -15.30 48.38 27.90
C ASN M 376 -16.15 48.99 29.02
N SER M 377 -16.81 50.09 28.71
CA SER M 377 -17.63 50.78 29.68
C SER M 377 -18.48 49.91 30.61
N THR M 378 -18.98 48.77 30.12
CA THR M 378 -19.80 47.92 30.97
C THR M 378 -19.08 47.48 32.24
N ILE M 379 -17.76 47.36 32.19
CA ILE M 379 -16.99 46.95 33.36
C ILE M 379 -17.37 47.79 34.59
N LEU M 380 -17.18 49.09 34.47
CA LEU M 380 -17.49 50.03 35.53
C LEU M 380 -18.97 50.07 35.87
N GLU M 381 -19.83 50.08 34.85
CA GLU M 381 -21.26 50.14 35.08
C GLU M 381 -21.69 48.97 35.95
N ASP M 382 -21.18 47.78 35.65
CA ASP M 382 -21.54 46.59 36.42
C ASP M 382 -20.93 46.61 37.80
N TRP M 383 -19.81 47.30 37.98
CA TRP M 383 -19.22 47.31 39.30
C TRP M 383 -20.18 47.94 40.29
N ASN M 384 -19.72 48.78 41.19
CA ASN M 384 -20.67 49.31 42.17
C ASN M 384 -22.11 49.52 41.65
N GLU M 419 -28.83 42.78 31.36
CA GLU M 419 -29.26 41.72 30.43
C GLU M 419 -28.08 41.29 29.53
N ASP M 420 -28.04 40.02 29.16
CA ASP M 420 -26.98 39.41 28.34
C ASP M 420 -26.74 40.03 26.94
N PRO M 421 -25.57 40.66 26.72
CA PRO M 421 -25.23 41.29 25.44
C PRO M 421 -25.01 40.32 24.27
N LEU M 422 -24.97 39.02 24.56
CA LEU M 422 -24.79 38.01 23.52
C LEU M 422 -25.93 36.99 23.56
N LYS M 423 -27.14 37.48 23.83
CA LYS M 423 -28.33 36.63 23.90
C LYS M 423 -28.57 35.97 22.54
N LYS M 424 -28.19 36.65 21.47
CA LYS M 424 -28.35 36.16 20.10
C LYS M 424 -27.58 34.86 19.87
N TYR M 425 -26.42 34.75 20.51
CA TYR M 425 -25.57 33.57 20.34
C TYR M 425 -25.83 32.50 21.38
N THR M 426 -25.51 31.27 21.05
CA THR M 426 -25.73 30.20 22.00
C THR M 426 -24.46 29.41 22.30
N PHE M 427 -24.23 29.16 23.59
CA PHE M 427 -23.08 28.38 24.01
C PHE M 427 -23.43 27.52 25.21
N TRP M 428 -22.60 26.51 25.46
CA TRP M 428 -22.78 25.63 26.60
C TRP M 428 -22.60 26.50 27.85
N GLU M 429 -23.70 26.82 28.51
CA GLU M 429 -23.63 27.64 29.71
C GLU M 429 -23.07 26.84 30.88
N VAL M 430 -22.08 27.41 31.55
CA VAL M 430 -21.46 26.74 32.70
C VAL M 430 -21.44 27.66 33.91
N ASN M 431 -22.15 27.25 34.95
CA ASN M 431 -22.22 28.08 36.15
C ASN M 431 -21.27 27.60 37.23
N LEU M 432 -20.31 28.46 37.58
CA LEU M 432 -19.34 28.10 38.59
C LEU M 432 -19.47 28.93 39.88
N LYS M 433 -20.50 29.76 39.96
CA LYS M 433 -20.69 30.61 41.13
C LYS M 433 -20.69 29.86 42.47
N GLU M 434 -21.08 28.59 42.45
CA GLU M 434 -21.11 27.79 43.67
C GLU M 434 -19.99 26.75 43.68
N LYS M 435 -19.02 26.90 42.78
CA LYS M 435 -17.95 25.92 42.68
C LYS M 435 -16.56 26.35 43.15
N PHE M 436 -16.39 27.59 43.54
CA PHE M 436 -15.09 28.06 43.99
C PHE M 436 -14.73 27.49 45.35
N SER M 437 -13.48 27.08 45.51
CA SER M 437 -13.01 26.52 46.77
C SER M 437 -11.61 27.00 47.06
N ALA M 438 -11.35 27.42 48.29
CA ALA M 438 -10.03 27.93 48.62
C ALA M 438 -9.00 26.84 48.89
N ASP M 439 -9.45 25.59 49.02
CA ASP M 439 -8.52 24.48 49.27
C ASP M 439 -8.04 23.74 48.02
N LEU M 440 -7.17 24.40 47.25
CA LEU M 440 -6.62 23.81 46.03
C LEU M 440 -6.16 22.39 46.32
N ASP M 441 -5.65 22.24 47.53
CA ASP M 441 -5.15 20.99 48.06
C ASP M 441 -6.09 19.82 47.73
N GLN M 442 -7.38 20.04 47.93
CA GLN M 442 -8.41 19.03 47.71
C GLN M 442 -8.77 18.67 46.27
N PHE M 443 -8.10 19.26 45.30
CA PHE M 443 -8.40 18.97 43.90
C PHE M 443 -7.16 18.63 43.08
N PRO M 444 -7.32 17.78 42.06
CA PRO M 444 -6.18 17.41 41.23
C PRO M 444 -5.50 18.59 40.53
N LEU M 445 -6.28 19.50 39.94
CA LEU M 445 -5.68 20.63 39.26
C LEU M 445 -5.03 21.50 40.33
N GLY M 446 -5.63 21.49 41.50
CA GLY M 446 -5.11 22.28 42.61
C GLY M 446 -3.75 21.81 43.08
N ARG M 447 -3.64 20.49 43.27
CA ARG M 447 -2.37 19.94 43.72
C ARG M 447 -1.33 20.31 42.66
N LYS M 448 -1.63 19.99 41.41
CA LYS M 448 -0.73 20.30 40.32
C LYS M 448 -0.24 21.74 40.38
N PHE M 449 -1.18 22.67 40.55
CA PHE M 449 -0.83 24.08 40.61
C PHE M 449 0.14 24.38 41.76
N LEU M 450 -0.19 23.90 42.96
CA LEU M 450 0.68 24.16 44.10
C LEU M 450 2.07 23.63 43.83
N LEU M 451 2.14 22.37 43.44
CA LEU M 451 3.41 21.74 43.14
C LEU M 451 4.18 22.54 42.09
N GLN M 452 3.48 22.99 41.06
CA GLN M 452 4.10 23.76 39.99
C GLN M 452 4.60 25.11 40.48
N LEU M 453 3.74 25.86 41.12
CA LEU M 453 4.14 27.18 41.59
C LEU M 453 4.91 27.16 42.92
N GLY M 454 5.28 25.97 43.40
CA GLY M 454 5.98 25.88 44.67
C GLY M 454 5.22 26.52 45.83
N LEU M 455 5.40 27.82 46.03
CA LEU M 455 4.71 28.56 47.10
C LEU M 455 3.32 29.04 46.67
#